data_2KN2
#
_entry.id   2KN2
#
loop_
_entity.id
_entity.type
_entity.pdbx_description
1 polymer Calmodulin
2 non-polymer 'CALCIUM ION'
#
_entity_poly.entity_id   1
_entity_poly.type   'polypeptide(L)'
_entity_poly.pdbx_seq_one_letter_code
;GHMDTDAEEELKEAFKVFDKDQNGYISASELRHVMINLGEKLTDEEVEQMIKEADLDGDGQVNYEEFVKMMMTVRGGGGG
NGWSRLRRKFSS
;
_entity_poly.pdbx_strand_id   A
#
loop_
_chem_comp.id
_chem_comp.type
_chem_comp.name
_chem_comp.formula
CA non-polymer 'CALCIUM ION' 'Ca 2'
#
# COMPACT_ATOMS: atom_id res chain seq x y z
N GLY A 1 -22.08 -14.55 -11.56
CA GLY A 1 -20.90 -13.63 -11.54
C GLY A 1 -19.83 -14.20 -10.62
N HIS A 2 -19.74 -13.63 -9.41
CA HIS A 2 -18.74 -14.08 -8.45
C HIS A 2 -17.41 -14.37 -9.13
N MET A 3 -17.18 -13.71 -10.27
CA MET A 3 -15.95 -13.91 -11.02
C MET A 3 -14.75 -13.41 -10.21
N ASP A 4 -14.93 -12.29 -9.52
CA ASP A 4 -13.86 -11.73 -8.71
C ASP A 4 -12.71 -11.27 -9.59
N THR A 5 -11.48 -11.40 -9.10
CA THR A 5 -10.31 -11.00 -9.86
C THR A 5 -10.12 -9.48 -9.82
N ASP A 6 -11.23 -8.78 -9.68
CA ASP A 6 -11.19 -7.32 -9.63
C ASP A 6 -10.08 -6.87 -8.66
N ALA A 7 -9.65 -7.79 -7.80
CA ALA A 7 -8.60 -7.48 -6.84
C ALA A 7 -7.23 -7.63 -7.50
N GLU A 8 -7.06 -8.70 -8.28
CA GLU A 8 -5.79 -8.93 -8.94
C GLU A 8 -5.39 -7.72 -9.76
N GLU A 9 -6.27 -7.30 -10.66
CA GLU A 9 -6.00 -6.14 -11.51
C GLU A 9 -5.87 -4.88 -10.67
N GLU A 10 -6.77 -4.71 -9.71
CA GLU A 10 -6.73 -3.52 -8.86
C GLU A 10 -5.43 -3.44 -8.08
N LEU A 11 -5.10 -4.50 -7.36
CA LEU A 11 -3.89 -4.52 -6.57
C LEU A 11 -2.65 -4.41 -7.45
N LYS A 12 -2.66 -5.14 -8.57
CA LYS A 12 -1.52 -5.11 -9.48
C LYS A 12 -1.35 -3.74 -10.10
N GLU A 13 -2.44 -3.18 -10.63
CA GLU A 13 -2.38 -1.86 -11.25
C GLU A 13 -1.93 -0.81 -10.25
N ALA A 14 -2.59 -0.80 -9.09
CA ALA A 14 -2.24 0.16 -8.05
C ALA A 14 -0.79 0.00 -7.64
N PHE A 15 -0.37 -1.24 -7.42
CA PHE A 15 1.01 -1.52 -7.02
C PHE A 15 1.98 -0.94 -8.03
N LYS A 16 1.68 -1.13 -9.32
CA LYS A 16 2.55 -0.62 -10.38
C LYS A 16 2.63 0.90 -10.31
N VAL A 17 1.54 1.54 -9.91
CA VAL A 17 1.51 2.99 -9.78
C VAL A 17 2.30 3.44 -8.56
N PHE A 18 2.15 2.71 -7.47
CA PHE A 18 2.83 3.05 -6.22
C PHE A 18 4.35 3.03 -6.43
N ASP A 19 4.83 1.98 -7.09
CA ASP A 19 6.25 1.85 -7.33
C ASP A 19 6.66 2.63 -8.57
N LYS A 20 6.74 3.95 -8.43
CA LYS A 20 7.12 4.80 -9.55
C LYS A 20 8.46 4.37 -10.12
N ASP A 21 9.38 4.04 -9.24
CA ASP A 21 10.71 3.62 -9.67
C ASP A 21 10.63 2.31 -10.43
N GLN A 22 9.54 1.57 -10.21
CA GLN A 22 9.34 0.29 -10.89
C GLN A 22 10.45 -0.69 -10.51
N ASN A 23 10.86 -0.67 -9.25
CA ASN A 23 11.91 -1.56 -8.78
C ASN A 23 11.31 -2.76 -8.06
N GLY A 24 9.99 -2.80 -7.98
CA GLY A 24 9.30 -3.90 -7.31
C GLY A 24 9.39 -3.77 -5.80
N TYR A 25 9.74 -2.57 -5.33
CA TYR A 25 9.86 -2.31 -3.90
C TYR A 25 9.36 -0.92 -3.56
N ILE A 26 8.30 -0.86 -2.74
CA ILE A 26 7.73 0.41 -2.33
C ILE A 26 8.50 0.97 -1.14
N SER A 27 8.84 2.25 -1.19
CA SER A 27 9.58 2.90 -0.11
C SER A 27 8.83 4.12 0.40
N ALA A 28 9.04 4.46 1.66
CA ALA A 28 8.38 5.60 2.26
C ALA A 28 8.33 6.78 1.29
N SER A 29 9.39 6.93 0.51
CA SER A 29 9.46 8.03 -0.46
C SER A 29 8.29 7.95 -1.44
N GLU A 30 8.11 6.79 -2.05
CA GLU A 30 7.03 6.60 -3.00
C GLU A 30 5.67 6.69 -2.31
N LEU A 31 5.58 6.08 -1.14
CA LEU A 31 4.33 6.09 -0.39
C LEU A 31 3.93 7.51 -0.02
N ARG A 32 4.89 8.27 0.47
CA ARG A 32 4.65 9.65 0.86
C ARG A 32 4.22 10.48 -0.36
N HIS A 33 4.89 10.27 -1.49
CA HIS A 33 4.59 11.02 -2.69
C HIS A 33 3.14 10.77 -3.11
N VAL A 34 2.71 9.53 -3.01
CA VAL A 34 1.36 9.17 -3.41
C VAL A 34 0.35 9.81 -2.46
N MET A 35 0.65 9.78 -1.17
CA MET A 35 -0.25 10.34 -0.18
C MET A 35 -0.39 11.86 -0.39
N ILE A 36 0.73 12.51 -0.69
CA ILE A 36 0.70 13.95 -0.92
C ILE A 36 -0.10 14.29 -2.17
N ASN A 37 0.14 13.52 -3.22
CA ASN A 37 -0.56 13.74 -4.48
C ASN A 37 -2.06 13.56 -4.28
N LEU A 38 -2.42 12.75 -3.28
CA LEU A 38 -3.82 12.49 -2.98
C LEU A 38 -4.42 13.65 -2.18
N GLY A 39 -3.63 14.68 -1.96
CA GLY A 39 -4.10 15.84 -1.21
C GLY A 39 -4.09 15.56 0.29
N GLU A 40 -3.25 14.62 0.70
CA GLU A 40 -3.15 14.26 2.12
C GLU A 40 -1.76 14.57 2.65
N LYS A 41 -1.70 15.21 3.81
CA LYS A 41 -0.41 15.56 4.43
C LYS A 41 -0.15 14.69 5.64
N LEU A 42 0.64 13.63 5.44
CA LEU A 42 0.96 12.70 6.52
C LEU A 42 2.43 12.82 6.91
N THR A 43 2.72 12.64 8.19
CA THR A 43 4.09 12.75 8.68
C THR A 43 4.84 11.45 8.41
N ASP A 44 6.17 11.54 8.39
CA ASP A 44 7.00 10.38 8.14
C ASP A 44 6.64 9.25 9.11
N GLU A 45 6.34 9.62 10.35
CA GLU A 45 5.98 8.64 11.36
C GLU A 45 4.86 7.73 10.86
N GLU A 46 3.84 8.34 10.26
CA GLU A 46 2.71 7.57 9.74
C GLU A 46 3.18 6.63 8.63
N VAL A 47 4.04 7.14 7.75
CA VAL A 47 4.57 6.34 6.65
C VAL A 47 5.43 5.19 7.19
N GLU A 48 6.31 5.52 8.13
CA GLU A 48 7.19 4.51 8.70
C GLU A 48 6.36 3.44 9.40
N GLN A 49 5.36 3.86 10.16
CA GLN A 49 4.50 2.91 10.86
C GLN A 49 3.84 1.96 9.87
N MET A 50 3.45 2.48 8.72
CA MET A 50 2.83 1.66 7.69
C MET A 50 3.80 0.59 7.18
N ILE A 51 5.06 1.00 7.00
CA ILE A 51 6.07 0.07 6.51
C ILE A 51 6.35 -1.02 7.55
N LYS A 52 6.43 -0.62 8.81
CA LYS A 52 6.71 -1.57 9.88
C LYS A 52 5.60 -2.62 9.96
N GLU A 53 4.36 -2.16 9.89
CA GLU A 53 3.23 -3.08 9.95
C GLU A 53 3.27 -4.06 8.79
N ALA A 54 3.47 -3.55 7.59
CA ALA A 54 3.52 -4.41 6.40
C ALA A 54 4.84 -5.16 6.33
N ASP A 55 5.93 -4.46 6.59
CA ASP A 55 7.25 -5.07 6.53
C ASP A 55 7.45 -6.05 7.67
N LEU A 56 7.68 -7.31 7.32
CA LEU A 56 7.90 -8.36 8.32
C LEU A 56 9.38 -8.66 8.47
N ASP A 57 10.19 -8.10 7.58
CA ASP A 57 11.63 -8.31 7.62
C ASP A 57 12.37 -7.00 7.93
N GLY A 58 11.60 -5.94 8.13
CA GLY A 58 12.18 -4.64 8.45
C GLY A 58 13.34 -4.33 7.50
N ASP A 59 13.07 -4.37 6.20
CA ASP A 59 14.10 -4.08 5.21
C ASP A 59 13.98 -2.65 4.70
N GLY A 60 13.14 -1.87 5.36
CA GLY A 60 12.94 -0.47 4.97
C GLY A 60 12.17 -0.37 3.66
N GLN A 61 11.81 -1.53 3.11
CA GLN A 61 11.06 -1.55 1.84
C GLN A 61 9.98 -2.61 1.89
N VAL A 62 8.87 -2.35 1.21
CA VAL A 62 7.75 -3.29 1.19
C VAL A 62 7.70 -4.00 -0.16
N ASN A 63 7.72 -5.34 -0.11
CA ASN A 63 7.68 -6.14 -1.34
C ASN A 63 6.25 -6.34 -1.79
N TYR A 64 6.09 -6.77 -3.04
CA TYR A 64 4.76 -6.99 -3.60
C TYR A 64 3.97 -7.96 -2.74
N GLU A 65 4.63 -9.02 -2.29
CA GLU A 65 3.97 -10.03 -1.47
C GLU A 65 3.39 -9.40 -0.20
N GLU A 66 4.18 -8.54 0.44
CA GLU A 66 3.74 -7.88 1.66
C GLU A 66 2.56 -6.97 1.37
N PHE A 67 2.53 -6.40 0.17
CA PHE A 67 1.44 -5.52 -0.20
C PHE A 67 0.14 -6.30 -0.42
N VAL A 68 0.22 -7.40 -1.17
CA VAL A 68 -0.96 -8.20 -1.45
C VAL A 68 -1.57 -8.75 -0.17
N LYS A 69 -0.74 -9.41 0.64
CA LYS A 69 -1.23 -9.98 1.90
C LYS A 69 -1.81 -8.90 2.80
N MET A 70 -1.10 -7.78 2.89
CA MET A 70 -1.56 -6.68 3.73
C MET A 70 -2.90 -6.15 3.24
N MET A 71 -3.04 -6.07 1.92
CA MET A 71 -4.27 -5.57 1.33
C MET A 71 -5.40 -6.58 1.52
N MET A 72 -5.06 -7.85 1.48
CA MET A 72 -6.06 -8.92 1.65
C MET A 72 -6.62 -8.90 3.08
N THR A 73 -5.74 -8.64 4.05
CA THR A 73 -6.16 -8.59 5.44
C THR A 73 -6.99 -7.34 5.70
N VAL A 74 -6.38 -6.18 5.51
CA VAL A 74 -7.08 -4.92 5.73
C VAL A 74 -8.49 -4.99 5.18
N ARG A 75 -8.71 -5.89 4.22
CA ARG A 75 -10.02 -6.07 3.63
C ARG A 75 -10.82 -7.12 4.38
N GLY A 76 -11.45 -6.70 5.47
CA GLY A 76 -12.24 -7.61 6.30
C GLY A 76 -11.45 -8.03 7.53
N GLY A 77 -10.15 -8.24 7.36
CA GLY A 77 -9.28 -8.64 8.47
C GLY A 77 -8.89 -7.43 9.30
N GLY A 78 -8.47 -6.36 8.61
CA GLY A 78 -8.06 -5.14 9.29
C GLY A 78 -6.55 -5.09 9.46
N GLY A 79 -5.98 -3.89 9.45
CA GLY A 79 -4.54 -3.72 9.61
C GLY A 79 -4.24 -2.55 10.55
N GLY A 80 -3.19 -1.80 10.22
CA GLY A 80 -2.80 -0.66 11.03
C GLY A 80 -3.77 0.50 10.84
N ASN A 81 -3.32 1.71 11.19
CA ASN A 81 -4.15 2.89 11.04
C ASN A 81 -3.93 3.55 9.68
N GLY A 82 -2.72 3.42 9.15
CA GLY A 82 -2.39 4.00 7.86
C GLY A 82 -3.02 3.21 6.72
N TRP A 83 -2.84 1.89 6.76
CA TRP A 83 -3.39 1.02 5.73
C TRP A 83 -4.90 1.12 5.69
N SER A 84 -5.51 1.11 6.87
CA SER A 84 -6.96 1.21 6.97
C SER A 84 -7.44 2.54 6.41
N ARG A 85 -6.66 3.60 6.63
CA ARG A 85 -7.01 4.92 6.13
C ARG A 85 -7.03 4.93 4.61
N LEU A 86 -6.05 4.28 4.01
CA LEU A 86 -5.97 4.24 2.55
C LEU A 86 -7.06 3.32 1.98
N ARG A 87 -7.26 2.18 2.62
CA ARG A 87 -8.26 1.22 2.17
C ARG A 87 -9.66 1.73 2.47
N ARG A 88 -9.75 2.73 3.34
CA ARG A 88 -11.03 3.31 3.71
C ARG A 88 -11.39 4.44 2.74
N LYS A 89 -10.42 5.29 2.44
CA LYS A 89 -10.65 6.42 1.54
C LYS A 89 -10.80 5.92 0.11
N PHE A 90 -10.52 4.65 -0.11
CA PHE A 90 -10.63 4.07 -1.45
C PHE A 90 -12.07 3.73 -1.78
N SER A 91 -12.42 2.46 -1.56
CA SER A 91 -13.78 2.00 -1.85
C SER A 91 -14.75 2.54 -0.79
N SER A 92 -14.68 1.96 0.40
CA SER A 92 -15.56 2.39 1.49
C SER A 92 -15.05 1.86 2.82
CA CA B . 10.64 2.05 -5.50
CA CA C . 9.66 -5.90 3.77
N GLY A 1 -13.48 -6.91 -23.39
CA GLY A 1 -12.82 -8.10 -24.00
C GLY A 1 -12.46 -9.10 -22.92
N HIS A 2 -11.37 -8.84 -22.20
CA HIS A 2 -10.93 -9.74 -21.14
C HIS A 2 -11.37 -9.20 -19.78
N MET A 3 -12.34 -9.88 -19.17
CA MET A 3 -12.86 -9.47 -17.86
C MET A 3 -12.94 -10.66 -16.92
N ASP A 4 -12.40 -10.50 -15.72
CA ASP A 4 -12.41 -11.57 -14.73
C ASP A 4 -12.10 -11.02 -13.34
N THR A 5 -11.13 -11.63 -12.68
CA THR A 5 -10.74 -11.20 -11.34
C THR A 5 -10.23 -9.77 -11.36
N ASP A 6 -11.16 -8.82 -11.25
CA ASP A 6 -10.80 -7.40 -11.26
C ASP A 6 -9.88 -7.08 -10.09
N ALA A 7 -10.10 -7.76 -8.97
CA ALA A 7 -9.28 -7.54 -7.79
C ALA A 7 -7.80 -7.74 -8.11
N GLU A 8 -7.46 -8.91 -8.62
CA GLU A 8 -6.08 -9.22 -8.97
C GLU A 8 -5.49 -8.09 -9.82
N GLU A 9 -6.29 -7.57 -10.73
CA GLU A 9 -5.84 -6.49 -11.60
C GLU A 9 -5.59 -5.22 -10.79
N GLU A 10 -6.47 -4.95 -9.83
CA GLU A 10 -6.33 -3.76 -9.00
C GLU A 10 -5.00 -3.78 -8.24
N LEU A 11 -4.74 -4.88 -7.54
CA LEU A 11 -3.51 -5.00 -6.77
C LEU A 11 -2.30 -4.91 -7.68
N LYS A 12 -2.37 -5.57 -8.82
CA LYS A 12 -1.25 -5.54 -9.75
C LYS A 12 -1.10 -4.16 -10.40
N GLU A 13 -2.18 -3.68 -11.00
CA GLU A 13 -2.16 -2.38 -11.65
C GLU A 13 -1.83 -1.28 -10.64
N ALA A 14 -2.57 -1.26 -9.54
CA ALA A 14 -2.36 -0.26 -8.51
C ALA A 14 -0.92 -0.31 -8.01
N PHE A 15 -0.43 -1.50 -7.74
CA PHE A 15 0.94 -1.67 -7.25
C PHE A 15 1.94 -1.13 -8.26
N LYS A 16 1.56 -1.15 -9.53
CA LYS A 16 2.44 -0.68 -10.60
C LYS A 16 2.59 0.84 -10.57
N VAL A 17 1.50 1.51 -10.23
CA VAL A 17 1.52 2.97 -10.16
C VAL A 17 2.25 3.46 -8.91
N PHE A 18 2.12 2.69 -7.83
CA PHE A 18 2.75 3.06 -6.56
C PHE A 18 4.25 3.12 -6.73
N ASP A 19 4.81 2.12 -7.41
CA ASP A 19 6.25 2.07 -7.61
C ASP A 19 6.66 3.05 -8.72
N LYS A 20 6.80 4.31 -8.34
CA LYS A 20 7.19 5.34 -9.30
C LYS A 20 8.48 4.95 -9.99
N ASP A 21 9.45 4.49 -9.21
CA ASP A 21 10.74 4.09 -9.75
C ASP A 21 10.56 2.91 -10.72
N GLN A 22 9.45 2.20 -10.56
CA GLN A 22 9.15 1.06 -11.42
C GLN A 22 10.26 0.01 -11.32
N ASN A 23 10.65 -0.30 -10.08
CA ASN A 23 11.69 -1.30 -9.86
C ASN A 23 11.09 -2.60 -9.36
N GLY A 24 10.03 -2.49 -8.57
CA GLY A 24 9.35 -3.68 -8.03
C GLY A 24 9.30 -3.64 -6.51
N TYR A 25 9.49 -2.44 -5.95
CA TYR A 25 9.46 -2.27 -4.50
C TYR A 25 8.99 -0.86 -4.14
N ILE A 26 8.30 -0.75 -3.02
CA ILE A 26 7.78 0.54 -2.55
C ILE A 26 8.58 1.04 -1.37
N SER A 27 8.93 2.33 -1.39
CA SER A 27 9.71 2.93 -0.30
C SER A 27 8.97 4.11 0.30
N ALA A 28 9.29 4.44 1.55
CA ALA A 28 8.65 5.55 2.23
C ALA A 28 8.60 6.78 1.32
N SER A 29 9.67 7.00 0.57
CA SER A 29 9.73 8.14 -0.33
C SER A 29 8.61 8.07 -1.37
N GLU A 30 8.44 6.88 -1.96
CA GLU A 30 7.39 6.70 -2.96
C GLU A 30 6.01 6.76 -2.32
N LEU A 31 5.87 6.11 -1.17
CA LEU A 31 4.60 6.09 -0.48
C LEU A 31 4.20 7.49 -0.03
N ARG A 32 5.15 8.21 0.54
CA ARG A 32 4.89 9.56 1.01
C ARG A 32 4.52 10.47 -0.16
N HIS A 33 5.23 10.33 -1.27
CA HIS A 33 4.96 11.14 -2.46
C HIS A 33 3.56 10.89 -2.98
N VAL A 34 3.17 9.63 -2.99
CA VAL A 34 1.84 9.25 -3.47
C VAL A 34 0.76 9.78 -2.53
N MET A 35 1.01 9.66 -1.23
CA MET A 35 0.05 10.11 -0.23
C MET A 35 -0.19 11.61 -0.35
N ILE A 36 0.89 12.36 -0.56
CA ILE A 36 0.78 13.81 -0.69
C ILE A 36 0.03 14.17 -1.96
N ASN A 37 0.34 13.48 -3.05
CA ASN A 37 -0.31 13.74 -4.32
C ASN A 37 -1.80 13.42 -4.23
N LEU A 38 -2.16 12.51 -3.32
CA LEU A 38 -3.55 12.14 -3.13
C LEU A 38 -4.28 13.16 -2.27
N GLY A 39 -3.58 14.23 -1.91
CA GLY A 39 -4.17 15.27 -1.08
C GLY A 39 -4.19 14.88 0.38
N GLU A 40 -3.36 13.89 0.74
CA GLU A 40 -3.29 13.42 2.12
C GLU A 40 -2.01 13.89 2.78
N LYS A 41 -2.14 14.56 3.93
CA LYS A 41 -0.97 15.05 4.66
C LYS A 41 -0.64 14.11 5.80
N LEU A 42 0.19 13.11 5.52
CA LEU A 42 0.58 12.14 6.54
C LEU A 42 2.02 12.38 6.98
N THR A 43 2.26 12.30 8.28
CA THR A 43 3.60 12.51 8.82
C THR A 43 4.48 11.29 8.56
N ASP A 44 5.79 11.51 8.56
CA ASP A 44 6.73 10.42 8.32
C ASP A 44 6.45 9.25 9.25
N GLU A 45 6.01 9.55 10.47
CA GLU A 45 5.72 8.51 11.45
C GLU A 45 4.64 7.57 10.91
N GLU A 46 3.63 8.14 10.26
CA GLU A 46 2.54 7.34 9.70
C GLU A 46 3.08 6.38 8.64
N VAL A 47 4.01 6.87 7.83
CA VAL A 47 4.60 6.05 6.78
C VAL A 47 5.37 4.88 7.39
N GLU A 48 6.21 5.18 8.39
CA GLU A 48 7.01 4.16 9.03
C GLU A 48 6.10 3.13 9.69
N GLN A 49 5.10 3.61 10.41
CA GLN A 49 4.17 2.71 11.09
C GLN A 49 3.57 1.71 10.11
N MET A 50 3.22 2.19 8.92
CA MET A 50 2.64 1.31 7.90
C MET A 50 3.70 0.36 7.35
N ILE A 51 4.90 0.87 7.15
CA ILE A 51 5.99 0.05 6.62
C ILE A 51 6.42 -1.00 7.64
N LYS A 52 6.60 -0.58 8.89
CA LYS A 52 7.03 -1.50 9.93
C LYS A 52 5.95 -2.57 10.17
N GLU A 53 4.70 -2.13 10.20
CA GLU A 53 3.59 -3.03 10.44
C GLU A 53 3.45 -3.99 9.26
N ALA A 54 3.63 -3.47 8.06
CA ALA A 54 3.50 -4.28 6.87
C ALA A 54 4.72 -5.16 6.68
N ASP A 55 5.90 -4.57 6.81
CA ASP A 55 7.15 -5.31 6.65
C ASP A 55 7.36 -6.27 7.81
N LEU A 56 7.63 -7.53 7.48
CA LEU A 56 7.86 -8.55 8.50
C LEU A 56 9.34 -8.83 8.65
N ASP A 57 10.15 -8.24 7.78
CA ASP A 57 11.60 -8.43 7.83
C ASP A 57 12.31 -7.10 8.06
N GLY A 58 11.53 -6.04 8.15
CA GLY A 58 12.11 -4.70 8.36
C GLY A 58 13.32 -4.48 7.47
N ASP A 59 13.14 -4.70 6.17
CA ASP A 59 14.24 -4.53 5.22
C ASP A 59 14.38 -3.07 4.80
N GLY A 60 13.36 -2.27 5.13
CA GLY A 60 13.37 -0.85 4.79
C GLY A 60 12.50 -0.57 3.58
N GLN A 61 12.04 -1.64 2.93
CA GLN A 61 11.18 -1.50 1.75
C GLN A 61 10.04 -2.51 1.79
N VAL A 62 8.91 -2.14 1.19
CA VAL A 62 7.75 -3.03 1.18
C VAL A 62 7.73 -3.84 -0.12
N ASN A 63 7.64 -5.17 0.02
CA ASN A 63 7.62 -6.05 -1.13
C ASN A 63 6.19 -6.27 -1.61
N TYR A 64 6.04 -6.69 -2.86
CA TYR A 64 4.72 -6.92 -3.43
C TYR A 64 3.90 -7.85 -2.52
N GLU A 65 4.55 -8.89 -2.01
CA GLU A 65 3.87 -9.84 -1.14
C GLU A 65 3.36 -9.13 0.12
N GLU A 66 4.20 -8.27 0.68
CA GLU A 66 3.81 -7.52 1.87
C GLU A 66 2.68 -6.55 1.55
N PHE A 67 2.75 -5.94 0.37
CA PHE A 67 1.73 -4.99 -0.03
C PHE A 67 0.40 -5.67 -0.32
N VAL A 68 0.42 -6.68 -1.17
CA VAL A 68 -0.80 -7.40 -1.53
C VAL A 68 -1.45 -8.04 -0.32
N LYS A 69 -0.66 -8.77 0.46
CA LYS A 69 -1.18 -9.44 1.63
C LYS A 69 -1.77 -8.45 2.61
N MET A 70 -1.06 -7.35 2.84
CA MET A 70 -1.53 -6.33 3.75
C MET A 70 -2.79 -5.68 3.21
N MET A 71 -2.84 -5.48 1.91
CA MET A 71 -4.00 -4.86 1.29
C MET A 71 -5.24 -5.71 1.51
N MET A 72 -5.06 -7.03 1.51
CA MET A 72 -6.19 -7.94 1.72
C MET A 72 -6.47 -8.09 3.21
N THR A 73 -5.45 -8.45 3.98
CA THR A 73 -5.59 -8.61 5.42
C THR A 73 -6.38 -7.44 6.02
N VAL A 74 -6.38 -6.33 5.30
CA VAL A 74 -7.10 -5.14 5.76
C VAL A 74 -8.59 -5.46 5.93
N ARG A 75 -9.16 -6.13 4.95
CA ARG A 75 -10.56 -6.47 4.99
C ARG A 75 -10.85 -7.32 6.23
N GLY A 76 -11.99 -7.06 6.87
CA GLY A 76 -12.38 -7.80 8.07
C GLY A 76 -11.97 -7.03 9.32
N GLY A 77 -10.89 -6.27 9.21
CA GLY A 77 -10.40 -5.49 10.35
C GLY A 77 -8.89 -5.59 10.48
N GLY A 78 -8.35 -6.74 10.08
CA GLY A 78 -6.90 -6.94 10.15
C GLY A 78 -6.14 -5.87 9.39
N GLY A 79 -6.12 -4.66 9.94
CA GLY A 79 -5.42 -3.55 9.32
C GLY A 79 -5.09 -2.47 10.34
N GLY A 80 -4.02 -1.72 10.07
CA GLY A 80 -3.59 -0.66 10.97
C GLY A 80 -4.40 0.60 10.75
N ASN A 81 -3.84 1.74 11.14
CA ASN A 81 -4.53 3.02 10.98
C ASN A 81 -4.18 3.65 9.63
N GLY A 82 -2.93 3.47 9.20
CA GLY A 82 -2.48 4.03 7.93
C GLY A 82 -3.02 3.22 6.75
N TRP A 83 -2.82 1.90 6.81
CA TRP A 83 -3.29 1.03 5.75
C TRP A 83 -4.80 1.12 5.61
N SER A 84 -5.49 1.17 6.75
CA SER A 84 -6.94 1.27 6.75
C SER A 84 -7.37 2.62 6.19
N ARG A 85 -6.59 3.65 6.46
CA ARG A 85 -6.90 4.99 5.96
C ARG A 85 -6.89 5.01 4.45
N LEU A 86 -5.90 4.36 3.84
CA LEU A 86 -5.80 4.31 2.39
C LEU A 86 -6.90 3.41 1.81
N ARG A 87 -7.17 2.31 2.50
CA ARG A 87 -8.17 1.36 2.04
C ARG A 87 -9.57 1.90 2.29
N ARG A 88 -9.67 2.90 3.15
CA ARG A 88 -10.96 3.48 3.48
C ARG A 88 -11.46 4.36 2.34
N LYS A 89 -10.59 5.25 1.86
CA LYS A 89 -10.97 6.15 0.78
C LYS A 89 -10.84 5.47 -0.58
N PHE A 90 -10.56 4.17 -0.55
CA PHE A 90 -10.42 3.41 -1.80
C PHE A 90 -11.70 2.65 -2.09
N SER A 91 -12.83 3.30 -1.90
CA SER A 91 -14.12 2.66 -2.16
C SER A 91 -15.11 3.68 -2.73
N SER A 92 -16.03 3.21 -3.56
CA SER A 92 -17.03 4.08 -4.17
C SER A 92 -16.37 5.11 -5.07
CA CA B . 10.12 1.36 -6.35
CA CA C . 9.91 -5.42 3.99
N GLY A 1 -11.28 -16.82 -9.30
CA GLY A 1 -10.10 -16.91 -10.21
C GLY A 1 -10.06 -15.68 -11.11
N HIS A 2 -9.38 -15.80 -12.24
CA HIS A 2 -9.27 -14.69 -13.18
C HIS A 2 -10.58 -14.50 -13.93
N MET A 3 -11.60 -14.00 -13.24
CA MET A 3 -12.91 -13.76 -13.85
C MET A 3 -13.38 -12.34 -13.59
N ASP A 4 -13.15 -11.46 -14.55
CA ASP A 4 -13.57 -10.06 -14.42
C ASP A 4 -13.25 -9.54 -13.03
N THR A 5 -12.19 -10.07 -12.42
CA THR A 5 -11.80 -9.67 -11.08
C THR A 5 -11.06 -8.33 -11.11
N ASP A 6 -11.82 -7.26 -10.95
CA ASP A 6 -11.23 -5.92 -10.98
C ASP A 6 -10.24 -5.75 -9.83
N ALA A 7 -10.58 -6.35 -8.69
CA ALA A 7 -9.70 -6.26 -7.52
C ALA A 7 -8.28 -6.64 -7.89
N GLU A 8 -8.10 -7.84 -8.44
CA GLU A 8 -6.77 -8.30 -8.84
C GLU A 8 -6.08 -7.26 -9.72
N GLU A 9 -6.84 -6.70 -10.67
CA GLU A 9 -6.29 -5.71 -11.57
C GLU A 9 -5.80 -4.50 -10.78
N GLU A 10 -6.58 -4.08 -9.78
CA GLU A 10 -6.20 -2.94 -8.96
C GLU A 10 -4.85 -3.17 -8.29
N LEU A 11 -4.69 -4.34 -7.68
CA LEU A 11 -3.44 -4.66 -7.01
C LEU A 11 -2.28 -4.61 -7.98
N LYS A 12 -2.48 -5.11 -9.19
CA LYS A 12 -1.43 -5.11 -10.19
C LYS A 12 -1.17 -3.69 -10.70
N GLU A 13 -2.22 -3.03 -11.16
CA GLU A 13 -2.09 -1.68 -11.69
C GLU A 13 -1.61 -0.74 -10.59
N ALA A 14 -2.21 -0.85 -9.41
CA ALA A 14 -1.84 0.00 -8.29
C ALA A 14 -0.37 -0.21 -7.93
N PHE A 15 0.03 -1.47 -7.84
CA PHE A 15 1.41 -1.80 -7.50
C PHE A 15 2.37 -1.08 -8.46
N LYS A 16 2.06 -1.15 -9.75
CA LYS A 16 2.90 -0.50 -10.74
C LYS A 16 2.90 1.01 -10.54
N VAL A 17 1.77 1.55 -10.11
CA VAL A 17 1.65 2.98 -9.88
C VAL A 17 2.41 3.40 -8.63
N PHE A 18 2.27 2.61 -7.57
CA PHE A 18 2.95 2.90 -6.31
C PHE A 18 4.45 2.92 -6.50
N ASP A 19 4.96 1.92 -7.21
CA ASP A 19 6.40 1.83 -7.45
C ASP A 19 6.80 2.69 -8.63
N LYS A 20 6.83 4.00 -8.41
CA LYS A 20 7.20 4.94 -9.48
C LYS A 20 8.60 4.64 -9.98
N ASP A 21 9.52 4.39 -9.05
CA ASP A 21 10.89 4.09 -9.41
C ASP A 21 10.95 2.80 -10.21
N GLN A 22 10.08 1.86 -9.88
CA GLN A 22 10.04 0.57 -10.57
C GLN A 22 11.17 -0.33 -10.11
N ASN A 23 11.55 -0.21 -8.83
CA ASN A 23 12.63 -1.02 -8.29
C ASN A 23 12.11 -2.39 -7.88
N GLY A 24 10.79 -2.57 -7.96
CA GLY A 24 10.17 -3.83 -7.60
C GLY A 24 9.61 -3.78 -6.18
N TYR A 25 10.11 -2.82 -5.40
CA TYR A 25 9.65 -2.66 -4.01
C TYR A 25 9.27 -1.20 -3.75
N ILE A 26 8.16 -1.02 -3.03
CA ILE A 26 7.70 0.32 -2.71
C ILE A 26 8.47 0.89 -1.53
N SER A 27 8.97 2.11 -1.69
CA SER A 27 9.75 2.76 -0.63
C SER A 27 8.90 3.80 0.10
N ALA A 28 9.50 4.48 1.07
CA ALA A 28 8.80 5.50 1.84
C ALA A 28 8.58 6.75 0.99
N SER A 29 9.57 7.10 0.19
CA SER A 29 9.48 8.28 -0.66
C SER A 29 8.29 8.20 -1.59
N GLU A 30 8.07 7.01 -2.15
CA GLU A 30 6.96 6.80 -3.06
C GLU A 30 5.63 6.83 -2.31
N LEU A 31 5.61 6.23 -1.13
CA LEU A 31 4.38 6.17 -0.35
C LEU A 31 3.89 7.57 0.00
N ARG A 32 4.79 8.41 0.47
CA ARG A 32 4.44 9.77 0.83
C ARG A 32 4.09 10.57 -0.42
N HIS A 33 4.76 10.27 -1.53
CA HIS A 33 4.52 10.98 -2.78
C HIS A 33 3.11 10.73 -3.26
N VAL A 34 2.69 9.48 -3.21
CA VAL A 34 1.34 9.11 -3.63
C VAL A 34 0.31 9.72 -2.70
N MET A 35 0.60 9.70 -1.40
CA MET A 35 -0.33 10.24 -0.41
C MET A 35 -0.50 11.74 -0.60
N ILE A 36 0.60 12.43 -0.90
CA ILE A 36 0.55 13.87 -1.11
C ILE A 36 -0.22 14.20 -2.37
N ASN A 37 0.04 13.43 -3.43
CA ASN A 37 -0.64 13.65 -4.71
C ASN A 37 -2.13 13.42 -4.54
N LEU A 38 -2.49 12.60 -3.56
CA LEU A 38 -3.90 12.30 -3.30
C LEU A 38 -4.55 13.41 -2.50
N GLY A 39 -3.79 14.47 -2.24
CA GLY A 39 -4.31 15.59 -1.47
C GLY A 39 -4.34 15.28 0.01
N GLU A 40 -3.46 14.37 0.44
CA GLU A 40 -3.39 13.98 1.84
C GLU A 40 -2.02 14.32 2.42
N LYS A 41 -2.02 14.91 3.61
CA LYS A 41 -0.76 15.29 4.27
C LYS A 41 -0.49 14.38 5.46
N LEU A 42 0.36 13.36 5.24
CA LEU A 42 0.70 12.41 6.30
C LEU A 42 2.14 12.62 6.75
N THR A 43 2.38 12.43 8.04
CA THR A 43 3.71 12.61 8.59
C THR A 43 4.57 11.38 8.34
N ASP A 44 5.88 11.55 8.38
CA ASP A 44 6.79 10.45 8.15
C ASP A 44 6.45 9.26 9.05
N GLU A 45 6.01 9.56 10.27
CA GLU A 45 5.65 8.51 11.22
C GLU A 45 4.62 7.57 10.59
N GLU A 46 3.64 8.13 9.91
CA GLU A 46 2.60 7.32 9.27
C GLU A 46 3.22 6.34 8.28
N VAL A 47 4.23 6.79 7.57
CA VAL A 47 4.91 5.96 6.59
C VAL A 47 5.71 4.85 7.29
N GLU A 48 6.35 5.20 8.40
CA GLU A 48 7.16 4.24 9.13
C GLU A 48 6.30 3.13 9.72
N GLN A 49 5.25 3.52 10.43
CA GLN A 49 4.37 2.56 11.07
C GLN A 49 3.72 1.65 10.03
N MET A 50 3.42 2.21 8.87
CA MET A 50 2.81 1.42 7.80
C MET A 50 3.81 0.42 7.22
N ILE A 51 5.05 0.86 7.01
CA ILE A 51 6.08 -0.01 6.46
C ILE A 51 6.47 -1.09 7.45
N LYS A 52 6.68 -0.71 8.70
CA LYS A 52 7.06 -1.67 9.73
C LYS A 52 5.94 -2.67 9.95
N GLU A 53 4.71 -2.14 10.06
CA GLU A 53 3.55 -2.99 10.30
C GLU A 53 3.33 -3.90 9.11
N ALA A 54 3.64 -3.39 7.92
CA ALA A 54 3.46 -4.18 6.72
C ALA A 54 4.63 -5.13 6.50
N ASP A 55 5.84 -4.62 6.64
CA ASP A 55 7.03 -5.44 6.46
C ASP A 55 7.24 -6.35 7.65
N LEU A 56 7.57 -7.62 7.37
CA LEU A 56 7.81 -8.59 8.44
C LEU A 56 9.30 -8.79 8.67
N ASP A 57 10.11 -8.09 7.87
CA ASP A 57 11.56 -8.18 8.00
C ASP A 57 12.18 -6.80 8.17
N GLY A 58 11.33 -5.77 8.19
CA GLY A 58 11.81 -4.40 8.36
C GLY A 58 13.03 -4.14 7.49
N ASP A 59 12.87 -4.30 6.18
CA ASP A 59 13.99 -4.07 5.25
C ASP A 59 13.96 -2.64 4.71
N GLY A 60 13.02 -1.85 5.21
CA GLY A 60 12.91 -0.45 4.77
C GLY A 60 12.15 -0.35 3.46
N GLN A 61 11.77 -1.50 2.90
CA GLN A 61 11.03 -1.53 1.64
C GLN A 61 9.90 -2.55 1.70
N VAL A 62 8.78 -2.23 1.07
CA VAL A 62 7.63 -3.12 1.06
C VAL A 62 7.64 -3.97 -0.21
N ASN A 63 7.51 -5.28 -0.03
CA ASN A 63 7.52 -6.21 -1.16
C ASN A 63 6.09 -6.43 -1.68
N TYR A 64 5.99 -6.78 -2.96
CA TYR A 64 4.68 -7.01 -3.56
C TYR A 64 3.85 -7.95 -2.70
N GLU A 65 4.45 -9.06 -2.28
CA GLU A 65 3.75 -10.02 -1.46
C GLU A 65 3.28 -9.38 -0.16
N GLU A 66 4.14 -8.57 0.44
CA GLU A 66 3.79 -7.90 1.69
C GLU A 66 2.61 -6.96 1.48
N PHE A 67 2.58 -6.30 0.34
CA PHE A 67 1.48 -5.39 0.03
C PHE A 67 0.17 -6.16 -0.12
N VAL A 68 0.21 -7.23 -0.90
CA VAL A 68 -0.99 -8.03 -1.14
C VAL A 68 -1.56 -8.57 0.17
N LYS A 69 -0.78 -9.41 0.84
CA LYS A 69 -1.24 -10.00 2.10
C LYS A 69 -1.77 -8.91 3.03
N MET A 70 -1.07 -7.79 3.09
CA MET A 70 -1.47 -6.70 3.95
C MET A 70 -2.81 -6.14 3.50
N MET A 71 -2.97 -5.95 2.21
CA MET A 71 -4.19 -5.42 1.67
C MET A 71 -5.37 -6.30 2.07
N MET A 72 -5.11 -7.58 2.21
CA MET A 72 -6.17 -8.53 2.59
C MET A 72 -6.45 -8.43 4.09
N THR A 73 -5.39 -8.47 4.89
CA THR A 73 -5.53 -8.39 6.34
C THR A 73 -6.41 -7.19 6.71
N VAL A 74 -6.36 -6.15 5.90
CA VAL A 74 -7.15 -4.96 6.16
C VAL A 74 -8.64 -5.30 6.22
N ARG A 75 -9.10 -6.09 5.24
CA ARG A 75 -10.51 -6.49 5.21
C ARG A 75 -10.71 -7.79 5.95
N GLY A 76 -11.94 -8.02 6.42
CA GLY A 76 -12.26 -9.24 7.15
C GLY A 76 -11.27 -9.47 8.30
N GLY A 77 -10.83 -8.37 8.90
CA GLY A 77 -9.88 -8.46 10.01
C GLY A 77 -9.43 -7.09 10.46
N GLY A 78 -8.62 -6.43 9.63
CA GLY A 78 -8.12 -5.09 9.95
C GLY A 78 -6.73 -5.18 10.58
N GLY A 79 -5.82 -4.33 10.11
CA GLY A 79 -4.46 -4.32 10.63
C GLY A 79 -3.67 -3.15 10.07
N GLY A 80 -3.53 -2.10 10.88
CA GLY A 80 -2.79 -0.90 10.47
C GLY A 80 -3.71 0.30 10.40
N ASN A 81 -3.26 1.43 10.95
CA ASN A 81 -4.05 2.65 10.94
C ASN A 81 -3.90 3.37 9.60
N GLY A 82 -2.69 3.31 9.03
CA GLY A 82 -2.43 3.96 7.76
C GLY A 82 -2.96 3.12 6.59
N TRP A 83 -2.79 1.81 6.70
CA TRP A 83 -3.26 0.90 5.65
C TRP A 83 -4.77 0.99 5.52
N SER A 84 -5.46 1.01 6.66
CA SER A 84 -6.91 1.10 6.67
C SER A 84 -7.36 2.47 6.16
N ARG A 85 -6.61 3.50 6.52
CA ARG A 85 -6.94 4.85 6.08
C ARG A 85 -6.98 4.93 4.56
N LEU A 86 -5.97 4.36 3.92
CA LEU A 86 -5.90 4.35 2.47
C LEU A 86 -6.95 3.43 1.87
N ARG A 87 -7.17 2.30 2.52
CA ARG A 87 -8.14 1.32 2.05
C ARG A 87 -9.56 1.85 2.27
N ARG A 88 -9.68 2.83 3.13
CA ARG A 88 -10.99 3.41 3.41
C ARG A 88 -11.39 4.39 2.33
N LYS A 89 -10.45 5.24 1.93
CA LYS A 89 -10.71 6.24 0.90
C LYS A 89 -10.69 5.60 -0.48
N PHE A 90 -10.47 4.29 -0.52
CA PHE A 90 -10.43 3.56 -1.79
C PHE A 90 -11.79 2.96 -2.10
N SER A 91 -12.84 3.77 -1.93
CA SER A 91 -14.19 3.30 -2.19
C SER A 91 -14.55 2.13 -1.28
N SER A 92 -15.77 2.13 -0.78
CA SER A 92 -16.22 1.07 0.11
C SER A 92 -17.75 1.06 0.20
CA CA B . 10.24 1.74 -5.79
CA CA C . 9.53 -6.03 3.49
N GLY A 1 -11.45 -8.70 -19.66
CA GLY A 1 -11.71 -9.78 -18.67
C GLY A 1 -11.28 -9.32 -17.29
N HIS A 2 -11.11 -8.01 -17.13
CA HIS A 2 -10.70 -7.45 -15.85
C HIS A 2 -11.90 -7.32 -14.91
N MET A 3 -13.09 -7.46 -15.47
CA MET A 3 -14.31 -7.36 -14.67
C MET A 3 -14.36 -8.44 -13.61
N ASP A 4 -13.92 -9.65 -13.98
CA ASP A 4 -13.92 -10.77 -13.05
C ASP A 4 -13.25 -10.38 -11.75
N THR A 5 -11.94 -10.58 -11.66
CA THR A 5 -11.20 -10.24 -10.46
C THR A 5 -10.64 -8.83 -10.55
N ASP A 6 -11.53 -7.84 -10.45
CA ASP A 6 -11.12 -6.44 -10.53
C ASP A 6 -10.19 -6.10 -9.38
N ALA A 7 -10.43 -6.71 -8.22
CA ALA A 7 -9.62 -6.46 -7.05
C ALA A 7 -8.14 -6.74 -7.34
N GLU A 8 -7.86 -7.95 -7.80
CA GLU A 8 -6.49 -8.33 -8.12
C GLU A 8 -5.84 -7.30 -9.04
N GLU A 9 -6.63 -6.79 -9.98
CA GLU A 9 -6.13 -5.80 -10.93
C GLU A 9 -5.80 -4.49 -10.20
N GLU A 10 -6.64 -4.12 -9.25
CA GLU A 10 -6.43 -2.90 -8.49
C GLU A 10 -5.08 -2.96 -7.75
N LEU A 11 -4.85 -4.06 -7.05
CA LEU A 11 -3.60 -4.22 -6.31
C LEU A 11 -2.41 -4.18 -7.26
N LYS A 12 -2.55 -4.85 -8.40
CA LYS A 12 -1.47 -4.89 -9.38
C LYS A 12 -1.24 -3.51 -10.00
N GLU A 13 -2.31 -2.90 -10.50
CA GLU A 13 -2.20 -1.58 -11.10
C GLU A 13 -1.62 -0.58 -10.11
N ALA A 14 -2.21 -0.52 -8.92
CA ALA A 14 -1.73 0.39 -7.88
C ALA A 14 -0.26 0.12 -7.57
N PHE A 15 0.08 -1.16 -7.44
CA PHE A 15 1.46 -1.55 -7.16
C PHE A 15 2.42 -0.91 -8.17
N LYS A 16 2.04 -0.99 -9.45
CA LYS A 16 2.87 -0.42 -10.50
C LYS A 16 2.97 1.09 -10.33
N VAL A 17 1.92 1.70 -9.81
CA VAL A 17 1.91 3.14 -9.60
C VAL A 17 2.79 3.51 -8.39
N PHE A 18 2.68 2.72 -7.33
CA PHE A 18 3.47 2.97 -6.13
C PHE A 18 4.96 2.80 -6.43
N ASP A 19 5.29 1.73 -7.15
CA ASP A 19 6.68 1.46 -7.49
C ASP A 19 7.14 2.36 -8.63
N LYS A 20 7.28 3.65 -8.34
CA LYS A 20 7.71 4.61 -9.35
C LYS A 20 9.06 4.19 -9.93
N ASP A 21 9.99 3.81 -9.06
CA ASP A 21 11.32 3.40 -9.50
C ASP A 21 11.22 2.13 -10.32
N GLN A 22 10.12 1.40 -10.17
CA GLN A 22 9.92 0.15 -10.91
C GLN A 22 10.99 -0.86 -10.54
N ASN A 23 11.39 -0.87 -9.27
CA ASN A 23 12.42 -1.80 -8.81
C ASN A 23 11.78 -3.00 -8.12
N GLY A 24 10.46 -3.07 -8.17
CA GLY A 24 9.74 -4.17 -7.54
C GLY A 24 9.69 -4.01 -6.02
N TYR A 25 9.99 -2.80 -5.56
CA TYR A 25 9.99 -2.52 -4.13
C TYR A 25 9.45 -1.12 -3.86
N ILE A 26 8.66 -0.97 -2.80
CA ILE A 26 8.08 0.31 -2.44
C ILE A 26 8.78 0.89 -1.21
N SER A 27 9.09 2.18 -1.26
CA SER A 27 9.75 2.83 -0.14
C SER A 27 8.82 3.84 0.53
N ALA A 28 9.39 4.71 1.36
CA ALA A 28 8.59 5.72 2.06
C ALA A 28 8.40 6.94 1.17
N SER A 29 9.44 7.29 0.42
CA SER A 29 9.38 8.45 -0.46
C SER A 29 8.23 8.32 -1.45
N GLU A 30 8.11 7.14 -2.04
CA GLU A 30 7.05 6.88 -3.01
C GLU A 30 5.69 6.82 -2.32
N LEU A 31 5.65 6.16 -1.17
CA LEU A 31 4.41 6.02 -0.42
C LEU A 31 3.88 7.41 -0.02
N ARG A 32 4.78 8.25 0.48
CA ARG A 32 4.40 9.60 0.89
C ARG A 32 3.94 10.41 -0.31
N HIS A 33 4.66 10.28 -1.42
CA HIS A 33 4.32 11.02 -2.63
C HIS A 33 2.91 10.69 -3.10
N VAL A 34 2.58 9.41 -3.08
CA VAL A 34 1.25 8.96 -3.50
C VAL A 34 0.18 9.49 -2.55
N MET A 35 0.48 9.45 -1.26
CA MET A 35 -0.48 9.93 -0.25
C MET A 35 -0.79 11.41 -0.46
N ILE A 36 0.24 12.19 -0.78
CA ILE A 36 0.05 13.61 -1.04
C ILE A 36 -0.80 13.82 -2.29
N ASN A 37 -0.54 13.03 -3.33
CA ASN A 37 -1.29 13.12 -4.57
C ASN A 37 -2.78 12.86 -4.30
N LEU A 38 -3.06 12.04 -3.29
CA LEU A 38 -4.43 11.72 -2.94
C LEU A 38 -5.08 12.88 -2.19
N GLY A 39 -4.33 13.97 -2.03
CA GLY A 39 -4.84 15.13 -1.32
C GLY A 39 -4.80 14.92 0.19
N GLU A 40 -3.92 14.03 0.63
CA GLU A 40 -3.80 13.74 2.06
C GLU A 40 -2.37 14.01 2.53
N LYS A 41 -2.26 14.61 3.72
CA LYS A 41 -0.95 14.92 4.27
C LYS A 41 -0.67 14.06 5.50
N LEU A 42 0.17 13.04 5.32
CA LEU A 42 0.52 12.14 6.43
C LEU A 42 1.95 12.37 6.87
N THR A 43 2.20 12.17 8.16
CA THR A 43 3.54 12.36 8.71
C THR A 43 4.39 11.11 8.51
N ASP A 44 5.70 11.28 8.56
CA ASP A 44 6.62 10.16 8.39
C ASP A 44 6.22 9.00 9.30
N GLU A 45 5.86 9.32 10.54
CA GLU A 45 5.47 8.29 11.51
C GLU A 45 4.43 7.37 10.90
N GLU A 46 3.42 7.96 10.25
CA GLU A 46 2.37 7.16 9.63
C GLU A 46 2.95 6.22 8.57
N VAL A 47 3.88 6.73 7.78
CA VAL A 47 4.50 5.93 6.74
C VAL A 47 5.25 4.75 7.35
N GLU A 48 6.03 5.02 8.39
CA GLU A 48 6.80 3.97 9.04
C GLU A 48 5.87 2.92 9.64
N GLN A 49 4.85 3.38 10.37
CA GLN A 49 3.90 2.47 11.00
C GLN A 49 3.33 1.51 9.96
N MET A 50 3.05 2.03 8.77
CA MET A 50 2.50 1.20 7.70
C MET A 50 3.55 0.25 7.15
N ILE A 51 4.77 0.76 6.97
CA ILE A 51 5.85 -0.05 6.43
C ILE A 51 6.25 -1.16 7.40
N LYS A 52 6.38 -0.79 8.67
CA LYS A 52 6.77 -1.76 9.70
C LYS A 52 5.71 -2.86 9.81
N GLU A 53 4.45 -2.46 9.77
CA GLU A 53 3.36 -3.43 9.88
C GLU A 53 3.41 -4.41 8.72
N ALA A 54 3.59 -3.89 7.51
CA ALA A 54 3.66 -4.73 6.32
C ALA A 54 5.03 -5.39 6.20
N ASP A 55 6.08 -4.63 6.49
CA ASP A 55 7.44 -5.14 6.42
C ASP A 55 7.69 -6.16 7.53
N LEU A 56 7.98 -7.39 7.13
CA LEU A 56 8.23 -8.45 8.11
C LEU A 56 9.72 -8.72 8.22
N ASP A 57 10.51 -8.10 7.33
CA ASP A 57 11.96 -8.27 7.35
C ASP A 57 12.65 -6.96 7.70
N GLY A 58 11.87 -5.92 7.93
CA GLY A 58 12.42 -4.61 8.28
C GLY A 58 13.58 -4.26 7.36
N ASP A 59 13.35 -4.36 6.06
CA ASP A 59 14.39 -4.04 5.08
C ASP A 59 14.25 -2.60 4.61
N GLY A 60 13.31 -1.88 5.20
CA GLY A 60 13.09 -0.48 4.82
C GLY A 60 12.30 -0.39 3.52
N GLN A 61 11.91 -1.55 2.99
CA GLN A 61 11.15 -1.59 1.74
C GLN A 61 10.02 -2.60 1.85
N VAL A 62 9.04 -2.49 0.96
CA VAL A 62 7.91 -3.40 0.95
C VAL A 62 7.79 -4.11 -0.39
N ASN A 63 7.69 -5.44 -0.34
CA ASN A 63 7.58 -6.23 -1.56
C ASN A 63 6.11 -6.45 -1.92
N TYR A 64 5.87 -6.83 -3.17
CA TYR A 64 4.50 -7.07 -3.63
C TYR A 64 3.77 -8.03 -2.70
N GLU A 65 4.52 -8.99 -2.17
CA GLU A 65 3.93 -9.99 -1.28
C GLU A 65 3.37 -9.33 -0.02
N GLU A 66 4.16 -8.43 0.56
CA GLU A 66 3.74 -7.72 1.76
C GLU A 66 2.58 -6.78 1.45
N PHE A 67 2.61 -6.18 0.27
CA PHE A 67 1.57 -5.24 -0.12
C PHE A 67 0.27 -5.98 -0.41
N VAL A 68 0.35 -7.00 -1.25
CA VAL A 68 -0.85 -7.75 -1.64
C VAL A 68 -1.47 -8.44 -0.44
N LYS A 69 -0.65 -9.14 0.33
CA LYS A 69 -1.13 -9.87 1.51
C LYS A 69 -1.77 -8.89 2.49
N MET A 70 -1.11 -7.76 2.69
CA MET A 70 -1.63 -6.75 3.62
C MET A 70 -2.93 -6.15 3.08
N MET A 71 -3.00 -6.00 1.76
CA MET A 71 -4.19 -5.44 1.13
C MET A 71 -5.41 -6.30 1.42
N MET A 72 -5.21 -7.61 1.49
CA MET A 72 -6.30 -8.52 1.76
C MET A 72 -6.68 -8.50 3.24
N THR A 73 -5.67 -8.53 4.10
CA THR A 73 -5.90 -8.52 5.54
C THR A 73 -6.65 -7.26 5.95
N VAL A 74 -6.49 -6.19 5.17
CA VAL A 74 -7.15 -4.93 5.46
C VAL A 74 -8.66 -5.08 5.33
N ARG A 75 -9.10 -6.20 4.78
CA ARG A 75 -10.53 -6.46 4.61
C ARG A 75 -11.28 -6.13 5.89
N GLY A 76 -10.56 -6.06 7.00
CA GLY A 76 -11.19 -5.75 8.28
C GLY A 76 -10.65 -6.66 9.39
N GLY A 77 -9.53 -7.31 9.11
CA GLY A 77 -8.93 -8.22 10.09
C GLY A 77 -7.74 -7.55 10.78
N GLY A 78 -7.51 -6.28 10.45
CA GLY A 78 -6.40 -5.54 11.06
C GLY A 78 -6.04 -4.33 10.20
N GLY A 79 -5.32 -4.56 9.12
CA GLY A 79 -4.91 -3.48 8.23
C GLY A 79 -4.04 -2.47 8.97
N GLY A 80 -4.66 -1.67 9.82
CA GLY A 80 -3.93 -0.66 10.57
C GLY A 80 -4.59 0.71 10.42
N ASN A 81 -3.94 1.74 10.95
CA ASN A 81 -4.48 3.09 10.86
C ASN A 81 -4.16 3.72 9.51
N GLY A 82 -2.92 3.55 9.06
CA GLY A 82 -2.50 4.12 7.79
C GLY A 82 -3.06 3.31 6.61
N TRP A 83 -2.87 1.99 6.68
CA TRP A 83 -3.36 1.12 5.63
C TRP A 83 -4.88 1.29 5.46
N SER A 84 -5.58 1.42 6.57
CA SER A 84 -7.03 1.60 6.54
C SER A 84 -7.38 2.94 5.90
N ARG A 85 -6.53 3.94 6.13
CA ARG A 85 -6.77 5.27 5.57
C ARG A 85 -6.76 5.22 4.04
N LEU A 86 -5.77 4.52 3.49
CA LEU A 86 -5.66 4.38 2.05
C LEU A 86 -6.81 3.53 1.49
N ARG A 87 -7.20 2.51 2.24
CA ARG A 87 -8.27 1.63 1.82
C ARG A 87 -9.63 2.28 2.08
N ARG A 88 -9.64 3.33 2.88
CA ARG A 88 -10.87 4.05 3.18
C ARG A 88 -11.27 4.93 2.01
N LYS A 89 -10.31 5.66 1.46
CA LYS A 89 -10.56 6.52 0.32
C LYS A 89 -9.40 6.46 -0.66
N PHE A 90 -9.52 5.59 -1.66
CA PHE A 90 -8.47 5.45 -2.67
C PHE A 90 -8.93 6.06 -3.99
N SER A 91 -8.10 5.91 -5.02
CA SER A 91 -8.43 6.45 -6.34
C SER A 91 -8.03 5.48 -7.44
N SER A 92 -8.73 5.53 -8.56
CA SER A 92 -8.44 4.64 -9.68
C SER A 92 -8.55 3.18 -9.25
CA CA B . 9.33 1.71 -6.33
CA CA C . 9.89 -5.70 3.58
N GLY A 1 -11.77 -22.25 -8.11
CA GLY A 1 -11.99 -22.06 -9.57
C GLY A 1 -11.34 -20.76 -10.02
N HIS A 2 -11.76 -20.25 -11.18
CA HIS A 2 -11.22 -19.01 -11.71
C HIS A 2 -12.01 -17.82 -11.19
N MET A 3 -11.42 -17.09 -10.24
CA MET A 3 -12.08 -15.92 -9.67
C MET A 3 -11.65 -14.66 -10.40
N ASP A 4 -12.54 -14.15 -11.25
CA ASP A 4 -12.24 -12.95 -12.03
C ASP A 4 -12.86 -11.73 -11.36
N THR A 5 -12.03 -10.92 -10.70
CA THR A 5 -12.50 -9.72 -10.02
C THR A 5 -11.57 -8.55 -10.29
N ASP A 6 -12.13 -7.35 -10.32
CA ASP A 6 -11.35 -6.15 -10.56
C ASP A 6 -10.39 -5.89 -9.40
N ALA A 7 -10.78 -6.33 -8.21
CA ALA A 7 -9.94 -6.14 -7.03
C ALA A 7 -8.51 -6.53 -7.34
N GLU A 8 -8.31 -7.76 -7.79
CA GLU A 8 -6.98 -8.25 -8.13
C GLU A 8 -6.26 -7.25 -9.04
N GLU A 9 -6.99 -6.72 -10.01
CA GLU A 9 -6.42 -5.77 -10.96
C GLU A 9 -5.98 -4.51 -10.22
N GLU A 10 -6.79 -4.08 -9.26
CA GLU A 10 -6.48 -2.87 -8.50
C GLU A 10 -5.15 -3.04 -7.77
N LEU A 11 -4.98 -4.18 -7.10
CA LEU A 11 -3.76 -4.43 -6.35
C LEU A 11 -2.57 -4.36 -7.29
N LYS A 12 -2.69 -4.97 -8.45
CA LYS A 12 -1.58 -4.95 -9.42
C LYS A 12 -1.33 -3.54 -9.92
N GLU A 13 -2.39 -2.87 -10.37
CA GLU A 13 -2.26 -1.51 -10.89
C GLU A 13 -1.69 -0.58 -9.82
N ALA A 14 -2.26 -0.66 -8.62
CA ALA A 14 -1.79 0.17 -7.52
C ALA A 14 -0.31 -0.08 -7.26
N PHE A 15 0.07 -1.34 -7.21
CA PHE A 15 1.46 -1.70 -6.95
C PHE A 15 2.38 -0.96 -7.93
N LYS A 16 2.03 -1.01 -9.20
CA LYS A 16 2.83 -0.34 -10.22
C LYS A 16 2.84 1.17 -9.98
N VAL A 17 1.72 1.70 -9.50
CA VAL A 17 1.62 3.13 -9.24
C VAL A 17 2.47 3.52 -8.03
N PHE A 18 2.38 2.73 -6.97
CA PHE A 18 3.15 3.00 -5.76
C PHE A 18 4.64 2.86 -6.02
N ASP A 19 5.02 1.81 -6.73
CA ASP A 19 6.43 1.59 -7.03
C ASP A 19 6.88 2.47 -8.19
N LYS A 20 7.00 3.76 -7.93
CA LYS A 20 7.41 4.70 -8.97
C LYS A 20 8.80 4.33 -9.48
N ASP A 21 9.70 4.02 -8.56
CA ASP A 21 11.07 3.67 -8.94
C ASP A 21 11.07 2.31 -9.63
N GLN A 22 9.90 1.67 -9.70
CA GLN A 22 9.79 0.36 -10.33
C GLN A 22 10.98 -0.53 -9.96
N ASN A 23 11.51 -0.31 -8.76
CA ASN A 23 12.66 -1.09 -8.31
C ASN A 23 12.23 -2.48 -7.85
N GLY A 24 10.92 -2.69 -7.79
CA GLY A 24 10.37 -3.97 -7.36
C GLY A 24 9.85 -3.89 -5.94
N TYR A 25 10.34 -2.91 -5.18
CA TYR A 25 9.92 -2.74 -3.78
C TYR A 25 9.48 -1.30 -3.54
N ILE A 26 8.42 -1.15 -2.74
CA ILE A 26 7.90 0.17 -2.40
C ILE A 26 8.57 0.69 -1.13
N SER A 27 8.91 1.99 -1.14
CA SER A 27 9.56 2.63 0.00
C SER A 27 8.60 3.61 0.67
N ALA A 28 9.14 4.42 1.58
CA ALA A 28 8.34 5.41 2.30
C ALA A 28 8.18 6.68 1.46
N SER A 29 9.25 7.07 0.78
CA SER A 29 9.20 8.27 -0.04
C SER A 29 8.13 8.16 -1.11
N GLU A 30 8.00 6.98 -1.71
CA GLU A 30 7.00 6.76 -2.73
C GLU A 30 5.60 6.85 -2.16
N LEU A 31 5.40 6.25 -1.00
CA LEU A 31 4.09 6.25 -0.37
C LEU A 31 3.66 7.67 -0.04
N ARG A 32 4.60 8.45 0.48
CA ARG A 32 4.30 9.83 0.83
C ARG A 32 3.94 10.63 -0.42
N HIS A 33 4.71 10.43 -1.48
CA HIS A 33 4.47 11.15 -2.73
C HIS A 33 3.06 10.88 -3.24
N VAL A 34 2.66 9.62 -3.18
CA VAL A 34 1.33 9.24 -3.65
C VAL A 34 0.26 9.88 -2.78
N MET A 35 0.46 9.86 -1.47
CA MET A 35 -0.50 10.44 -0.56
C MET A 35 -0.66 11.93 -0.84
N ILE A 36 0.45 12.62 -1.07
CA ILE A 36 0.40 14.04 -1.33
C ILE A 36 -0.30 14.32 -2.66
N ASN A 37 0.06 13.53 -3.67
CA ASN A 37 -0.53 13.69 -4.99
C ASN A 37 -2.04 13.50 -4.91
N LEU A 38 -2.48 12.69 -3.96
CA LEU A 38 -3.91 12.43 -3.78
C LEU A 38 -4.56 13.54 -2.98
N GLY A 39 -3.80 14.58 -2.68
CA GLY A 39 -4.32 15.71 -1.92
C GLY A 39 -4.38 15.38 -0.43
N GLU A 40 -3.62 14.38 -0.01
CA GLU A 40 -3.59 13.96 1.39
C GLU A 40 -2.22 14.26 1.99
N LYS A 41 -2.22 14.95 3.13
CA LYS A 41 -0.97 15.31 3.81
C LYS A 41 -0.82 14.53 5.10
N LEU A 42 -0.01 13.46 5.05
CA LEU A 42 0.21 12.61 6.22
C LEU A 42 1.58 12.91 6.82
N THR A 43 1.96 12.13 7.81
CA THR A 43 3.26 12.31 8.48
C THR A 43 4.18 11.15 8.17
N ASP A 44 5.47 11.43 8.17
CA ASP A 44 6.47 10.41 7.90
C ASP A 44 6.29 9.21 8.83
N GLU A 45 5.98 9.51 10.08
CA GLU A 45 5.78 8.45 11.06
C GLU A 45 4.69 7.48 10.60
N GLU A 46 3.63 8.03 10.02
CA GLU A 46 2.53 7.20 9.54
C GLU A 46 3.01 6.29 8.40
N VAL A 47 3.83 6.84 7.52
CA VAL A 47 4.35 6.07 6.39
C VAL A 47 5.16 4.88 6.89
N GLU A 48 6.09 5.15 7.80
CA GLU A 48 6.93 4.08 8.34
C GLU A 48 6.06 3.04 9.03
N GLN A 49 5.08 3.50 9.81
CA GLN A 49 4.18 2.59 10.51
C GLN A 49 3.59 1.59 9.53
N MET A 50 3.26 2.05 8.34
CA MET A 50 2.71 1.17 7.32
C MET A 50 3.80 0.24 6.79
N ILE A 51 5.01 0.79 6.62
CA ILE A 51 6.13 0.00 6.10
C ILE A 51 6.52 -1.10 7.08
N LYS A 52 6.67 -0.72 8.33
CA LYS A 52 7.04 -1.69 9.36
C LYS A 52 5.95 -2.74 9.51
N GLU A 53 4.70 -2.28 9.51
CA GLU A 53 3.57 -3.17 9.66
C GLU A 53 3.53 -4.16 8.53
N ALA A 54 3.72 -3.66 7.31
CA ALA A 54 3.70 -4.51 6.14
C ALA A 54 4.94 -5.38 6.07
N ASP A 55 6.09 -4.79 6.36
CA ASP A 55 7.35 -5.51 6.32
C ASP A 55 7.49 -6.42 7.54
N LEU A 56 7.74 -7.70 7.29
CA LEU A 56 7.89 -8.68 8.36
C LEU A 56 9.35 -8.80 8.76
N ASP A 57 10.21 -8.07 8.07
CA ASP A 57 11.64 -8.10 8.38
C ASP A 57 12.17 -6.69 8.59
N GLY A 58 11.26 -5.72 8.62
CA GLY A 58 11.65 -4.32 8.83
C GLY A 58 12.88 -3.98 8.00
N ASP A 59 12.84 -4.31 6.71
CA ASP A 59 13.95 -4.02 5.81
C ASP A 59 13.75 -2.70 5.10
N GLY A 60 12.66 -2.01 5.44
CA GLY A 60 12.37 -0.73 4.83
C GLY A 60 11.98 -0.90 3.37
N GLN A 61 11.73 -2.14 2.97
CA GLN A 61 11.34 -2.44 1.59
C GLN A 61 10.15 -3.38 1.55
N VAL A 62 9.05 -2.93 0.96
CA VAL A 62 7.85 -3.75 0.87
C VAL A 62 7.81 -4.48 -0.47
N ASN A 63 7.71 -5.80 -0.42
CA ASN A 63 7.66 -6.61 -1.63
C ASN A 63 6.24 -6.72 -2.14
N TYR A 64 6.10 -7.10 -3.41
CA TYR A 64 4.78 -7.24 -4.01
C TYR A 64 3.90 -8.14 -3.16
N GLU A 65 4.47 -9.24 -2.67
CA GLU A 65 3.72 -10.18 -1.86
C GLU A 65 3.24 -9.51 -0.57
N GLU A 66 4.14 -8.76 0.06
CA GLU A 66 3.81 -8.06 1.31
C GLU A 66 2.69 -7.04 1.07
N PHE A 67 2.75 -6.38 -0.08
CA PHE A 67 1.74 -5.39 -0.43
C PHE A 67 0.38 -6.05 -0.61
N VAL A 68 0.36 -7.17 -1.32
CA VAL A 68 -0.89 -7.88 -1.57
C VAL A 68 -1.54 -8.34 -0.27
N LYS A 69 -0.91 -9.30 0.39
CA LYS A 69 -1.46 -9.81 1.64
C LYS A 69 -1.90 -8.66 2.53
N MET A 70 -1.15 -7.57 2.53
CA MET A 70 -1.50 -6.42 3.35
C MET A 70 -2.81 -5.78 2.85
N MET A 71 -2.93 -5.67 1.54
CA MET A 71 -4.11 -5.07 0.94
C MET A 71 -5.34 -5.87 1.33
N MET A 72 -5.16 -7.16 1.57
CA MET A 72 -6.26 -8.02 1.96
C MET A 72 -6.40 -8.06 3.48
N THR A 73 -5.33 -8.47 4.16
CA THR A 73 -5.35 -8.58 5.61
C THR A 73 -5.98 -7.33 6.23
N VAL A 74 -5.81 -6.20 5.58
CA VAL A 74 -6.37 -4.96 6.08
C VAL A 74 -7.90 -5.05 6.17
N ARG A 75 -8.51 -5.56 5.11
CA ARG A 75 -9.97 -5.71 5.08
C ARG A 75 -10.38 -7.09 5.57
N GLY A 76 -11.26 -7.13 6.56
CA GLY A 76 -11.72 -8.40 7.10
C GLY A 76 -10.56 -9.17 7.73
N GLY A 77 -9.59 -8.45 8.27
CA GLY A 77 -8.43 -9.08 8.90
C GLY A 77 -7.84 -8.20 9.98
N GLY A 78 -7.68 -6.90 9.66
CA GLY A 78 -7.13 -5.96 10.63
C GLY A 78 -6.42 -4.81 9.93
N GLY A 79 -5.08 -4.86 9.92
CA GLY A 79 -4.27 -3.83 9.29
C GLY A 79 -3.99 -2.70 10.26
N GLY A 80 -2.98 -1.89 9.95
CA GLY A 80 -2.62 -0.77 10.81
C GLY A 80 -3.59 0.38 10.63
N ASN A 81 -3.19 1.57 11.06
CA ASN A 81 -4.03 2.76 10.94
C ASN A 81 -3.82 3.43 9.58
N GLY A 82 -2.62 3.32 9.04
CA GLY A 82 -2.32 3.91 7.74
C GLY A 82 -3.04 3.18 6.62
N TRP A 83 -2.84 1.86 6.56
CA TRP A 83 -3.46 1.06 5.52
C TRP A 83 -4.98 1.22 5.58
N SER A 84 -5.52 1.25 6.80
CA SER A 84 -6.95 1.40 6.98
C SER A 84 -7.43 2.72 6.39
N ARG A 85 -6.66 3.78 6.62
CA ARG A 85 -7.01 5.09 6.09
C ARG A 85 -7.02 5.06 4.56
N LEU A 86 -6.03 4.38 3.98
CA LEU A 86 -5.95 4.30 2.53
C LEU A 86 -7.10 3.47 1.97
N ARG A 87 -7.44 2.40 2.68
CA ARG A 87 -8.53 1.51 2.25
C ARG A 87 -9.88 2.15 2.54
N ARG A 88 -9.89 3.12 3.44
CA ARG A 88 -11.14 3.80 3.76
C ARG A 88 -11.55 4.71 2.61
N LYS A 89 -10.61 5.52 2.15
CA LYS A 89 -10.88 6.43 1.05
C LYS A 89 -9.70 6.46 0.09
N PHE A 90 -9.72 5.58 -0.91
CA PHE A 90 -8.66 5.54 -1.91
C PHE A 90 -8.86 6.64 -2.93
N SER A 91 -7.80 6.95 -3.70
CA SER A 91 -7.83 7.99 -4.74
C SER A 91 -9.28 8.38 -5.09
N SER A 92 -9.93 7.54 -5.87
CA SER A 92 -11.31 7.80 -6.24
C SER A 92 -11.91 6.57 -6.90
CA CA B . 9.88 1.86 -5.58
CA CA C . 9.46 -6.61 3.30
N GLY A 1 -22.20 -6.00 -19.38
CA GLY A 1 -21.71 -7.17 -18.59
C GLY A 1 -20.23 -6.99 -18.28
N HIS A 2 -19.40 -7.82 -18.91
CA HIS A 2 -17.96 -7.74 -18.70
C HIS A 2 -17.64 -7.81 -17.20
N MET A 3 -17.69 -9.02 -16.66
CA MET A 3 -17.41 -9.21 -15.24
C MET A 3 -15.91 -9.41 -15.01
N ASP A 4 -15.37 -8.69 -14.02
CA ASP A 4 -13.95 -8.80 -13.71
C ASP A 4 -13.70 -8.38 -12.27
N THR A 5 -12.59 -8.86 -11.71
CA THR A 5 -12.23 -8.54 -10.33
C THR A 5 -11.35 -7.30 -10.28
N ASP A 6 -11.98 -6.16 -10.02
CA ASP A 6 -11.25 -4.90 -9.95
C ASP A 6 -10.11 -5.00 -8.94
N ALA A 7 -10.30 -5.85 -7.93
CA ALA A 7 -9.27 -6.05 -6.90
C ALA A 7 -7.95 -6.45 -7.55
N GLU A 8 -7.98 -7.53 -8.32
CA GLU A 8 -6.78 -8.01 -9.00
C GLU A 8 -6.12 -6.87 -9.76
N GLU A 9 -6.90 -6.20 -10.62
CA GLU A 9 -6.38 -5.09 -11.40
C GLU A 9 -5.87 -3.98 -10.48
N GLU A 10 -6.59 -3.73 -9.40
CA GLU A 10 -6.20 -2.69 -8.46
C GLU A 10 -4.82 -2.99 -7.89
N LEU A 11 -4.65 -4.20 -7.36
CA LEU A 11 -3.37 -4.59 -6.77
C LEU A 11 -2.25 -4.39 -7.77
N LYS A 12 -2.48 -4.82 -9.00
CA LYS A 12 -1.46 -4.68 -10.05
C LYS A 12 -1.29 -3.22 -10.46
N GLU A 13 -2.38 -2.60 -10.86
CA GLU A 13 -2.34 -1.20 -11.29
C GLU A 13 -1.75 -0.33 -10.20
N ALA A 14 -2.31 -0.44 -9.00
CA ALA A 14 -1.82 0.36 -7.87
C ALA A 14 -0.34 0.09 -7.63
N PHE A 15 0.03 -1.18 -7.60
CA PHE A 15 1.43 -1.55 -7.37
C PHE A 15 2.34 -0.80 -8.33
N LYS A 16 1.97 -0.78 -9.60
CA LYS A 16 2.77 -0.10 -10.61
C LYS A 16 2.81 1.40 -10.34
N VAL A 17 1.70 1.93 -9.82
CA VAL A 17 1.62 3.35 -9.51
C VAL A 17 2.54 3.71 -8.34
N PHE A 18 2.53 2.85 -7.32
CA PHE A 18 3.37 3.08 -6.15
C PHE A 18 4.84 2.93 -6.50
N ASP A 19 5.16 1.92 -7.28
CA ASP A 19 6.55 1.68 -7.67
C ASP A 19 6.94 2.61 -8.81
N LYS A 20 6.95 3.90 -8.54
CA LYS A 20 7.31 4.88 -9.56
C LYS A 20 8.66 4.54 -10.16
N ASP A 21 9.60 4.18 -9.30
CA ASP A 21 10.95 3.84 -9.76
C ASP A 21 10.89 2.63 -10.68
N GLN A 22 9.81 1.87 -10.57
CA GLN A 22 9.64 0.67 -11.38
C GLN A 22 10.78 -0.32 -11.14
N ASN A 23 11.10 -0.53 -9.87
CA ASN A 23 12.18 -1.45 -9.50
C ASN A 23 11.61 -2.78 -9.03
N GLY A 24 10.47 -2.73 -8.33
CA GLY A 24 9.82 -3.93 -7.82
C GLY A 24 9.69 -3.89 -6.31
N TYR A 25 9.76 -2.69 -5.75
CA TYR A 25 9.64 -2.52 -4.31
C TYR A 25 9.15 -1.12 -3.96
N ILE A 26 8.51 -0.99 -2.80
CA ILE A 26 8.00 0.32 -2.36
C ILE A 26 8.76 0.80 -1.14
N SER A 27 8.91 2.11 -1.03
CA SER A 27 9.63 2.71 0.11
C SER A 27 8.77 3.76 0.79
N ALA A 28 9.35 4.44 1.77
CA ALA A 28 8.63 5.47 2.51
C ALA A 28 8.41 6.70 1.64
N SER A 29 9.45 7.08 0.90
CA SER A 29 9.36 8.25 0.03
C SER A 29 8.26 8.07 -1.01
N GLU A 30 8.13 6.83 -1.51
CA GLU A 30 7.12 6.54 -2.53
C GLU A 30 5.72 6.68 -1.93
N LEU A 31 5.54 6.16 -0.72
CA LEU A 31 4.24 6.24 -0.07
C LEU A 31 3.84 7.67 0.18
N ARG A 32 4.79 8.47 0.65
CA ARG A 32 4.52 9.87 0.92
C ARG A 32 4.16 10.61 -0.36
N HIS A 33 4.87 10.30 -1.44
CA HIS A 33 4.62 10.97 -2.71
C HIS A 33 3.21 10.66 -3.20
N VAL A 34 2.80 9.42 -3.03
CA VAL A 34 1.48 9.00 -3.49
C VAL A 34 0.40 9.66 -2.66
N MET A 35 0.62 9.71 -1.35
CA MET A 35 -0.35 10.32 -0.44
C MET A 35 -0.50 11.80 -0.72
N ILE A 36 0.62 12.46 -1.01
CA ILE A 36 0.59 13.89 -1.30
C ILE A 36 -0.12 14.16 -2.62
N ASN A 37 0.21 13.36 -3.62
CA ASN A 37 -0.40 13.52 -4.94
C ASN A 37 -1.89 13.25 -4.85
N LEU A 38 -2.29 12.47 -3.86
CA LEU A 38 -3.70 12.14 -3.67
C LEU A 38 -4.40 13.26 -2.90
N GLY A 39 -3.67 14.33 -2.63
CA GLY A 39 -4.24 15.46 -1.91
C GLY A 39 -4.31 15.17 -0.42
N GLU A 40 -3.44 14.28 0.06
CA GLU A 40 -3.40 13.91 1.47
C GLU A 40 -2.04 14.23 2.07
N LYS A 41 -2.05 14.83 3.26
CA LYS A 41 -0.80 15.19 3.93
C LYS A 41 -0.61 14.35 5.19
N LEU A 42 0.24 13.33 5.09
CA LEU A 42 0.50 12.45 6.23
C LEU A 42 1.94 12.64 6.72
N THR A 43 2.13 12.47 8.02
CA THR A 43 3.45 12.64 8.61
C THR A 43 4.32 11.43 8.30
N ASP A 44 5.64 11.65 8.26
CA ASP A 44 6.57 10.56 7.97
C ASP A 44 6.34 9.41 8.94
N GLU A 45 5.85 9.72 10.13
CA GLU A 45 5.61 8.70 11.13
C GLU A 45 4.55 7.71 10.63
N GLU A 46 3.52 8.24 9.99
CA GLU A 46 2.45 7.39 9.47
C GLU A 46 3.00 6.44 8.41
N VAL A 47 3.90 6.95 7.57
CA VAL A 47 4.49 6.13 6.52
C VAL A 47 5.31 4.99 7.13
N GLU A 48 6.16 5.32 8.09
CA GLU A 48 7.00 4.32 8.73
C GLU A 48 6.12 3.25 9.39
N GLN A 49 5.06 3.68 10.06
CA GLN A 49 4.16 2.76 10.71
C GLN A 49 3.56 1.79 9.69
N MET A 50 3.26 2.30 8.51
CA MET A 50 2.70 1.45 7.47
C MET A 50 3.71 0.42 6.99
N ILE A 51 4.96 0.85 6.82
CA ILE A 51 6.01 -0.04 6.37
C ILE A 51 6.33 -1.09 7.41
N LYS A 52 6.58 -0.66 8.64
CA LYS A 52 6.93 -1.58 9.71
C LYS A 52 5.85 -2.65 9.86
N GLU A 53 4.59 -2.22 9.83
CA GLU A 53 3.48 -3.14 9.98
C GLU A 53 3.47 -4.14 8.84
N ALA A 54 3.56 -3.63 7.62
CA ALA A 54 3.57 -4.50 6.44
C ALA A 54 4.81 -5.35 6.38
N ASP A 55 5.97 -4.73 6.60
CA ASP A 55 7.24 -5.44 6.56
C ASP A 55 7.36 -6.39 7.73
N LEU A 56 7.66 -7.65 7.44
CA LEU A 56 7.83 -8.66 8.48
C LEU A 56 9.29 -8.81 8.85
N ASP A 57 10.16 -8.19 8.06
CA ASP A 57 11.60 -8.26 8.31
C ASP A 57 12.17 -6.87 8.54
N GLY A 58 11.30 -5.87 8.56
CA GLY A 58 11.72 -4.49 8.77
C GLY A 58 12.97 -4.18 7.93
N ASP A 59 12.89 -4.46 6.64
CA ASP A 59 14.00 -4.21 5.73
C ASP A 59 14.01 -2.76 5.27
N GLY A 60 12.87 -2.09 5.42
CA GLY A 60 12.74 -0.69 5.02
C GLY A 60 12.01 -0.58 3.69
N GLN A 61 11.72 -1.72 3.07
CA GLN A 61 11.02 -1.74 1.79
C GLN A 61 9.91 -2.79 1.80
N VAL A 62 8.76 -2.43 1.23
CA VAL A 62 7.63 -3.33 1.19
C VAL A 62 7.63 -4.12 -0.12
N ASN A 63 7.59 -5.44 0.00
CA ASN A 63 7.60 -6.32 -1.17
C ASN A 63 6.17 -6.48 -1.71
N TYR A 64 6.06 -6.82 -2.98
CA TYR A 64 4.76 -6.99 -3.61
C TYR A 64 3.90 -7.95 -2.78
N GLU A 65 4.50 -9.04 -2.32
CA GLU A 65 3.78 -10.02 -1.53
C GLU A 65 3.27 -9.39 -0.24
N GLU A 66 4.12 -8.62 0.41
CA GLU A 66 3.76 -7.95 1.66
C GLU A 66 2.58 -7.00 1.42
N PHE A 67 2.59 -6.33 0.28
CA PHE A 67 1.51 -5.40 -0.05
C PHE A 67 0.20 -6.15 -0.23
N VAL A 68 0.23 -7.22 -1.01
CA VAL A 68 -0.96 -7.99 -1.27
C VAL A 68 -1.58 -8.51 0.03
N LYS A 69 -0.84 -9.38 0.71
CA LYS A 69 -1.33 -9.96 1.96
C LYS A 69 -1.90 -8.87 2.86
N MET A 70 -1.17 -7.74 2.95
CA MET A 70 -1.60 -6.65 3.79
C MET A 70 -2.94 -6.11 3.31
N MET A 71 -3.09 -5.96 2.00
CA MET A 71 -4.32 -5.46 1.43
C MET A 71 -5.48 -6.36 1.82
N MET A 72 -5.20 -7.64 2.02
CA MET A 72 -6.23 -8.59 2.40
C MET A 72 -6.48 -8.54 3.91
N THR A 73 -5.41 -8.71 4.68
CA THR A 73 -5.52 -8.69 6.14
C THR A 73 -6.42 -7.55 6.59
N VAL A 74 -6.47 -6.49 5.78
CA VAL A 74 -7.30 -5.34 6.10
C VAL A 74 -8.77 -5.77 6.23
N ARG A 75 -9.24 -6.54 5.27
CA ARG A 75 -10.62 -7.02 5.28
C ARG A 75 -10.71 -8.35 5.99
N GLY A 76 -11.49 -8.38 7.07
CA GLY A 76 -11.67 -9.60 7.86
C GLY A 76 -11.07 -9.46 9.24
N GLY A 77 -9.75 -9.27 9.31
CA GLY A 77 -9.07 -9.12 10.59
C GLY A 77 -8.80 -7.66 10.90
N GLY A 78 -8.10 -6.99 10.00
CA GLY A 78 -7.77 -5.57 10.19
C GLY A 78 -6.46 -5.41 10.96
N GLY A 79 -5.76 -4.32 10.70
CA GLY A 79 -4.50 -4.05 11.38
C GLY A 79 -3.64 -3.07 10.59
N GLY A 80 -3.81 -1.78 10.87
CA GLY A 80 -3.04 -0.75 10.17
C GLY A 80 -3.84 0.55 10.07
N ASN A 81 -3.31 1.60 10.69
CA ASN A 81 -3.98 2.90 10.65
C ASN A 81 -3.81 3.55 9.27
N GLY A 82 -2.60 3.46 8.74
CA GLY A 82 -2.32 4.04 7.43
C GLY A 82 -2.87 3.15 6.32
N TRP A 83 -2.74 1.84 6.49
CA TRP A 83 -3.23 0.88 5.50
C TRP A 83 -4.75 0.99 5.40
N SER A 84 -5.41 1.07 6.55
CA SER A 84 -6.87 1.17 6.59
C SER A 84 -7.32 2.47 5.92
N ARG A 85 -6.55 3.54 6.13
CA ARG A 85 -6.86 4.82 5.51
C ARG A 85 -6.72 4.73 4.00
N LEU A 86 -5.70 4.03 3.55
CA LEU A 86 -5.47 3.88 2.12
C LEU A 86 -6.56 2.99 1.52
N ARG A 87 -7.05 2.05 2.32
CA ARG A 87 -8.09 1.15 1.86
C ARG A 87 -9.35 1.94 1.51
N ARG A 88 -9.99 2.49 2.53
CA ARG A 88 -11.21 3.27 2.32
C ARG A 88 -10.99 4.32 1.23
N LYS A 89 -9.78 4.88 1.20
CA LYS A 89 -9.45 5.90 0.22
C LYS A 89 -9.92 5.48 -1.18
N PHE A 90 -9.78 4.19 -1.48
CA PHE A 90 -10.18 3.68 -2.78
C PHE A 90 -11.68 3.34 -2.79
N SER A 91 -12.01 2.14 -2.29
CA SER A 91 -13.40 1.71 -2.24
C SER A 91 -13.59 0.64 -1.17
N SER A 92 -14.73 0.68 -0.49
CA SER A 92 -15.02 -0.30 0.55
C SER A 92 -16.50 -0.25 0.92
CA CA B . 9.82 1.60 -6.30
CA CA C . 10.11 -5.67 4.18
N GLY A 1 -10.54 -15.40 -9.69
CA GLY A 1 -11.79 -14.62 -9.92
C GLY A 1 -12.14 -14.63 -11.39
N HIS A 2 -12.72 -15.73 -11.86
CA HIS A 2 -13.11 -15.85 -13.26
C HIS A 2 -14.21 -14.86 -13.61
N MET A 3 -15.17 -14.72 -12.69
CA MET A 3 -16.28 -13.79 -12.91
C MET A 3 -15.77 -12.45 -13.42
N ASP A 4 -15.39 -11.58 -12.49
CA ASP A 4 -14.89 -10.26 -12.84
C ASP A 4 -14.45 -9.51 -11.60
N THR A 5 -13.27 -9.87 -11.07
CA THR A 5 -12.76 -9.21 -9.86
C THR A 5 -11.61 -8.27 -10.22
N ASP A 6 -11.86 -6.98 -10.03
CA ASP A 6 -10.86 -5.96 -10.33
C ASP A 6 -9.76 -5.99 -9.28
N ALA A 7 -10.14 -6.26 -8.03
CA ALA A 7 -9.17 -6.31 -6.93
C ALA A 7 -7.83 -6.83 -7.42
N GLU A 8 -7.86 -7.99 -8.08
CA GLU A 8 -6.64 -8.57 -8.61
C GLU A 8 -5.92 -7.58 -9.51
N GLU A 9 -6.66 -7.00 -10.46
CA GLU A 9 -6.08 -6.01 -11.37
C GLU A 9 -5.64 -4.78 -10.61
N GLU A 10 -6.45 -4.34 -9.65
CA GLU A 10 -6.12 -3.17 -8.86
C GLU A 10 -4.79 -3.38 -8.14
N LEU A 11 -4.63 -4.54 -7.52
CA LEU A 11 -3.40 -4.83 -6.79
C LEU A 11 -2.20 -4.77 -7.72
N LYS A 12 -2.35 -5.35 -8.91
CA LYS A 12 -1.26 -5.35 -9.87
C LYS A 12 -1.03 -3.95 -10.44
N GLU A 13 -2.09 -3.36 -11.00
CA GLU A 13 -1.99 -2.03 -11.58
C GLU A 13 -1.55 -1.01 -10.53
N ALA A 14 -2.27 -0.99 -9.40
CA ALA A 14 -1.96 -0.05 -8.33
C ALA A 14 -0.51 -0.23 -7.88
N PHE A 15 -0.10 -1.47 -7.70
CA PHE A 15 1.26 -1.76 -7.26
C PHE A 15 2.28 -1.21 -8.26
N LYS A 16 1.95 -1.32 -9.54
CA LYS A 16 2.86 -0.88 -10.59
C LYS A 16 3.04 0.63 -10.60
N VAL A 17 1.95 1.34 -10.33
CA VAL A 17 1.98 2.80 -10.32
C VAL A 17 2.46 3.34 -8.97
N PHE A 18 2.26 2.55 -7.92
CA PHE A 18 2.68 2.96 -6.59
C PHE A 18 4.18 3.16 -6.53
N ASP A 19 4.91 2.21 -7.09
CA ASP A 19 6.38 2.28 -7.09
C ASP A 19 6.86 3.17 -8.23
N LYS A 20 6.92 4.47 -7.98
CA LYS A 20 7.36 5.41 -9.01
C LYS A 20 8.78 5.09 -9.44
N ASP A 21 9.66 4.86 -8.46
CA ASP A 21 11.04 4.55 -8.76
C ASP A 21 11.14 3.24 -9.54
N GLN A 22 10.10 2.42 -9.42
CA GLN A 22 10.08 1.14 -10.13
C GLN A 22 11.23 0.24 -9.66
N ASN A 23 11.57 0.35 -8.38
CA ASN A 23 12.65 -0.46 -7.82
C ASN A 23 12.17 -1.87 -7.55
N GLY A 24 10.88 -2.11 -7.76
CA GLY A 24 10.30 -3.43 -7.53
C GLY A 24 9.68 -3.52 -6.15
N TYR A 25 10.05 -2.59 -5.27
CA TYR A 25 9.52 -2.58 -3.90
C TYR A 25 9.09 -1.17 -3.53
N ILE A 26 7.96 -1.07 -2.82
CA ILE A 26 7.45 0.22 -2.39
C ILE A 26 8.20 0.71 -1.16
N SER A 27 8.49 2.02 -1.13
CA SER A 27 9.21 2.61 -0.01
C SER A 27 8.43 3.79 0.57
N ALA A 28 9.10 4.62 1.34
CA ALA A 28 8.46 5.77 1.96
C ALA A 28 8.37 6.93 0.98
N SER A 29 9.40 7.08 0.14
CA SER A 29 9.42 8.16 -0.83
C SER A 29 8.23 8.06 -1.78
N GLU A 30 8.05 6.87 -2.35
CA GLU A 30 6.95 6.66 -3.28
C GLU A 30 5.61 6.73 -2.57
N LEU A 31 5.55 6.12 -1.39
CA LEU A 31 4.32 6.11 -0.62
C LEU A 31 3.90 7.52 -0.24
N ARG A 32 4.87 8.30 0.22
CA ARG A 32 4.60 9.69 0.57
C ARG A 32 4.20 10.51 -0.63
N HIS A 33 4.88 10.28 -1.75
CA HIS A 33 4.60 11.02 -2.97
C HIS A 33 3.16 10.77 -3.43
N VAL A 34 2.73 9.53 -3.32
CA VAL A 34 1.37 9.17 -3.71
C VAL A 34 0.35 9.79 -2.76
N MET A 35 0.66 9.76 -1.47
CA MET A 35 -0.25 10.30 -0.48
C MET A 35 -0.46 11.79 -0.69
N ILE A 36 0.61 12.48 -1.03
CA ILE A 36 0.54 13.92 -1.27
C ILE A 36 -0.22 14.21 -2.56
N ASN A 37 0.06 13.43 -3.60
CA ASN A 37 -0.60 13.62 -4.88
C ASN A 37 -2.10 13.42 -4.74
N LEU A 38 -2.48 12.59 -3.78
CA LEU A 38 -3.90 12.32 -3.55
C LEU A 38 -4.55 13.47 -2.79
N GLY A 39 -3.81 14.56 -2.63
CA GLY A 39 -4.33 15.73 -1.93
C GLY A 39 -4.46 15.45 -0.44
N GLU A 40 -3.62 14.56 0.08
CA GLU A 40 -3.64 14.21 1.49
C GLU A 40 -2.32 14.57 2.15
N LYS A 41 -2.39 15.07 3.37
CA LYS A 41 -1.19 15.46 4.12
C LYS A 41 -1.07 14.60 5.38
N LEU A 42 -0.25 13.56 5.32
CA LEU A 42 -0.06 12.67 6.45
C LEU A 42 1.26 12.97 7.14
N THR A 43 1.64 12.12 8.09
CA THR A 43 2.88 12.30 8.83
C THR A 43 3.87 11.18 8.53
N ASP A 44 5.15 11.49 8.63
CA ASP A 44 6.19 10.50 8.36
C ASP A 44 5.97 9.26 9.23
N GLU A 45 5.54 9.48 10.46
CA GLU A 45 5.29 8.38 11.38
C GLU A 45 4.33 7.37 10.76
N GLU A 46 3.28 7.87 10.11
CA GLU A 46 2.30 7.00 9.47
C GLU A 46 2.96 6.11 8.42
N VAL A 47 3.93 6.67 7.72
CA VAL A 47 4.65 5.92 6.70
C VAL A 47 5.53 4.85 7.32
N GLU A 48 6.20 5.20 8.42
CA GLU A 48 7.09 4.27 9.09
C GLU A 48 6.34 3.07 9.64
N GLN A 49 5.26 3.34 10.37
CA GLN A 49 4.44 2.27 10.96
C GLN A 49 3.85 1.39 9.87
N MET A 50 3.50 1.99 8.75
CA MET A 50 2.92 1.24 7.64
C MET A 50 3.95 0.28 7.03
N ILE A 51 5.17 0.77 6.86
CA ILE A 51 6.23 -0.04 6.28
C ILE A 51 6.85 -0.95 7.33
N LYS A 52 6.66 -0.60 8.61
CA LYS A 52 7.20 -1.41 9.68
C LYS A 52 6.28 -2.60 9.97
N GLU A 53 4.98 -2.34 9.97
CA GLU A 53 4.02 -3.39 10.27
C GLU A 53 3.81 -4.26 9.05
N ALA A 54 3.77 -3.62 7.88
CA ALA A 54 3.56 -4.35 6.63
C ALA A 54 4.75 -5.27 6.35
N ASP A 55 5.95 -4.73 6.47
CA ASP A 55 7.16 -5.49 6.22
C ASP A 55 7.38 -6.49 7.35
N LEU A 56 7.72 -7.72 6.98
CA LEU A 56 7.97 -8.78 7.96
C LEU A 56 9.48 -9.01 8.12
N ASP A 57 10.27 -8.38 7.27
CA ASP A 57 11.73 -8.53 7.32
C ASP A 57 12.39 -7.20 7.68
N GLY A 58 11.57 -6.17 7.87
CA GLY A 58 12.10 -4.85 8.22
C GLY A 58 13.29 -4.49 7.35
N ASP A 59 13.12 -4.63 6.03
CA ASP A 59 14.20 -4.30 5.10
C ASP A 59 13.99 -2.93 4.49
N GLY A 60 12.98 -2.21 4.98
CA GLY A 60 12.69 -0.88 4.49
C GLY A 60 12.12 -0.94 3.07
N GLN A 61 11.92 -2.15 2.57
CA GLN A 61 11.38 -2.34 1.22
C GLN A 61 10.21 -3.31 1.24
N VAL A 62 9.02 -2.80 0.94
CA VAL A 62 7.82 -3.63 0.92
C VAL A 62 7.69 -4.35 -0.41
N ASN A 63 7.55 -5.67 -0.34
CA ASN A 63 7.42 -6.48 -1.55
C ASN A 63 5.96 -6.61 -1.97
N TYR A 64 5.73 -6.81 -3.26
CA TYR A 64 4.37 -6.94 -3.76
C TYR A 64 3.59 -7.96 -2.94
N GLU A 65 4.24 -9.05 -2.57
CA GLU A 65 3.59 -10.09 -1.80
C GLU A 65 3.16 -9.57 -0.43
N GLU A 66 4.07 -8.86 0.24
CA GLU A 66 3.77 -8.29 1.55
C GLU A 66 2.57 -7.35 1.47
N PHE A 67 2.49 -6.60 0.38
CA PHE A 67 1.39 -5.67 0.19
C PHE A 67 0.07 -6.42 -0.01
N VAL A 68 0.11 -7.42 -0.89
CA VAL A 68 -1.10 -8.18 -1.18
C VAL A 68 -1.70 -8.79 0.09
N LYS A 69 -0.87 -9.50 0.84
CA LYS A 69 -1.33 -10.12 2.07
C LYS A 69 -1.82 -9.06 3.05
N MET A 70 -1.12 -7.93 3.08
CA MET A 70 -1.49 -6.85 3.97
C MET A 70 -2.83 -6.27 3.59
N MET A 71 -3.00 -5.99 2.30
CA MET A 71 -4.24 -5.43 1.81
C MET A 71 -5.40 -6.36 2.11
N MET A 72 -5.13 -7.66 2.10
CA MET A 72 -6.17 -8.64 2.38
C MET A 72 -6.58 -8.60 3.86
N THR A 73 -5.58 -8.56 4.74
CA THR A 73 -5.84 -8.51 6.17
C THR A 73 -6.56 -7.22 6.55
N VAL A 74 -6.27 -6.15 5.82
CA VAL A 74 -6.89 -4.87 6.10
C VAL A 74 -8.41 -4.97 6.02
N ARG A 75 -8.91 -5.49 4.90
CA ARG A 75 -10.34 -5.63 4.71
C ARG A 75 -10.81 -6.94 5.34
N GLY A 76 -11.61 -6.82 6.41
CA GLY A 76 -12.13 -8.00 7.09
C GLY A 76 -11.57 -8.11 8.51
N GLY A 77 -10.24 -8.14 8.60
CA GLY A 77 -9.57 -8.25 9.91
C GLY A 77 -9.17 -6.87 10.42
N GLY A 78 -8.36 -6.17 9.64
CA GLY A 78 -7.90 -4.85 10.03
C GLY A 78 -6.69 -4.94 10.94
N GLY A 79 -5.56 -4.42 10.47
CA GLY A 79 -4.32 -4.46 11.26
C GLY A 79 -3.35 -3.38 10.80
N GLY A 80 -3.84 -2.15 10.71
CA GLY A 80 -3.00 -1.03 10.29
C GLY A 80 -3.78 0.28 10.30
N ASN A 81 -3.21 1.28 10.95
CA ASN A 81 -3.86 2.60 11.03
C ASN A 81 -3.73 3.35 9.70
N GLY A 82 -2.52 3.30 9.13
CA GLY A 82 -2.26 3.97 7.88
C GLY A 82 -2.92 3.23 6.71
N TRP A 83 -2.74 1.91 6.68
CA TRP A 83 -3.33 1.10 5.63
C TRP A 83 -4.84 1.30 5.59
N SER A 84 -5.45 1.35 6.78
CA SER A 84 -6.89 1.55 6.87
C SER A 84 -7.28 2.90 6.29
N ARG A 85 -6.43 3.91 6.54
CA ARG A 85 -6.70 5.25 6.01
C ARG A 85 -6.66 5.24 4.48
N LEU A 86 -5.68 4.54 3.92
CA LEU A 86 -5.55 4.46 2.48
C LEU A 86 -6.69 3.65 1.88
N ARG A 87 -7.09 2.61 2.60
CA ARG A 87 -8.18 1.75 2.14
C ARG A 87 -9.53 2.42 2.35
N ARG A 88 -9.55 3.44 3.20
CA ARG A 88 -10.79 4.16 3.49
C ARG A 88 -11.12 5.13 2.35
N LYS A 89 -10.11 5.87 1.90
CA LYS A 89 -10.31 6.85 0.83
C LYS A 89 -10.36 6.15 -0.53
N PHE A 90 -10.25 4.83 -0.51
CA PHE A 90 -10.28 4.05 -1.76
C PHE A 90 -11.69 3.53 -2.01
N SER A 91 -12.69 4.38 -1.77
CA SER A 91 -14.07 3.99 -1.98
C SER A 91 -14.85 5.12 -2.66
N SER A 92 -14.55 5.33 -3.93
CA SER A 92 -15.22 6.39 -4.69
C SER A 92 -15.16 6.10 -6.19
CA CA B . 10.01 2.19 -4.14
CA CA C . 9.98 -6.67 2.86
N GLY A 1 -5.87 -17.83 -11.51
CA GLY A 1 -7.30 -17.41 -11.44
C GLY A 1 -7.95 -17.57 -12.81
N HIS A 2 -8.91 -18.48 -12.89
CA HIS A 2 -9.60 -18.74 -14.16
C HIS A 2 -10.66 -17.67 -14.41
N MET A 3 -11.04 -16.96 -13.34
CA MET A 3 -12.04 -15.90 -13.45
C MET A 3 -11.38 -14.55 -13.63
N ASP A 4 -12.18 -13.53 -13.89
CA ASP A 4 -11.66 -12.17 -14.09
C ASP A 4 -12.21 -11.24 -13.02
N THR A 5 -11.42 -11.05 -11.95
CA THR A 5 -11.85 -10.17 -10.86
C THR A 5 -11.04 -8.87 -10.88
N ASP A 6 -11.73 -7.75 -10.70
CA ASP A 6 -11.06 -6.45 -10.71
C ASP A 6 -10.01 -6.38 -9.60
N ALA A 7 -10.32 -6.99 -8.46
CA ALA A 7 -9.38 -7.00 -7.33
C ALA A 7 -7.97 -7.26 -7.81
N GLU A 8 -7.78 -8.40 -8.47
CA GLU A 8 -6.45 -8.77 -8.98
C GLU A 8 -5.88 -7.62 -9.81
N GLU A 9 -6.70 -7.09 -10.73
CA GLU A 9 -6.26 -5.99 -11.58
C GLU A 9 -5.88 -4.77 -10.73
N GLU A 10 -6.69 -4.49 -9.72
CA GLU A 10 -6.43 -3.36 -8.84
C GLU A 10 -5.06 -3.49 -8.18
N LEU A 11 -4.81 -4.65 -7.58
CA LEU A 11 -3.53 -4.88 -6.91
C LEU A 11 -2.37 -4.62 -7.87
N LYS A 12 -2.48 -5.15 -9.08
CA LYS A 12 -1.43 -4.96 -10.07
C LYS A 12 -1.36 -3.50 -10.51
N GLU A 13 -2.50 -2.96 -10.93
CA GLU A 13 -2.56 -1.57 -11.38
C GLU A 13 -2.05 -0.64 -10.27
N ALA A 14 -2.60 -0.80 -9.07
CA ALA A 14 -2.20 0.03 -7.93
C ALA A 14 -0.69 -0.13 -7.69
N PHE A 15 -0.21 -1.37 -7.71
CA PHE A 15 1.21 -1.62 -7.48
C PHE A 15 2.04 -0.77 -8.44
N LYS A 16 1.63 -0.71 -9.70
CA LYS A 16 2.37 0.07 -10.69
C LYS A 16 2.34 1.55 -10.32
N VAL A 17 1.24 1.99 -9.71
CA VAL A 17 1.12 3.39 -9.30
C VAL A 17 2.06 3.69 -8.14
N PHE A 18 2.13 2.78 -7.17
CA PHE A 18 3.00 2.96 -6.03
C PHE A 18 4.46 2.72 -6.42
N ASP A 19 4.69 1.71 -7.24
CA ASP A 19 6.04 1.39 -7.68
C ASP A 19 6.47 2.30 -8.82
N LYS A 20 6.53 3.60 -8.54
CA LYS A 20 6.92 4.56 -9.55
C LYS A 20 8.32 4.25 -10.09
N ASP A 21 9.23 3.94 -9.19
CA ASP A 21 10.61 3.62 -9.58
C ASP A 21 10.64 2.26 -10.29
N GLN A 22 9.54 1.53 -10.21
CA GLN A 22 9.45 0.22 -10.85
C GLN A 22 10.63 -0.65 -10.44
N ASN A 23 11.15 -0.40 -9.24
CA ASN A 23 12.28 -1.18 -8.73
C ASN A 23 11.80 -2.47 -8.10
N GLY A 24 10.48 -2.61 -7.97
CA GLY A 24 9.90 -3.81 -7.38
C GLY A 24 9.89 -3.73 -5.87
N TYR A 25 10.18 -2.54 -5.34
CA TYR A 25 10.21 -2.33 -3.89
C TYR A 25 9.76 -0.91 -3.56
N ILE A 26 8.67 -0.80 -2.80
CA ILE A 26 8.14 0.50 -2.42
C ILE A 26 8.85 1.03 -1.19
N SER A 27 9.16 2.33 -1.19
CA SER A 27 9.84 2.94 -0.05
C SER A 27 9.06 4.14 0.46
N ALA A 28 9.26 4.48 1.72
CA ALA A 28 8.57 5.61 2.31
C ALA A 28 8.49 6.78 1.34
N SER A 29 9.57 6.99 0.58
CA SER A 29 9.61 8.07 -0.39
C SER A 29 8.50 7.93 -1.42
N GLU A 30 8.33 6.71 -1.94
CA GLU A 30 7.30 6.44 -2.92
C GLU A 30 5.91 6.55 -2.29
N LEU A 31 5.77 5.94 -1.11
CA LEU A 31 4.49 5.97 -0.41
C LEU A 31 4.09 7.39 -0.08
N ARG A 32 5.04 8.17 0.42
CA ARG A 32 4.76 9.56 0.76
C ARG A 32 4.35 10.35 -0.48
N HIS A 33 5.08 10.16 -1.56
CA HIS A 33 4.78 10.87 -2.81
C HIS A 33 3.35 10.60 -3.25
N VAL A 34 2.92 9.36 -3.11
CA VAL A 34 1.56 8.98 -3.49
C VAL A 34 0.53 9.67 -2.60
N MET A 35 0.84 9.73 -1.30
CA MET A 35 -0.07 10.36 -0.34
C MET A 35 -0.26 11.83 -0.67
N ILE A 36 0.82 12.51 -1.04
CA ILE A 36 0.74 13.92 -1.37
C ILE A 36 -0.03 14.11 -2.69
N ASN A 37 0.26 13.26 -3.66
CA ASN A 37 -0.41 13.34 -4.96
C ASN A 37 -1.91 13.18 -4.79
N LEU A 38 -2.30 12.41 -3.78
CA LEU A 38 -3.72 12.17 -3.51
C LEU A 38 -4.33 13.34 -2.74
N GLY A 39 -3.52 14.38 -2.54
CA GLY A 39 -3.99 15.56 -1.81
C GLY A 39 -4.05 15.28 -0.32
N GLU A 40 -3.23 14.33 0.14
CA GLU A 40 -3.21 13.98 1.56
C GLU A 40 -1.81 14.17 2.13
N LYS A 41 -1.75 14.70 3.35
CA LYS A 41 -0.46 14.93 4.00
C LYS A 41 -0.43 14.26 5.38
N LEU A 42 0.35 13.20 5.51
CA LEU A 42 0.47 12.48 6.77
C LEU A 42 1.87 12.64 7.34
N THR A 43 2.01 12.34 8.64
CA THR A 43 3.30 12.46 9.29
C THR A 43 4.20 11.28 8.91
N ASP A 44 5.50 11.53 8.87
CA ASP A 44 6.47 10.48 8.52
C ASP A 44 6.22 9.24 9.36
N GLU A 45 5.74 9.45 10.59
CA GLU A 45 5.46 8.32 11.50
C GLU A 45 4.42 7.40 10.88
N GLU A 46 3.41 7.99 10.25
CA GLU A 46 2.35 7.20 9.62
C GLU A 46 2.93 6.30 8.54
N VAL A 47 3.85 6.83 7.76
CA VAL A 47 4.48 6.07 6.69
C VAL A 47 5.26 4.89 7.27
N GLU A 48 6.04 5.16 8.31
CA GLU A 48 6.84 4.11 8.95
C GLU A 48 5.92 3.04 9.54
N GLN A 49 4.90 3.47 10.27
CA GLN A 49 3.96 2.54 10.87
C GLN A 49 3.37 1.62 9.81
N MET A 50 3.11 2.17 8.63
CA MET A 50 2.55 1.38 7.55
C MET A 50 3.59 0.39 7.01
N ILE A 51 4.82 0.85 6.86
CA ILE A 51 5.88 0.00 6.35
C ILE A 51 6.20 -1.13 7.31
N LYS A 52 6.33 -0.78 8.59
CA LYS A 52 6.65 -1.78 9.61
C LYS A 52 5.56 -2.84 9.66
N GLU A 53 4.31 -2.39 9.65
CA GLU A 53 3.18 -3.31 9.73
C GLU A 53 3.22 -4.26 8.55
N ALA A 54 3.34 -3.70 7.34
CA ALA A 54 3.38 -4.53 6.13
C ALA A 54 4.66 -5.35 6.08
N ASP A 55 5.77 -4.71 6.40
CA ASP A 55 7.06 -5.38 6.37
C ASP A 55 7.22 -6.30 7.57
N LEU A 56 7.53 -7.56 7.31
CA LEU A 56 7.71 -8.53 8.40
C LEU A 56 9.20 -8.76 8.65
N ASP A 57 10.04 -8.12 7.84
CA ASP A 57 11.50 -8.26 8.00
C ASP A 57 12.14 -6.90 8.23
N GLY A 58 11.32 -5.86 8.29
CA GLY A 58 11.82 -4.51 8.52
C GLY A 58 13.03 -4.24 7.64
N ASP A 59 12.89 -4.47 6.34
CA ASP A 59 14.00 -4.25 5.41
C ASP A 59 14.06 -2.79 4.99
N GLY A 60 13.03 -2.03 5.34
CA GLY A 60 12.98 -0.61 5.00
C GLY A 60 12.15 -0.38 3.74
N GLN A 61 11.77 -1.47 3.08
CA GLN A 61 10.97 -1.37 1.86
C GLN A 61 9.87 -2.43 1.87
N VAL A 62 8.75 -2.11 1.21
CA VAL A 62 7.63 -3.03 1.16
C VAL A 62 7.68 -3.87 -0.12
N ASN A 63 7.57 -5.18 0.04
CA ASN A 63 7.61 -6.09 -1.11
C ASN A 63 6.21 -6.30 -1.67
N TYR A 64 6.14 -6.69 -2.93
CA TYR A 64 4.86 -6.93 -3.58
C TYR A 64 4.00 -7.87 -2.73
N GLU A 65 4.60 -8.97 -2.28
CA GLU A 65 3.87 -9.94 -1.47
C GLU A 65 3.32 -9.27 -0.22
N GLU A 66 4.12 -8.40 0.39
CA GLU A 66 3.70 -7.70 1.60
C GLU A 66 2.53 -6.77 1.29
N PHE A 67 2.56 -6.17 0.11
CA PHE A 67 1.49 -5.27 -0.30
C PHE A 67 0.16 -6.03 -0.45
N VAL A 68 0.22 -7.16 -1.14
CA VAL A 68 -0.98 -7.97 -1.35
C VAL A 68 -1.58 -8.39 -0.02
N LYS A 69 -0.73 -8.91 0.87
CA LYS A 69 -1.20 -9.34 2.18
C LYS A 69 -1.86 -8.17 2.92
N MET A 70 -1.30 -6.98 2.72
CA MET A 70 -1.82 -5.79 3.39
C MET A 70 -3.23 -5.49 2.88
N MET A 71 -3.41 -5.60 1.57
CA MET A 71 -4.71 -5.33 0.97
C MET A 71 -5.75 -6.30 1.50
N MET A 72 -5.31 -7.51 1.83
CA MET A 72 -6.22 -8.53 2.35
C MET A 72 -6.36 -8.40 3.87
N THR A 73 -5.25 -8.58 4.56
CA THR A 73 -5.27 -8.49 6.02
C THR A 73 -6.03 -7.26 6.49
N VAL A 74 -5.87 -6.16 5.77
CA VAL A 74 -6.54 -4.91 6.11
C VAL A 74 -8.04 -5.03 5.88
N ARG A 75 -8.44 -6.01 5.10
CA ARG A 75 -9.85 -6.22 4.79
C ARG A 75 -10.44 -7.34 5.63
N GLY A 76 -10.89 -7.00 6.83
CA GLY A 76 -11.49 -7.98 7.73
C GLY A 76 -10.43 -8.61 8.63
N GLY A 77 -9.19 -8.61 8.16
CA GLY A 77 -8.10 -9.18 8.93
C GLY A 77 -7.66 -8.24 10.04
N GLY A 78 -7.57 -6.96 9.72
CA GLY A 78 -7.15 -5.96 10.70
C GLY A 78 -6.45 -4.79 10.02
N GLY A 79 -5.12 -4.81 10.06
CA GLY A 79 -4.34 -3.74 9.45
C GLY A 79 -4.11 -2.59 10.43
N GLY A 80 -3.13 -1.75 10.13
CA GLY A 80 -2.83 -0.61 10.99
C GLY A 80 -3.82 0.52 10.77
N ASN A 81 -3.42 1.73 11.14
CA ASN A 81 -4.29 2.89 10.97
C ASN A 81 -4.03 3.58 9.63
N GLY A 82 -2.79 3.45 9.14
CA GLY A 82 -2.43 4.07 7.87
C GLY A 82 -3.04 3.32 6.70
N TRP A 83 -2.83 2.00 6.67
CA TRP A 83 -3.37 1.17 5.60
C TRP A 83 -4.89 1.29 5.56
N SER A 84 -5.52 1.29 6.74
CA SER A 84 -6.97 1.39 6.83
C SER A 84 -7.43 2.76 6.31
N ARG A 85 -6.64 3.80 6.62
CA ARG A 85 -6.98 5.15 6.18
C ARG A 85 -7.02 5.21 4.65
N LEU A 86 -6.02 4.62 4.01
CA LEU A 86 -5.96 4.61 2.57
C LEU A 86 -7.05 3.72 1.97
N ARG A 87 -7.29 2.58 2.61
CA ARG A 87 -8.31 1.65 2.16
C ARG A 87 -9.70 2.22 2.41
N ARG A 88 -9.78 3.22 3.27
CA ARG A 88 -11.05 3.83 3.59
C ARG A 88 -11.42 4.91 2.57
N LYS A 89 -10.45 5.76 2.27
CA LYS A 89 -10.68 6.84 1.31
C LYS A 89 -10.62 6.33 -0.12
N PHE A 90 -10.26 5.05 -0.28
CA PHE A 90 -10.16 4.46 -1.60
C PHE A 90 -11.54 4.24 -2.20
N SER A 91 -12.21 3.18 -1.74
CA SER A 91 -13.54 2.86 -2.24
C SER A 91 -13.58 2.90 -3.76
N SER A 92 -14.49 3.69 -4.30
CA SER A 92 -14.62 3.81 -5.76
C SER A 92 -15.44 5.05 -6.12
CA CA B . 8.23 0.65 -6.10
CA CA C . 9.32 -5.92 3.48
N GLY A 1 -19.96 -12.00 -19.75
CA GLY A 1 -19.71 -11.95 -18.28
C GLY A 1 -18.33 -12.53 -17.99
N HIS A 2 -17.29 -11.76 -18.29
CA HIS A 2 -15.92 -12.22 -18.05
C HIS A 2 -15.55 -12.07 -16.59
N MET A 3 -16.32 -11.26 -15.87
CA MET A 3 -16.06 -11.03 -14.45
C MET A 3 -14.57 -10.80 -14.20
N ASP A 4 -14.10 -9.62 -14.59
CA ASP A 4 -12.69 -9.28 -14.41
C ASP A 4 -12.41 -8.94 -12.95
N THR A 5 -11.55 -9.72 -12.32
CA THR A 5 -11.19 -9.49 -10.92
C THR A 5 -10.67 -8.07 -10.73
N ASP A 6 -11.58 -7.15 -10.40
CA ASP A 6 -11.19 -5.76 -10.20
C ASP A 6 -10.14 -5.64 -9.11
N ALA A 7 -10.35 -6.38 -8.02
CA ALA A 7 -9.40 -6.35 -6.91
C ALA A 7 -8.00 -6.66 -7.40
N GLU A 8 -7.83 -7.81 -8.05
CA GLU A 8 -6.53 -8.21 -8.55
C GLU A 8 -5.96 -7.15 -9.49
N GLU A 9 -6.76 -6.75 -10.47
CA GLU A 9 -6.32 -5.74 -11.42
C GLU A 9 -5.94 -4.46 -10.70
N GLU A 10 -6.77 -4.04 -9.75
CA GLU A 10 -6.49 -2.83 -9.00
C GLU A 10 -5.19 -2.95 -8.21
N LEU A 11 -5.04 -4.05 -7.48
CA LEU A 11 -3.86 -4.25 -6.70
C LEU A 11 -2.62 -4.19 -7.59
N LYS A 12 -2.66 -4.92 -8.71
CA LYS A 12 -1.51 -4.97 -9.58
C LYS A 12 -1.24 -3.60 -10.19
N GLU A 13 -2.28 -2.97 -10.70
CA GLU A 13 -2.13 -1.65 -11.28
C GLU A 13 -1.63 -0.65 -10.25
N ALA A 14 -2.27 -0.66 -9.08
CA ALA A 14 -1.87 0.24 -8.02
C ALA A 14 -0.41 0.01 -7.65
N PHE A 15 -0.04 -1.26 -7.52
CA PHE A 15 1.33 -1.60 -7.16
C PHE A 15 2.31 -0.99 -8.16
N LYS A 16 1.97 -1.07 -9.44
CA LYS A 16 2.81 -0.51 -10.48
C LYS A 16 2.95 1.00 -10.30
N VAL A 17 1.89 1.62 -9.80
CA VAL A 17 1.91 3.07 -9.57
C VAL A 17 2.78 3.40 -8.35
N PHE A 18 2.63 2.62 -7.29
CA PHE A 18 3.41 2.84 -6.08
C PHE A 18 4.89 2.66 -6.35
N ASP A 19 5.23 1.61 -7.07
CA ASP A 19 6.62 1.32 -7.39
C ASP A 19 7.09 2.18 -8.56
N LYS A 20 7.20 3.48 -8.33
CA LYS A 20 7.62 4.41 -9.37
C LYS A 20 8.99 4.01 -9.90
N ASP A 21 9.89 3.65 -8.99
CA ASP A 21 11.23 3.26 -9.39
C ASP A 21 11.19 1.95 -10.18
N GLN A 22 10.05 1.25 -10.09
CA GLN A 22 9.90 -0.01 -10.81
C GLN A 22 11.00 -1.00 -10.41
N ASN A 23 11.43 -0.92 -9.16
CA ASN A 23 12.48 -1.80 -8.66
C ASN A 23 11.86 -3.01 -7.95
N GLY A 24 10.53 -3.07 -7.94
CA GLY A 24 9.83 -4.17 -7.30
C GLY A 24 9.77 -3.98 -5.80
N TYR A 25 10.06 -2.77 -5.35
CA TYR A 25 10.03 -2.46 -3.92
C TYR A 25 9.47 -1.06 -3.69
N ILE A 26 8.66 -0.92 -2.65
CA ILE A 26 8.05 0.38 -2.31
C ILE A 26 8.70 0.96 -1.07
N SER A 27 9.07 2.24 -1.15
CA SER A 27 9.70 2.92 -0.01
C SER A 27 8.76 3.97 0.57
N ALA A 28 9.32 4.88 1.35
CA ALA A 28 8.54 5.94 1.98
C ALA A 28 8.36 7.12 1.03
N SER A 29 9.39 7.39 0.23
CA SER A 29 9.35 8.51 -0.71
C SER A 29 8.19 8.36 -1.67
N GLU A 30 8.03 7.15 -2.22
CA GLU A 30 6.95 6.89 -3.15
C GLU A 30 5.61 6.87 -2.44
N LEU A 31 5.57 6.21 -1.29
CA LEU A 31 4.33 6.10 -0.54
C LEU A 31 3.85 7.48 -0.11
N ARG A 32 4.76 8.27 0.43
CA ARG A 32 4.42 9.62 0.87
C ARG A 32 3.98 10.46 -0.31
N HIS A 33 4.72 10.36 -1.42
CA HIS A 33 4.40 11.15 -2.60
C HIS A 33 2.98 10.85 -3.08
N VAL A 34 2.61 9.59 -3.05
CA VAL A 34 1.28 9.18 -3.47
C VAL A 34 0.22 9.74 -2.53
N MET A 35 0.51 9.69 -1.22
CA MET A 35 -0.43 10.17 -0.23
C MET A 35 -0.72 11.65 -0.46
N ILE A 36 0.32 12.41 -0.76
CA ILE A 36 0.17 13.84 -0.99
C ILE A 36 -0.62 14.09 -2.27
N ASN A 37 -0.30 13.32 -3.31
CA ASN A 37 -0.98 13.47 -4.59
C ASN A 37 -2.48 13.22 -4.43
N LEU A 38 -2.82 12.36 -3.48
CA LEU A 38 -4.22 12.04 -3.22
C LEU A 38 -4.90 13.17 -2.45
N GLY A 39 -4.17 14.26 -2.24
CA GLY A 39 -4.71 15.39 -1.52
C GLY A 39 -4.76 15.12 -0.02
N GLU A 40 -3.95 14.16 0.43
CA GLU A 40 -3.90 13.80 1.85
C GLU A 40 -2.55 14.17 2.44
N LYS A 41 -2.58 14.81 3.62
CA LYS A 41 -1.35 15.21 4.29
C LYS A 41 -1.16 14.39 5.56
N LEU A 42 -0.32 13.37 5.47
CA LEU A 42 -0.06 12.50 6.62
C LEU A 42 1.30 12.84 7.22
N THR A 43 1.72 12.03 8.19
CA THR A 43 3.01 12.25 8.85
C THR A 43 3.97 11.10 8.56
N ASP A 44 5.26 11.40 8.62
CA ASP A 44 6.28 10.39 8.37
C ASP A 44 6.03 9.16 9.23
N GLU A 45 5.66 9.39 10.48
CA GLU A 45 5.41 8.28 11.40
C GLU A 45 4.41 7.31 10.78
N GLU A 46 3.37 7.84 10.16
CA GLU A 46 2.34 6.99 9.54
C GLU A 46 2.96 6.14 8.44
N VAL A 47 3.86 6.74 7.66
CA VAL A 47 4.51 6.01 6.58
C VAL A 47 5.32 4.84 7.13
N GLU A 48 6.10 5.11 8.17
CA GLU A 48 6.94 4.07 8.78
C GLU A 48 6.06 2.96 9.35
N GLN A 49 5.03 3.36 10.11
CA GLN A 49 4.13 2.38 10.71
C GLN A 49 3.57 1.45 9.64
N MET A 50 3.27 2.01 8.47
CA MET A 50 2.74 1.21 7.38
C MET A 50 3.81 0.29 6.79
N ILE A 51 5.01 0.84 6.63
CA ILE A 51 6.12 0.07 6.06
C ILE A 51 6.54 -1.05 7.01
N LYS A 52 6.66 -0.74 8.30
CA LYS A 52 7.08 -1.72 9.27
C LYS A 52 6.06 -2.86 9.34
N GLU A 53 4.78 -2.48 9.35
CA GLU A 53 3.71 -3.47 9.43
C GLU A 53 3.77 -4.41 8.25
N ALA A 54 3.90 -3.83 7.06
CA ALA A 54 3.99 -4.63 5.84
C ALA A 54 5.33 -5.35 5.76
N ASP A 55 6.39 -4.65 6.14
CA ASP A 55 7.73 -5.23 6.10
C ASP A 55 7.91 -6.23 7.23
N LEU A 56 8.17 -7.48 6.86
CA LEU A 56 8.37 -8.54 7.86
C LEU A 56 9.85 -8.82 8.04
N ASP A 57 10.68 -8.23 7.19
CA ASP A 57 12.13 -8.42 7.28
C ASP A 57 12.82 -7.13 7.68
N GLY A 58 12.03 -6.09 7.97
CA GLY A 58 12.58 -4.80 8.37
C GLY A 58 13.73 -4.41 7.46
N ASP A 59 13.50 -4.43 6.15
CA ASP A 59 14.53 -4.07 5.17
C ASP A 59 14.37 -2.62 4.75
N GLY A 60 13.43 -1.92 5.39
CA GLY A 60 13.19 -0.51 5.07
C GLY A 60 12.38 -0.38 3.78
N GLN A 61 11.99 -1.52 3.21
CA GLN A 61 11.22 -1.52 1.98
C GLN A 61 10.10 -2.55 2.06
N VAL A 62 9.09 -2.41 1.19
CA VAL A 62 7.96 -3.34 1.18
C VAL A 62 7.96 -4.14 -0.12
N ASN A 63 7.84 -5.46 0.01
CA ASN A 63 7.84 -6.34 -1.16
C ASN A 63 6.42 -6.53 -1.68
N TYR A 64 6.31 -6.89 -2.95
CA TYR A 64 5.00 -7.09 -3.57
C TYR A 64 4.14 -8.00 -2.69
N GLU A 65 4.69 -9.14 -2.30
CA GLU A 65 3.95 -10.09 -1.48
C GLU A 65 3.47 -9.43 -0.20
N GLU A 66 4.34 -8.60 0.40
CA GLU A 66 4.00 -7.91 1.63
C GLU A 66 2.83 -6.95 1.39
N PHE A 67 2.84 -6.29 0.25
CA PHE A 67 1.79 -5.36 -0.09
C PHE A 67 0.45 -6.07 -0.24
N VAL A 68 0.47 -7.17 -0.98
CA VAL A 68 -0.76 -7.94 -1.21
C VAL A 68 -1.33 -8.44 0.10
N LYS A 69 -0.64 -9.38 0.74
CA LYS A 69 -1.10 -9.94 2.00
C LYS A 69 -1.65 -8.84 2.90
N MET A 70 -0.98 -7.69 2.90
CA MET A 70 -1.42 -6.57 3.73
C MET A 70 -2.79 -6.08 3.30
N MET A 71 -3.00 -5.98 2.00
CA MET A 71 -4.27 -5.52 1.46
C MET A 71 -5.38 -6.50 1.82
N MET A 72 -5.02 -7.76 1.95
CA MET A 72 -6.01 -8.79 2.30
C MET A 72 -6.39 -8.72 3.77
N THR A 73 -5.38 -8.72 4.63
CA THR A 73 -5.61 -8.67 6.08
C THR A 73 -6.34 -7.39 6.46
N VAL A 74 -6.09 -6.33 5.69
CA VAL A 74 -6.73 -5.05 5.95
C VAL A 74 -8.24 -5.17 5.83
N ARG A 75 -8.70 -5.93 4.85
CA ARG A 75 -10.12 -6.10 4.64
C ARG A 75 -10.75 -6.82 5.84
N GLY A 76 -12.01 -6.49 6.13
CA GLY A 76 -12.72 -7.09 7.25
C GLY A 76 -12.59 -6.21 8.49
N GLY A 77 -11.42 -5.65 8.70
CA GLY A 77 -11.18 -4.79 9.86
C GLY A 77 -9.70 -4.76 10.23
N GLY A 78 -9.01 -5.87 9.97
CA GLY A 78 -7.58 -5.96 10.28
C GLY A 78 -6.82 -4.82 9.62
N GLY A 79 -5.49 -4.84 9.77
CA GLY A 79 -4.65 -3.81 9.18
C GLY A 79 -4.36 -2.70 10.20
N GLY A 80 -3.31 -1.94 9.95
CA GLY A 80 -2.95 -0.84 10.84
C GLY A 80 -3.87 0.35 10.65
N ASN A 81 -3.39 1.54 11.02
CA ASN A 81 -4.18 2.76 10.88
C ASN A 81 -3.91 3.43 9.54
N GLY A 82 -2.68 3.28 9.05
CA GLY A 82 -2.31 3.87 7.76
C GLY A 82 -2.91 3.09 6.60
N TRP A 83 -2.75 1.77 6.64
CA TRP A 83 -3.28 0.92 5.58
C TRP A 83 -4.80 1.03 5.54
N SER A 84 -5.42 0.97 6.71
CA SER A 84 -6.87 1.06 6.80
C SER A 84 -7.35 2.42 6.28
N ARG A 85 -6.57 3.46 6.56
CA ARG A 85 -6.93 4.80 6.11
C ARG A 85 -6.97 4.86 4.59
N LEU A 86 -5.99 4.23 3.96
CA LEU A 86 -5.94 4.22 2.50
C LEU A 86 -7.06 3.34 1.95
N ARG A 87 -7.26 2.19 2.55
CA ARG A 87 -8.29 1.26 2.09
C ARG A 87 -9.68 1.82 2.39
N ARG A 88 -9.74 2.82 3.25
CA ARG A 88 -11.00 3.44 3.60
C ARG A 88 -11.46 4.34 2.45
N LYS A 89 -10.54 5.13 1.93
CA LYS A 89 -10.83 6.02 0.83
C LYS A 89 -9.67 6.03 -0.17
N PHE A 90 -9.72 5.16 -1.17
CA PHE A 90 -8.67 5.09 -2.17
C PHE A 90 -9.17 4.36 -3.42
N SER A 91 -9.39 3.06 -3.29
CA SER A 91 -9.86 2.25 -4.41
C SER A 91 -11.33 2.55 -4.71
N SER A 92 -11.81 2.05 -5.83
CA SER A 92 -13.20 2.28 -6.22
C SER A 92 -14.14 1.92 -5.07
CA CA B . 9.53 1.76 -6.08
CA CA C . 10.22 -5.80 3.59
N GLY A 1 -13.49 -6.10 -18.70
CA GLY A 1 -14.45 -6.64 -17.69
C GLY A 1 -14.85 -8.06 -18.08
N HIS A 2 -14.38 -9.04 -17.31
CA HIS A 2 -14.70 -10.44 -17.59
C HIS A 2 -14.71 -11.24 -16.29
N MET A 3 -14.72 -12.57 -16.44
CA MET A 3 -14.73 -13.45 -15.27
C MET A 3 -13.72 -12.98 -14.23
N ASP A 4 -12.69 -12.27 -14.69
CA ASP A 4 -11.67 -11.77 -13.79
C ASP A 4 -12.26 -10.77 -12.81
N THR A 5 -11.67 -10.68 -11.62
CA THR A 5 -12.15 -9.76 -10.59
C THR A 5 -11.42 -8.42 -10.68
N ASP A 6 -12.18 -7.35 -10.62
CA ASP A 6 -11.60 -6.01 -10.70
C ASP A 6 -10.64 -5.77 -9.54
N ALA A 7 -10.99 -6.30 -8.37
CA ALA A 7 -10.15 -6.14 -7.20
C ALA A 7 -8.69 -6.42 -7.54
N GLU A 8 -8.42 -7.61 -8.06
CA GLU A 8 -7.06 -7.99 -8.43
C GLU A 8 -6.42 -6.90 -9.29
N GLU A 9 -7.21 -6.35 -10.21
CA GLU A 9 -6.71 -5.29 -11.09
C GLU A 9 -6.37 -4.04 -10.28
N GLU A 10 -7.22 -3.74 -9.29
CA GLU A 10 -7.00 -2.56 -8.45
C GLU A 10 -5.65 -2.65 -7.75
N LEU A 11 -5.40 -3.78 -7.10
CA LEU A 11 -4.14 -3.97 -6.39
C LEU A 11 -2.97 -3.86 -7.36
N LYS A 12 -3.13 -4.43 -8.54
CA LYS A 12 -2.06 -4.38 -9.53
C LYS A 12 -1.82 -2.95 -9.99
N GLU A 13 -2.88 -2.27 -10.39
CA GLU A 13 -2.77 -0.89 -10.85
C GLU A 13 -2.11 -0.03 -9.78
N ALA A 14 -2.64 -0.09 -8.56
CA ALA A 14 -2.09 0.68 -7.46
C ALA A 14 -0.61 0.33 -7.26
N PHE A 15 -0.33 -0.96 -7.22
CA PHE A 15 1.05 -1.41 -7.02
C PHE A 15 1.98 -0.72 -8.02
N LYS A 16 1.58 -0.69 -9.29
CA LYS A 16 2.39 -0.06 -10.32
C LYS A 16 2.58 1.42 -10.02
N VAL A 17 1.56 2.04 -9.43
CA VAL A 17 1.64 3.46 -9.09
C VAL A 17 2.66 3.69 -7.99
N PHE A 18 2.66 2.82 -6.99
CA PHE A 18 3.60 2.94 -5.88
C PHE A 18 5.02 2.64 -6.36
N ASP A 19 5.16 1.62 -7.20
CA ASP A 19 6.47 1.23 -7.71
C ASP A 19 6.84 2.07 -8.93
N LYS A 20 6.79 3.39 -8.77
CA LYS A 20 7.12 4.29 -9.86
C LYS A 20 8.51 3.99 -10.40
N ASP A 21 9.45 3.75 -9.50
CA ASP A 21 10.82 3.45 -9.90
C ASP A 21 10.90 2.05 -10.51
N GLN A 22 9.82 1.30 -10.40
CA GLN A 22 9.78 -0.06 -10.93
C GLN A 22 10.98 -0.86 -10.46
N ASN A 23 11.37 -0.63 -9.21
CA ASN A 23 12.52 -1.35 -8.64
C ASN A 23 12.05 -2.65 -7.99
N GLY A 24 10.75 -2.83 -7.88
CA GLY A 24 10.19 -4.04 -7.28
C GLY A 24 10.14 -3.92 -5.77
N TYR A 25 10.30 -2.70 -5.26
CA TYR A 25 10.27 -2.46 -3.82
C TYR A 25 9.82 -1.04 -3.52
N ILE A 26 8.72 -0.92 -2.79
CA ILE A 26 8.18 0.40 -2.44
C ILE A 26 8.91 0.96 -1.24
N SER A 27 9.19 2.27 -1.29
CA SER A 27 9.90 2.95 -0.20
C SER A 27 9.04 4.06 0.40
N ALA A 28 9.31 4.40 1.65
CA ALA A 28 8.56 5.43 2.33
C ALA A 28 8.45 6.67 1.45
N SER A 29 9.55 7.02 0.79
CA SER A 29 9.56 8.19 -0.08
C SER A 29 8.51 8.06 -1.18
N GLU A 30 8.46 6.89 -1.80
CA GLU A 30 7.49 6.65 -2.86
C GLU A 30 6.07 6.65 -2.29
N LEU A 31 5.91 6.02 -1.13
CA LEU A 31 4.59 5.94 -0.51
C LEU A 31 4.10 7.35 -0.14
N ARG A 32 4.97 8.14 0.44
CA ARG A 32 4.63 9.50 0.82
C ARG A 32 4.21 10.30 -0.40
N HIS A 33 4.97 10.17 -1.48
CA HIS A 33 4.68 10.92 -2.69
C HIS A 33 3.28 10.59 -3.19
N VAL A 34 2.93 9.31 -3.11
CA VAL A 34 1.62 8.86 -3.58
C VAL A 34 0.53 9.49 -2.73
N MET A 35 0.76 9.55 -1.43
CA MET A 35 -0.23 10.11 -0.52
C MET A 35 -0.45 11.59 -0.82
N ILE A 36 0.64 12.30 -1.11
CA ILE A 36 0.54 13.71 -1.44
C ILE A 36 -0.21 13.92 -2.75
N ASN A 37 0.14 13.10 -3.74
CA ASN A 37 -0.50 13.20 -5.05
C ASN A 37 -2.00 12.97 -4.92
N LEU A 38 -2.39 12.22 -3.89
CA LEU A 38 -3.80 11.93 -3.66
C LEU A 38 -4.48 13.11 -2.98
N GLY A 39 -3.73 14.19 -2.77
CA GLY A 39 -4.28 15.38 -2.13
C GLY A 39 -4.41 15.18 -0.63
N GLU A 40 -3.60 14.27 -0.09
CA GLU A 40 -3.64 13.97 1.35
C GLU A 40 -2.31 14.31 2.00
N LYS A 41 -2.36 14.97 3.15
CA LYS A 41 -1.14 15.36 3.87
C LYS A 41 -1.11 14.69 5.24
N LEU A 42 -0.32 13.62 5.35
CA LEU A 42 -0.19 12.87 6.59
C LEU A 42 1.18 13.10 7.21
N THR A 43 1.51 12.28 8.20
CA THR A 43 2.81 12.40 8.87
C THR A 43 3.69 11.20 8.54
N ASP A 44 4.98 11.44 8.42
CA ASP A 44 5.93 10.37 8.09
C ASP A 44 5.75 9.19 9.04
N GLU A 45 5.22 9.46 10.23
CA GLU A 45 5.00 8.42 11.21
C GLU A 45 4.06 7.35 10.68
N GLU A 46 3.02 7.77 9.98
CA GLU A 46 2.05 6.84 9.42
C GLU A 46 2.71 5.90 8.41
N VAL A 47 3.59 6.46 7.58
CA VAL A 47 4.27 5.69 6.56
C VAL A 47 5.15 4.64 7.22
N GLU A 48 5.93 5.06 8.20
CA GLU A 48 6.84 4.15 8.90
C GLU A 48 6.05 3.02 9.57
N GLN A 49 4.94 3.39 10.21
CA GLN A 49 4.11 2.41 10.88
C GLN A 49 3.59 1.37 9.89
N MET A 50 3.29 1.81 8.69
CA MET A 50 2.80 0.91 7.65
C MET A 50 3.91 -0.03 7.16
N ILE A 51 5.10 0.53 6.96
CA ILE A 51 6.22 -0.27 6.49
C ILE A 51 6.68 -1.26 7.55
N LYS A 52 6.85 -0.77 8.77
CA LYS A 52 7.29 -1.62 9.86
C LYS A 52 6.27 -2.72 10.14
N GLU A 53 5.00 -2.34 10.15
CA GLU A 53 3.94 -3.28 10.41
C GLU A 53 3.83 -4.28 9.26
N ALA A 54 3.97 -3.78 8.04
CA ALA A 54 3.85 -4.64 6.87
C ALA A 54 5.10 -5.49 6.68
N ASP A 55 6.25 -4.83 6.74
CA ASP A 55 7.52 -5.53 6.58
C ASP A 55 7.81 -6.42 7.78
N LEU A 56 8.24 -7.61 7.50
CA LEU A 56 8.56 -8.59 8.56
C LEU A 56 10.07 -8.71 8.70
N ASP A 57 10.82 -8.03 7.84
CA ASP A 57 12.28 -8.09 7.87
C ASP A 57 12.85 -6.73 8.22
N GLY A 58 11.96 -5.75 8.36
CA GLY A 58 12.38 -4.39 8.70
C GLY A 58 13.54 -3.96 7.82
N ASP A 59 13.35 -4.04 6.50
CA ASP A 59 14.39 -3.64 5.55
C ASP A 59 14.02 -2.34 4.87
N GLY A 60 12.95 -1.70 5.35
CA GLY A 60 12.51 -0.44 4.77
C GLY A 60 12.07 -0.63 3.33
N GLN A 61 11.93 -1.89 2.91
CA GLN A 61 11.52 -2.20 1.54
C GLN A 61 10.29 -3.10 1.54
N VAL A 62 9.16 -2.54 1.11
CA VAL A 62 7.93 -3.31 1.07
C VAL A 62 7.84 -4.09 -0.24
N ASN A 63 7.78 -5.41 -0.14
CA ASN A 63 7.70 -6.26 -1.33
C ASN A 63 6.25 -6.39 -1.79
N TYR A 64 6.08 -6.76 -3.06
CA TYR A 64 4.75 -6.93 -3.62
C TYR A 64 3.92 -7.86 -2.74
N GLU A 65 4.55 -8.89 -2.21
CA GLU A 65 3.85 -9.86 -1.37
C GLU A 65 3.32 -9.18 -0.11
N GLU A 66 4.17 -8.39 0.53
CA GLU A 66 3.77 -7.68 1.75
C GLU A 66 2.62 -6.73 1.45
N PHE A 67 2.63 -6.14 0.27
CA PHE A 67 1.58 -5.22 -0.12
C PHE A 67 0.26 -5.96 -0.31
N VAL A 68 0.32 -7.09 -1.00
CA VAL A 68 -0.89 -7.87 -1.26
C VAL A 68 -1.56 -8.28 0.06
N LYS A 69 -0.80 -8.96 0.91
CA LYS A 69 -1.34 -9.41 2.19
C LYS A 69 -1.90 -8.22 2.97
N MET A 70 -1.19 -7.10 2.90
CA MET A 70 -1.61 -5.90 3.62
C MET A 70 -2.96 -5.43 3.11
N MET A 71 -3.10 -5.41 1.80
CA MET A 71 -4.35 -4.96 1.19
C MET A 71 -5.48 -5.90 1.56
N MET A 72 -5.15 -7.16 1.79
CA MET A 72 -6.14 -8.16 2.16
C MET A 72 -6.40 -8.14 3.66
N THR A 73 -5.36 -8.43 4.43
CA THR A 73 -5.48 -8.46 5.88
C THR A 73 -6.27 -7.24 6.37
N VAL A 74 -6.22 -6.16 5.61
CA VAL A 74 -6.95 -4.96 5.97
C VAL A 74 -8.45 -5.22 6.04
N ARG A 75 -8.97 -5.91 5.03
CA ARG A 75 -10.40 -6.21 4.98
C ARG A 75 -10.67 -7.56 5.64
N GLY A 76 -11.54 -7.56 6.65
CA GLY A 76 -11.88 -8.78 7.36
C GLY A 76 -10.79 -9.16 8.35
N GLY A 77 -9.53 -9.00 7.93
CA GLY A 77 -8.41 -9.34 8.79
C GLY A 77 -8.18 -8.27 9.85
N GLY A 78 -8.21 -7.01 9.42
CA GLY A 78 -8.00 -5.90 10.34
C GLY A 78 -7.20 -4.78 9.68
N GLY A 79 -5.91 -4.73 9.98
CA GLY A 79 -5.04 -3.70 9.40
C GLY A 79 -4.76 -2.60 10.41
N GLY A 80 -3.74 -1.80 10.13
CA GLY A 80 -3.37 -0.70 11.01
C GLY A 80 -4.18 0.56 10.69
N ASN A 81 -3.62 1.71 11.03
CA ASN A 81 -4.29 2.98 10.77
C ASN A 81 -3.91 3.51 9.39
N GLY A 82 -2.65 3.33 9.01
CA GLY A 82 -2.17 3.79 7.72
C GLY A 82 -2.80 2.98 6.58
N TRP A 83 -2.54 1.67 6.59
CA TRP A 83 -3.09 0.80 5.55
C TRP A 83 -4.60 1.01 5.45
N SER A 84 -5.24 1.20 6.60
CA SER A 84 -6.68 1.42 6.63
C SER A 84 -7.02 2.67 5.82
N ARG A 85 -6.15 3.68 5.89
CA ARG A 85 -6.36 4.91 5.14
C ARG A 85 -6.16 4.65 3.65
N LEU A 86 -5.18 3.82 3.32
CA LEU A 86 -4.91 3.50 1.93
C LEU A 86 -6.07 2.74 1.33
N ARG A 87 -6.83 2.07 2.17
CA ARG A 87 -7.98 1.28 1.72
C ARG A 87 -9.25 2.12 1.74
N ARG A 88 -9.63 2.56 2.93
CA ARG A 88 -10.85 3.35 3.09
C ARG A 88 -10.97 4.42 2.01
N LYS A 89 -9.88 5.14 1.79
CA LYS A 89 -9.87 6.20 0.78
C LYS A 89 -10.52 5.73 -0.51
N PHE A 90 -10.57 4.40 -0.70
CA PHE A 90 -11.15 3.82 -1.90
C PHE A 90 -12.54 3.31 -1.61
N SER A 91 -13.37 4.16 -1.02
CA SER A 91 -14.74 3.80 -0.69
C SER A 91 -15.64 3.89 -1.92
N SER A 92 -15.09 4.42 -3.01
CA SER A 92 -15.85 4.56 -4.24
C SER A 92 -17.24 5.12 -3.95
CA CA B . 9.02 1.02 -6.08
CA CA C . 10.02 -5.69 3.88
N GLY A 1 -12.31 -8.25 -13.76
CA GLY A 1 -11.00 -8.02 -14.43
C GLY A 1 -11.01 -8.67 -15.81
N HIS A 2 -10.52 -7.95 -16.82
CA HIS A 2 -10.46 -8.48 -18.17
C HIS A 2 -9.58 -9.72 -18.23
N MET A 3 -8.40 -9.64 -17.61
CA MET A 3 -7.47 -10.76 -17.60
C MET A 3 -8.06 -11.93 -16.82
N ASP A 4 -8.67 -11.63 -15.68
CA ASP A 4 -9.27 -12.66 -14.85
C ASP A 4 -10.07 -12.04 -13.71
N THR A 5 -9.37 -11.69 -12.63
CA THR A 5 -10.03 -11.08 -11.48
C THR A 5 -9.60 -9.62 -11.33
N ASP A 6 -10.58 -8.75 -11.10
CA ASP A 6 -10.31 -7.33 -10.94
C ASP A 6 -9.30 -7.10 -9.82
N ALA A 7 -9.49 -7.82 -8.71
CA ALA A 7 -8.58 -7.68 -7.57
C ALA A 7 -7.13 -7.76 -8.03
N GLU A 8 -6.76 -8.87 -8.64
CA GLU A 8 -5.40 -9.05 -9.13
C GLU A 8 -4.94 -7.83 -9.91
N GLU A 9 -5.81 -7.33 -10.78
CA GLU A 9 -5.48 -6.16 -11.59
C GLU A 9 -5.29 -4.94 -10.70
N GLU A 10 -6.13 -4.81 -9.68
CA GLU A 10 -6.03 -3.67 -8.77
C GLU A 10 -4.67 -3.64 -8.09
N LEU A 11 -4.30 -4.75 -7.46
CA LEU A 11 -3.02 -4.84 -6.77
C LEU A 11 -1.87 -4.60 -7.73
N LYS A 12 -1.98 -5.17 -8.92
CA LYS A 12 -0.93 -5.01 -9.92
C LYS A 12 -0.86 -3.57 -10.41
N GLU A 13 -1.98 -3.03 -10.86
CA GLU A 13 -2.03 -1.66 -11.36
C GLU A 13 -1.56 -0.69 -10.27
N ALA A 14 -2.14 -0.81 -9.08
CA ALA A 14 -1.76 0.06 -7.98
C ALA A 14 -0.27 -0.06 -7.69
N PHE A 15 0.22 -1.29 -7.61
CA PHE A 15 1.63 -1.51 -7.33
C PHE A 15 2.50 -0.74 -8.32
N LYS A 16 2.14 -0.82 -9.59
CA LYS A 16 2.90 -0.11 -10.62
C LYS A 16 2.82 1.40 -10.40
N VAL A 17 1.67 1.87 -9.93
CA VAL A 17 1.49 3.30 -9.67
C VAL A 17 2.32 3.74 -8.48
N PHE A 18 2.29 2.94 -7.41
CA PHE A 18 3.04 3.26 -6.21
C PHE A 18 4.53 3.31 -6.49
N ASP A 19 5.02 2.31 -7.21
CA ASP A 19 6.44 2.25 -7.53
C ASP A 19 6.71 2.87 -8.90
N LYS A 20 6.58 4.19 -8.97
CA LYS A 20 6.81 4.90 -10.23
C LYS A 20 8.18 4.55 -10.79
N ASP A 21 9.13 4.28 -9.89
CA ASP A 21 10.49 3.95 -10.30
C ASP A 21 10.56 2.49 -10.76
N GLN A 22 9.49 1.75 -10.49
CA GLN A 22 9.44 0.34 -10.89
C GLN A 22 10.73 -0.38 -10.50
N ASN A 23 11.30 0.01 -9.37
CA ASN A 23 12.54 -0.61 -8.90
C ASN A 23 12.29 -2.05 -8.46
N GLY A 24 11.02 -2.37 -8.18
CA GLY A 24 10.66 -3.71 -7.75
C GLY A 24 10.03 -3.68 -6.36
N TYR A 25 10.38 -2.67 -5.58
CA TYR A 25 9.84 -2.53 -4.22
C TYR A 25 9.47 -1.08 -3.93
N ILE A 26 8.39 -0.89 -3.19
CA ILE A 26 7.94 0.45 -2.84
C ILE A 26 8.73 1.00 -1.66
N SER A 27 9.11 2.27 -1.75
CA SER A 27 9.90 2.90 -0.68
C SER A 27 9.06 3.95 0.04
N ALA A 28 9.42 4.21 1.29
CA ALA A 28 8.69 5.19 2.10
C ALA A 28 8.52 6.50 1.32
N SER A 29 9.60 6.94 0.69
CA SER A 29 9.56 8.18 -0.07
C SER A 29 8.46 8.13 -1.14
N GLU A 30 8.40 7.02 -1.87
CA GLU A 30 7.39 6.86 -2.91
C GLU A 30 5.99 6.80 -2.29
N LEU A 31 5.89 6.11 -1.16
CA LEU A 31 4.60 5.98 -0.49
C LEU A 31 4.09 7.34 -0.03
N ARG A 32 4.98 8.12 0.57
CA ARG A 32 4.61 9.44 1.03
C ARG A 32 4.12 10.30 -0.12
N HIS A 33 4.86 10.28 -1.23
CA HIS A 33 4.50 11.08 -2.38
C HIS A 33 3.08 10.76 -2.82
N VAL A 34 2.75 9.49 -2.80
CA VAL A 34 1.43 9.05 -3.23
C VAL A 34 0.37 9.63 -2.29
N MET A 35 0.67 9.63 -1.00
CA MET A 35 -0.28 10.14 -0.01
C MET A 35 -0.57 11.62 -0.25
N ILE A 36 0.48 12.38 -0.54
CA ILE A 36 0.32 13.81 -0.80
C ILE A 36 -0.46 14.03 -2.09
N ASN A 37 -0.16 13.22 -3.10
CA ASN A 37 -0.85 13.34 -4.39
C ASN A 37 -2.34 13.10 -4.21
N LEU A 38 -2.69 12.30 -3.22
CA LEU A 38 -4.10 12.01 -2.95
C LEU A 38 -4.74 13.13 -2.15
N GLY A 39 -3.96 14.17 -1.85
CA GLY A 39 -4.46 15.31 -1.09
C GLY A 39 -4.52 14.98 0.39
N GLU A 40 -3.73 14.00 0.81
CA GLU A 40 -3.71 13.59 2.22
C GLU A 40 -2.43 14.08 2.89
N LYS A 41 -2.60 14.80 4.00
CA LYS A 41 -1.45 15.33 4.73
C LYS A 41 -1.01 14.35 5.80
N LEU A 42 -0.15 13.40 5.42
CA LEU A 42 0.35 12.41 6.37
C LEU A 42 1.84 12.58 6.59
N THR A 43 2.27 12.42 7.83
CA THR A 43 3.69 12.56 8.17
C THR A 43 4.43 11.26 7.94
N ASP A 44 5.76 11.33 7.92
CA ASP A 44 6.58 10.14 7.71
C ASP A 44 6.20 9.05 8.70
N GLU A 45 5.90 9.45 9.94
CA GLU A 45 5.52 8.50 10.97
C GLU A 45 4.47 7.53 10.44
N GLU A 46 3.44 8.06 9.79
CA GLU A 46 2.38 7.23 9.24
C GLU A 46 2.95 6.21 8.26
N VAL A 47 3.93 6.63 7.48
CA VAL A 47 4.57 5.75 6.51
C VAL A 47 5.40 4.69 7.21
N GLU A 48 6.08 5.09 8.28
CA GLU A 48 6.93 4.17 9.02
C GLU A 48 6.12 3.05 9.67
N GLN A 49 5.07 3.44 10.38
CA GLN A 49 4.22 2.47 11.06
C GLN A 49 3.57 1.54 10.06
N MET A 50 3.27 2.06 8.87
CA MET A 50 2.66 1.23 7.83
C MET A 50 3.66 0.21 7.29
N ILE A 51 4.88 0.64 7.06
CA ILE A 51 5.91 -0.25 6.53
C ILE A 51 6.29 -1.31 7.56
N LYS A 52 6.53 -0.88 8.79
CA LYS A 52 6.92 -1.80 9.84
C LYS A 52 5.79 -2.81 10.09
N GLU A 53 4.56 -2.30 10.18
CA GLU A 53 3.41 -3.15 10.44
C GLU A 53 3.22 -4.12 9.29
N ALA A 54 3.30 -3.60 8.07
CA ALA A 54 3.12 -4.44 6.89
C ALA A 54 4.35 -5.31 6.67
N ASP A 55 5.53 -4.70 6.75
CA ASP A 55 6.77 -5.42 6.54
C ASP A 55 7.01 -6.40 7.68
N LEU A 56 7.32 -7.65 7.33
CA LEU A 56 7.58 -8.69 8.34
C LEU A 56 9.06 -9.04 8.38
N ASP A 57 9.81 -8.50 7.41
CA ASP A 57 11.26 -8.77 7.35
C ASP A 57 12.05 -7.48 7.55
N GLY A 58 11.34 -6.36 7.62
CA GLY A 58 12.00 -5.07 7.81
C GLY A 58 13.22 -4.93 6.91
N ASP A 59 13.01 -5.13 5.61
CA ASP A 59 14.12 -5.04 4.65
C ASP A 59 14.37 -3.59 4.27
N GLY A 60 13.46 -2.70 4.68
CA GLY A 60 13.60 -1.29 4.38
C GLY A 60 12.64 -0.87 3.27
N GLN A 61 12.08 -1.86 2.58
CA GLN A 61 11.15 -1.59 1.48
C GLN A 61 9.99 -2.58 1.51
N VAL A 62 8.84 -2.15 0.99
CA VAL A 62 7.67 -3.02 0.96
C VAL A 62 7.67 -3.88 -0.30
N ASN A 63 7.57 -5.20 -0.10
CA ASN A 63 7.57 -6.13 -1.22
C ASN A 63 6.16 -6.29 -1.79
N TYR A 64 6.08 -6.70 -3.05
CA TYR A 64 4.79 -6.88 -3.70
C TYR A 64 3.89 -7.79 -2.87
N GLU A 65 4.44 -8.91 -2.42
CA GLU A 65 3.68 -9.85 -1.61
C GLU A 65 3.19 -9.19 -0.32
N GLU A 66 4.07 -8.43 0.32
CA GLU A 66 3.72 -7.75 1.56
C GLU A 66 2.57 -6.78 1.32
N PHE A 67 2.55 -6.17 0.15
CA PHE A 67 1.48 -5.22 -0.18
C PHE A 67 0.14 -5.95 -0.33
N VAL A 68 0.17 -7.08 -1.03
CA VAL A 68 -1.06 -7.83 -1.26
C VAL A 68 -1.70 -8.24 0.05
N LYS A 69 -0.94 -8.93 0.89
CA LYS A 69 -1.46 -9.38 2.18
C LYS A 69 -1.97 -8.21 3.00
N MET A 70 -1.25 -7.08 2.94
CA MET A 70 -1.65 -5.91 3.69
C MET A 70 -3.02 -5.43 3.25
N MET A 71 -3.25 -5.40 1.95
CA MET A 71 -4.53 -4.95 1.41
C MET A 71 -5.64 -5.92 1.79
N MET A 72 -5.27 -7.18 2.00
CA MET A 72 -6.25 -8.19 2.38
C MET A 72 -6.49 -8.18 3.88
N THR A 73 -5.46 -8.48 4.65
CA THR A 73 -5.58 -8.52 6.11
C THR A 73 -6.37 -7.31 6.61
N VAL A 74 -6.36 -6.24 5.83
CA VAL A 74 -7.09 -5.03 6.20
C VAL A 74 -8.58 -5.32 6.31
N ARG A 75 -9.11 -6.07 5.35
CA ARG A 75 -10.52 -6.40 5.35
C ARG A 75 -10.88 -7.19 6.60
N GLY A 76 -12.07 -6.93 7.14
CA GLY A 76 -12.52 -7.63 8.34
C GLY A 76 -12.09 -6.88 9.59
N GLY A 77 -11.05 -6.06 9.45
CA GLY A 77 -10.54 -5.29 10.59
C GLY A 77 -9.21 -5.84 11.06
N GLY A 78 -8.28 -5.99 10.13
CA GLY A 78 -6.94 -6.52 10.46
C GLY A 78 -5.86 -5.60 9.92
N GLY A 79 -6.22 -4.36 9.62
CA GLY A 79 -5.26 -3.39 9.09
C GLY A 79 -4.87 -2.38 10.16
N GLY A 80 -3.81 -1.62 9.89
CA GLY A 80 -3.33 -0.62 10.84
C GLY A 80 -4.11 0.68 10.68
N ASN A 81 -3.53 1.78 11.16
CA ASN A 81 -4.17 3.08 11.06
C ASN A 81 -3.93 3.70 9.68
N GLY A 82 -2.71 3.55 9.17
CA GLY A 82 -2.36 4.11 7.88
C GLY A 82 -3.02 3.32 6.75
N TRP A 83 -2.83 2.01 6.76
CA TRP A 83 -3.41 1.15 5.73
C TRP A 83 -4.92 1.31 5.71
N SER A 84 -5.53 1.38 6.88
CA SER A 84 -6.98 1.55 6.99
C SER A 84 -7.40 2.87 6.35
N ARG A 85 -6.60 3.91 6.56
CA ARG A 85 -6.89 5.22 6.00
C ARG A 85 -6.89 5.17 4.47
N LEU A 86 -5.91 4.46 3.92
CA LEU A 86 -5.81 4.34 2.48
C LEU A 86 -6.93 3.45 1.94
N ARG A 87 -7.17 2.34 2.61
CA ARG A 87 -8.22 1.43 2.18
C ARG A 87 -9.60 2.02 2.39
N ARG A 88 -9.66 3.09 3.17
CA ARG A 88 -10.93 3.76 3.43
C ARG A 88 -11.28 4.69 2.28
N LYS A 89 -10.29 5.43 1.80
CA LYS A 89 -10.49 6.36 0.68
C LYS A 89 -9.30 6.30 -0.27
N PHE A 90 -9.35 5.37 -1.23
CA PHE A 90 -8.27 5.24 -2.19
C PHE A 90 -8.78 4.62 -3.49
N SER A 91 -7.95 4.67 -4.53
CA SER A 91 -8.32 4.11 -5.82
C SER A 91 -7.17 4.20 -6.81
N SER A 92 -7.27 5.16 -7.72
CA SER A 92 -6.23 5.36 -8.73
C SER A 92 -5.82 4.02 -9.34
CA CA B . 9.77 1.76 -5.77
CA CA C . 9.62 -5.94 2.98
N GLY A 1 -10.57 -6.63 -19.70
CA GLY A 1 -10.96 -6.43 -18.28
C GLY A 1 -11.97 -7.49 -17.86
N HIS A 2 -12.00 -8.60 -18.61
CA HIS A 2 -12.93 -9.69 -18.32
C HIS A 2 -12.22 -10.78 -17.51
N MET A 3 -11.25 -10.37 -16.69
CA MET A 3 -10.50 -11.33 -15.89
C MET A 3 -11.32 -11.71 -14.67
N ASP A 4 -11.29 -13.00 -14.31
CA ASP A 4 -12.03 -13.52 -13.15
C ASP A 4 -12.40 -12.39 -12.20
N THR A 5 -11.53 -12.12 -11.24
CA THR A 5 -11.77 -11.04 -10.28
C THR A 5 -10.86 -9.84 -10.58
N ASP A 6 -11.47 -8.66 -10.63
CA ASP A 6 -10.74 -7.44 -10.90
C ASP A 6 -9.84 -7.07 -9.73
N ALA A 7 -10.30 -7.38 -8.52
CA ALA A 7 -9.53 -7.07 -7.32
C ALA A 7 -8.05 -7.34 -7.55
N GLU A 8 -7.73 -8.54 -7.99
CA GLU A 8 -6.33 -8.90 -8.25
C GLU A 8 -5.69 -7.89 -9.20
N GLU A 9 -6.45 -7.45 -10.19
CA GLU A 9 -5.95 -6.47 -11.15
C GLU A 9 -5.66 -5.15 -10.46
N GLU A 10 -6.56 -4.74 -9.59
CA GLU A 10 -6.39 -3.48 -8.87
C GLU A 10 -5.08 -3.50 -8.07
N LEU A 11 -4.84 -4.60 -7.37
CA LEU A 11 -3.64 -4.71 -6.56
C LEU A 11 -2.40 -4.65 -7.44
N LYS A 12 -2.44 -5.35 -8.56
CA LYS A 12 -1.30 -5.36 -9.48
C LYS A 12 -1.09 -3.99 -10.11
N GLU A 13 -2.15 -3.46 -10.70
CA GLU A 13 -2.06 -2.15 -11.35
C GLU A 13 -1.63 -1.08 -10.35
N ALA A 14 -2.36 -0.98 -9.24
CA ALA A 14 -2.04 0.00 -8.22
C ALA A 14 -0.60 -0.16 -7.76
N PHE A 15 -0.19 -1.39 -7.54
CA PHE A 15 1.19 -1.64 -7.10
C PHE A 15 2.18 -1.11 -8.13
N LYS A 16 1.80 -1.15 -9.40
CA LYS A 16 2.68 -0.71 -10.46
C LYS A 16 2.88 0.80 -10.43
N VAL A 17 1.81 1.52 -10.11
CA VAL A 17 1.88 2.98 -10.05
C VAL A 17 2.61 3.45 -8.79
N PHE A 18 2.52 2.65 -7.74
CA PHE A 18 3.14 3.00 -6.48
C PHE A 18 4.65 3.10 -6.65
N ASP A 19 5.23 2.10 -7.31
CA ASP A 19 6.66 2.08 -7.52
C ASP A 19 7.08 3.16 -8.51
N LYS A 20 7.24 4.38 -8.02
CA LYS A 20 7.63 5.50 -8.88
C LYS A 20 8.95 5.17 -9.57
N ASP A 21 9.93 4.70 -8.80
CA ASP A 21 11.23 4.36 -9.36
C ASP A 21 11.10 3.20 -10.33
N GLN A 22 10.02 2.43 -10.18
CA GLN A 22 9.77 1.30 -11.05
C GLN A 22 10.82 0.21 -10.84
N ASN A 23 11.10 -0.10 -9.58
CA ASN A 23 12.10 -1.13 -9.24
C ASN A 23 11.39 -2.41 -8.82
N GLY A 24 10.28 -2.28 -8.12
CA GLY A 24 9.52 -3.43 -7.63
C GLY A 24 9.26 -3.35 -6.14
N TYR A 25 10.14 -2.68 -5.41
CA TYR A 25 9.98 -2.53 -3.96
C TYR A 25 9.58 -1.11 -3.61
N ILE A 26 8.46 -0.97 -2.90
CA ILE A 26 7.97 0.34 -2.51
C ILE A 26 8.70 0.83 -1.27
N SER A 27 8.89 2.14 -1.17
CA SER A 27 9.58 2.75 -0.03
C SER A 27 8.72 3.79 0.64
N ALA A 28 9.33 4.58 1.52
CA ALA A 28 8.59 5.62 2.23
C ALA A 28 8.41 6.86 1.36
N SER A 29 9.45 7.19 0.60
CA SER A 29 9.41 8.36 -0.27
C SER A 29 8.28 8.22 -1.28
N GLU A 30 8.15 7.03 -1.87
CA GLU A 30 7.11 6.78 -2.85
C GLU A 30 5.73 6.80 -2.19
N LEU A 31 5.63 6.16 -1.04
CA LEU A 31 4.36 6.11 -0.32
C LEU A 31 3.89 7.51 0.04
N ARG A 32 4.81 8.32 0.52
CA ARG A 32 4.49 9.70 0.89
C ARG A 32 4.06 10.48 -0.34
N HIS A 33 4.75 10.26 -1.45
CA HIS A 33 4.42 10.97 -2.68
C HIS A 33 2.99 10.67 -3.11
N VAL A 34 2.60 9.42 -2.98
CA VAL A 34 1.25 9.01 -3.35
C VAL A 34 0.22 9.67 -2.45
N MET A 35 0.53 9.71 -1.15
CA MET A 35 -0.38 10.31 -0.18
C MET A 35 -0.55 11.79 -0.49
N ILE A 36 0.54 12.45 -0.85
CA ILE A 36 0.49 13.88 -1.16
C ILE A 36 -0.29 14.10 -2.45
N ASN A 37 -0.02 13.26 -3.45
CA ASN A 37 -0.70 13.36 -4.74
C ASN A 37 -2.21 13.31 -4.51
N LEU A 38 -2.62 12.65 -3.43
CA LEU A 38 -4.04 12.54 -3.09
C LEU A 38 -4.49 13.78 -2.33
N GLY A 39 -3.62 14.77 -2.23
CA GLY A 39 -3.95 16.00 -1.53
C GLY A 39 -4.17 15.74 -0.05
N GLU A 40 -3.43 14.78 0.49
CA GLU A 40 -3.55 14.42 1.91
C GLU A 40 -2.18 14.20 2.54
N LYS A 41 -1.51 15.29 2.87
CA LYS A 41 -0.20 15.22 3.50
C LYS A 41 -0.31 14.57 4.86
N LEU A 42 0.40 13.46 5.04
CA LEU A 42 0.38 12.73 6.31
C LEU A 42 1.70 12.93 7.05
N THR A 43 1.88 12.17 8.12
CA THR A 43 3.12 12.28 8.92
C THR A 43 4.03 11.10 8.64
N ASP A 44 5.33 11.36 8.67
CA ASP A 44 6.32 10.32 8.41
C ASP A 44 6.05 9.12 9.31
N GLU A 45 5.58 9.38 10.52
CA GLU A 45 5.30 8.30 11.45
C GLU A 45 4.32 7.30 10.85
N GLU A 46 3.29 7.82 10.19
CA GLU A 46 2.29 6.96 9.56
C GLU A 46 2.93 6.05 8.52
N VAL A 47 3.86 6.62 7.75
CA VAL A 47 4.55 5.85 6.72
C VAL A 47 5.38 4.74 7.33
N GLU A 48 6.14 5.08 8.37
CA GLU A 48 6.97 4.08 9.04
C GLU A 48 6.13 2.98 9.63
N GLN A 49 5.06 3.35 10.34
CA GLN A 49 4.18 2.37 10.95
C GLN A 49 3.63 1.42 9.90
N MET A 50 3.28 1.96 8.75
CA MET A 50 2.74 1.13 7.67
C MET A 50 3.80 0.19 7.11
N ILE A 51 5.01 0.71 6.92
CA ILE A 51 6.11 -0.09 6.39
C ILE A 51 6.54 -1.17 7.38
N LYS A 52 6.74 -0.77 8.63
CA LYS A 52 7.17 -1.70 9.66
C LYS A 52 6.13 -2.81 9.82
N GLU A 53 4.87 -2.42 9.89
CA GLU A 53 3.79 -3.37 10.09
C GLU A 53 3.70 -4.30 8.88
N ALA A 54 3.80 -3.71 7.69
CA ALA A 54 3.71 -4.49 6.47
C ALA A 54 4.94 -5.37 6.29
N ASP A 55 6.11 -4.78 6.48
CA ASP A 55 7.36 -5.52 6.34
C ASP A 55 7.52 -6.52 7.46
N LEU A 56 7.82 -7.78 7.09
CA LEU A 56 8.00 -8.83 8.08
C LEU A 56 9.48 -9.02 8.38
N ASP A 57 10.33 -8.40 7.57
CA ASP A 57 11.77 -8.51 7.75
C ASP A 57 12.38 -7.16 8.12
N GLY A 58 11.50 -6.17 8.32
CA GLY A 58 11.96 -4.83 8.68
C GLY A 58 13.12 -4.39 7.79
N ASP A 59 12.94 -4.53 6.48
CA ASP A 59 13.97 -4.14 5.52
C ASP A 59 13.64 -2.80 4.90
N GLY A 60 12.62 -2.13 5.42
CA GLY A 60 12.21 -0.83 4.91
C GLY A 60 11.79 -0.94 3.45
N GLN A 61 11.71 -2.19 2.95
CA GLN A 61 11.33 -2.42 1.56
C GLN A 61 10.07 -3.27 1.48
N VAL A 62 8.95 -2.64 1.14
CA VAL A 62 7.68 -3.36 1.04
C VAL A 62 7.59 -4.09 -0.30
N ASN A 63 7.54 -5.42 -0.24
CA ASN A 63 7.45 -6.22 -1.46
C ASN A 63 6.01 -6.32 -1.94
N TYR A 64 5.84 -6.62 -3.21
CA TYR A 64 4.50 -6.74 -3.77
C TYR A 64 3.67 -7.73 -2.97
N GLU A 65 4.29 -8.82 -2.55
CA GLU A 65 3.59 -9.84 -1.77
C GLU A 65 3.07 -9.24 -0.47
N GLU A 66 3.93 -8.48 0.21
CA GLU A 66 3.54 -7.86 1.48
C GLU A 66 2.39 -6.88 1.27
N PHE A 67 2.39 -6.23 0.11
CA PHE A 67 1.33 -5.27 -0.20
C PHE A 67 0.02 -6.00 -0.44
N VAL A 68 0.06 -7.05 -1.25
CA VAL A 68 -1.15 -7.79 -1.57
C VAL A 68 -1.79 -8.37 -0.31
N LYS A 69 -1.00 -9.07 0.48
CA LYS A 69 -1.52 -9.68 1.71
C LYS A 69 -2.08 -8.60 2.63
N MET A 70 -1.33 -7.51 2.75
CA MET A 70 -1.76 -6.42 3.63
C MET A 70 -3.05 -5.81 3.12
N MET A 71 -3.14 -5.63 1.81
CA MET A 71 -4.34 -5.04 1.21
C MET A 71 -5.54 -5.90 1.52
N MET A 72 -5.34 -7.21 1.60
CA MET A 72 -6.45 -8.12 1.92
C MET A 72 -6.74 -8.11 3.42
N THR A 73 -5.70 -8.32 4.22
CA THR A 73 -5.86 -8.34 5.67
C THR A 73 -6.67 -7.14 6.13
N VAL A 74 -6.61 -6.06 5.36
CA VAL A 74 -7.35 -4.85 5.71
C VAL A 74 -8.85 -5.14 5.76
N ARG A 75 -9.34 -5.84 4.75
CA ARG A 75 -10.76 -6.16 4.69
C ARG A 75 -11.08 -7.30 5.66
N GLY A 76 -11.28 -6.96 6.92
CA GLY A 76 -11.59 -7.97 7.95
C GLY A 76 -10.75 -7.76 9.20
N GLY A 77 -10.28 -6.53 9.38
CA GLY A 77 -9.45 -6.21 10.54
C GLY A 77 -8.04 -6.75 10.38
N GLY A 78 -7.15 -6.35 11.29
CA GLY A 78 -5.77 -6.81 11.24
C GLY A 78 -4.88 -5.77 10.57
N GLY A 79 -5.48 -4.67 10.13
CA GLY A 79 -4.74 -3.61 9.47
C GLY A 79 -4.51 -2.43 10.41
N GLY A 80 -3.42 -1.70 10.19
CA GLY A 80 -3.10 -0.56 11.02
C GLY A 80 -4.04 0.61 10.73
N ASN A 81 -3.58 1.83 11.02
CA ASN A 81 -4.39 3.03 10.77
C ASN A 81 -4.05 3.64 9.42
N GLY A 82 -2.79 3.47 9.00
CA GLY A 82 -2.35 4.02 7.72
C GLY A 82 -2.93 3.21 6.55
N TRP A 83 -2.74 1.90 6.59
CA TRP A 83 -3.25 1.03 5.53
C TRP A 83 -4.75 1.18 5.40
N SER A 84 -5.44 1.22 6.54
CA SER A 84 -6.89 1.36 6.55
C SER A 84 -7.28 2.72 5.97
N ARG A 85 -6.46 3.73 6.25
CA ARG A 85 -6.74 5.08 5.74
C ARG A 85 -6.72 5.09 4.22
N LEU A 86 -5.72 4.44 3.64
CA LEU A 86 -5.60 4.38 2.19
C LEU A 86 -6.71 3.52 1.60
N ARG A 87 -7.02 2.42 2.29
CA ARG A 87 -8.05 1.51 1.82
C ARG A 87 -9.44 2.04 2.16
N ARG A 88 -9.50 3.00 3.06
CA ARG A 88 -10.77 3.58 3.45
C ARG A 88 -11.41 4.30 2.26
N LYS A 89 -10.65 5.22 1.67
CA LYS A 89 -11.13 5.96 0.52
C LYS A 89 -11.51 4.99 -0.56
N PHE A 90 -10.59 4.75 -1.52
CA PHE A 90 -10.82 3.82 -2.63
C PHE A 90 -12.29 3.41 -2.72
N SER A 91 -12.57 2.18 -2.33
CA SER A 91 -13.94 1.68 -2.32
C SER A 91 -14.14 0.66 -1.21
N SER A 92 -15.28 0.75 -0.52
CA SER A 92 -15.58 -0.17 0.56
C SER A 92 -15.64 -1.60 0.05
CA CA B . 8.95 1.06 -6.26
CA CA C . 9.56 -6.11 3.60
N GLY A 1 -15.12 -14.37 -9.06
CA GLY A 1 -14.97 -13.33 -10.12
C GLY A 1 -15.06 -13.98 -11.49
N HIS A 2 -16.26 -13.99 -12.06
CA HIS A 2 -16.48 -14.59 -13.37
C HIS A 2 -15.72 -13.81 -14.44
N MET A 3 -15.75 -12.48 -14.33
CA MET A 3 -15.06 -11.64 -15.30
C MET A 3 -13.58 -11.51 -14.95
N ASP A 4 -12.94 -10.46 -15.44
CA ASP A 4 -11.53 -10.23 -15.18
C ASP A 4 -11.31 -9.91 -13.71
N THR A 5 -10.60 -10.79 -13.01
CA THR A 5 -10.32 -10.59 -11.59
C THR A 5 -9.99 -9.12 -11.31
N ASP A 6 -11.01 -8.34 -10.98
CA ASP A 6 -10.81 -6.92 -10.72
C ASP A 6 -9.83 -6.72 -9.58
N ALA A 7 -10.03 -7.43 -8.48
CA ALA A 7 -9.15 -7.32 -7.33
C ALA A 7 -7.69 -7.45 -7.75
N GLU A 8 -7.34 -8.59 -8.36
CA GLU A 8 -5.98 -8.81 -8.80
C GLU A 8 -5.49 -7.67 -9.68
N GLU A 9 -6.30 -7.29 -10.65
CA GLU A 9 -5.94 -6.21 -11.56
C GLU A 9 -5.73 -4.92 -10.79
N GLU A 10 -6.64 -4.63 -9.86
CA GLU A 10 -6.53 -3.41 -9.07
C GLU A 10 -5.22 -3.37 -8.31
N LEU A 11 -4.88 -4.46 -7.65
CA LEU A 11 -3.64 -4.53 -6.87
C LEU A 11 -2.43 -4.31 -7.77
N LYS A 12 -2.44 -4.94 -8.94
CA LYS A 12 -1.34 -4.79 -9.86
C LYS A 12 -1.21 -3.36 -10.35
N GLU A 13 -2.32 -2.78 -10.79
CA GLU A 13 -2.32 -1.41 -11.28
C GLU A 13 -1.77 -0.47 -10.21
N ALA A 14 -2.35 -0.53 -9.02
CA ALA A 14 -1.89 0.31 -7.93
C ALA A 14 -0.43 0.05 -7.62
N PHE A 15 -0.07 -1.23 -7.54
CA PHE A 15 1.31 -1.61 -7.24
C PHE A 15 2.26 -0.95 -8.23
N LYS A 16 1.91 -1.01 -9.51
CA LYS A 16 2.76 -0.42 -10.54
C LYS A 16 2.84 1.09 -10.35
N VAL A 17 1.77 1.68 -9.86
CA VAL A 17 1.74 3.12 -9.62
C VAL A 17 2.58 3.48 -8.38
N PHE A 18 2.44 2.69 -7.33
CA PHE A 18 3.19 2.94 -6.10
C PHE A 18 4.68 2.85 -6.36
N ASP A 19 5.09 1.81 -7.08
CA ASP A 19 6.50 1.61 -7.38
C ASP A 19 6.94 2.49 -8.55
N LYS A 20 7.03 3.79 -8.30
CA LYS A 20 7.43 4.73 -9.34
C LYS A 20 8.80 4.33 -9.90
N ASP A 21 9.70 3.94 -9.00
CA ASP A 21 11.04 3.54 -9.41
C ASP A 21 10.99 2.21 -10.17
N GLN A 22 9.85 1.52 -10.06
CA GLN A 22 9.69 0.23 -10.74
C GLN A 22 10.79 -0.73 -10.34
N ASN A 23 11.28 -0.58 -9.10
CA ASN A 23 12.34 -1.46 -8.61
C ASN A 23 11.75 -2.73 -8.02
N GLY A 24 10.44 -2.85 -8.07
CA GLY A 24 9.76 -4.04 -7.55
C GLY A 24 9.36 -3.85 -6.10
N TYR A 25 10.05 -2.95 -5.41
CA TYR A 25 9.77 -2.69 -4.00
C TYR A 25 9.28 -1.25 -3.80
N ILE A 26 8.50 -1.04 -2.76
CA ILE A 26 7.97 0.30 -2.46
C ILE A 26 8.64 0.87 -1.23
N SER A 27 9.06 2.13 -1.30
CA SER A 27 9.72 2.79 -0.18
C SER A 27 8.77 3.80 0.48
N ALA A 28 9.33 4.66 1.32
CA ALA A 28 8.54 5.68 2.01
C ALA A 28 8.32 6.89 1.11
N SER A 29 9.34 7.24 0.36
CA SER A 29 9.25 8.39 -0.54
C SER A 29 8.08 8.23 -1.50
N GLU A 30 7.94 7.04 -2.06
CA GLU A 30 6.85 6.76 -2.98
C GLU A 30 5.52 6.72 -2.25
N LEU A 31 5.49 6.07 -1.09
CA LEU A 31 4.26 5.97 -0.32
C LEU A 31 3.74 7.35 0.06
N ARG A 32 4.65 8.19 0.58
CA ARG A 32 4.27 9.54 0.96
C ARG A 32 3.78 10.31 -0.26
N HIS A 33 4.50 10.17 -1.38
CA HIS A 33 4.13 10.89 -2.59
C HIS A 33 2.67 10.59 -2.96
N VAL A 34 2.28 9.33 -2.81
CA VAL A 34 0.91 8.93 -3.11
C VAL A 34 -0.07 9.65 -2.19
N MET A 35 0.29 9.76 -0.91
CA MET A 35 -0.58 10.43 0.05
C MET A 35 -0.80 11.89 -0.36
N ILE A 36 0.27 12.56 -0.74
CA ILE A 36 0.16 13.96 -1.14
C ILE A 36 -0.65 14.10 -2.43
N ASN A 37 -0.38 13.22 -3.37
CA ASN A 37 -1.08 13.24 -4.65
C ASN A 37 -2.58 13.05 -4.42
N LEU A 38 -2.93 12.24 -3.42
CA LEU A 38 -4.33 11.98 -3.10
C LEU A 38 -4.89 13.09 -2.21
N GLY A 39 -4.06 14.06 -1.90
CA GLY A 39 -4.48 15.17 -1.05
C GLY A 39 -4.47 14.76 0.42
N GLU A 40 -3.65 13.78 0.75
CA GLU A 40 -3.56 13.29 2.13
C GLU A 40 -2.25 13.74 2.78
N LYS A 41 -2.37 14.44 3.91
CA LYS A 41 -1.18 14.93 4.61
C LYS A 41 -0.88 14.06 5.82
N LEU A 42 -0.01 13.07 5.62
CA LEU A 42 0.38 12.16 6.69
C LEU A 42 1.81 12.40 7.12
N THR A 43 2.07 12.23 8.41
CA THR A 43 3.42 12.44 8.93
C THR A 43 4.33 11.28 8.54
N ASP A 44 5.63 11.56 8.49
CA ASP A 44 6.60 10.54 8.14
C ASP A 44 6.43 9.30 9.00
N GLU A 45 6.10 9.52 10.27
CA GLU A 45 5.92 8.42 11.20
C GLU A 45 4.84 7.46 10.69
N GLU A 46 3.76 8.03 10.17
CA GLU A 46 2.66 7.22 9.64
C GLU A 46 3.16 6.32 8.51
N VAL A 47 4.05 6.86 7.68
CA VAL A 47 4.59 6.10 6.56
C VAL A 47 5.42 4.92 7.07
N GLU A 48 6.28 5.19 8.06
CA GLU A 48 7.12 4.15 8.62
C GLU A 48 6.26 3.07 9.28
N GLN A 49 5.33 3.50 10.12
CA GLN A 49 4.46 2.55 10.80
C GLN A 49 3.77 1.64 9.80
N MET A 50 3.34 2.21 8.68
CA MET A 50 2.68 1.43 7.64
C MET A 50 3.64 0.38 7.05
N ILE A 51 4.89 0.80 6.86
CA ILE A 51 5.90 -0.10 6.32
C ILE A 51 6.17 -1.26 7.27
N LYS A 52 6.29 -0.94 8.56
CA LYS A 52 6.58 -1.96 9.56
C LYS A 52 5.46 -2.99 9.60
N GLU A 53 4.22 -2.53 9.62
CA GLU A 53 3.09 -3.43 9.66
C GLU A 53 3.09 -4.36 8.45
N ALA A 54 3.28 -3.79 7.26
CA ALA A 54 3.32 -4.59 6.05
C ALA A 54 4.62 -5.39 5.96
N ASP A 55 5.72 -4.74 6.32
CA ASP A 55 7.03 -5.39 6.27
C ASP A 55 7.21 -6.30 7.48
N LEU A 56 7.54 -7.56 7.21
CA LEU A 56 7.75 -8.53 8.29
C LEU A 56 9.23 -8.86 8.43
N ASP A 57 10.04 -8.29 7.56
CA ASP A 57 11.48 -8.52 7.60
C ASP A 57 12.23 -7.24 7.89
N GLY A 58 11.49 -6.15 8.04
CA GLY A 58 12.09 -4.84 8.33
C GLY A 58 13.30 -4.60 7.43
N ASP A 59 13.09 -4.72 6.12
CA ASP A 59 14.17 -4.50 5.15
C ASP A 59 14.20 -3.05 4.71
N GLY A 60 13.28 -2.25 5.24
CA GLY A 60 13.22 -0.84 4.89
C GLY A 60 12.36 -0.61 3.65
N GLN A 61 11.96 -1.70 3.02
CA GLN A 61 11.13 -1.61 1.81
C GLN A 61 10.03 -2.66 1.85
N VAL A 62 8.93 -2.40 1.13
CA VAL A 62 7.81 -3.32 1.09
C VAL A 62 7.86 -4.16 -0.18
N ASN A 63 7.72 -5.48 -0.02
CA ASN A 63 7.75 -6.39 -1.16
C ASN A 63 6.35 -6.58 -1.73
N TYR A 64 6.28 -6.97 -3.00
CA TYR A 64 5.00 -7.18 -3.65
C TYR A 64 4.11 -8.09 -2.81
N GLU A 65 4.68 -9.21 -2.35
CA GLU A 65 3.93 -10.15 -1.54
C GLU A 65 3.40 -9.47 -0.28
N GLU A 66 4.23 -8.63 0.31
CA GLU A 66 3.85 -7.92 1.53
C GLU A 66 2.72 -6.94 1.23
N PHE A 67 2.78 -6.31 0.07
CA PHE A 67 1.75 -5.35 -0.33
C PHE A 67 0.42 -6.05 -0.52
N VAL A 68 0.44 -7.17 -1.24
CA VAL A 68 -0.77 -7.93 -1.49
C VAL A 68 -1.38 -8.41 -0.18
N LYS A 69 -0.54 -8.92 0.71
CA LYS A 69 -1.02 -9.41 1.99
C LYS A 69 -1.66 -8.27 2.79
N MET A 70 -0.99 -7.11 2.79
CA MET A 70 -1.48 -5.99 3.56
C MET A 70 -2.79 -5.48 2.98
N MET A 71 -2.88 -5.44 1.66
CA MET A 71 -4.08 -4.98 0.99
C MET A 71 -5.22 -5.96 1.19
N MET A 72 -4.89 -7.25 1.25
CA MET A 72 -5.90 -8.28 1.44
C MET A 72 -6.35 -8.33 2.89
N THR A 73 -5.38 -8.40 3.80
CA THR A 73 -5.68 -8.46 5.23
C THR A 73 -6.41 -7.20 5.68
N VAL A 74 -6.20 -6.11 4.94
CA VAL A 74 -6.84 -4.84 5.28
C VAL A 74 -8.34 -5.05 5.56
N ARG A 75 -8.85 -6.23 5.22
CA ARG A 75 -10.25 -6.55 5.44
C ARG A 75 -10.41 -7.52 6.60
N GLY A 76 -11.54 -7.44 7.27
CA GLY A 76 -11.81 -8.32 8.40
C GLY A 76 -11.42 -7.65 9.71
N GLY A 77 -10.59 -6.62 9.63
CA GLY A 77 -10.13 -5.91 10.81
C GLY A 77 -8.71 -6.30 11.17
N GLY A 78 -7.80 -6.14 10.21
CA GLY A 78 -6.39 -6.48 10.44
C GLY A 78 -5.48 -5.41 9.86
N GLY A 79 -6.05 -4.26 9.51
CA GLY A 79 -5.28 -3.15 8.95
C GLY A 79 -4.92 -2.14 10.03
N GLY A 80 -3.81 -1.44 9.84
CA GLY A 80 -3.37 -0.44 10.80
C GLY A 80 -4.15 0.86 10.64
N ASN A 81 -3.56 1.95 11.09
CA ASN A 81 -4.21 3.26 10.99
C ASN A 81 -3.90 3.91 9.64
N GLY A 82 -2.67 3.76 9.19
CA GLY A 82 -2.26 4.35 7.91
C GLY A 82 -2.89 3.59 6.74
N TRP A 83 -2.72 2.28 6.72
CA TRP A 83 -3.28 1.46 5.66
C TRP A 83 -4.79 1.65 5.59
N SER A 84 -5.43 1.66 6.76
CA SER A 84 -6.88 1.83 6.82
C SER A 84 -7.27 3.18 6.24
N ARG A 85 -6.45 4.19 6.47
CA ARG A 85 -6.73 5.53 5.94
C ARG A 85 -6.65 5.54 4.43
N LEU A 86 -5.64 4.86 3.90
CA LEU A 86 -5.46 4.79 2.46
C LEU A 86 -6.57 3.95 1.82
N ARG A 87 -6.91 2.84 2.49
CA ARG A 87 -7.93 1.94 1.97
C ARG A 87 -9.31 2.49 2.24
N ARG A 88 -9.38 3.51 3.09
CA ARG A 88 -10.66 4.13 3.40
C ARG A 88 -11.25 4.77 2.16
N LYS A 89 -10.45 5.62 1.50
CA LYS A 89 -10.89 6.27 0.28
C LYS A 89 -11.05 5.25 -0.83
N PHE A 90 -10.06 5.18 -1.72
CA PHE A 90 -10.10 4.24 -2.85
C PHE A 90 -11.55 3.93 -3.25
N SER A 91 -12.40 4.94 -3.19
CA SER A 91 -13.80 4.76 -3.52
C SER A 91 -13.93 4.07 -4.87
N SER A 92 -13.24 4.60 -5.88
CA SER A 92 -13.28 4.02 -7.21
C SER A 92 -14.71 3.65 -7.59
CA CA B . 9.91 1.85 -5.73
CA CA C . 9.88 -6.14 3.42
N GLY A 1 -19.57 -13.46 -20.62
CA GLY A 1 -19.43 -12.30 -19.69
C GLY A 1 -18.26 -12.53 -18.74
N HIS A 2 -17.23 -11.70 -18.87
CA HIS A 2 -16.05 -11.82 -18.02
C HIS A 2 -16.28 -11.13 -16.69
N MET A 3 -15.98 -11.84 -15.60
CA MET A 3 -16.16 -11.28 -14.26
C MET A 3 -15.25 -10.07 -14.06
N ASP A 4 -14.00 -10.20 -14.50
CA ASP A 4 -13.04 -9.12 -14.36
C ASP A 4 -12.84 -8.76 -12.89
N THR A 5 -12.11 -9.60 -12.17
CA THR A 5 -11.84 -9.37 -10.76
C THR A 5 -11.19 -8.01 -10.55
N ASP A 6 -11.99 -7.01 -10.21
CA ASP A 6 -11.48 -5.66 -10.00
C ASP A 6 -10.39 -5.68 -8.93
N ALA A 7 -10.62 -6.43 -7.86
CA ALA A 7 -9.64 -6.52 -6.78
C ALA A 7 -8.26 -6.83 -7.34
N GLU A 8 -8.13 -7.94 -8.03
CA GLU A 8 -6.85 -8.33 -8.61
C GLU A 8 -6.32 -7.24 -9.55
N GLU A 9 -7.12 -6.91 -10.56
CA GLU A 9 -6.71 -5.88 -11.50
C GLU A 9 -6.23 -4.63 -10.77
N GLU A 10 -7.03 -4.16 -9.83
CA GLU A 10 -6.66 -2.98 -9.07
C GLU A 10 -5.36 -3.19 -8.30
N LEU A 11 -5.27 -4.29 -7.57
CA LEU A 11 -4.09 -4.59 -6.80
C LEU A 11 -2.84 -4.42 -7.64
N LYS A 12 -2.78 -5.15 -8.75
CA LYS A 12 -1.62 -5.08 -9.63
C LYS A 12 -1.45 -3.67 -10.20
N GLU A 13 -2.53 -3.11 -10.73
CA GLU A 13 -2.47 -1.77 -11.30
C GLU A 13 -2.02 -0.76 -10.25
N ALA A 14 -2.67 -0.79 -9.09
CA ALA A 14 -2.33 0.12 -8.01
C ALA A 14 -0.86 -0.03 -7.65
N PHE A 15 -0.41 -1.28 -7.53
CA PHE A 15 0.98 -1.55 -7.19
C PHE A 15 1.92 -0.86 -8.18
N LYS A 16 1.59 -0.95 -9.46
CA LYS A 16 2.40 -0.32 -10.49
C LYS A 16 2.43 1.18 -10.31
N VAL A 17 1.31 1.75 -9.85
CA VAL A 17 1.22 3.18 -9.62
C VAL A 17 2.04 3.58 -8.39
N PHE A 18 1.95 2.76 -7.35
CA PHE A 18 2.69 3.04 -6.11
C PHE A 18 4.19 3.00 -6.37
N ASP A 19 4.64 2.00 -7.10
CA ASP A 19 6.05 1.86 -7.39
C ASP A 19 6.44 2.79 -8.54
N LYS A 20 6.46 4.08 -8.25
CA LYS A 20 6.81 5.07 -9.26
C LYS A 20 8.18 4.75 -9.86
N ASP A 21 9.12 4.37 -9.00
CA ASP A 21 10.46 4.04 -9.45
C ASP A 21 10.49 2.65 -10.05
N GLN A 22 9.35 1.96 -10.02
CA GLN A 22 9.25 0.62 -10.58
C GLN A 22 10.51 -0.19 -10.28
N ASN A 23 11.04 -0.04 -9.07
CA ASN A 23 12.25 -0.76 -8.68
C ASN A 23 11.90 -2.14 -8.17
N GLY A 24 10.61 -2.42 -8.05
CA GLY A 24 10.15 -3.72 -7.58
C GLY A 24 10.06 -3.75 -6.06
N TYR A 25 10.14 -2.58 -5.45
CA TYR A 25 10.08 -2.48 -3.99
C TYR A 25 9.59 -1.10 -3.58
N ILE A 26 8.53 -1.06 -2.79
CA ILE A 26 7.96 0.20 -2.32
C ILE A 26 8.70 0.70 -1.10
N SER A 27 9.00 2.01 -1.08
CA SER A 27 9.71 2.62 0.05
C SER A 27 8.85 3.68 0.70
N ALA A 28 9.45 4.46 1.59
CA ALA A 28 8.74 5.53 2.28
C ALA A 28 8.49 6.71 1.34
N SER A 29 9.52 7.07 0.58
CA SER A 29 9.40 8.19 -0.34
C SER A 29 8.25 7.98 -1.31
N GLU A 30 8.10 6.75 -1.78
CA GLU A 30 7.01 6.44 -2.71
C GLU A 30 5.66 6.57 -2.02
N LEU A 31 5.56 6.04 -0.81
CA LEU A 31 4.31 6.09 -0.08
C LEU A 31 3.89 7.54 0.17
N ARG A 32 4.85 8.37 0.60
CA ARG A 32 4.57 9.76 0.85
C ARG A 32 4.13 10.47 -0.43
N HIS A 33 4.86 10.21 -1.52
CA HIS A 33 4.55 10.83 -2.79
C HIS A 33 3.12 10.53 -3.19
N VAL A 34 2.70 9.29 -3.01
CA VAL A 34 1.34 8.88 -3.36
C VAL A 34 0.32 9.59 -2.48
N MET A 35 0.65 9.70 -1.19
CA MET A 35 -0.26 10.35 -0.24
C MET A 35 -0.49 11.80 -0.66
N ILE A 36 0.58 12.48 -1.06
CA ILE A 36 0.45 13.87 -1.48
C ILE A 36 -0.36 13.97 -2.76
N ASN A 37 -0.08 13.06 -3.70
CA ASN A 37 -0.80 13.05 -4.97
C ASN A 37 -2.30 12.95 -4.71
N LEU A 38 -2.67 12.24 -3.65
CA LEU A 38 -4.08 12.09 -3.31
C LEU A 38 -4.61 13.33 -2.63
N GLY A 39 -3.77 14.36 -2.55
CA GLY A 39 -4.16 15.61 -1.91
C GLY A 39 -4.21 15.47 -0.41
N GLU A 40 -3.38 14.57 0.14
CA GLU A 40 -3.34 14.34 1.57
C GLU A 40 -1.91 14.46 2.09
N LYS A 41 -1.76 14.94 3.32
CA LYS A 41 -0.43 15.09 3.93
C LYS A 41 -0.35 14.27 5.20
N LEU A 42 0.42 13.20 5.17
CA LEU A 42 0.58 12.33 6.33
C LEU A 42 1.96 12.53 6.95
N THR A 43 2.03 12.28 8.27
CA THR A 43 3.30 12.43 8.98
C THR A 43 4.23 11.27 8.66
N ASP A 44 5.53 11.56 8.68
CA ASP A 44 6.53 10.53 8.39
C ASP A 44 6.25 9.29 9.23
N GLU A 45 5.78 9.49 10.45
CA GLU A 45 5.48 8.37 11.34
C GLU A 45 4.49 7.42 10.69
N GLU A 46 3.47 7.98 10.05
CA GLU A 46 2.45 7.17 9.39
C GLU A 46 3.08 6.26 8.34
N VAL A 47 4.04 6.79 7.60
CA VAL A 47 4.72 6.02 6.58
C VAL A 47 5.55 4.90 7.21
N GLU A 48 6.25 5.24 8.28
CA GLU A 48 7.10 4.26 8.94
C GLU A 48 6.30 3.12 9.53
N GLN A 49 5.30 3.45 10.34
CA GLN A 49 4.49 2.45 10.98
C GLN A 49 3.85 1.53 9.95
N MET A 50 3.45 2.12 8.81
CA MET A 50 2.85 1.33 7.74
C MET A 50 3.85 0.32 7.17
N ILE A 51 5.09 0.77 6.99
CA ILE A 51 6.14 -0.10 6.47
C ILE A 51 6.43 -1.24 7.44
N LYS A 52 6.49 -0.92 8.73
CA LYS A 52 6.78 -1.92 9.74
C LYS A 52 5.72 -3.01 9.72
N GLU A 53 4.46 -2.60 9.65
CA GLU A 53 3.36 -3.56 9.61
C GLU A 53 3.50 -4.50 8.41
N ALA A 54 3.71 -3.90 7.24
CA ALA A 54 3.87 -4.69 6.02
C ALA A 54 5.22 -5.41 6.01
N ASP A 55 6.25 -4.71 6.44
CA ASP A 55 7.60 -5.28 6.48
C ASP A 55 7.76 -6.17 7.70
N LEU A 56 8.12 -7.43 7.46
CA LEU A 56 8.32 -8.39 8.55
C LEU A 56 9.80 -8.57 8.83
N ASP A 57 10.64 -7.91 8.05
CA ASP A 57 12.08 -8.00 8.23
C ASP A 57 12.69 -6.63 8.45
N GLY A 58 11.84 -5.61 8.52
CA GLY A 58 12.31 -4.25 8.73
C GLY A 58 13.54 -3.96 7.89
N ASP A 59 13.49 -4.33 6.60
CA ASP A 59 14.61 -4.11 5.70
C ASP A 59 14.63 -2.66 5.22
N GLY A 60 13.52 -1.96 5.40
CA GLY A 60 13.41 -0.57 4.98
C GLY A 60 12.59 -0.44 3.71
N GLN A 61 12.23 -1.58 3.12
CA GLN A 61 11.44 -1.59 1.90
C GLN A 61 10.36 -2.67 1.97
N VAL A 62 9.33 -2.52 1.14
CA VAL A 62 8.23 -3.49 1.12
C VAL A 62 8.17 -4.20 -0.23
N ASN A 63 8.08 -5.53 -0.18
CA ASN A 63 7.99 -6.33 -1.41
C ASN A 63 6.54 -6.56 -1.79
N TYR A 64 6.32 -6.98 -3.03
CA TYR A 64 4.98 -7.23 -3.52
C TYR A 64 4.25 -8.21 -2.61
N GLU A 65 4.99 -9.14 -2.04
CA GLU A 65 4.40 -10.14 -1.16
C GLU A 65 3.79 -9.49 0.09
N GLU A 66 4.58 -8.64 0.73
CA GLU A 66 4.11 -7.94 1.93
C GLU A 66 2.93 -7.02 1.61
N PHE A 67 2.95 -6.47 0.41
CA PHE A 67 1.88 -5.58 -0.01
C PHE A 67 0.59 -6.37 -0.25
N VAL A 68 0.71 -7.49 -0.96
CA VAL A 68 -0.47 -8.29 -1.26
C VAL A 68 -1.14 -8.80 0.01
N LYS A 69 -0.36 -9.46 0.85
CA LYS A 69 -0.90 -10.00 2.10
C LYS A 69 -1.53 -8.89 2.93
N MET A 70 -0.87 -7.74 2.97
CA MET A 70 -1.38 -6.62 3.74
C MET A 70 -2.74 -6.17 3.22
N MET A 71 -2.89 -6.17 1.91
CA MET A 71 -4.14 -5.77 1.29
C MET A 71 -5.23 -6.81 1.57
N MET A 72 -4.83 -8.06 1.70
CA MET A 72 -5.78 -9.13 1.97
C MET A 72 -6.27 -9.07 3.41
N THR A 73 -5.34 -9.00 4.35
CA THR A 73 -5.68 -8.94 5.77
C THR A 73 -6.40 -7.64 6.09
N VAL A 74 -6.12 -6.60 5.31
CA VAL A 74 -6.74 -5.31 5.53
C VAL A 74 -8.26 -5.43 5.42
N ARG A 75 -8.73 -6.17 4.42
CA ARG A 75 -10.15 -6.33 4.22
C ARG A 75 -10.77 -7.00 5.44
N GLY A 76 -12.02 -6.66 5.72
CA GLY A 76 -12.72 -7.24 6.88
C GLY A 76 -12.40 -6.47 8.14
N GLY A 77 -11.29 -5.73 8.11
CA GLY A 77 -10.88 -4.94 9.27
C GLY A 77 -9.65 -5.55 9.94
N GLY A 78 -8.64 -5.85 9.13
CA GLY A 78 -7.41 -6.44 9.66
C GLY A 78 -6.18 -5.72 9.11
N GLY A 79 -5.97 -4.49 9.57
CA GLY A 79 -4.83 -3.70 9.14
C GLY A 79 -4.55 -2.55 10.10
N GLY A 80 -3.40 -1.92 9.94
CA GLY A 80 -3.03 -0.80 10.81
C GLY A 80 -3.96 0.38 10.59
N ASN A 81 -3.48 1.57 10.96
CA ASN A 81 -4.28 2.79 10.80
C ASN A 81 -3.98 3.46 9.46
N GLY A 82 -2.72 3.34 9.02
CA GLY A 82 -2.32 3.93 7.75
C GLY A 82 -2.91 3.17 6.57
N TRP A 83 -2.71 1.85 6.57
CA TRP A 83 -3.22 1.01 5.49
C TRP A 83 -4.74 1.10 5.43
N SER A 84 -5.38 1.02 6.60
CA SER A 84 -6.83 1.09 6.68
C SER A 84 -7.32 2.43 6.14
N ARG A 85 -6.55 3.49 6.41
CA ARG A 85 -6.92 4.82 5.94
C ARG A 85 -6.88 4.88 4.42
N LEU A 86 -5.86 4.28 3.83
CA LEU A 86 -5.72 4.28 2.38
C LEU A 86 -6.80 3.42 1.74
N ARG A 87 -7.09 2.29 2.38
CA ARG A 87 -8.10 1.38 1.85
C ARG A 87 -9.49 1.84 2.24
N ARG A 88 -9.56 2.76 3.19
CA ARG A 88 -10.85 3.28 3.64
C ARG A 88 -11.63 3.81 2.45
N LYS A 89 -11.16 4.91 1.88
CA LYS A 89 -11.82 5.51 0.73
C LYS A 89 -11.92 4.49 -0.40
N PHE A 90 -10.93 4.49 -1.29
CA PHE A 90 -10.92 3.55 -2.43
C PHE A 90 -12.34 3.18 -2.85
N SER A 91 -13.24 4.16 -2.79
CA SER A 91 -14.62 3.91 -3.14
C SER A 91 -15.16 2.67 -2.43
N SER A 92 -15.13 1.53 -3.12
CA SER A 92 -15.62 0.28 -2.55
C SER A 92 -16.99 0.48 -1.92
CA CA B . 8.49 0.62 -5.97
CA CA C . 10.45 -5.87 3.89
N GLY A 1 -12.75 -10.52 -20.07
CA GLY A 1 -12.95 -9.16 -19.49
C GLY A 1 -11.92 -8.90 -18.41
N HIS A 2 -10.91 -8.11 -18.73
CA HIS A 2 -9.86 -7.77 -17.78
C HIS A 2 -9.42 -9.03 -17.03
N MET A 3 -8.69 -8.83 -15.93
CA MET A 3 -8.21 -9.95 -15.13
C MET A 3 -9.38 -10.77 -14.60
N ASP A 4 -9.07 -11.92 -14.02
CA ASP A 4 -10.10 -12.79 -13.48
C ASP A 4 -10.98 -12.01 -12.50
N THR A 5 -10.36 -11.30 -11.56
CA THR A 5 -11.10 -10.51 -10.58
C THR A 5 -10.64 -9.06 -10.62
N ASP A 6 -11.61 -8.15 -10.56
CA ASP A 6 -11.30 -6.72 -10.60
C ASP A 6 -10.47 -6.33 -9.39
N ALA A 7 -10.79 -6.91 -8.24
CA ALA A 7 -10.05 -6.60 -7.02
C ALA A 7 -8.55 -6.87 -7.20
N GLU A 8 -8.22 -8.10 -7.58
CA GLU A 8 -6.84 -8.47 -7.79
C GLU A 8 -6.18 -7.52 -8.79
N GLU A 9 -6.90 -7.20 -9.85
CA GLU A 9 -6.38 -6.32 -10.89
C GLU A 9 -6.05 -4.94 -10.30
N GLU A 10 -6.96 -4.42 -9.50
CA GLU A 10 -6.75 -3.10 -8.88
C GLU A 10 -5.43 -3.10 -8.10
N LEU A 11 -5.18 -4.21 -7.42
CA LEU A 11 -3.96 -4.32 -6.62
C LEU A 11 -2.75 -4.20 -7.51
N LYS A 12 -2.80 -4.86 -8.66
CA LYS A 12 -1.69 -4.81 -9.59
C LYS A 12 -1.47 -3.38 -10.09
N GLU A 13 -2.55 -2.73 -10.52
CA GLU A 13 -2.45 -1.36 -11.01
C GLU A 13 -1.88 -0.45 -9.94
N ALA A 14 -2.45 -0.53 -8.75
CA ALA A 14 -1.99 0.28 -7.63
C ALA A 14 -0.50 0.05 -7.40
N PHE A 15 -0.10 -1.21 -7.38
CA PHE A 15 1.30 -1.55 -7.16
C PHE A 15 2.18 -0.80 -8.16
N LYS A 16 1.80 -0.83 -9.42
CA LYS A 16 2.58 -0.14 -10.45
C LYS A 16 2.62 1.35 -10.17
N VAL A 17 1.51 1.89 -9.65
CA VAL A 17 1.44 3.31 -9.34
C VAL A 17 2.35 3.64 -8.16
N PHE A 18 2.30 2.80 -7.13
CA PHE A 18 3.13 3.01 -5.94
C PHE A 18 4.60 2.86 -6.28
N ASP A 19 4.92 1.81 -7.03
CA ASP A 19 6.31 1.56 -7.41
C ASP A 19 6.71 2.46 -8.58
N LYS A 20 6.67 3.77 -8.35
CA LYS A 20 7.02 4.73 -9.39
C LYS A 20 8.41 4.45 -9.92
N ASP A 21 9.34 4.20 -9.01
CA ASP A 21 10.72 3.92 -9.40
C ASP A 21 10.82 2.55 -10.09
N GLN A 22 9.81 1.72 -9.86
CA GLN A 22 9.79 0.39 -10.46
C GLN A 22 10.99 -0.44 -9.96
N ASN A 23 11.35 -0.26 -8.70
CA ASN A 23 12.47 -0.98 -8.12
C ASN A 23 12.03 -2.34 -7.61
N GLY A 24 10.72 -2.60 -7.68
CA GLY A 24 10.17 -3.86 -7.22
C GLY A 24 9.62 -3.75 -5.80
N TYR A 25 10.21 -2.86 -5.02
CA TYR A 25 9.79 -2.67 -3.63
C TYR A 25 9.48 -1.19 -3.37
N ILE A 26 8.35 -0.94 -2.73
CA ILE A 26 7.93 0.43 -2.42
C ILE A 26 8.76 0.98 -1.27
N SER A 27 9.09 2.27 -1.35
CA SER A 27 9.89 2.92 -0.31
C SER A 27 9.05 3.98 0.41
N ALA A 28 9.64 4.59 1.43
CA ALA A 28 8.95 5.61 2.21
C ALA A 28 8.69 6.85 1.35
N SER A 29 9.72 7.28 0.63
CA SER A 29 9.59 8.47 -0.22
C SER A 29 8.47 8.28 -1.22
N GLU A 30 8.41 7.11 -1.83
CA GLU A 30 7.37 6.82 -2.80
C GLU A 30 6.00 6.79 -2.13
N LEU A 31 5.94 6.19 -0.95
CA LEU A 31 4.69 6.09 -0.22
C LEU A 31 4.17 7.49 0.13
N ARG A 32 5.06 8.33 0.64
CA ARG A 32 4.68 9.68 1.00
C ARG A 32 4.22 10.45 -0.25
N HIS A 33 4.97 10.30 -1.32
CA HIS A 33 4.63 11.00 -2.56
C HIS A 33 3.21 10.65 -3.00
N VAL A 34 2.86 9.38 -2.84
CA VAL A 34 1.52 8.93 -3.23
C VAL A 34 0.45 9.55 -2.32
N MET A 35 0.74 9.59 -1.03
CA MET A 35 -0.22 10.14 -0.07
C MET A 35 -0.49 11.61 -0.38
N ILE A 36 0.57 12.36 -0.67
CA ILE A 36 0.42 13.77 -0.99
C ILE A 36 -0.25 13.94 -2.35
N ASN A 37 0.18 13.12 -3.30
CA ASN A 37 -0.37 13.20 -4.65
C ASN A 37 -1.89 13.12 -4.59
N LEU A 38 -2.39 12.49 -3.53
CA LEU A 38 -3.83 12.36 -3.34
C LEU A 38 -4.40 13.58 -2.62
N GLY A 39 -3.57 14.62 -2.50
CA GLY A 39 -3.99 15.86 -1.83
C GLY A 39 -4.26 15.60 -0.35
N GLU A 40 -3.51 14.65 0.23
CA GLU A 40 -3.68 14.32 1.64
C GLU A 40 -2.33 14.21 2.34
N LYS A 41 -1.76 15.36 2.69
CA LYS A 41 -0.48 15.40 3.36
C LYS A 41 -0.57 14.71 4.71
N LEU A 42 0.18 13.61 4.85
CA LEU A 42 0.20 12.86 6.10
C LEU A 42 1.50 13.08 6.84
N THR A 43 1.72 12.30 7.90
CA THR A 43 2.93 12.42 8.70
C THR A 43 3.85 11.23 8.45
N ASP A 44 5.16 11.50 8.47
CA ASP A 44 6.14 10.45 8.26
C ASP A 44 5.85 9.26 9.16
N GLU A 45 5.31 9.54 10.35
CA GLU A 45 5.01 8.46 11.28
C GLU A 45 4.10 7.42 10.63
N GLU A 46 3.09 7.88 9.92
CA GLU A 46 2.16 6.99 9.24
C GLU A 46 2.91 6.08 8.28
N VAL A 47 3.87 6.65 7.57
CA VAL A 47 4.65 5.86 6.61
C VAL A 47 5.44 4.77 7.32
N GLU A 48 6.12 5.14 8.40
CA GLU A 48 6.92 4.17 9.14
C GLU A 48 6.03 3.06 9.70
N GLN A 49 4.95 3.45 10.35
CA GLN A 49 4.05 2.47 10.94
C GLN A 49 3.56 1.49 9.88
N MET A 50 3.24 2.02 8.71
CA MET A 50 2.78 1.17 7.60
C MET A 50 3.89 0.25 7.11
N ILE A 51 5.10 0.80 6.97
CA ILE A 51 6.23 0.02 6.49
C ILE A 51 6.64 -1.03 7.51
N LYS A 52 6.75 -0.62 8.76
CA LYS A 52 7.15 -1.55 9.82
C LYS A 52 6.11 -2.67 9.98
N GLU A 53 4.85 -2.27 10.04
CA GLU A 53 3.77 -3.22 10.19
C GLU A 53 3.70 -4.15 9.00
N ALA A 54 3.79 -3.57 7.81
CA ALA A 54 3.73 -4.36 6.59
C ALA A 54 5.01 -5.16 6.39
N ASP A 55 6.14 -4.49 6.54
CA ASP A 55 7.43 -5.14 6.36
C ASP A 55 7.60 -6.26 7.38
N LEU A 56 7.82 -7.49 6.87
CA LEU A 56 7.99 -8.65 7.75
C LEU A 56 9.46 -9.01 7.87
N ASP A 57 10.26 -8.56 6.91
CA ASP A 57 11.70 -8.84 6.92
C ASP A 57 12.47 -7.62 7.40
N GLY A 58 11.76 -6.54 7.71
CA GLY A 58 12.39 -5.32 8.18
C GLY A 58 13.56 -4.93 7.28
N ASP A 59 13.36 -5.06 5.96
CA ASP A 59 14.40 -4.73 5.00
C ASP A 59 14.44 -3.22 4.76
N GLY A 60 13.34 -2.55 5.07
CA GLY A 60 13.25 -1.10 4.88
C GLY A 60 12.36 -0.76 3.68
N GLN A 61 12.02 -1.78 2.90
CA GLN A 61 11.17 -1.59 1.72
C GLN A 61 10.05 -2.62 1.69
N VAL A 62 8.85 -2.17 1.30
CA VAL A 62 7.71 -3.06 1.25
C VAL A 62 7.71 -3.85 -0.06
N ASN A 63 7.69 -5.17 0.05
CA ASN A 63 7.68 -6.03 -1.13
C ASN A 63 6.26 -6.20 -1.66
N TYR A 64 6.15 -6.54 -2.93
CA TYR A 64 4.83 -6.73 -3.54
C TYR A 64 3.99 -7.70 -2.73
N GLU A 65 4.62 -8.79 -2.29
CA GLU A 65 3.90 -9.80 -1.50
C GLU A 65 3.34 -9.18 -0.23
N GLU A 66 4.17 -8.39 0.45
CA GLU A 66 3.76 -7.74 1.68
C GLU A 66 2.58 -6.80 1.44
N PHE A 67 2.60 -6.13 0.28
CA PHE A 67 1.53 -5.21 -0.07
C PHE A 67 0.21 -5.96 -0.27
N VAL A 68 0.26 -7.05 -1.04
CA VAL A 68 -0.94 -7.82 -1.32
C VAL A 68 -1.58 -8.32 -0.03
N LYS A 69 -0.83 -9.11 0.73
CA LYS A 69 -1.37 -9.64 1.98
C LYS A 69 -1.91 -8.52 2.86
N MET A 70 -1.19 -7.40 2.89
CA MET A 70 -1.62 -6.28 3.71
C MET A 70 -2.93 -5.70 3.20
N MET A 71 -3.02 -5.54 1.90
CA MET A 71 -4.23 -4.99 1.30
C MET A 71 -5.43 -5.86 1.64
N MET A 72 -5.18 -7.15 1.78
CA MET A 72 -6.27 -8.08 2.12
C MET A 72 -6.53 -8.06 3.62
N THR A 73 -5.48 -8.25 4.42
CA THR A 73 -5.63 -8.26 5.87
C THR A 73 -6.52 -7.12 6.33
N VAL A 74 -6.54 -6.05 5.55
CA VAL A 74 -7.35 -4.89 5.88
C VAL A 74 -8.83 -5.28 5.97
N ARG A 75 -9.29 -6.04 4.98
CA ARG A 75 -10.69 -6.47 4.96
C ARG A 75 -10.83 -7.83 5.65
N GLY A 76 -11.58 -7.85 6.75
CA GLY A 76 -11.78 -9.09 7.50
C GLY A 76 -10.65 -9.31 8.50
N GLY A 77 -10.19 -8.22 9.11
CA GLY A 77 -9.11 -8.30 10.10
C GLY A 77 -8.63 -6.92 10.50
N GLY A 78 -7.68 -6.38 9.74
CA GLY A 78 -7.13 -5.06 10.02
C GLY A 78 -5.67 -5.00 9.64
N GLY A 79 -5.25 -3.87 9.07
CA GLY A 79 -3.86 -3.68 8.66
C GLY A 79 -3.24 -2.49 9.37
N GLY A 80 -4.05 -1.75 10.12
CA GLY A 80 -3.57 -0.58 10.86
C GLY A 80 -4.39 0.64 10.51
N ASN A 81 -3.83 1.82 10.79
CA ASN A 81 -4.53 3.08 10.50
C ASN A 81 -4.11 3.61 9.12
N GLY A 82 -2.84 3.43 8.78
CA GLY A 82 -2.36 3.90 7.49
C GLY A 82 -2.96 3.09 6.34
N TRP A 83 -2.69 1.79 6.33
CA TRP A 83 -3.21 0.93 5.29
C TRP A 83 -4.75 1.04 5.23
N SER A 84 -5.36 1.05 6.40
CA SER A 84 -6.82 1.18 6.49
C SER A 84 -7.28 2.43 5.76
N ARG A 85 -6.49 3.49 5.84
CA ARG A 85 -6.81 4.73 5.14
C ARG A 85 -6.61 4.57 3.63
N LEU A 86 -5.58 3.82 3.25
CA LEU A 86 -5.30 3.60 1.84
C LEU A 86 -6.42 2.83 1.21
N ARG A 87 -7.21 2.14 2.01
CA ARG A 87 -8.34 1.37 1.50
C ARG A 87 -9.65 2.12 1.70
N ARG A 88 -9.94 2.47 2.95
CA ARG A 88 -11.18 3.17 3.28
C ARG A 88 -11.50 4.22 2.23
N LYS A 89 -10.49 5.02 1.88
CA LYS A 89 -10.66 6.07 0.88
C LYS A 89 -9.57 5.97 -0.18
N PHE A 90 -9.84 5.19 -1.23
CA PHE A 90 -8.89 5.03 -2.31
C PHE A 90 -9.54 4.33 -3.50
N SER A 91 -10.55 4.98 -4.08
CA SER A 91 -11.26 4.42 -5.22
C SER A 91 -11.60 5.51 -6.22
N SER A 92 -11.84 5.12 -7.47
CA SER A 92 -12.19 6.08 -8.51
C SER A 92 -13.59 6.64 -8.27
CA CA B . 8.47 0.98 -5.98
CA CA C . 9.80 -5.83 3.30
N GLY A 1 -14.52 -14.73 -13.13
CA GLY A 1 -13.85 -15.23 -14.37
C GLY A 1 -12.69 -14.31 -14.72
N HIS A 2 -12.07 -13.72 -13.69
CA HIS A 2 -10.94 -12.83 -13.90
C HIS A 2 -11.18 -11.92 -15.10
N MET A 3 -10.13 -11.27 -15.58
CA MET A 3 -10.24 -10.38 -16.72
C MET A 3 -11.36 -9.36 -16.49
N ASP A 4 -11.83 -9.28 -15.26
CA ASP A 4 -12.89 -8.34 -14.92
C ASP A 4 -12.80 -7.94 -13.45
N THR A 5 -12.16 -8.77 -12.65
CA THR A 5 -12.00 -8.50 -11.23
C THR A 5 -11.27 -7.17 -11.02
N ASP A 6 -12.03 -6.13 -10.73
CA ASP A 6 -11.46 -4.81 -10.51
C ASP A 6 -10.42 -4.86 -9.39
N ALA A 7 -10.75 -5.55 -8.31
CA ALA A 7 -9.84 -5.67 -7.18
C ALA A 7 -8.45 -6.08 -7.66
N GLU A 8 -8.38 -7.22 -8.34
CA GLU A 8 -7.09 -7.71 -8.84
C GLU A 8 -6.44 -6.65 -9.73
N GLU A 9 -7.18 -6.18 -10.73
CA GLU A 9 -6.65 -5.18 -11.64
C GLU A 9 -6.10 -3.99 -10.86
N GLU A 10 -6.87 -3.52 -9.88
CA GLU A 10 -6.45 -2.40 -9.06
C GLU A 10 -5.13 -2.71 -8.38
N LEU A 11 -5.02 -3.89 -7.79
CA LEU A 11 -3.80 -4.27 -7.10
C LEU A 11 -2.60 -4.12 -8.03
N LYS A 12 -2.71 -4.66 -9.24
CA LYS A 12 -1.62 -4.57 -10.19
C LYS A 12 -1.38 -3.13 -10.62
N GLU A 13 -2.45 -2.46 -11.04
CA GLU A 13 -2.34 -1.08 -11.48
C GLU A 13 -1.75 -0.21 -10.37
N ALA A 14 -2.36 -0.29 -9.19
CA ALA A 14 -1.89 0.48 -8.05
C ALA A 14 -0.43 0.15 -7.77
N PHE A 15 -0.12 -1.14 -7.72
CA PHE A 15 1.25 -1.57 -7.44
C PHE A 15 2.22 -0.88 -8.39
N LYS A 16 1.86 -0.83 -9.66
CA LYS A 16 2.72 -0.19 -10.66
C LYS A 16 2.92 1.29 -10.34
N VAL A 17 1.87 1.91 -9.80
CA VAL A 17 1.94 3.33 -9.44
C VAL A 17 2.90 3.54 -8.26
N PHE A 18 2.82 2.66 -7.28
CA PHE A 18 3.68 2.75 -6.11
C PHE A 18 5.14 2.53 -6.49
N ASP A 19 5.38 1.52 -7.33
CA ASP A 19 6.73 1.21 -7.76
C ASP A 19 7.19 2.17 -8.83
N LYS A 20 7.21 3.46 -8.49
CA LYS A 20 7.61 4.49 -9.43
C LYS A 20 9.00 4.18 -10.00
N ASP A 21 9.92 3.79 -9.12
CA ASP A 21 11.28 3.46 -9.55
C ASP A 21 11.28 2.21 -10.40
N GLN A 22 10.27 1.36 -10.21
CA GLN A 22 10.16 0.12 -10.96
C GLN A 22 11.23 -0.88 -10.50
N ASN A 23 11.48 -0.90 -9.19
CA ASN A 23 12.48 -1.81 -8.63
C ASN A 23 11.80 -2.97 -7.92
N GLY A 24 10.48 -3.05 -8.05
CA GLY A 24 9.72 -4.13 -7.43
C GLY A 24 9.70 -3.96 -5.91
N TYR A 25 9.94 -2.74 -5.44
CA TYR A 25 9.95 -2.45 -4.01
C TYR A 25 9.40 -1.07 -3.75
N ILE A 26 8.68 -0.93 -2.63
CA ILE A 26 8.09 0.37 -2.27
C ILE A 26 8.76 0.92 -1.02
N SER A 27 9.07 2.20 -1.04
CA SER A 27 9.73 2.85 0.09
C SER A 27 8.90 4.04 0.58
N ALA A 28 9.08 4.39 1.86
CA ALA A 28 8.34 5.50 2.45
C ALA A 28 8.26 6.67 1.47
N SER A 29 9.36 6.92 0.76
CA SER A 29 9.38 8.02 -0.20
C SER A 29 8.29 7.84 -1.25
N GLU A 30 8.22 6.64 -1.83
CA GLU A 30 7.22 6.36 -2.84
C GLU A 30 5.82 6.38 -2.24
N LEU A 31 5.69 5.77 -1.07
CA LEU A 31 4.40 5.72 -0.41
C LEU A 31 3.90 7.12 -0.08
N ARG A 32 4.78 7.93 0.50
CA ARG A 32 4.42 9.29 0.86
C ARG A 32 4.03 10.07 -0.38
N HIS A 33 4.83 9.96 -1.44
CA HIS A 33 4.55 10.69 -2.67
C HIS A 33 3.15 10.37 -3.18
N VAL A 34 2.77 9.11 -3.06
CA VAL A 34 1.44 8.68 -3.50
C VAL A 34 0.35 9.30 -2.63
N MET A 35 0.61 9.35 -1.32
CA MET A 35 -0.37 9.89 -0.40
C MET A 35 -0.62 11.37 -0.68
N ILE A 36 0.45 12.11 -0.94
CA ILE A 36 0.33 13.53 -1.24
C ILE A 36 -0.36 13.74 -2.57
N ASN A 37 0.04 12.96 -3.57
CA ASN A 37 -0.55 13.06 -4.90
C ASN A 37 -2.04 12.79 -4.83
N LEU A 38 -2.44 11.95 -3.88
CA LEU A 38 -3.86 11.62 -3.72
C LEU A 38 -4.60 12.75 -3.04
N GLY A 39 -3.90 13.84 -2.78
CA GLY A 39 -4.51 15.00 -2.13
C GLY A 39 -4.66 14.77 -0.64
N GLU A 40 -3.84 13.86 -0.10
CA GLU A 40 -3.88 13.56 1.33
C GLU A 40 -2.55 13.90 1.98
N LYS A 41 -2.59 14.56 3.13
CA LYS A 41 -1.38 14.95 3.84
C LYS A 41 -1.19 14.10 5.09
N LEU A 42 -0.30 13.11 5.00
CA LEU A 42 -0.02 12.23 6.13
C LEU A 42 1.39 12.44 6.64
N THR A 43 1.56 12.34 7.96
CA THR A 43 2.86 12.54 8.56
C THR A 43 3.78 11.35 8.30
N ASP A 44 5.07 11.58 8.35
CA ASP A 44 6.04 10.52 8.12
C ASP A 44 5.76 9.33 9.02
N GLU A 45 5.33 9.61 10.25
CA GLU A 45 5.02 8.55 11.20
C GLU A 45 4.03 7.57 10.60
N GLU A 46 2.99 8.10 9.96
CA GLU A 46 1.97 7.25 9.35
C GLU A 46 2.60 6.33 8.30
N VAL A 47 3.54 6.86 7.55
CA VAL A 47 4.23 6.09 6.54
C VAL A 47 5.14 5.03 7.17
N GLU A 48 5.86 5.43 8.22
CA GLU A 48 6.78 4.53 8.89
C GLU A 48 6.05 3.36 9.53
N GLN A 49 5.02 3.67 10.30
CA GLN A 49 4.25 2.63 10.97
C GLN A 49 3.61 1.70 9.96
N MET A 50 3.17 2.25 8.83
CA MET A 50 2.54 1.44 7.79
C MET A 50 3.56 0.44 7.22
N ILE A 51 4.79 0.88 7.03
CA ILE A 51 5.83 0.01 6.51
C ILE A 51 6.17 -1.08 7.51
N LYS A 52 6.29 -0.70 8.77
CA LYS A 52 6.64 -1.66 9.82
C LYS A 52 5.60 -2.77 9.89
N GLU A 53 4.33 -2.39 9.85
CA GLU A 53 3.26 -3.37 9.91
C GLU A 53 3.31 -4.29 8.70
N ALA A 54 3.50 -3.72 7.53
CA ALA A 54 3.57 -4.51 6.31
C ALA A 54 4.85 -5.34 6.24
N ASP A 55 5.97 -4.70 6.55
CA ASP A 55 7.26 -5.38 6.51
C ASP A 55 7.37 -6.39 7.64
N LEU A 56 7.70 -7.64 7.27
CA LEU A 56 7.86 -8.69 8.26
C LEU A 56 9.32 -8.90 8.58
N ASP A 57 10.20 -8.28 7.80
CA ASP A 57 11.64 -8.39 8.02
C ASP A 57 12.26 -7.03 8.24
N GLY A 58 11.42 -6.00 8.25
CA GLY A 58 11.91 -4.64 8.44
C GLY A 58 13.16 -4.37 7.61
N ASP A 59 13.05 -4.60 6.31
CA ASP A 59 14.18 -4.39 5.40
C ASP A 59 14.28 -2.92 5.01
N GLY A 60 13.20 -2.17 5.23
CA GLY A 60 13.17 -0.75 4.89
C GLY A 60 12.24 -0.47 3.72
N GLN A 61 11.82 -1.53 3.04
CA GLN A 61 10.91 -1.40 1.91
C GLN A 61 9.86 -2.50 1.93
N VAL A 62 8.71 -2.23 1.30
CA VAL A 62 7.63 -3.21 1.24
C VAL A 62 7.69 -3.99 -0.05
N ASN A 63 7.60 -5.32 0.07
CA ASN A 63 7.65 -6.20 -1.09
C ASN A 63 6.25 -6.40 -1.67
N TYR A 64 6.18 -6.79 -2.93
CA TYR A 64 4.90 -7.00 -3.59
C TYR A 64 4.01 -7.91 -2.74
N GLU A 65 4.60 -8.97 -2.20
CA GLU A 65 3.85 -9.91 -1.38
C GLU A 65 3.33 -9.21 -0.12
N GLU A 66 4.19 -8.44 0.51
CA GLU A 66 3.82 -7.71 1.72
C GLU A 66 2.66 -6.74 1.42
N PHE A 67 2.72 -6.12 0.27
CA PHE A 67 1.67 -5.18 -0.12
C PHE A 67 0.35 -5.91 -0.37
N VAL A 68 0.43 -7.02 -1.08
CA VAL A 68 -0.78 -7.79 -1.39
C VAL A 68 -1.49 -8.25 -0.12
N LYS A 69 -0.74 -8.94 0.74
CA LYS A 69 -1.31 -9.45 1.98
C LYS A 69 -1.89 -8.28 2.79
N MET A 70 -1.23 -7.13 2.72
CA MET A 70 -1.69 -5.96 3.45
C MET A 70 -3.05 -5.52 2.93
N MET A 71 -3.19 -5.49 1.62
CA MET A 71 -4.44 -5.09 1.02
C MET A 71 -5.55 -6.06 1.38
N MET A 72 -5.17 -7.31 1.64
CA MET A 72 -6.14 -8.33 2.01
C MET A 72 -6.31 -8.40 3.55
N THR A 73 -5.23 -8.78 4.22
CA THR A 73 -5.26 -8.93 5.67
C THR A 73 -5.99 -7.75 6.31
N VAL A 74 -5.90 -6.59 5.68
CA VAL A 74 -6.56 -5.40 6.20
C VAL A 74 -8.08 -5.60 6.21
N ARG A 75 -8.61 -6.11 5.11
CA ARG A 75 -10.04 -6.35 5.01
C ARG A 75 -10.46 -7.46 5.96
N GLY A 76 -10.69 -7.12 7.23
CA GLY A 76 -11.09 -8.10 8.23
C GLY A 76 -10.19 -8.02 9.46
N GLY A 77 -9.77 -6.81 9.81
CA GLY A 77 -8.90 -6.61 10.97
C GLY A 77 -7.43 -6.66 10.55
N GLY A 78 -6.57 -6.08 11.38
CA GLY A 78 -5.15 -6.06 11.09
C GLY A 78 -4.79 -4.85 10.24
N GLY A 79 -4.02 -5.08 9.18
CA GLY A 79 -3.62 -4.00 8.29
C GLY A 79 -2.88 -2.91 9.05
N GLY A 80 -3.62 -2.10 9.81
CA GLY A 80 -3.03 -1.02 10.59
C GLY A 80 -3.91 0.22 10.54
N ASN A 81 -3.44 1.30 11.16
CA ASN A 81 -4.19 2.55 11.17
C ASN A 81 -4.04 3.29 9.83
N GLY A 82 -2.81 3.29 9.32
CA GLY A 82 -2.52 3.96 8.05
C GLY A 82 -3.10 3.17 6.89
N TRP A 83 -2.90 1.86 6.91
CA TRP A 83 -3.39 1.00 5.83
C TRP A 83 -4.91 1.12 5.76
N SER A 84 -5.56 1.07 6.91
CA SER A 84 -7.03 1.17 6.96
C SER A 84 -7.47 2.50 6.38
N ARG A 85 -6.70 3.55 6.66
CA ARG A 85 -7.04 4.86 6.13
C ARG A 85 -6.97 4.86 4.60
N LEU A 86 -5.95 4.24 4.07
CA LEU A 86 -5.78 4.18 2.63
C LEU A 86 -6.88 3.33 2.00
N ARG A 87 -7.22 2.23 2.66
CA ARG A 87 -8.27 1.34 2.17
C ARG A 87 -9.64 1.93 2.44
N ARG A 88 -9.70 2.89 3.33
CA ARG A 88 -10.98 3.51 3.67
C ARG A 88 -11.57 4.17 2.43
N LYS A 89 -10.83 5.13 1.87
CA LYS A 89 -11.30 5.83 0.69
C LYS A 89 -11.69 4.84 -0.38
N PHE A 90 -10.73 4.50 -1.28
CA PHE A 90 -10.96 3.55 -2.38
C PHE A 90 -12.41 3.04 -2.35
N SER A 91 -12.58 1.80 -1.91
CA SER A 91 -13.91 1.23 -1.82
C SER A 91 -14.71 1.52 -3.09
N SER A 92 -16.00 1.77 -2.93
CA SER A 92 -16.86 2.07 -4.07
C SER A 92 -18.24 2.53 -3.60
CA CA B . 9.62 1.05 -6.72
CA CA C . 9.75 -5.86 3.83
N GLY A 1 -19.98 -8.08 -15.55
CA GLY A 1 -19.92 -7.92 -14.07
C GLY A 1 -18.66 -8.59 -13.55
N HIS A 2 -17.97 -9.31 -14.42
CA HIS A 2 -16.74 -9.99 -14.03
C HIS A 2 -15.96 -10.46 -15.26
N MET A 3 -15.49 -9.51 -16.05
CA MET A 3 -14.74 -9.84 -17.25
C MET A 3 -13.43 -10.52 -16.90
N ASP A 4 -12.76 -10.01 -15.86
CA ASP A 4 -11.49 -10.59 -15.41
C ASP A 4 -11.26 -10.30 -13.94
N THR A 5 -10.36 -11.07 -13.33
CA THR A 5 -10.06 -10.89 -11.92
C THR A 5 -9.80 -9.42 -11.61
N ASP A 6 -10.86 -8.71 -11.23
CA ASP A 6 -10.73 -7.29 -10.92
C ASP A 6 -9.70 -7.07 -9.82
N ALA A 7 -9.79 -7.86 -8.76
CA ALA A 7 -8.86 -7.73 -7.65
C ALA A 7 -7.42 -7.76 -8.15
N GLU A 8 -7.05 -8.84 -8.83
CA GLU A 8 -5.70 -8.98 -9.35
C GLU A 8 -5.30 -7.73 -10.12
N GLU A 9 -6.20 -7.23 -10.96
CA GLU A 9 -5.93 -6.03 -11.75
C GLU A 9 -5.83 -4.81 -10.84
N GLU A 10 -6.68 -4.76 -9.83
CA GLU A 10 -6.68 -3.63 -8.90
C GLU A 10 -5.34 -3.52 -8.18
N LEU A 11 -4.95 -4.60 -7.52
CA LEU A 11 -3.71 -4.62 -6.78
C LEU A 11 -2.52 -4.41 -7.71
N LYS A 12 -2.56 -5.05 -8.87
CA LYS A 12 -1.47 -4.93 -9.83
C LYS A 12 -1.34 -3.50 -10.35
N GLU A 13 -2.46 -2.93 -10.79
CA GLU A 13 -2.46 -1.58 -11.31
C GLU A 13 -2.01 -0.59 -10.23
N ALA A 14 -2.61 -0.70 -9.05
CA ALA A 14 -2.27 0.18 -7.95
C ALA A 14 -0.80 0.04 -7.59
N PHE A 15 -0.35 -1.21 -7.43
CA PHE A 15 1.04 -1.47 -7.06
C PHE A 15 1.98 -0.83 -8.07
N LYS A 16 1.60 -0.91 -9.35
CA LYS A 16 2.43 -0.33 -10.41
C LYS A 16 2.55 1.18 -10.21
N VAL A 17 1.49 1.79 -9.68
CA VAL A 17 1.51 3.24 -9.43
C VAL A 17 2.42 3.56 -8.25
N PHE A 18 2.35 2.75 -7.20
CA PHE A 18 3.18 2.96 -6.02
C PHE A 18 4.65 2.74 -6.35
N ASP A 19 4.93 1.67 -7.10
CA ASP A 19 6.31 1.36 -7.47
C ASP A 19 6.75 2.23 -8.63
N LYS A 20 6.86 3.53 -8.37
CA LYS A 20 7.28 4.47 -9.41
C LYS A 20 8.64 4.08 -9.96
N ASP A 21 9.57 3.74 -9.05
CA ASP A 21 10.91 3.36 -9.45
C ASP A 21 10.87 2.06 -10.26
N GLN A 22 9.73 1.37 -10.22
CA GLN A 22 9.58 0.12 -10.96
C GLN A 22 10.64 -0.88 -10.53
N ASN A 23 11.04 -0.81 -9.26
CA ASN A 23 12.06 -1.73 -8.73
C ASN A 23 11.40 -2.91 -8.02
N GLY A 24 10.07 -2.98 -8.11
CA GLY A 24 9.33 -4.06 -7.48
C GLY A 24 9.11 -3.79 -6.00
N TYR A 25 9.95 -2.92 -5.44
CA TYR A 25 9.84 -2.55 -4.02
C TYR A 25 9.36 -1.13 -3.87
N ILE A 26 8.60 -0.88 -2.80
CA ILE A 26 8.06 0.45 -2.53
C ILE A 26 8.75 1.05 -1.31
N SER A 27 9.14 2.33 -1.42
CA SER A 27 9.82 3.02 -0.32
C SER A 27 8.85 3.97 0.38
N ALA A 28 9.39 4.81 1.25
CA ALA A 28 8.57 5.77 1.99
C ALA A 28 8.30 7.01 1.15
N SER A 29 9.32 7.44 0.40
CA SER A 29 9.17 8.63 -0.44
C SER A 29 8.01 8.47 -1.41
N GLU A 30 7.90 7.29 -2.01
CA GLU A 30 6.83 7.02 -2.95
C GLU A 30 5.47 7.03 -2.26
N LEU A 31 5.41 6.39 -1.10
CA LEU A 31 4.16 6.31 -0.36
C LEU A 31 3.69 7.71 0.05
N ARG A 32 4.62 8.51 0.56
CA ARG A 32 4.29 9.87 0.98
C ARG A 32 3.80 10.68 -0.22
N HIS A 33 4.52 10.59 -1.32
CA HIS A 33 4.17 11.34 -2.52
C HIS A 33 2.75 11.01 -2.95
N VAL A 34 2.40 9.75 -2.90
CA VAL A 34 1.06 9.31 -3.28
C VAL A 34 0.02 9.88 -2.33
N MET A 35 0.34 9.88 -1.04
CA MET A 35 -0.59 10.39 -0.04
C MET A 35 -0.88 11.87 -0.28
N ILE A 36 0.16 12.62 -0.61
CA ILE A 36 0.00 14.05 -0.87
C ILE A 36 -0.81 14.27 -2.13
N ASN A 37 -0.50 13.50 -3.17
CA ASN A 37 -1.21 13.62 -4.44
C ASN A 37 -2.70 13.36 -4.22
N LEU A 38 -3.02 12.53 -3.24
CA LEU A 38 -4.41 12.22 -2.93
C LEU A 38 -5.04 13.31 -2.09
N GLY A 39 -4.27 14.37 -1.83
CA GLY A 39 -4.76 15.49 -1.04
C GLY A 39 -4.72 15.16 0.44
N GLU A 40 -3.85 14.23 0.82
CA GLU A 40 -3.70 13.83 2.22
C GLU A 40 -2.31 14.11 2.72
N LYS A 41 -2.22 14.69 3.91
CA LYS A 41 -0.92 15.03 4.50
C LYS A 41 -0.64 14.12 5.69
N LEU A 42 0.20 13.11 5.48
CA LEU A 42 0.56 12.16 6.54
C LEU A 42 1.98 12.42 7.02
N THR A 43 2.20 12.20 8.31
CA THR A 43 3.53 12.41 8.88
C THR A 43 4.42 11.20 8.62
N ASP A 44 5.73 11.43 8.64
CA ASP A 44 6.69 10.36 8.39
C ASP A 44 6.38 9.15 9.27
N GLU A 45 5.99 9.42 10.52
CA GLU A 45 5.67 8.34 11.45
C GLU A 45 4.65 7.40 10.84
N GLU A 46 3.62 7.96 10.22
CA GLU A 46 2.57 7.15 9.60
C GLU A 46 3.16 6.23 8.53
N VAL A 47 4.11 6.76 7.77
CA VAL A 47 4.76 5.98 6.72
C VAL A 47 5.62 4.89 7.33
N GLU A 48 6.32 5.23 8.41
CA GLU A 48 7.22 4.28 9.06
C GLU A 48 6.44 3.12 9.67
N GLN A 49 5.42 3.44 10.45
CA GLN A 49 4.61 2.42 11.11
C GLN A 49 3.90 1.57 10.06
N MET A 50 3.63 2.17 8.90
CA MET A 50 2.98 1.43 7.82
C MET A 50 3.93 0.43 7.18
N ILE A 51 5.17 0.87 6.92
CA ILE A 51 6.17 0.00 6.32
C ILE A 51 6.55 -1.13 7.25
N LYS A 52 6.81 -0.79 8.50
CA LYS A 52 7.19 -1.79 9.49
C LYS A 52 6.06 -2.80 9.67
N GLU A 53 4.84 -2.28 9.81
CA GLU A 53 3.69 -3.14 10.00
C GLU A 53 3.54 -4.06 8.80
N ALA A 54 3.67 -3.49 7.62
CA ALA A 54 3.54 -4.28 6.39
C ALA A 54 4.75 -5.18 6.21
N ASP A 55 5.93 -4.63 6.43
CA ASP A 55 7.17 -5.39 6.28
C ASP A 55 7.37 -6.29 7.49
N LEU A 56 7.68 -7.56 7.22
CA LEU A 56 7.91 -8.53 8.30
C LEU A 56 9.39 -8.85 8.43
N ASP A 57 10.20 -8.31 7.51
CA ASP A 57 11.64 -8.56 7.53
C ASP A 57 12.38 -7.31 8.01
N GLY A 58 11.63 -6.27 8.36
CA GLY A 58 12.22 -5.03 8.83
C GLY A 58 13.35 -4.59 7.91
N ASP A 59 13.12 -4.68 6.61
CA ASP A 59 14.13 -4.29 5.62
C ASP A 59 13.96 -2.82 5.24
N GLY A 60 12.77 -2.29 5.47
CA GLY A 60 12.49 -0.89 5.15
C GLY A 60 11.90 -0.77 3.74
N GLN A 61 11.77 -1.91 3.06
CA GLN A 61 11.23 -1.92 1.70
C GLN A 61 10.06 -2.89 1.60
N VAL A 62 8.92 -2.37 1.17
CA VAL A 62 7.72 -3.20 1.04
C VAL A 62 7.76 -4.00 -0.26
N ASN A 63 7.71 -5.33 -0.13
CA ASN A 63 7.75 -6.19 -1.30
C ASN A 63 6.34 -6.41 -1.84
N TYR A 64 6.26 -6.77 -3.12
CA TYR A 64 4.96 -7.00 -3.75
C TYR A 64 4.13 -8.00 -2.95
N GLU A 65 4.75 -9.11 -2.58
CA GLU A 65 4.06 -10.14 -1.81
C GLU A 65 3.57 -9.58 -0.47
N GLU A 66 4.42 -8.78 0.17
CA GLU A 66 4.06 -8.18 1.45
C GLU A 66 2.83 -7.28 1.30
N PHE A 67 2.74 -6.61 0.16
CA PHE A 67 1.61 -5.72 -0.12
C PHE A 67 0.33 -6.52 -0.31
N VAL A 68 0.42 -7.61 -1.07
CA VAL A 68 -0.76 -8.43 -1.34
C VAL A 68 -1.35 -8.98 -0.05
N LYS A 69 -0.51 -9.64 0.75
CA LYS A 69 -0.98 -10.20 2.01
C LYS A 69 -1.54 -9.13 2.91
N MET A 70 -0.91 -7.96 2.91
CA MET A 70 -1.36 -6.86 3.73
C MET A 70 -2.74 -6.41 3.31
N MET A 71 -2.97 -6.33 2.02
CA MET A 71 -4.27 -5.92 1.50
C MET A 71 -5.33 -6.96 1.79
N MET A 72 -4.91 -8.22 1.85
CA MET A 72 -5.84 -9.31 2.13
C MET A 72 -6.33 -9.27 3.58
N THR A 73 -5.38 -9.08 4.50
CA THR A 73 -5.73 -9.02 5.92
C THR A 73 -6.43 -7.70 6.25
N VAL A 74 -6.13 -6.68 5.48
CA VAL A 74 -6.73 -5.36 5.70
C VAL A 74 -8.24 -5.44 5.52
N ARG A 75 -8.71 -6.51 4.90
CA ARG A 75 -10.13 -6.67 4.64
C ARG A 75 -10.94 -6.19 5.84
N GLY A 76 -11.76 -5.16 5.62
CA GLY A 76 -12.57 -4.59 6.69
C GLY A 76 -11.74 -3.65 7.55
N GLY A 77 -10.76 -4.19 8.26
CA GLY A 77 -9.91 -3.39 9.12
C GLY A 77 -8.93 -4.26 9.89
N GLY A 78 -8.06 -4.95 9.15
CA GLY A 78 -7.06 -5.83 9.77
C GLY A 78 -5.65 -5.33 9.46
N GLY A 79 -5.46 -4.02 9.51
CA GLY A 79 -4.14 -3.43 9.24
C GLY A 79 -3.90 -2.23 10.14
N GLY A 80 -2.73 -1.63 10.00
CA GLY A 80 -2.38 -0.46 10.81
C GLY A 80 -3.38 0.65 10.62
N ASN A 81 -2.99 1.87 10.98
CA ASN A 81 -3.87 3.03 10.85
C ASN A 81 -3.71 3.67 9.47
N GLY A 82 -2.51 3.55 8.90
CA GLY A 82 -2.24 4.12 7.59
C GLY A 82 -2.89 3.29 6.48
N TRP A 83 -2.80 1.97 6.61
CA TRP A 83 -3.36 1.07 5.61
C TRP A 83 -4.87 1.19 5.58
N SER A 84 -5.48 1.19 6.76
CA SER A 84 -6.92 1.31 6.87
C SER A 84 -7.38 2.65 6.29
N ARG A 85 -6.59 3.70 6.52
CA ARG A 85 -6.93 5.01 6.01
C ARG A 85 -6.93 5.02 4.48
N LEU A 86 -5.94 4.39 3.91
CA LEU A 86 -5.83 4.33 2.45
C LEU A 86 -6.94 3.45 1.88
N ARG A 87 -7.24 2.36 2.56
CA ARG A 87 -8.27 1.44 2.11
C ARG A 87 -9.66 2.00 2.38
N ARG A 88 -9.72 3.00 3.25
CA ARG A 88 -11.00 3.61 3.58
C ARG A 88 -11.49 4.50 2.46
N LYS A 89 -10.61 5.33 1.93
CA LYS A 89 -10.96 6.24 0.84
C LYS A 89 -11.01 5.49 -0.49
N PHE A 90 -10.92 4.16 -0.41
CA PHE A 90 -10.95 3.34 -1.62
C PHE A 90 -12.33 2.72 -1.82
N SER A 91 -13.36 3.50 -1.53
CA SER A 91 -14.73 3.02 -1.68
C SER A 91 -14.96 1.77 -0.82
N SER A 92 -16.17 1.63 -0.31
CA SER A 92 -16.51 0.47 0.52
C SER A 92 -18.00 0.43 0.80
CA CA B . 9.41 1.58 -6.19
CA CA C . 10.25 -6.46 2.71
N GLY A 1 -20.01 -8.23 -21.16
CA GLY A 1 -19.58 -8.70 -19.81
C GLY A 1 -18.06 -8.78 -19.77
N HIS A 2 -17.40 -7.65 -19.97
CA HIS A 2 -15.94 -7.59 -19.95
C HIS A 2 -15.44 -7.41 -18.53
N MET A 3 -14.11 -7.50 -18.36
CA MET A 3 -13.51 -7.35 -17.04
C MET A 3 -14.12 -8.34 -16.06
N ASP A 4 -13.39 -8.62 -14.98
CA ASP A 4 -13.86 -9.56 -13.96
C ASP A 4 -13.52 -9.05 -12.57
N THR A 5 -12.51 -9.68 -11.95
CA THR A 5 -12.10 -9.29 -10.61
C THR A 5 -11.41 -7.92 -10.63
N ASP A 6 -12.20 -6.87 -10.48
CA ASP A 6 -11.66 -5.52 -10.48
C ASP A 6 -10.67 -5.33 -9.34
N ALA A 7 -10.96 -5.98 -8.21
CA ALA A 7 -10.08 -5.87 -7.05
C ALA A 7 -8.64 -6.22 -7.44
N GLU A 8 -8.45 -7.41 -8.00
CA GLU A 8 -7.12 -7.85 -8.42
C GLU A 8 -6.46 -6.78 -9.29
N GLU A 9 -7.22 -6.23 -10.23
CA GLU A 9 -6.70 -5.20 -11.12
C GLU A 9 -6.24 -4.00 -10.31
N GLU A 10 -7.02 -3.62 -9.29
CA GLU A 10 -6.68 -2.48 -8.46
C GLU A 10 -5.32 -2.69 -7.81
N LEU A 11 -5.12 -3.86 -7.22
CA LEU A 11 -3.85 -4.17 -6.56
C LEU A 11 -2.71 -4.05 -7.55
N LYS A 12 -2.93 -4.54 -8.76
CA LYS A 12 -1.87 -4.48 -9.77
C LYS A 12 -1.63 -3.03 -10.21
N GLU A 13 -2.70 -2.34 -10.58
CA GLU A 13 -2.57 -0.96 -11.02
C GLU A 13 -1.93 -0.11 -9.93
N ALA A 14 -2.45 -0.25 -8.71
CA ALA A 14 -1.92 0.51 -7.58
C ALA A 14 -0.44 0.19 -7.39
N PHE A 15 -0.10 -1.08 -7.42
CA PHE A 15 1.28 -1.49 -7.23
C PHE A 15 2.18 -0.72 -8.19
N LYS A 16 1.78 -0.65 -9.45
CA LYS A 16 2.57 0.06 -10.45
C LYS A 16 2.67 1.55 -10.09
N VAL A 17 1.61 2.08 -9.49
CA VAL A 17 1.60 3.48 -9.09
C VAL A 17 2.58 3.74 -7.95
N PHE A 18 2.60 2.82 -6.98
CA PHE A 18 3.49 2.95 -5.84
C PHE A 18 4.92 2.65 -6.25
N ASP A 19 5.09 1.63 -7.10
CA ASP A 19 6.41 1.24 -7.57
C ASP A 19 6.86 2.14 -8.72
N LYS A 20 6.89 3.44 -8.46
CA LYS A 20 7.30 4.40 -9.48
C LYS A 20 8.69 4.08 -9.99
N ASP A 21 9.60 3.79 -9.07
CA ASP A 21 10.98 3.46 -9.45
C ASP A 21 11.03 2.15 -10.20
N GLN A 22 9.95 1.36 -10.11
CA GLN A 22 9.88 0.08 -10.77
C GLN A 22 11.03 -0.83 -10.33
N ASN A 23 11.44 -0.68 -9.07
CA ASN A 23 12.53 -1.48 -8.52
C ASN A 23 11.98 -2.73 -7.84
N GLY A 24 10.66 -2.84 -7.79
CA GLY A 24 10.01 -3.99 -7.18
C GLY A 24 10.04 -3.88 -5.66
N TYR A 25 10.39 -2.70 -5.16
CA TYR A 25 10.44 -2.46 -3.72
C TYR A 25 9.94 -1.07 -3.40
N ILE A 26 8.84 -0.99 -2.66
CA ILE A 26 8.25 0.29 -2.28
C ILE A 26 8.88 0.82 -1.00
N SER A 27 9.11 2.14 -0.97
CA SER A 27 9.71 2.78 0.21
C SER A 27 8.76 3.83 0.79
N ALA A 28 9.31 4.71 1.61
CA ALA A 28 8.50 5.75 2.24
C ALA A 28 8.33 6.94 1.31
N SER A 29 9.38 7.24 0.55
CA SER A 29 9.34 8.37 -0.37
C SER A 29 8.21 8.18 -1.39
N GLU A 30 8.09 6.97 -1.92
CA GLU A 30 7.06 6.70 -2.91
C GLU A 30 5.68 6.74 -2.28
N LEU A 31 5.55 6.14 -1.11
CA LEU A 31 4.26 6.11 -0.43
C LEU A 31 3.79 7.53 -0.11
N ARG A 32 4.70 8.35 0.38
CA ARG A 32 4.37 9.73 0.72
C ARG A 32 3.98 10.51 -0.54
N HIS A 33 4.73 10.29 -1.61
CA HIS A 33 4.46 10.99 -2.86
C HIS A 33 3.07 10.67 -3.37
N VAL A 34 2.72 9.40 -3.34
CA VAL A 34 1.41 8.96 -3.81
C VAL A 34 0.31 9.52 -2.91
N MET A 35 0.54 9.49 -1.61
CA MET A 35 -0.44 9.98 -0.66
C MET A 35 -0.72 11.45 -0.88
N ILE A 36 0.33 12.21 -1.16
CA ILE A 36 0.18 13.64 -1.41
C ILE A 36 -0.59 13.88 -2.70
N ASN A 37 -0.24 13.12 -3.73
CA ASN A 37 -0.89 13.25 -5.03
C ASN A 37 -2.38 12.97 -4.88
N LEU A 38 -2.73 12.12 -3.92
CA LEU A 38 -4.13 11.78 -3.68
C LEU A 38 -4.83 12.88 -2.89
N GLY A 39 -4.10 13.96 -2.63
CA GLY A 39 -4.67 15.08 -1.88
C GLY A 39 -4.72 14.76 -0.40
N GLU A 40 -3.87 13.84 0.05
CA GLU A 40 -3.83 13.45 1.46
C GLU A 40 -2.48 13.78 2.06
N LYS A 41 -2.50 14.34 3.26
CA LYS A 41 -1.26 14.71 3.95
C LYS A 41 -1.12 13.93 5.25
N LEU A 42 -0.25 12.92 5.23
CA LEU A 42 -0.02 12.07 6.40
C LEU A 42 1.35 12.33 6.97
N THR A 43 1.50 12.08 8.26
CA THR A 43 2.77 12.31 8.93
C THR A 43 3.72 11.14 8.66
N ASP A 44 5.01 11.41 8.73
CA ASP A 44 6.01 10.39 8.49
C ASP A 44 5.71 9.15 9.31
N GLU A 45 5.18 9.36 10.51
CA GLU A 45 4.85 8.24 11.39
C GLU A 45 3.90 7.26 10.70
N GLU A 46 2.94 7.81 9.96
CA GLU A 46 1.97 6.98 9.25
C GLU A 46 2.68 6.12 8.21
N VAL A 47 3.63 6.71 7.50
CA VAL A 47 4.37 5.97 6.50
C VAL A 47 5.22 4.88 7.14
N GLU A 48 5.86 5.22 8.25
CA GLU A 48 6.71 4.27 8.94
C GLU A 48 5.91 3.11 9.52
N GLN A 49 4.85 3.44 10.25
CA GLN A 49 4.00 2.41 10.85
C GLN A 49 3.47 1.46 9.79
N MET A 50 3.22 2.00 8.61
CA MET A 50 2.69 1.20 7.52
C MET A 50 3.75 0.25 6.97
N ILE A 51 4.97 0.77 6.81
CA ILE A 51 6.07 -0.02 6.29
C ILE A 51 6.47 -1.14 7.25
N LYS A 52 6.67 -0.77 8.51
CA LYS A 52 7.06 -1.75 9.51
C LYS A 52 6.00 -2.83 9.65
N GLU A 53 4.73 -2.42 9.64
CA GLU A 53 3.63 -3.38 9.76
C GLU A 53 3.67 -4.35 8.58
N ALA A 54 3.72 -3.81 7.38
CA ALA A 54 3.76 -4.64 6.17
C ALA A 54 5.05 -5.45 6.13
N ASP A 55 6.15 -4.81 6.49
CA ASP A 55 7.45 -5.47 6.47
C ASP A 55 7.57 -6.43 7.64
N LEU A 56 7.86 -7.69 7.34
CA LEU A 56 8.01 -8.71 8.38
C LEU A 56 9.47 -8.88 8.75
N ASP A 57 10.35 -8.23 8.00
CA ASP A 57 11.78 -8.31 8.25
C ASP A 57 12.37 -6.91 8.46
N GLY A 58 11.50 -5.91 8.48
CA GLY A 58 11.95 -4.53 8.67
C GLY A 58 13.17 -4.24 7.82
N ASP A 59 13.04 -4.43 6.51
CA ASP A 59 14.14 -4.19 5.59
C ASP A 59 14.16 -2.74 5.11
N GLY A 60 13.15 -1.97 5.55
CA GLY A 60 13.07 -0.56 5.18
C GLY A 60 12.25 -0.38 3.91
N GLN A 61 11.86 -1.50 3.29
CA GLN A 61 11.07 -1.47 2.06
C GLN A 61 9.99 -2.53 2.10
N VAL A 62 8.99 -2.38 1.25
CA VAL A 62 7.88 -3.33 1.18
C VAL A 62 7.92 -4.10 -0.13
N ASN A 63 7.85 -5.43 -0.04
CA ASN A 63 7.88 -6.28 -1.22
C ASN A 63 6.47 -6.47 -1.77
N TYR A 64 6.38 -6.79 -3.06
CA TYR A 64 5.08 -6.99 -3.69
C TYR A 64 4.25 -7.99 -2.89
N GLU A 65 4.87 -9.08 -2.48
CA GLU A 65 4.16 -10.10 -1.71
C GLU A 65 3.61 -9.52 -0.42
N GLU A 66 4.42 -8.68 0.23
CA GLU A 66 4.00 -8.05 1.47
C GLU A 66 2.81 -7.11 1.23
N PHE A 67 2.83 -6.44 0.09
CA PHE A 67 1.75 -5.53 -0.24
C PHE A 67 0.44 -6.28 -0.48
N VAL A 68 0.51 -7.34 -1.28
CA VAL A 68 -0.68 -8.12 -1.58
C VAL A 68 -1.32 -8.70 -0.32
N LYS A 69 -0.52 -9.44 0.44
CA LYS A 69 -1.03 -10.05 1.66
C LYS A 69 -1.61 -8.99 2.59
N MET A 70 -0.94 -7.84 2.65
CA MET A 70 -1.40 -6.75 3.51
C MET A 70 -2.75 -6.23 3.05
N MET A 71 -2.89 -6.06 1.75
CA MET A 71 -4.14 -5.56 1.18
C MET A 71 -5.27 -6.51 1.52
N MET A 72 -4.96 -7.79 1.65
CA MET A 72 -5.97 -8.79 1.98
C MET A 72 -6.27 -8.79 3.48
N THR A 73 -5.23 -8.94 4.29
CA THR A 73 -5.38 -8.97 5.74
C THR A 73 -6.27 -7.81 6.21
N VAL A 74 -6.26 -6.72 5.44
CA VAL A 74 -7.08 -5.57 5.78
C VAL A 74 -8.55 -5.95 5.86
N ARG A 75 -8.87 -7.17 5.44
CA ARG A 75 -10.26 -7.64 5.48
C ARG A 75 -10.99 -7.08 6.69
N GLY A 76 -11.70 -5.98 6.48
CA GLY A 76 -12.43 -5.32 7.57
C GLY A 76 -11.48 -4.49 8.42
N GLY A 77 -10.57 -5.17 9.13
CA GLY A 77 -9.61 -4.48 9.99
C GLY A 77 -8.22 -5.09 9.82
N GLY A 78 -7.35 -4.82 10.79
CA GLY A 78 -5.99 -5.34 10.73
C GLY A 78 -5.16 -4.61 9.70
N GLY A 79 -3.87 -4.94 9.63
CA GLY A 79 -2.98 -4.30 8.67
C GLY A 79 -2.30 -3.08 9.28
N GLY A 80 -3.09 -2.25 9.95
CA GLY A 80 -2.56 -1.04 10.58
C GLY A 80 -3.56 0.11 10.46
N ASN A 81 -3.17 1.28 10.95
CA ASN A 81 -4.03 2.46 10.88
C ASN A 81 -3.85 3.18 9.55
N GLY A 82 -2.63 3.16 9.03
CA GLY A 82 -2.34 3.81 7.76
C GLY A 82 -2.92 3.03 6.59
N TRP A 83 -2.71 1.71 6.61
CA TRP A 83 -3.21 0.85 5.54
C TRP A 83 -4.72 0.97 5.45
N SER A 84 -5.38 1.01 6.62
CA SER A 84 -6.83 1.13 6.67
C SER A 84 -7.26 2.45 6.05
N ARG A 85 -6.49 3.52 6.33
CA ARG A 85 -6.80 4.83 5.77
C ARG A 85 -6.71 4.80 4.24
N LEU A 86 -5.69 4.15 3.72
CA LEU A 86 -5.52 4.05 2.28
C LEU A 86 -6.57 3.14 1.67
N ARG A 87 -6.80 2.00 2.32
CA ARG A 87 -7.76 1.03 1.83
C ARG A 87 -9.17 1.59 1.93
N ARG A 88 -9.33 2.66 2.69
CA ARG A 88 -10.64 3.28 2.85
C ARG A 88 -10.88 4.29 1.72
N LYS A 89 -9.85 5.03 1.36
CA LYS A 89 -9.97 6.03 0.30
C LYS A 89 -10.22 5.37 -1.04
N PHE A 90 -10.27 4.05 -1.04
CA PHE A 90 -10.52 3.29 -2.27
C PHE A 90 -11.93 2.75 -2.29
N SER A 91 -12.07 1.45 -2.00
CA SER A 91 -13.38 0.81 -1.99
C SER A 91 -14.26 1.35 -3.12
N SER A 92 -13.62 1.72 -4.22
CA SER A 92 -14.35 2.25 -5.37
C SER A 92 -15.62 1.45 -5.62
CA CA B . 8.95 0.86 -5.78
CA CA C . 10.17 -5.70 4.07
N GLY A 1 -10.31 -10.88 -21.01
CA GLY A 1 -11.63 -10.74 -20.33
C GLY A 1 -12.32 -12.10 -20.26
N HIS A 2 -11.94 -12.90 -19.27
CA HIS A 2 -12.53 -14.22 -19.10
C HIS A 2 -12.45 -14.67 -17.65
N MET A 3 -13.57 -14.58 -16.94
CA MET A 3 -13.60 -14.97 -15.53
C MET A 3 -12.34 -14.51 -14.81
N ASP A 4 -12.37 -13.29 -14.30
CA ASP A 4 -11.23 -12.74 -13.58
C ASP A 4 -11.69 -11.76 -12.51
N THR A 5 -10.88 -11.62 -11.46
CA THR A 5 -11.22 -10.70 -10.37
C THR A 5 -10.44 -9.40 -10.50
N ASP A 6 -11.15 -8.29 -10.40
CA ASP A 6 -10.54 -6.98 -10.52
C ASP A 6 -9.53 -6.77 -9.40
N ALA A 7 -9.86 -7.23 -8.20
CA ALA A 7 -8.98 -7.08 -7.05
C ALA A 7 -7.53 -7.34 -7.46
N GLU A 8 -7.29 -8.52 -8.03
CA GLU A 8 -5.94 -8.88 -8.46
C GLU A 8 -5.39 -7.83 -9.41
N GLU A 9 -6.18 -7.43 -10.39
CA GLU A 9 -5.76 -6.42 -11.35
C GLU A 9 -5.44 -5.11 -10.64
N GLU A 10 -6.28 -4.74 -9.69
CA GLU A 10 -6.07 -3.50 -8.94
C GLU A 10 -4.73 -3.54 -8.22
N LEU A 11 -4.45 -4.64 -7.55
CA LEU A 11 -3.19 -4.79 -6.82
C LEU A 11 -2.01 -4.62 -7.76
N LYS A 12 -2.09 -5.25 -8.92
CA LYS A 12 -1.01 -5.16 -9.90
C LYS A 12 -0.90 -3.76 -10.48
N GLU A 13 -2.01 -3.26 -11.01
CA GLU A 13 -2.03 -1.93 -11.61
C GLU A 13 -1.71 -0.86 -10.58
N ALA A 14 -2.38 -0.94 -9.43
CA ALA A 14 -2.16 0.03 -8.37
C ALA A 14 -0.72 -0.03 -7.85
N PHE A 15 -0.25 -1.23 -7.57
CA PHE A 15 1.11 -1.41 -7.07
C PHE A 15 2.13 -0.99 -8.11
N LYS A 16 1.74 -1.07 -9.39
CA LYS A 16 2.65 -0.72 -10.47
C LYS A 16 2.85 0.78 -10.57
N VAL A 17 1.79 1.54 -10.26
CA VAL A 17 1.87 3.00 -10.32
C VAL A 17 2.48 3.56 -9.04
N PHE A 18 2.29 2.84 -7.93
CA PHE A 18 2.82 3.29 -6.65
C PHE A 18 4.35 3.32 -6.69
N ASP A 19 4.94 2.27 -7.27
CA ASP A 19 6.38 2.19 -7.34
C ASP A 19 6.90 3.01 -8.53
N LYS A 20 7.10 4.30 -8.30
CA LYS A 20 7.59 5.18 -9.35
C LYS A 20 8.94 4.71 -9.87
N ASP A 21 9.83 4.36 -8.95
CA ASP A 21 11.16 3.89 -9.31
C ASP A 21 11.06 2.60 -10.12
N GLN A 22 9.90 1.94 -10.04
CA GLN A 22 9.70 0.69 -10.75
C GLN A 22 10.80 -0.31 -10.41
N ASN A 23 11.27 -0.26 -9.17
CA ASN A 23 12.33 -1.16 -8.72
C ASN A 23 11.73 -2.47 -8.22
N GLY A 24 10.41 -2.58 -8.28
CA GLY A 24 9.73 -3.79 -7.82
C GLY A 24 9.28 -3.66 -6.38
N TYR A 25 9.87 -2.69 -5.67
CA TYR A 25 9.53 -2.47 -4.26
C TYR A 25 9.10 -1.03 -4.04
N ILE A 26 8.31 -0.80 -3.00
CA ILE A 26 7.83 0.54 -2.69
C ILE A 26 8.57 1.10 -1.49
N SER A 27 9.05 2.34 -1.62
CA SER A 27 9.80 2.99 -0.53
C SER A 27 8.99 4.15 0.04
N ALA A 28 9.20 4.41 1.33
CA ALA A 28 8.49 5.50 2.00
C ALA A 28 8.44 6.73 1.10
N SER A 29 9.51 6.98 0.37
CA SER A 29 9.57 8.14 -0.51
C SER A 29 8.43 8.09 -1.54
N GLU A 30 8.25 6.93 -2.16
CA GLU A 30 7.18 6.77 -3.14
C GLU A 30 5.81 6.85 -2.46
N LEU A 31 5.69 6.22 -1.30
CA LEU A 31 4.45 6.21 -0.57
C LEU A 31 4.08 7.62 -0.13
N ARG A 32 5.04 8.34 0.43
CA ARG A 32 4.80 9.70 0.87
C ARG A 32 4.37 10.59 -0.28
N HIS A 33 5.12 10.50 -1.38
CA HIS A 33 4.81 11.32 -2.55
C HIS A 33 3.40 11.06 -3.05
N VAL A 34 3.04 9.79 -3.12
CA VAL A 34 1.70 9.40 -3.58
C VAL A 34 0.65 9.88 -2.59
N MET A 35 0.94 9.77 -1.31
CA MET A 35 0.00 10.18 -0.28
C MET A 35 -0.28 11.68 -0.36
N ILE A 36 0.78 12.46 -0.55
CA ILE A 36 0.64 13.90 -0.66
C ILE A 36 -0.16 14.27 -1.90
N ASN A 37 0.15 13.62 -3.01
CA ASN A 37 -0.55 13.88 -4.26
C ASN A 37 -2.02 13.53 -4.13
N LEU A 38 -2.31 12.57 -3.25
CA LEU A 38 -3.70 12.15 -3.04
C LEU A 38 -4.43 13.13 -2.13
N GLY A 39 -3.73 14.19 -1.73
CA GLY A 39 -4.33 15.19 -0.87
C GLY A 39 -4.29 14.76 0.59
N GLU A 40 -3.47 13.74 0.87
CA GLU A 40 -3.35 13.23 2.24
C GLU A 40 -2.03 13.70 2.85
N LYS A 41 -2.13 14.39 3.99
CA LYS A 41 -0.93 14.89 4.68
C LYS A 41 -0.55 13.96 5.81
N LEU A 42 0.31 12.98 5.49
CA LEU A 42 0.75 12.01 6.50
C LEU A 42 2.20 12.28 6.89
N THR A 43 2.49 12.16 8.18
CA THR A 43 3.84 12.39 8.67
C THR A 43 4.73 11.17 8.42
N ASP A 44 6.04 11.39 8.45
CA ASP A 44 6.98 10.30 8.22
C ASP A 44 6.69 9.13 9.15
N GLU A 45 6.38 9.44 10.40
CA GLU A 45 6.08 8.39 11.38
C GLU A 45 4.94 7.51 10.88
N GLU A 46 3.92 8.12 10.32
CA GLU A 46 2.77 7.37 9.81
C GLU A 46 3.21 6.39 8.74
N VAL A 47 4.14 6.83 7.90
CA VAL A 47 4.65 5.98 6.83
C VAL A 47 5.39 4.77 7.41
N GLU A 48 6.23 5.03 8.41
CA GLU A 48 6.99 3.96 9.04
C GLU A 48 6.06 2.96 9.70
N GLN A 49 5.10 3.47 10.48
CA GLN A 49 4.16 2.61 11.17
C GLN A 49 3.42 1.72 10.16
N MET A 50 3.13 2.27 8.99
CA MET A 50 2.44 1.52 7.96
C MET A 50 3.39 0.51 7.31
N ILE A 51 4.61 0.95 7.02
CA ILE A 51 5.59 0.07 6.39
C ILE A 51 6.02 -1.04 7.35
N LYS A 52 6.29 -0.66 8.60
CA LYS A 52 6.72 -1.63 9.59
C LYS A 52 5.60 -2.65 9.84
N GLU A 53 4.37 -2.15 9.93
CA GLU A 53 3.23 -3.01 10.18
C GLU A 53 3.07 -3.98 9.03
N ALA A 54 3.33 -3.50 7.81
CA ALA A 54 3.18 -4.34 6.63
C ALA A 54 4.44 -5.18 6.40
N ASP A 55 5.60 -4.55 6.57
CA ASP A 55 6.86 -5.24 6.38
C ASP A 55 7.14 -6.17 7.54
N LEU A 56 7.46 -7.43 7.24
CA LEU A 56 7.74 -8.42 8.28
C LEU A 56 9.22 -8.73 8.33
N ASP A 57 9.99 -8.10 7.44
CA ASP A 57 11.44 -8.31 7.38
C ASP A 57 12.18 -7.01 7.66
N GLY A 58 11.43 -5.93 7.83
CA GLY A 58 12.03 -4.63 8.12
C GLY A 58 13.23 -4.38 7.21
N ASP A 59 13.03 -4.56 5.91
CA ASP A 59 14.11 -4.35 4.94
C ASP A 59 14.14 -2.91 4.46
N GLY A 60 13.24 -2.10 5.01
CA GLY A 60 13.17 -0.68 4.63
C GLY A 60 12.37 -0.51 3.35
N GLN A 61 11.92 -1.62 2.78
CA GLN A 61 11.13 -1.58 1.54
C GLN A 61 9.98 -2.56 1.61
N VAL A 62 8.94 -2.30 0.83
CA VAL A 62 7.76 -3.18 0.79
C VAL A 62 7.75 -4.01 -0.49
N ASN A 63 7.60 -5.32 -0.33
CA ASN A 63 7.56 -6.22 -1.48
C ASN A 63 6.14 -6.36 -2.00
N TYR A 64 6.00 -6.72 -3.27
CA TYR A 64 4.69 -6.87 -3.88
C TYR A 64 3.82 -7.81 -3.06
N GLU A 65 4.41 -8.94 -2.65
CA GLU A 65 3.67 -9.92 -1.86
C GLU A 65 3.21 -9.30 -0.54
N GLU A 66 4.09 -8.52 0.08
CA GLU A 66 3.76 -7.87 1.34
C GLU A 66 2.59 -6.91 1.15
N PHE A 67 2.53 -6.29 -0.02
CA PHE A 67 1.45 -5.35 -0.31
C PHE A 67 0.12 -6.09 -0.46
N VAL A 68 0.15 -7.20 -1.19
CA VAL A 68 -1.06 -7.96 -1.43
C VAL A 68 -1.68 -8.44 -0.11
N LYS A 69 -0.87 -9.09 0.72
CA LYS A 69 -1.35 -9.58 2.00
C LYS A 69 -1.86 -8.43 2.85
N MET A 70 -1.21 -7.27 2.72
CA MET A 70 -1.61 -6.11 3.49
C MET A 70 -3.02 -5.69 3.13
N MET A 71 -3.32 -5.67 1.84
CA MET A 71 -4.64 -5.28 1.37
C MET A 71 -5.68 -6.32 1.77
N MET A 72 -5.22 -7.56 1.97
CA MET A 72 -6.11 -8.65 2.36
C MET A 72 -6.40 -8.58 3.86
N THR A 73 -5.36 -8.72 4.67
CA THR A 73 -5.51 -8.69 6.12
C THR A 73 -6.38 -7.51 6.54
N VAL A 74 -6.43 -6.49 5.69
CA VAL A 74 -7.24 -5.31 5.99
C VAL A 74 -8.69 -5.71 6.25
N ARG A 75 -9.23 -6.56 5.37
CA ARG A 75 -10.61 -7.00 5.51
C ARG A 75 -10.69 -8.19 6.46
N GLY A 76 -11.81 -8.32 7.15
CA GLY A 76 -12.01 -9.42 8.09
C GLY A 76 -11.37 -9.10 9.44
N GLY A 77 -10.83 -7.89 9.56
CA GLY A 77 -10.18 -7.47 10.81
C GLY A 77 -8.84 -6.79 10.51
N GLY A 78 -8.89 -5.69 9.77
CA GLY A 78 -7.68 -4.96 9.43
C GLY A 78 -7.01 -4.39 10.68
N GLY A 79 -5.72 -4.09 10.55
CA GLY A 79 -4.96 -3.54 11.67
C GLY A 79 -3.92 -2.55 11.19
N GLY A 80 -4.33 -1.29 11.05
CA GLY A 80 -3.43 -0.23 10.60
C GLY A 80 -4.19 1.05 10.31
N ASN A 81 -3.57 2.18 10.64
CA ASN A 81 -4.20 3.48 10.42
C ASN A 81 -3.90 3.99 9.00
N GLY A 82 -2.71 3.68 8.51
CA GLY A 82 -2.31 4.11 7.18
C GLY A 82 -3.03 3.31 6.10
N TRP A 83 -3.02 1.98 6.24
CA TRP A 83 -3.67 1.11 5.28
C TRP A 83 -5.18 1.31 5.31
N SER A 84 -5.73 1.40 6.51
CA SER A 84 -7.17 1.60 6.67
C SER A 84 -7.59 2.91 6.02
N ARG A 85 -6.77 3.94 6.19
CA ARG A 85 -7.08 5.24 5.60
C ARG A 85 -7.05 5.19 4.08
N LEU A 86 -6.09 4.45 3.55
CA LEU A 86 -5.97 4.30 2.11
C LEU A 86 -7.10 3.45 1.54
N ARG A 87 -7.43 2.38 2.25
CA ARG A 87 -8.49 1.49 1.82
C ARG A 87 -9.86 2.09 2.08
N ARG A 88 -9.89 3.10 2.94
CA ARG A 88 -11.15 3.75 3.27
C ARG A 88 -11.47 4.86 2.28
N LYS A 89 -10.46 5.68 1.98
CA LYS A 89 -10.64 6.79 1.05
C LYS A 89 -10.69 6.29 -0.39
N PHE A 90 -10.40 5.01 -0.57
CA PHE A 90 -10.41 4.43 -1.92
C PHE A 90 -11.84 4.19 -2.38
N SER A 91 -12.38 3.02 -2.05
CA SER A 91 -13.74 2.67 -2.45
C SER A 91 -14.43 1.91 -1.33
N SER A 92 -14.28 2.39 -0.10
CA SER A 92 -14.91 1.74 1.04
C SER A 92 -14.59 0.24 1.06
CA CA B . 10.14 1.71 -5.76
CA CA C . 9.68 -6.03 3.16
N GLY A 1 -11.78 -8.34 -19.90
CA GLY A 1 -10.97 -9.58 -19.78
C GLY A 1 -11.83 -10.69 -19.17
N HIS A 2 -11.78 -11.86 -19.78
CA HIS A 2 -12.56 -13.00 -19.28
C HIS A 2 -11.87 -13.62 -18.07
N MET A 3 -12.68 -14.12 -17.13
CA MET A 3 -12.14 -14.74 -15.92
C MET A 3 -11.06 -13.86 -15.31
N ASP A 4 -11.46 -12.69 -14.82
CA ASP A 4 -10.51 -11.77 -14.21
C ASP A 4 -11.19 -10.97 -13.08
N THR A 5 -10.59 -11.01 -11.90
CA THR A 5 -11.15 -10.29 -10.75
C THR A 5 -10.58 -8.89 -10.67
N ASP A 6 -11.45 -7.91 -10.45
CA ASP A 6 -11.02 -6.52 -10.36
C ASP A 6 -9.99 -6.36 -9.25
N ALA A 7 -10.20 -7.06 -8.14
CA ALA A 7 -9.29 -6.98 -7.01
C ALA A 7 -7.84 -7.14 -7.49
N GLU A 8 -7.56 -8.26 -8.14
CA GLU A 8 -6.21 -8.51 -8.65
C GLU A 8 -5.73 -7.34 -9.48
N GLU A 9 -6.57 -6.89 -10.41
CA GLU A 9 -6.21 -5.77 -11.27
C GLU A 9 -5.87 -4.54 -10.44
N GLU A 10 -6.68 -4.27 -9.42
CA GLU A 10 -6.45 -3.12 -8.55
C GLU A 10 -5.06 -3.20 -7.92
N LEU A 11 -4.75 -4.35 -7.34
CA LEU A 11 -3.45 -4.53 -6.68
C LEU A 11 -2.32 -4.25 -7.67
N LYS A 12 -2.47 -4.75 -8.90
CA LYS A 12 -1.45 -4.54 -9.92
C LYS A 12 -1.35 -3.07 -10.30
N GLU A 13 -2.49 -2.49 -10.65
CA GLU A 13 -2.52 -1.08 -11.03
C GLU A 13 -1.88 -0.21 -9.95
N ALA A 14 -2.39 -0.32 -8.74
CA ALA A 14 -1.86 0.45 -7.62
C ALA A 14 -0.38 0.17 -7.43
N PHE A 15 -0.01 -1.11 -7.42
CA PHE A 15 1.38 -1.50 -7.24
C PHE A 15 2.27 -0.74 -8.21
N LYS A 16 1.88 -0.73 -9.49
CA LYS A 16 2.65 -0.04 -10.50
C LYS A 16 2.69 1.46 -10.22
N VAL A 17 1.61 1.98 -9.67
CA VAL A 17 1.53 3.41 -9.35
C VAL A 17 2.45 3.74 -8.17
N PHE A 18 2.40 2.91 -7.14
CA PHE A 18 3.22 3.13 -5.95
C PHE A 18 4.68 2.85 -6.26
N ASP A 19 4.93 1.77 -6.99
CA ASP A 19 6.30 1.40 -7.34
C ASP A 19 6.81 2.27 -8.49
N LYS A 20 6.95 3.56 -8.22
CA LYS A 20 7.43 4.49 -9.24
C LYS A 20 8.81 4.08 -9.74
N ASP A 21 9.70 3.76 -8.80
CA ASP A 21 11.05 3.34 -9.16
C ASP A 21 11.02 2.00 -9.88
N GLN A 22 9.86 1.35 -9.88
CA GLN A 22 9.71 0.06 -10.53
C GLN A 22 10.82 -0.89 -10.10
N ASN A 23 11.29 -0.72 -8.87
CA ASN A 23 12.37 -1.57 -8.35
C ASN A 23 11.79 -2.86 -7.77
N GLY A 24 10.48 -2.99 -7.82
CA GLY A 24 9.81 -4.19 -7.31
C GLY A 24 9.33 -3.97 -5.89
N TYR A 25 9.94 -3.01 -5.19
CA TYR A 25 9.57 -2.71 -3.81
C TYR A 25 9.16 -1.26 -3.67
N ILE A 26 8.37 -0.97 -2.64
CA ILE A 26 7.88 0.40 -2.40
C ILE A 26 8.59 1.00 -1.19
N SER A 27 9.09 2.21 -1.35
CA SER A 27 9.78 2.90 -0.26
C SER A 27 8.88 3.96 0.38
N ALA A 28 9.46 4.77 1.25
CA ALA A 28 8.71 5.82 1.92
C ALA A 28 8.43 6.98 0.96
N SER A 29 9.42 7.33 0.16
CA SER A 29 9.28 8.43 -0.78
C SER A 29 8.02 8.26 -1.62
N GLU A 30 7.83 7.06 -2.16
CA GLU A 30 6.64 6.77 -2.96
C GLU A 30 5.40 6.81 -2.10
N LEU A 31 5.52 6.35 -0.86
CA LEU A 31 4.37 6.33 0.04
C LEU A 31 3.87 7.74 0.32
N ARG A 32 4.77 8.60 0.77
CA ARG A 32 4.41 9.97 1.06
C ARG A 32 4.07 10.72 -0.21
N HIS A 33 4.87 10.53 -1.24
CA HIS A 33 4.67 11.24 -2.50
C HIS A 33 3.29 10.93 -3.07
N VAL A 34 2.95 9.66 -3.11
CA VAL A 34 1.66 9.25 -3.65
C VAL A 34 0.51 9.79 -2.79
N MET A 35 0.66 9.66 -1.48
CA MET A 35 -0.36 10.14 -0.56
C MET A 35 -0.58 11.64 -0.73
N ILE A 36 0.51 12.38 -0.91
CA ILE A 36 0.42 13.82 -1.09
C ILE A 36 -0.29 14.14 -2.41
N ASN A 37 0.11 13.44 -3.46
CA ASN A 37 -0.48 13.64 -4.78
C ASN A 37 -1.99 13.39 -4.71
N LEU A 38 -2.40 12.54 -3.77
CA LEU A 38 -3.82 12.23 -3.60
C LEU A 38 -4.51 13.30 -2.76
N GLY A 39 -3.76 14.35 -2.42
CA GLY A 39 -4.32 15.44 -1.62
C GLY A 39 -4.37 15.06 -0.15
N GLU A 40 -3.58 14.06 0.23
CA GLU A 40 -3.55 13.61 1.62
C GLU A 40 -2.28 14.10 2.30
N LYS A 41 -2.45 14.81 3.42
CA LYS A 41 -1.31 15.33 4.16
C LYS A 41 -1.06 14.52 5.41
N LEU A 42 -0.20 13.51 5.30
CA LEU A 42 0.12 12.65 6.44
C LEU A 42 1.48 13.02 7.00
N THR A 43 1.95 12.22 7.96
CA THR A 43 3.24 12.46 8.59
C THR A 43 4.22 11.33 8.29
N ASP A 44 5.51 11.64 8.31
CA ASP A 44 6.52 10.64 8.05
C ASP A 44 6.31 9.42 8.94
N GLU A 45 5.94 9.66 10.20
CA GLU A 45 5.72 8.58 11.14
C GLU A 45 4.68 7.60 10.60
N GLU A 46 3.64 8.13 9.99
CA GLU A 46 2.59 7.29 9.44
C GLU A 46 3.14 6.38 8.35
N VAL A 47 4.04 6.92 7.53
CA VAL A 47 4.65 6.14 6.45
C VAL A 47 5.44 4.98 7.02
N GLU A 48 6.27 5.26 8.02
CA GLU A 48 7.08 4.22 8.65
C GLU A 48 6.17 3.17 9.29
N GLN A 49 5.19 3.62 10.06
CA GLN A 49 4.27 2.70 10.72
C GLN A 49 3.68 1.73 9.72
N MET A 50 3.37 2.22 8.52
CA MET A 50 2.80 1.37 7.48
C MET A 50 3.86 0.42 6.93
N ILE A 51 5.08 0.94 6.73
CA ILE A 51 6.16 0.13 6.19
C ILE A 51 6.55 -0.97 7.18
N LYS A 52 6.73 -0.60 8.43
CA LYS A 52 7.13 -1.57 9.45
C LYS A 52 6.00 -2.59 9.67
N GLU A 53 4.76 -2.08 9.76
CA GLU A 53 3.62 -2.95 9.98
C GLU A 53 3.47 -3.90 8.82
N ALA A 54 3.55 -3.37 7.60
CA ALA A 54 3.41 -4.19 6.41
C ALA A 54 4.63 -5.09 6.24
N ASP A 55 5.81 -4.53 6.44
CA ASP A 55 7.05 -5.28 6.31
C ASP A 55 7.21 -6.25 7.47
N LEU A 56 7.45 -7.52 7.14
CA LEU A 56 7.63 -8.55 8.18
C LEU A 56 9.09 -8.91 8.34
N ASP A 57 9.92 -8.39 7.45
CA ASP A 57 11.37 -8.67 7.50
C ASP A 57 12.14 -7.39 7.83
N GLY A 58 11.43 -6.30 8.01
CA GLY A 58 12.07 -5.03 8.32
C GLY A 58 13.27 -4.79 7.44
N ASP A 59 13.04 -4.76 6.12
CA ASP A 59 14.12 -4.53 5.17
C ASP A 59 14.12 -3.08 4.68
N GLY A 60 13.20 -2.28 5.24
CA GLY A 60 13.11 -0.88 4.86
C GLY A 60 12.36 -0.72 3.56
N GLN A 61 11.99 -1.83 2.95
CA GLN A 61 11.26 -1.80 1.68
C GLN A 61 10.09 -2.79 1.71
N VAL A 62 8.95 -2.38 1.16
CA VAL A 62 7.77 -3.23 1.13
C VAL A 62 7.77 -4.08 -0.13
N ASN A 63 7.57 -5.39 0.06
CA ASN A 63 7.54 -6.32 -1.07
C ASN A 63 6.14 -6.47 -1.62
N TYR A 64 6.03 -6.85 -2.89
CA TYR A 64 4.72 -7.02 -3.51
C TYR A 64 3.84 -7.94 -2.68
N GLU A 65 4.41 -9.05 -2.22
CA GLU A 65 3.67 -10.00 -1.42
C GLU A 65 3.11 -9.33 -0.16
N GLU A 66 3.93 -8.49 0.46
CA GLU A 66 3.52 -7.78 1.67
C GLU A 66 2.39 -6.82 1.35
N PHE A 67 2.42 -6.23 0.16
CA PHE A 67 1.39 -5.30 -0.25
C PHE A 67 0.07 -6.01 -0.45
N VAL A 68 0.12 -7.13 -1.17
CA VAL A 68 -1.09 -7.90 -1.46
C VAL A 68 -1.75 -8.38 -0.17
N LYS A 69 -0.96 -9.03 0.67
CA LYS A 69 -1.49 -9.56 1.93
C LYS A 69 -2.07 -8.44 2.79
N MET A 70 -1.36 -7.32 2.82
CA MET A 70 -1.80 -6.18 3.62
C MET A 70 -3.10 -5.62 3.05
N MET A 71 -3.19 -5.59 1.73
CA MET A 71 -4.39 -5.07 1.08
C MET A 71 -5.58 -5.94 1.44
N MET A 72 -5.34 -7.21 1.66
CA MET A 72 -6.41 -8.13 2.04
C MET A 72 -6.60 -8.17 3.55
N THR A 73 -5.54 -8.57 4.27
CA THR A 73 -5.59 -8.67 5.71
C THR A 73 -6.29 -7.45 6.32
N VAL A 74 -6.18 -6.32 5.64
CA VAL A 74 -6.80 -5.09 6.11
C VAL A 74 -8.31 -5.25 6.19
N ARG A 75 -8.89 -5.85 5.16
CA ARG A 75 -10.34 -6.06 5.12
C ARG A 75 -10.69 -7.44 5.67
N GLY A 76 -11.50 -7.48 6.72
CA GLY A 76 -11.91 -8.74 7.31
C GLY A 76 -10.71 -9.45 7.95
N GLY A 77 -9.81 -8.67 8.51
CA GLY A 77 -8.62 -9.23 9.16
C GLY A 77 -8.09 -8.30 10.24
N GLY A 78 -7.93 -7.04 9.89
CA GLY A 78 -7.43 -6.06 10.85
C GLY A 78 -6.82 -4.85 10.14
N GLY A 79 -5.51 -4.84 9.99
CA GLY A 79 -4.83 -3.74 9.33
C GLY A 79 -4.53 -2.62 10.33
N GLY A 80 -3.48 -1.86 10.05
CA GLY A 80 -3.09 -0.75 10.93
C GLY A 80 -3.98 0.47 10.70
N ASN A 81 -3.47 1.64 11.09
CA ASN A 81 -4.22 2.87 10.92
C ASN A 81 -3.90 3.53 9.58
N GLY A 82 -2.65 3.38 9.14
CA GLY A 82 -2.23 3.97 7.88
C GLY A 82 -2.79 3.19 6.69
N TRP A 83 -2.59 1.88 6.69
CA TRP A 83 -3.09 1.04 5.61
C TRP A 83 -4.61 1.14 5.54
N SER A 84 -5.26 1.11 6.70
CA SER A 84 -6.71 1.20 6.76
C SER A 84 -7.19 2.55 6.23
N ARG A 85 -6.41 3.60 6.53
CA ARG A 85 -6.75 4.94 6.07
C ARG A 85 -6.67 5.02 4.56
N LEU A 86 -5.64 4.42 3.99
CA LEU A 86 -5.46 4.42 2.54
C LEU A 86 -6.51 3.52 1.89
N ARG A 87 -6.89 2.46 2.60
CA ARG A 87 -7.88 1.52 2.07
C ARG A 87 -9.20 2.26 1.83
N ARG A 88 -9.84 2.67 2.92
CA ARG A 88 -11.12 3.36 2.82
C ARG A 88 -11.01 4.55 1.88
N LYS A 89 -9.83 5.19 1.90
CA LYS A 89 -9.60 6.34 1.05
C LYS A 89 -9.85 6.00 -0.41
N PHE A 90 -9.57 4.76 -0.78
CA PHE A 90 -9.76 4.32 -2.16
C PHE A 90 -11.25 4.13 -2.46
N SER A 91 -11.81 3.04 -1.97
CA SER A 91 -13.22 2.74 -2.19
C SER A 91 -13.59 3.00 -3.65
N SER A 92 -14.69 3.72 -3.86
CA SER A 92 -15.15 4.04 -5.20
C SER A 92 -15.21 2.78 -6.06
CA CA B . 9.05 1.46 -6.11
CA CA C . 9.62 -6.22 3.12
N GLY A 1 -19.34 -15.68 -18.03
CA GLY A 1 -18.89 -14.35 -17.52
C GLY A 1 -17.50 -14.48 -16.91
N HIS A 2 -16.63 -15.24 -17.58
CA HIS A 2 -15.27 -15.44 -17.09
C HIS A 2 -14.32 -14.41 -17.70
N MET A 3 -13.49 -13.80 -16.87
CA MET A 3 -12.54 -12.80 -17.35
C MET A 3 -11.63 -12.35 -16.21
N ASP A 4 -10.87 -13.30 -15.66
CA ASP A 4 -9.95 -12.99 -14.58
C ASP A 4 -10.66 -12.21 -13.48
N THR A 5 -9.93 -11.87 -12.42
CA THR A 5 -10.50 -11.12 -11.31
C THR A 5 -10.02 -9.67 -11.33
N ASP A 6 -10.97 -8.75 -11.25
CA ASP A 6 -10.64 -7.33 -11.27
C ASP A 6 -9.75 -6.96 -10.09
N ALA A 7 -9.98 -7.63 -8.96
CA ALA A 7 -9.19 -7.36 -7.77
C ALA A 7 -7.70 -7.51 -8.06
N GLU A 8 -7.31 -8.67 -8.56
CA GLU A 8 -5.91 -8.92 -8.89
C GLU A 8 -5.35 -7.78 -9.72
N GLU A 9 -6.16 -7.25 -10.63
CA GLU A 9 -5.74 -6.15 -11.49
C GLU A 9 -5.59 -4.87 -10.68
N GLU A 10 -6.51 -4.66 -9.75
CA GLU A 10 -6.48 -3.46 -8.92
C GLU A 10 -5.19 -3.40 -8.11
N LEU A 11 -4.91 -4.46 -7.37
CA LEU A 11 -3.70 -4.50 -6.55
C LEU A 11 -2.45 -4.42 -7.41
N LYS A 12 -2.47 -5.14 -8.53
CA LYS A 12 -1.31 -5.14 -9.43
C LYS A 12 -1.12 -3.77 -10.07
N GLU A 13 -2.20 -3.25 -10.66
CA GLU A 13 -2.13 -1.95 -11.31
C GLU A 13 -1.82 -0.84 -10.30
N ALA A 14 -2.54 -0.86 -9.18
CA ALA A 14 -2.33 0.14 -8.13
C ALA A 14 -0.90 0.05 -7.60
N PHE A 15 -0.46 -1.16 -7.31
CA PHE A 15 0.89 -1.36 -6.78
C PHE A 15 1.93 -0.97 -7.81
N LYS A 16 1.56 -1.07 -9.09
CA LYS A 16 2.48 -0.75 -10.18
C LYS A 16 2.73 0.76 -10.27
N VAL A 17 1.69 1.54 -9.98
CA VAL A 17 1.81 3.00 -10.04
C VAL A 17 2.39 3.54 -8.75
N PHE A 18 2.21 2.81 -7.65
CA PHE A 18 2.74 3.24 -6.37
C PHE A 18 4.25 3.36 -6.42
N ASP A 19 4.90 2.38 -7.03
CA ASP A 19 6.35 2.39 -7.15
C ASP A 19 6.77 3.19 -8.37
N LYS A 20 6.79 4.51 -8.23
CA LYS A 20 7.17 5.38 -9.33
C LYS A 20 8.52 4.95 -9.92
N ASP A 21 9.43 4.53 -9.05
CA ASP A 21 10.74 4.10 -9.50
C ASP A 21 10.69 2.69 -10.07
N GLN A 22 9.54 2.04 -9.90
CA GLN A 22 9.38 0.68 -10.40
C GLN A 22 10.62 -0.17 -10.14
N ASN A 23 11.15 -0.07 -8.92
CA ASN A 23 12.34 -0.84 -8.55
C ASN A 23 11.94 -2.21 -8.04
N GLY A 24 10.64 -2.47 -7.98
CA GLY A 24 10.14 -3.76 -7.50
C GLY A 24 9.82 -3.71 -6.02
N TYR A 25 9.81 -2.51 -5.45
CA TYR A 25 9.52 -2.35 -4.04
C TYR A 25 9.01 -0.95 -3.75
N ILE A 26 8.27 -0.79 -2.66
CA ILE A 26 7.74 0.52 -2.27
C ILE A 26 8.50 1.07 -1.08
N SER A 27 9.00 2.30 -1.21
CA SER A 27 9.75 2.93 -0.13
C SER A 27 8.87 3.92 0.62
N ALA A 28 9.46 4.61 1.59
CA ALA A 28 8.71 5.60 2.37
C ALA A 28 8.51 6.87 1.57
N SER A 29 9.58 7.34 0.93
CA SER A 29 9.51 8.57 0.14
C SER A 29 8.47 8.44 -0.96
N GLU A 30 8.46 7.29 -1.63
CA GLU A 30 7.51 7.06 -2.71
C GLU A 30 6.09 7.00 -2.16
N LEU A 31 5.92 6.30 -1.04
CA LEU A 31 4.60 6.18 -0.43
C LEU A 31 4.07 7.55 -0.03
N ARG A 32 4.95 8.38 0.53
CA ARG A 32 4.55 9.72 0.93
C ARG A 32 4.14 10.55 -0.29
N HIS A 33 4.92 10.45 -1.36
CA HIS A 33 4.63 11.21 -2.56
C HIS A 33 3.23 10.88 -3.05
N VAL A 34 2.89 9.59 -3.01
CA VAL A 34 1.58 9.15 -3.45
C VAL A 34 0.49 9.73 -2.56
N MET A 35 0.76 9.73 -1.25
CA MET A 35 -0.21 10.24 -0.29
C MET A 35 -0.51 11.70 -0.58
N ILE A 36 0.53 12.47 -0.87
CA ILE A 36 0.35 13.89 -1.17
C ILE A 36 -0.40 14.06 -2.49
N ASN A 37 -0.03 13.26 -3.48
CA ASN A 37 -0.67 13.34 -4.79
C ASN A 37 -2.16 13.07 -4.66
N LEU A 38 -2.53 12.23 -3.70
CA LEU A 38 -3.93 11.90 -3.47
C LEU A 38 -4.61 13.01 -2.67
N GLY A 39 -3.87 14.07 -2.40
CA GLY A 39 -4.41 15.20 -1.64
C GLY A 39 -4.41 14.91 -0.15
N GLU A 40 -3.58 13.95 0.26
CA GLU A 40 -3.49 13.56 1.67
C GLU A 40 -2.10 13.84 2.22
N LYS A 41 -2.05 14.49 3.39
CA LYS A 41 -0.77 14.81 4.02
C LYS A 41 -0.59 13.95 5.26
N LEU A 42 0.22 12.91 5.15
CA LEU A 42 0.47 12.01 6.28
C LEU A 42 1.86 12.27 6.86
N THR A 43 1.99 12.06 8.16
CA THR A 43 3.26 12.27 8.85
C THR A 43 4.21 11.11 8.57
N ASP A 44 5.50 11.38 8.64
CA ASP A 44 6.51 10.35 8.40
C ASP A 44 6.21 9.12 9.24
N GLU A 45 5.78 9.35 10.49
CA GLU A 45 5.47 8.24 11.39
C GLU A 45 4.47 7.30 10.75
N GLU A 46 3.49 7.86 10.07
CA GLU A 46 2.48 7.04 9.41
C GLU A 46 3.12 6.19 8.32
N VAL A 47 4.00 6.79 7.54
CA VAL A 47 4.66 6.06 6.47
C VAL A 47 5.54 4.93 7.01
N GLU A 48 6.37 5.26 7.98
CA GLU A 48 7.28 4.28 8.55
C GLU A 48 6.51 3.14 9.21
N GLN A 49 5.55 3.47 10.05
CA GLN A 49 4.78 2.47 10.76
C GLN A 49 4.08 1.57 9.76
N MET A 50 3.66 2.14 8.64
CA MET A 50 2.98 1.38 7.61
C MET A 50 3.92 0.34 7.02
N ILE A 51 5.17 0.74 6.82
CA ILE A 51 6.17 -0.17 6.26
C ILE A 51 6.43 -1.31 7.23
N LYS A 52 6.56 -0.99 8.51
CA LYS A 52 6.84 -2.01 9.51
C LYS A 52 5.71 -3.04 9.55
N GLU A 53 4.47 -2.56 9.56
CA GLU A 53 3.32 -3.45 9.59
C GLU A 53 3.34 -4.39 8.39
N ALA A 54 3.50 -3.83 7.20
CA ALA A 54 3.54 -4.63 5.99
C ALA A 54 4.85 -5.40 5.89
N ASP A 55 5.94 -4.75 6.22
CA ASP A 55 7.25 -5.38 6.16
C ASP A 55 7.43 -6.37 7.29
N LEU A 56 7.71 -7.63 6.94
CA LEU A 56 7.90 -8.68 7.94
C LEU A 56 9.38 -8.97 8.13
N ASP A 57 10.22 -8.39 7.27
CA ASP A 57 11.66 -8.60 7.35
C ASP A 57 12.38 -7.29 7.66
N GLY A 58 11.61 -6.22 7.84
CA GLY A 58 12.18 -4.92 8.14
C GLY A 58 13.36 -4.62 7.23
N ASP A 59 13.15 -4.74 5.92
CA ASP A 59 14.21 -4.47 4.95
C ASP A 59 14.22 -3.01 4.55
N GLY A 60 13.34 -2.22 5.17
CA GLY A 60 13.27 -0.80 4.87
C GLY A 60 12.34 -0.54 3.70
N GLN A 61 11.91 -1.62 3.04
CA GLN A 61 11.01 -1.49 1.89
C GLN A 61 9.90 -2.53 1.96
N VAL A 62 8.81 -2.27 1.26
CA VAL A 62 7.67 -3.19 1.25
C VAL A 62 7.66 -4.01 -0.04
N ASN A 63 7.48 -5.33 0.11
CA ASN A 63 7.46 -6.22 -1.05
C ASN A 63 6.03 -6.34 -1.59
N TYR A 64 5.92 -6.70 -2.86
CA TYR A 64 4.62 -6.86 -3.49
C TYR A 64 3.74 -7.80 -2.67
N GLU A 65 4.32 -8.91 -2.22
CA GLU A 65 3.58 -9.88 -1.44
C GLU A 65 3.06 -9.26 -0.15
N GLU A 66 3.91 -8.47 0.48
CA GLU A 66 3.54 -7.80 1.74
C GLU A 66 2.37 -6.84 1.51
N PHE A 67 2.36 -6.22 0.33
CA PHE A 67 1.29 -5.29 -0.01
C PHE A 67 -0.02 -6.04 -0.24
N VAL A 68 0.06 -7.15 -0.96
CA VAL A 68 -1.13 -7.93 -1.26
C VAL A 68 -1.80 -8.44 0.01
N LYS A 69 -1.02 -9.11 0.85
CA LYS A 69 -1.55 -9.65 2.10
C LYS A 69 -2.13 -8.54 2.96
N MET A 70 -1.45 -7.39 2.97
CA MET A 70 -1.91 -6.26 3.75
C MET A 70 -3.23 -5.75 3.21
N MET A 71 -3.36 -5.72 1.89
CA MET A 71 -4.58 -5.24 1.27
C MET A 71 -5.75 -6.14 1.62
N MET A 72 -5.47 -7.41 1.83
CA MET A 72 -6.52 -8.36 2.18
C MET A 72 -6.86 -8.28 3.67
N THR A 73 -5.83 -8.44 4.51
CA THR A 73 -6.02 -8.38 5.95
C THR A 73 -6.88 -7.19 6.33
N VAL A 74 -6.82 -6.14 5.52
CA VAL A 74 -7.59 -4.93 5.79
C VAL A 74 -9.07 -5.25 5.93
N ARG A 75 -9.58 -6.04 4.99
CA ARG A 75 -10.99 -6.42 5.02
C ARG A 75 -11.18 -7.68 5.84
N GLY A 76 -11.58 -7.52 7.09
CA GLY A 76 -11.80 -8.67 7.97
C GLY A 76 -10.70 -8.76 9.02
N GLY A 77 -9.60 -8.05 8.79
CA GLY A 77 -8.48 -8.06 9.73
C GLY A 77 -7.90 -6.67 9.89
N GLY A 78 -8.72 -5.65 9.68
CA GLY A 78 -8.27 -4.27 9.80
C GLY A 78 -7.26 -4.12 10.93
N GLY A 79 -6.11 -3.52 10.61
CA GLY A 79 -5.05 -3.34 11.61
C GLY A 79 -4.44 -1.96 11.46
N GLY A 80 -3.21 -1.91 10.93
CA GLY A 80 -2.49 -0.65 10.75
C GLY A 80 -3.47 0.50 10.55
N ASN A 81 -3.08 1.69 10.96
CA ASN A 81 -3.94 2.86 10.83
C ASN A 81 -3.71 3.57 9.51
N GLY A 82 -2.48 3.49 9.01
CA GLY A 82 -2.15 4.12 7.75
C GLY A 82 -2.76 3.38 6.57
N TRP A 83 -2.59 2.05 6.56
CA TRP A 83 -3.12 1.23 5.49
C TRP A 83 -4.65 1.37 5.44
N SER A 84 -5.27 1.34 6.61
CA SER A 84 -6.73 1.47 6.69
C SER A 84 -7.17 2.82 6.13
N ARG A 85 -6.38 3.86 6.39
CA ARG A 85 -6.70 5.19 5.87
C ARG A 85 -6.64 5.22 4.35
N LEU A 86 -5.63 4.57 3.79
CA LEU A 86 -5.47 4.54 2.35
C LEU A 86 -6.56 3.67 1.72
N ARG A 87 -6.83 2.53 2.35
CA ARG A 87 -7.84 1.62 1.84
C ARG A 87 -9.24 2.17 2.06
N ARG A 88 -9.34 3.19 2.88
CA ARG A 88 -10.62 3.81 3.18
C ARG A 88 -11.04 4.76 2.06
N LYS A 89 -10.09 5.59 1.62
CA LYS A 89 -10.37 6.56 0.57
C LYS A 89 -10.32 5.91 -0.80
N PHE A 90 -10.12 4.60 -0.83
CA PHE A 90 -10.05 3.87 -2.09
C PHE A 90 -11.45 3.44 -2.53
N SER A 91 -12.38 4.38 -2.50
CA SER A 91 -13.75 4.08 -2.91
C SER A 91 -14.31 2.93 -2.08
N SER A 92 -15.64 2.90 -1.95
CA SER A 92 -16.29 1.85 -1.19
C SER A 92 -17.78 1.78 -1.54
CA CA B . 10.43 1.78 -4.88
CA CA C . 9.73 -6.04 3.28
N GLY A 1 -12.45 -23.09 -15.65
CA GLY A 1 -13.07 -22.06 -14.77
C GLY A 1 -12.17 -20.84 -14.70
N HIS A 2 -12.54 -19.79 -15.46
CA HIS A 2 -11.76 -18.56 -15.49
C HIS A 2 -12.41 -17.49 -14.61
N MET A 3 -11.88 -17.31 -13.41
CA MET A 3 -12.42 -16.32 -12.49
C MET A 3 -12.25 -14.90 -13.07
N ASP A 4 -11.00 -14.52 -13.31
CA ASP A 4 -10.72 -13.20 -13.87
C ASP A 4 -11.30 -12.11 -12.97
N THR A 5 -10.88 -12.10 -11.72
CA THR A 5 -11.36 -11.11 -10.76
C THR A 5 -10.58 -9.80 -10.92
N ASP A 6 -11.31 -8.69 -10.87
CA ASP A 6 -10.70 -7.38 -11.00
C ASP A 6 -9.77 -7.10 -9.82
N ALA A 7 -10.15 -7.58 -8.64
CA ALA A 7 -9.35 -7.37 -7.45
C ALA A 7 -7.87 -7.57 -7.75
N GLU A 8 -7.54 -8.74 -8.30
CA GLU A 8 -6.16 -9.05 -8.64
C GLU A 8 -5.58 -7.96 -9.52
N GLU A 9 -6.37 -7.50 -10.49
CA GLU A 9 -5.91 -6.44 -11.39
C GLU A 9 -5.76 -5.13 -10.64
N GLU A 10 -6.71 -4.83 -9.77
CA GLU A 10 -6.67 -3.59 -9.00
C GLU A 10 -5.39 -3.52 -8.16
N LEU A 11 -5.10 -4.61 -7.46
CA LEU A 11 -3.92 -4.66 -6.61
C LEU A 11 -2.66 -4.55 -7.46
N LYS A 12 -2.63 -5.26 -8.58
CA LYS A 12 -1.46 -5.23 -9.44
C LYS A 12 -1.27 -3.84 -10.06
N GLU A 13 -2.34 -3.32 -10.65
CA GLU A 13 -2.28 -2.00 -11.28
C GLU A 13 -1.89 -0.94 -10.26
N ALA A 14 -2.62 -0.88 -9.15
CA ALA A 14 -2.33 0.08 -8.12
C ALA A 14 -0.88 -0.05 -7.64
N PHE A 15 -0.45 -1.27 -7.44
CA PHE A 15 0.92 -1.50 -6.99
C PHE A 15 1.92 -0.97 -8.01
N LYS A 16 1.55 -1.01 -9.28
CA LYS A 16 2.42 -0.53 -10.34
C LYS A 16 2.62 0.98 -10.28
N VAL A 17 1.56 1.70 -9.92
CA VAL A 17 1.64 3.16 -9.83
C VAL A 17 2.38 3.59 -8.57
N PHE A 18 2.24 2.79 -7.52
CA PHE A 18 2.88 3.10 -6.25
C PHE A 18 4.40 3.07 -6.39
N ASP A 19 4.90 2.03 -7.04
CA ASP A 19 6.34 1.88 -7.22
C ASP A 19 6.79 2.55 -8.51
N LYS A 20 6.87 3.87 -8.48
CA LYS A 20 7.27 4.63 -9.65
C LYS A 20 8.65 4.18 -10.12
N ASP A 21 9.51 3.85 -9.16
CA ASP A 21 10.85 3.40 -9.48
C ASP A 21 10.79 2.05 -10.18
N GLN A 22 9.67 1.35 -10.05
CA GLN A 22 9.50 0.05 -10.69
C GLN A 22 10.62 -0.90 -10.26
N ASN A 23 11.16 -0.69 -9.07
CA ASN A 23 12.24 -1.53 -8.56
C ASN A 23 11.68 -2.77 -7.88
N GLY A 24 10.35 -2.83 -7.76
CA GLY A 24 9.70 -3.97 -7.13
C GLY A 24 9.73 -3.84 -5.61
N TYR A 25 10.09 -2.65 -5.13
CA TYR A 25 10.17 -2.41 -3.68
C TYR A 25 9.69 -1.00 -3.34
N ILE A 26 8.57 -0.93 -2.63
CA ILE A 26 8.01 0.37 -2.23
C ILE A 26 8.64 0.83 -0.92
N SER A 27 8.86 2.14 -0.81
CA SER A 27 9.47 2.73 0.39
C SER A 27 8.57 3.81 0.99
N ALA A 28 9.16 4.69 1.78
CA ALA A 28 8.42 5.78 2.41
C ALA A 28 8.33 6.97 1.47
N SER A 29 9.39 7.22 0.71
CA SER A 29 9.41 8.34 -0.21
C SER A 29 8.28 8.23 -1.22
N GLU A 30 8.12 7.04 -1.80
CA GLU A 30 7.08 6.82 -2.79
C GLU A 30 5.70 6.85 -2.13
N LEU A 31 5.57 6.16 -1.01
CA LEU A 31 4.29 6.12 -0.32
C LEU A 31 3.87 7.50 0.11
N ARG A 32 4.80 8.25 0.67
CA ARG A 32 4.49 9.60 1.11
C ARG A 32 4.06 10.46 -0.07
N HIS A 33 4.79 10.37 -1.18
CA HIS A 33 4.46 11.17 -2.34
C HIS A 33 3.01 10.92 -2.75
N VAL A 34 2.62 9.67 -2.70
CA VAL A 34 1.26 9.31 -3.08
C VAL A 34 0.25 9.93 -2.13
N MET A 35 0.57 9.90 -0.83
CA MET A 35 -0.33 10.46 0.16
C MET A 35 -0.53 11.96 -0.08
N ILE A 36 0.54 12.66 -0.37
CA ILE A 36 0.45 14.10 -0.61
C ILE A 36 -0.30 14.38 -1.90
N ASN A 37 0.00 13.62 -2.94
CA ASN A 37 -0.65 13.80 -4.23
C ASN A 37 -2.15 13.58 -4.08
N LEU A 38 -2.53 12.71 -3.15
CA LEU A 38 -3.94 12.43 -2.91
C LEU A 38 -4.60 13.54 -2.12
N GLY A 39 -3.84 14.59 -1.85
CA GLY A 39 -4.36 15.73 -1.10
C GLY A 39 -4.40 15.42 0.39
N GLU A 40 -3.61 14.44 0.83
CA GLU A 40 -3.56 14.06 2.23
C GLU A 40 -2.18 14.33 2.80
N LYS A 41 -2.15 14.98 3.96
CA LYS A 41 -0.89 15.31 4.63
C LYS A 41 -0.66 14.42 5.84
N LEU A 42 0.15 13.38 5.67
CA LEU A 42 0.45 12.45 6.76
C LEU A 42 1.90 12.59 7.20
N THR A 43 2.14 12.40 8.48
CA THR A 43 3.49 12.53 9.02
C THR A 43 4.29 11.26 8.75
N ASP A 44 5.62 11.40 8.79
CA ASP A 44 6.50 10.26 8.53
C ASP A 44 6.09 9.08 9.39
N GLU A 45 5.70 9.36 10.63
CA GLU A 45 5.29 8.30 11.55
C GLU A 45 4.24 7.41 10.89
N GLU A 46 3.25 8.02 10.25
CA GLU A 46 2.20 7.24 9.58
C GLU A 46 2.79 6.37 8.48
N VAL A 47 3.68 6.96 7.68
CA VAL A 47 4.31 6.24 6.60
C VAL A 47 5.13 5.07 7.14
N GLU A 48 5.96 5.34 8.15
CA GLU A 48 6.79 4.30 8.74
C GLU A 48 5.92 3.17 9.27
N GLN A 49 4.86 3.54 10.00
CA GLN A 49 3.96 2.53 10.54
C GLN A 49 3.52 1.58 9.45
N MET A 50 3.25 2.12 8.27
CA MET A 50 2.84 1.28 7.15
C MET A 50 4.01 0.40 6.68
N ILE A 51 5.20 0.98 6.66
CA ILE A 51 6.40 0.25 6.22
C ILE A 51 6.71 -0.91 7.15
N LYS A 52 6.73 -0.63 8.45
CA LYS A 52 7.04 -1.66 9.43
C LYS A 52 6.00 -2.77 9.40
N GLU A 53 4.74 -2.39 9.32
CA GLU A 53 3.65 -3.35 9.31
C GLU A 53 3.79 -4.28 8.12
N ALA A 54 4.01 -3.71 6.95
CA ALA A 54 4.15 -4.50 5.74
C ALA A 54 5.47 -5.28 5.74
N ASP A 55 6.54 -4.63 6.19
CA ASP A 55 7.84 -5.27 6.22
C ASP A 55 7.90 -6.29 7.35
N LEU A 56 8.08 -7.55 6.98
CA LEU A 56 8.17 -8.62 7.96
C LEU A 56 9.63 -8.87 8.35
N ASP A 57 10.56 -8.26 7.60
CA ASP A 57 11.98 -8.42 7.87
C ASP A 57 12.61 -7.07 8.22
N GLY A 58 11.76 -6.07 8.41
CA GLY A 58 12.24 -4.74 8.76
C GLY A 58 13.41 -4.33 7.87
N ASP A 59 13.22 -4.46 6.55
CA ASP A 59 14.27 -4.10 5.60
C ASP A 59 13.93 -2.78 4.91
N GLY A 60 12.84 -2.16 5.34
CA GLY A 60 12.42 -0.88 4.77
C GLY A 60 12.07 -1.05 3.31
N GLN A 61 11.88 -2.30 2.87
CA GLN A 61 11.53 -2.60 1.48
C GLN A 61 10.29 -3.47 1.40
N VAL A 62 9.18 -2.87 1.02
CA VAL A 62 7.93 -3.62 0.92
C VAL A 62 7.90 -4.35 -0.42
N ASN A 63 7.80 -5.68 -0.36
CA ASN A 63 7.76 -6.50 -1.56
C ASN A 63 6.34 -6.63 -2.09
N TYR A 64 6.21 -6.99 -3.36
CA TYR A 64 4.90 -7.12 -3.99
C TYR A 64 4.00 -8.03 -3.15
N GLU A 65 4.53 -9.17 -2.73
CA GLU A 65 3.75 -10.11 -1.93
C GLU A 65 3.30 -9.45 -0.63
N GLU A 66 4.20 -8.70 -0.01
CA GLU A 66 3.89 -8.02 1.24
C GLU A 66 2.78 -7.00 1.01
N PHE A 67 2.82 -6.32 -0.12
CA PHE A 67 1.81 -5.33 -0.44
C PHE A 67 0.43 -5.99 -0.58
N VAL A 68 0.38 -7.09 -1.33
CA VAL A 68 -0.88 -7.81 -1.55
C VAL A 68 -1.47 -8.28 -0.23
N LYS A 69 -0.81 -9.25 0.40
CA LYS A 69 -1.29 -9.79 1.66
C LYS A 69 -1.76 -8.66 2.57
N MET A 70 -1.00 -7.56 2.59
CA MET A 70 -1.33 -6.43 3.43
C MET A 70 -2.64 -5.81 3.00
N MET A 71 -2.81 -5.64 1.69
CA MET A 71 -4.03 -5.05 1.15
C MET A 71 -5.22 -5.89 1.57
N MET A 72 -5.00 -7.16 1.79
CA MET A 72 -6.10 -8.05 2.21
C MET A 72 -6.39 -7.87 3.70
N THR A 73 -5.34 -7.95 4.51
CA THR A 73 -5.47 -7.80 5.96
C THR A 73 -6.32 -6.60 6.32
N VAL A 74 -6.25 -5.58 5.47
CA VAL A 74 -7.02 -4.35 5.71
C VAL A 74 -8.51 -4.67 5.90
N ARG A 75 -8.95 -5.79 5.32
CA ARG A 75 -10.34 -6.22 5.43
C ARG A 75 -10.51 -7.17 6.61
N GLY A 76 -11.65 -7.05 7.29
CA GLY A 76 -11.94 -7.90 8.45
C GLY A 76 -11.61 -7.19 9.76
N GLY A 77 -10.92 -6.06 9.67
CA GLY A 77 -10.54 -5.30 10.85
C GLY A 77 -9.06 -5.45 11.16
N GLY A 78 -8.21 -5.02 10.25
CA GLY A 78 -6.76 -5.13 10.44
C GLY A 78 -6.02 -4.26 9.43
N GLY A 79 -4.75 -4.56 9.23
CA GLY A 79 -3.92 -3.80 8.28
C GLY A 79 -3.20 -2.66 8.99
N GLY A 80 -3.96 -1.87 9.75
CA GLY A 80 -3.39 -0.73 10.47
C GLY A 80 -4.24 0.51 10.26
N ASN A 81 -3.69 1.67 10.62
CA ASN A 81 -4.41 2.93 10.47
C ASN A 81 -4.08 3.57 9.12
N GLY A 82 -2.85 3.37 8.66
CA GLY A 82 -2.44 3.93 7.36
C GLY A 82 -3.02 3.12 6.21
N TRP A 83 -2.97 1.80 6.33
CA TRP A 83 -3.47 0.93 5.28
C TRP A 83 -4.98 1.07 5.18
N SER A 84 -5.65 1.01 6.33
CA SER A 84 -7.10 1.14 6.36
C SER A 84 -7.51 2.50 5.80
N ARG A 85 -6.68 3.51 6.06
CA ARG A 85 -6.97 4.84 5.57
C ARG A 85 -6.90 4.89 4.05
N LEU A 86 -5.90 4.22 3.49
CA LEU A 86 -5.75 4.20 2.04
C LEU A 86 -6.87 3.39 1.40
N ARG A 87 -7.23 2.29 2.04
CA ARG A 87 -8.28 1.42 1.53
C ARG A 87 -9.64 2.01 1.84
N ARG A 88 -9.67 2.98 2.73
CA ARG A 88 -10.94 3.63 3.09
C ARG A 88 -11.55 4.29 1.87
N LYS A 89 -10.77 5.18 1.25
CA LYS A 89 -11.24 5.89 0.06
C LYS A 89 -11.79 4.88 -0.95
N PHE A 90 -10.92 4.39 -1.84
CA PHE A 90 -11.34 3.43 -2.86
C PHE A 90 -11.33 2.03 -2.28
N SER A 91 -12.51 1.51 -1.96
CA SER A 91 -12.62 0.16 -1.39
C SER A 91 -12.88 -0.85 -2.50
N SER A 92 -13.47 -1.98 -2.14
CA SER A 92 -13.79 -3.02 -3.11
C SER A 92 -12.57 -3.29 -4.00
CA CA B . 10.36 1.84 -5.52
CA CA C . 9.52 -6.65 3.20
N GLY A 1 -12.08 -17.66 -9.57
CA GLY A 1 -11.86 -16.27 -10.06
C GLY A 1 -10.59 -16.22 -10.91
N HIS A 2 -10.45 -17.18 -11.82
CA HIS A 2 -9.28 -17.23 -12.69
C HIS A 2 -9.45 -16.30 -13.88
N MET A 3 -10.68 -15.82 -14.08
CA MET A 3 -10.97 -14.94 -15.20
C MET A 3 -10.58 -13.52 -14.86
N ASP A 4 -9.39 -13.10 -15.29
CA ASP A 4 -8.89 -11.74 -15.01
C ASP A 4 -9.76 -11.04 -13.97
N THR A 5 -9.52 -11.38 -12.71
CA THR A 5 -10.30 -10.80 -11.62
C THR A 5 -9.87 -9.36 -11.35
N ASP A 6 -10.83 -8.50 -11.05
CA ASP A 6 -10.53 -7.10 -10.78
C ASP A 6 -9.49 -6.99 -9.67
N ALA A 7 -9.65 -7.79 -8.62
CA ALA A 7 -8.73 -7.77 -7.50
C ALA A 7 -7.28 -7.85 -7.99
N GLU A 8 -6.97 -8.93 -8.70
CA GLU A 8 -5.62 -9.11 -9.22
C GLU A 8 -5.16 -7.86 -9.96
N GLU A 9 -6.03 -7.31 -10.80
CA GLU A 9 -5.70 -6.11 -11.56
C GLU A 9 -5.49 -4.94 -10.61
N GLU A 10 -6.33 -4.83 -9.60
CA GLU A 10 -6.21 -3.75 -8.63
C GLU A 10 -4.85 -3.78 -7.96
N LEU A 11 -4.47 -4.92 -7.42
CA LEU A 11 -3.18 -5.06 -6.74
C LEU A 11 -2.06 -4.67 -7.69
N LYS A 12 -2.09 -5.19 -8.91
CA LYS A 12 -1.06 -4.88 -9.89
C LYS A 12 -1.10 -3.40 -10.27
N GLU A 13 -2.27 -2.93 -10.69
CA GLU A 13 -2.43 -1.54 -11.09
C GLU A 13 -1.93 -0.61 -9.97
N ALA A 14 -2.56 -0.72 -8.81
CA ALA A 14 -2.16 0.11 -7.67
C ALA A 14 -0.66 -0.01 -7.41
N PHE A 15 -0.18 -1.25 -7.39
CA PHE A 15 1.24 -1.49 -7.15
C PHE A 15 2.09 -0.67 -8.11
N LYS A 16 1.73 -0.70 -9.38
CA LYS A 16 2.47 0.05 -10.38
C LYS A 16 2.45 1.55 -10.07
N VAL A 17 1.32 2.02 -9.57
CA VAL A 17 1.18 3.44 -9.23
C VAL A 17 2.10 3.80 -8.07
N PHE A 18 2.25 2.88 -7.13
CA PHE A 18 3.12 3.11 -5.98
C PHE A 18 4.58 2.88 -6.33
N ASP A 19 4.83 1.82 -7.10
CA ASP A 19 6.20 1.48 -7.50
C ASP A 19 6.58 2.22 -8.78
N LYS A 20 6.50 3.54 -8.74
CA LYS A 20 6.85 4.34 -9.91
C LYS A 20 8.28 4.06 -10.34
N ASP A 21 9.17 3.92 -9.36
CA ASP A 21 10.57 3.63 -9.65
C ASP A 21 10.72 2.25 -10.28
N GLN A 22 9.67 1.44 -10.15
CA GLN A 22 9.70 0.09 -10.71
C GLN A 22 10.88 -0.70 -10.16
N ASN A 23 11.29 -0.38 -8.94
CA ASN A 23 12.41 -1.07 -8.31
C ASN A 23 11.98 -2.45 -7.83
N GLY A 24 10.67 -2.67 -7.76
CA GLY A 24 10.13 -3.95 -7.33
C GLY A 24 9.56 -3.86 -5.93
N TYR A 25 10.13 -2.99 -5.11
CA TYR A 25 9.67 -2.81 -3.73
C TYR A 25 9.29 -1.37 -3.47
N ILE A 26 8.13 -1.16 -2.87
CA ILE A 26 7.66 0.19 -2.56
C ILE A 26 8.42 0.76 -1.37
N SER A 27 8.81 2.03 -1.49
CA SER A 27 9.55 2.70 -0.42
C SER A 27 8.64 3.67 0.33
N ALA A 28 9.23 4.41 1.26
CA ALA A 28 8.47 5.38 2.04
C ALA A 28 8.29 6.68 1.26
N SER A 29 9.33 7.07 0.53
CA SER A 29 9.27 8.31 -0.25
C SER A 29 8.15 8.23 -1.28
N GLU A 30 8.04 7.09 -1.95
CA GLU A 30 7.00 6.91 -2.95
C GLU A 30 5.61 6.94 -2.33
N LEU A 31 5.48 6.28 -1.18
CA LEU A 31 4.20 6.23 -0.50
C LEU A 31 3.75 7.64 -0.09
N ARG A 32 4.69 8.41 0.44
CA ARG A 32 4.39 9.77 0.87
C ARG A 32 3.99 10.63 -0.33
N HIS A 33 4.69 10.44 -1.45
CA HIS A 33 4.39 11.22 -2.64
C HIS A 33 2.98 10.94 -3.13
N VAL A 34 2.58 9.69 -3.05
CA VAL A 34 1.25 9.28 -3.49
C VAL A 34 0.20 9.86 -2.55
N MET A 35 0.48 9.79 -1.26
CA MET A 35 -0.46 10.28 -0.26
C MET A 35 -0.65 11.79 -0.38
N ILE A 36 0.45 12.49 -0.64
CA ILE A 36 0.39 13.94 -0.79
C ILE A 36 -0.40 14.32 -2.04
N ASN A 37 -0.13 13.61 -3.14
CA ASN A 37 -0.82 13.88 -4.40
C ASN A 37 -2.31 13.57 -4.24
N LEU A 38 -2.64 12.68 -3.30
CA LEU A 38 -4.02 12.31 -3.06
C LEU A 38 -4.71 13.33 -2.16
N GLY A 39 -3.96 14.36 -1.77
CA GLY A 39 -4.50 15.40 -0.90
C GLY A 39 -4.41 15.00 0.56
N GLU A 40 -3.46 14.12 0.88
CA GLU A 40 -3.28 13.67 2.26
C GLU A 40 -1.91 14.10 2.77
N LYS A 41 -1.92 14.82 3.90
CA LYS A 41 -0.67 15.29 4.50
C LYS A 41 -0.34 14.53 5.76
N LEU A 42 0.62 13.62 5.67
CA LEU A 42 1.02 12.82 6.83
C LEU A 42 2.54 12.89 7.01
N THR A 43 2.99 12.64 8.23
CA THR A 43 4.42 12.69 8.52
C THR A 43 5.09 11.37 8.16
N ASP A 44 6.42 11.39 8.07
CA ASP A 44 7.17 10.20 7.73
C ASP A 44 6.87 9.07 8.71
N GLU A 45 6.65 9.43 9.97
CA GLU A 45 6.36 8.44 10.99
C GLU A 45 5.19 7.55 10.55
N GLU A 46 4.12 8.18 10.09
CA GLU A 46 2.94 7.44 9.65
C GLU A 46 3.33 6.47 8.52
N VAL A 47 4.25 6.91 7.66
CA VAL A 47 4.69 6.07 6.56
C VAL A 47 5.49 4.87 7.07
N GLU A 48 6.43 5.14 7.97
CA GLU A 48 7.25 4.08 8.54
C GLU A 48 6.38 3.07 9.26
N GLN A 49 5.47 3.55 10.10
CA GLN A 49 4.57 2.68 10.84
C GLN A 49 3.87 1.71 9.90
N MET A 50 3.34 2.24 8.80
CA MET A 50 2.66 1.40 7.81
C MET A 50 3.62 0.36 7.25
N ILE A 51 4.86 0.77 7.02
CA ILE A 51 5.87 -0.13 6.48
C ILE A 51 6.25 -1.20 7.52
N LYS A 52 6.43 -0.77 8.76
CA LYS A 52 6.85 -1.68 9.81
C LYS A 52 5.81 -2.78 10.03
N GLU A 53 4.55 -2.38 10.12
CA GLU A 53 3.49 -3.35 10.34
C GLU A 53 3.30 -4.23 9.11
N ALA A 54 3.46 -3.65 7.93
CA ALA A 54 3.29 -4.39 6.70
C ALA A 54 4.49 -5.29 6.44
N ASP A 55 5.69 -4.71 6.51
CA ASP A 55 6.91 -5.46 6.27
C ASP A 55 7.22 -6.38 7.43
N LEU A 56 7.67 -7.60 7.13
CA LEU A 56 8.01 -8.56 8.17
C LEU A 56 9.51 -8.74 8.28
N ASP A 57 10.24 -8.01 7.42
CA ASP A 57 11.71 -8.10 7.42
C ASP A 57 12.32 -6.77 7.85
N GLY A 58 11.47 -5.79 8.09
CA GLY A 58 11.94 -4.47 8.50
C GLY A 58 13.09 -4.01 7.62
N ASP A 59 12.93 -4.16 6.31
CA ASP A 59 13.97 -3.76 5.37
C ASP A 59 13.62 -2.41 4.73
N GLY A 60 12.62 -1.75 5.30
CA GLY A 60 12.20 -0.44 4.78
C GLY A 60 11.72 -0.56 3.34
N GLN A 61 11.61 -1.80 2.86
CA GLN A 61 11.17 -2.04 1.48
C GLN A 61 10.03 -3.04 1.46
N VAL A 62 8.85 -2.58 1.05
CA VAL A 62 7.67 -3.46 0.99
C VAL A 62 7.65 -4.19 -0.35
N ASN A 63 7.64 -5.52 -0.28
CA ASN A 63 7.61 -6.35 -1.48
C ASN A 63 6.17 -6.52 -1.96
N TYR A 64 6.02 -6.88 -3.23
CA TYR A 64 4.70 -7.07 -3.81
C TYR A 64 3.88 -8.03 -2.96
N GLU A 65 4.51 -9.11 -2.50
CA GLU A 65 3.83 -10.10 -1.68
C GLU A 65 3.32 -9.46 -0.38
N GLU A 66 4.18 -8.69 0.26
CA GLU A 66 3.80 -8.02 1.51
C GLU A 66 2.63 -7.08 1.27
N PHE A 67 2.60 -6.45 0.12
CA PHE A 67 1.52 -5.53 -0.23
C PHE A 67 0.22 -6.30 -0.41
N VAL A 68 0.27 -7.38 -1.18
CA VAL A 68 -0.92 -8.17 -1.45
C VAL A 68 -1.54 -8.68 -0.14
N LYS A 69 -0.74 -9.38 0.64
CA LYS A 69 -1.23 -9.93 1.90
C LYS A 69 -1.83 -8.84 2.76
N MET A 70 -1.13 -7.70 2.85
CA MET A 70 -1.59 -6.59 3.66
C MET A 70 -2.87 -6.02 3.06
N MET A 71 -2.89 -5.88 1.74
CA MET A 71 -4.06 -5.34 1.06
C MET A 71 -5.31 -6.10 1.49
N MET A 72 -5.19 -7.41 1.63
CA MET A 72 -6.32 -8.23 2.05
C MET A 72 -6.55 -8.11 3.55
N THR A 73 -5.48 -8.21 4.32
CA THR A 73 -5.57 -8.11 5.78
C THR A 73 -6.44 -6.93 6.17
N VAL A 74 -6.44 -5.89 5.34
CA VAL A 74 -7.22 -4.70 5.61
C VAL A 74 -8.71 -5.04 5.69
N ARG A 75 -9.17 -5.83 4.72
CA ARG A 75 -10.57 -6.24 4.69
C ARG A 75 -10.74 -7.61 5.34
N GLY A 76 -11.55 -7.67 6.40
CA GLY A 76 -11.78 -8.93 7.10
C GLY A 76 -10.68 -9.19 8.13
N GLY A 77 -10.18 -8.11 8.73
CA GLY A 77 -9.13 -8.25 9.73
C GLY A 77 -8.30 -6.97 9.82
N GLY A 78 -8.94 -5.83 9.56
CA GLY A 78 -8.25 -4.54 9.60
C GLY A 78 -7.13 -4.55 10.64
N GLY A 79 -5.94 -4.16 10.23
CA GLY A 79 -4.79 -4.14 11.13
C GLY A 79 -3.78 -3.09 10.69
N GLY A 80 -4.23 -1.85 10.58
CA GLY A 80 -3.36 -0.76 10.18
C GLY A 80 -4.09 0.57 10.20
N ASN A 81 -3.51 1.56 10.87
CA ASN A 81 -4.13 2.88 10.96
C ASN A 81 -3.98 3.63 9.64
N GLY A 82 -2.78 3.59 9.07
CA GLY A 82 -2.53 4.27 7.80
C GLY A 82 -3.16 3.50 6.64
N TRP A 83 -2.95 2.18 6.62
CA TRP A 83 -3.51 1.35 5.56
C TRP A 83 -5.02 1.52 5.52
N SER A 84 -5.65 1.54 6.70
CA SER A 84 -7.10 1.71 6.79
C SER A 84 -7.51 3.06 6.22
N ARG A 85 -6.70 4.08 6.49
CA ARG A 85 -6.99 5.42 5.99
C ARG A 85 -6.98 5.43 4.46
N LEU A 86 -6.00 4.78 3.87
CA LEU A 86 -5.89 4.72 2.42
C LEU A 86 -7.02 3.87 1.85
N ARG A 87 -7.39 2.81 2.57
CA ARG A 87 -8.45 1.93 2.11
C ARG A 87 -9.82 2.55 2.35
N ARG A 88 -9.84 3.58 3.18
CA ARG A 88 -11.09 4.27 3.49
C ARG A 88 -11.39 5.34 2.45
N LYS A 89 -10.38 6.13 2.11
CA LYS A 89 -10.55 7.20 1.14
C LYS A 89 -10.69 6.62 -0.26
N PHE A 90 -10.47 5.32 -0.38
CA PHE A 90 -10.59 4.66 -1.68
C PHE A 90 -12.03 4.28 -1.97
N SER A 91 -12.37 3.01 -1.72
CA SER A 91 -13.72 2.53 -1.96
C SER A 91 -14.21 2.99 -3.32
N SER A 92 -13.69 2.38 -4.39
CA SER A 92 -14.10 2.73 -5.74
C SER A 92 -14.29 1.48 -6.59
CA CA B . 8.99 1.32 -5.56
CA CA C . 9.65 -6.67 2.78
N GLY A 1 -11.74 -19.66 -14.79
CA GLY A 1 -12.70 -19.89 -15.91
C GLY A 1 -13.39 -18.59 -16.26
N HIS A 2 -14.06 -17.99 -15.27
CA HIS A 2 -14.77 -16.73 -15.49
C HIS A 2 -13.79 -15.62 -15.81
N MET A 3 -12.64 -15.63 -15.14
CA MET A 3 -11.62 -14.60 -15.36
C MET A 3 -12.25 -13.22 -15.38
N ASP A 4 -12.40 -12.62 -14.20
CA ASP A 4 -12.99 -11.29 -14.10
C ASP A 4 -12.73 -10.70 -12.71
N THR A 5 -11.68 -11.18 -12.06
CA THR A 5 -11.34 -10.69 -10.73
C THR A 5 -10.75 -9.28 -10.80
N ASP A 6 -11.60 -8.29 -10.70
CA ASP A 6 -11.18 -6.90 -10.76
C ASP A 6 -10.26 -6.58 -9.57
N ALA A 7 -10.55 -7.20 -8.43
CA ALA A 7 -9.75 -6.97 -7.23
C ALA A 7 -8.26 -7.21 -7.52
N GLU A 8 -7.95 -8.41 -8.01
CA GLU A 8 -6.57 -8.75 -8.34
C GLU A 8 -5.95 -7.68 -9.23
N GLU A 9 -6.74 -7.17 -10.16
CA GLU A 9 -6.27 -6.15 -11.07
C GLU A 9 -6.01 -4.84 -10.32
N GLU A 10 -6.90 -4.50 -9.40
CA GLU A 10 -6.76 -3.28 -8.63
C GLU A 10 -5.45 -3.29 -7.86
N LEU A 11 -5.18 -4.39 -7.18
CA LEU A 11 -3.94 -4.51 -6.40
C LEU A 11 -2.73 -4.44 -7.31
N LYS A 12 -2.81 -5.13 -8.45
CA LYS A 12 -1.69 -5.14 -9.39
C LYS A 12 -1.51 -3.77 -10.03
N GLU A 13 -2.59 -3.25 -10.62
CA GLU A 13 -2.53 -1.94 -11.26
C GLU A 13 -2.11 -0.88 -10.25
N ALA A 14 -2.81 -0.82 -9.13
CA ALA A 14 -2.50 0.14 -8.08
C ALA A 14 -1.03 0.02 -7.68
N PHE A 15 -0.57 -1.22 -7.51
CA PHE A 15 0.82 -1.45 -7.14
C PHE A 15 1.78 -0.83 -8.15
N LYS A 16 1.38 -0.88 -9.41
CA LYS A 16 2.23 -0.34 -10.48
C LYS A 16 2.41 1.17 -10.34
N VAL A 17 1.36 1.84 -9.88
CA VAL A 17 1.42 3.29 -9.71
C VAL A 17 2.29 3.64 -8.49
N PHE A 18 2.23 2.80 -7.47
CA PHE A 18 2.99 3.05 -6.26
C PHE A 18 4.48 3.02 -6.57
N ASP A 19 4.90 2.02 -7.33
CA ASP A 19 6.30 1.89 -7.69
C ASP A 19 6.68 2.89 -8.76
N LYS A 20 6.67 4.17 -8.40
CA LYS A 20 7.01 5.22 -9.35
C LYS A 20 8.40 5.00 -9.93
N ASP A 21 9.37 4.74 -9.06
CA ASP A 21 10.74 4.50 -9.51
C ASP A 21 10.83 3.20 -10.30
N GLN A 22 9.86 2.32 -10.09
CA GLN A 22 9.84 1.04 -10.78
C GLN A 22 11.05 0.20 -10.40
N ASN A 23 11.40 0.22 -9.13
CA ASN A 23 12.55 -0.54 -8.64
C ASN A 23 12.10 -1.88 -8.07
N GLY A 24 10.79 -2.11 -8.07
CA GLY A 24 10.24 -3.36 -7.55
C GLY A 24 10.28 -3.38 -6.04
N TYR A 25 10.33 -2.19 -5.42
CA TYR A 25 10.36 -2.08 -3.98
C TYR A 25 9.83 -0.73 -3.53
N ILE A 26 8.73 -0.75 -2.78
CA ILE A 26 8.12 0.48 -2.30
C ILE A 26 8.90 1.02 -1.10
N SER A 27 9.12 2.34 -1.11
CA SER A 27 9.86 2.99 -0.02
C SER A 27 9.05 4.16 0.54
N ALA A 28 9.38 4.53 1.78
CA ALA A 28 8.68 5.63 2.44
C ALA A 28 8.58 6.83 1.51
N SER A 29 9.65 7.10 0.78
CA SER A 29 9.68 8.23 -0.14
C SER A 29 8.57 8.11 -1.17
N GLU A 30 8.53 6.96 -1.85
CA GLU A 30 7.51 6.73 -2.87
C GLU A 30 6.12 6.72 -2.24
N LEU A 31 6.01 6.09 -1.07
CA LEU A 31 4.72 6.02 -0.39
C LEU A 31 4.24 7.43 -0.01
N ARG A 32 5.16 8.23 0.51
CA ARG A 32 4.83 9.59 0.90
C ARG A 32 4.36 10.40 -0.30
N HIS A 33 5.04 10.21 -1.43
CA HIS A 33 4.68 10.94 -2.64
C HIS A 33 3.26 10.60 -3.05
N VAL A 34 2.90 9.33 -2.88
CA VAL A 34 1.57 8.88 -3.26
C VAL A 34 0.51 9.56 -2.40
N MET A 35 0.78 9.62 -1.09
CA MET A 35 -0.15 10.25 -0.17
C MET A 35 -0.31 11.73 -0.50
N ILE A 36 0.78 12.36 -0.89
CA ILE A 36 0.73 13.78 -1.23
C ILE A 36 -0.06 13.99 -2.53
N ASN A 37 0.25 13.18 -3.53
CA ASN A 37 -0.43 13.28 -4.81
C ASN A 37 -1.93 13.09 -4.61
N LEU A 38 -2.29 12.36 -3.56
CA LEU A 38 -3.70 12.13 -3.26
C LEU A 38 -4.31 13.32 -2.54
N GLY A 39 -3.56 14.41 -2.48
CA GLY A 39 -4.04 15.63 -1.83
C GLY A 39 -4.13 15.45 -0.34
N GLU A 40 -3.22 14.65 0.22
CA GLU A 40 -3.21 14.40 1.67
C GLU A 40 -1.83 14.66 2.24
N LYS A 41 -1.79 15.15 3.48
CA LYS A 41 -0.52 15.46 4.14
C LYS A 41 -0.37 14.62 5.40
N LEU A 42 0.48 13.59 5.32
CA LEU A 42 0.72 12.71 6.46
C LEU A 42 2.15 12.84 6.95
N THR A 43 2.35 12.59 8.24
CA THR A 43 3.68 12.69 8.83
C THR A 43 4.49 11.43 8.55
N ASP A 44 5.80 11.58 8.56
CA ASP A 44 6.69 10.44 8.30
C ASP A 44 6.31 9.26 9.20
N GLU A 45 5.84 9.57 10.40
CA GLU A 45 5.45 8.53 11.34
C GLU A 45 4.43 7.59 10.70
N GLU A 46 3.40 8.17 10.07
CA GLU A 46 2.37 7.38 9.43
C GLU A 46 2.98 6.46 8.37
N VAL A 47 3.91 7.01 7.60
CA VAL A 47 4.57 6.23 6.55
C VAL A 47 5.38 5.09 7.17
N GLU A 48 6.17 5.42 8.18
CA GLU A 48 6.99 4.42 8.85
C GLU A 48 6.12 3.31 9.42
N GLN A 49 5.07 3.69 10.14
CA GLN A 49 4.16 2.71 10.72
C GLN A 49 3.62 1.76 9.66
N MET A 50 3.26 2.31 8.51
CA MET A 50 2.73 1.51 7.42
C MET A 50 3.77 0.49 6.95
N ILE A 51 5.01 0.94 6.86
CA ILE A 51 6.09 0.06 6.42
C ILE A 51 6.33 -1.06 7.44
N LYS A 52 6.35 -0.70 8.71
CA LYS A 52 6.59 -1.67 9.76
C LYS A 52 5.54 -2.77 9.74
N GLU A 53 4.28 -2.37 9.66
CA GLU A 53 3.19 -3.34 9.63
C GLU A 53 3.31 -4.25 8.42
N ALA A 54 3.56 -3.67 7.26
CA ALA A 54 3.68 -4.45 6.03
C ALA A 54 4.95 -5.29 6.04
N ASP A 55 6.06 -4.67 6.39
CA ASP A 55 7.34 -5.38 6.42
C ASP A 55 7.38 -6.39 7.54
N LEU A 56 7.60 -7.65 7.19
CA LEU A 56 7.67 -8.72 8.18
C LEU A 56 9.12 -9.09 8.44
N ASP A 57 10.00 -8.73 7.51
CA ASP A 57 11.43 -9.03 7.65
C ASP A 57 12.19 -7.79 8.12
N GLY A 58 11.45 -6.73 8.44
CA GLY A 58 12.08 -5.50 8.89
C GLY A 58 13.23 -5.10 7.98
N ASP A 59 13.01 -5.20 6.67
CA ASP A 59 14.04 -4.85 5.69
C ASP A 59 13.98 -3.37 5.35
N GLY A 60 12.82 -2.76 5.59
CA GLY A 60 12.63 -1.33 5.31
C GLY A 60 12.02 -1.13 3.94
N GLN A 61 11.97 -2.20 3.14
CA GLN A 61 11.41 -2.12 1.79
C GLN A 61 10.13 -2.94 1.70
N VAL A 62 9.02 -2.27 1.40
CA VAL A 62 7.73 -2.95 1.29
C VAL A 62 7.58 -3.56 -0.10
N ASN A 63 7.67 -4.88 -0.16
CA ASN A 63 7.55 -5.59 -1.44
C ASN A 63 6.08 -5.81 -1.79
N TYR A 64 5.82 -6.11 -3.06
CA TYR A 64 4.45 -6.33 -3.52
C TYR A 64 3.74 -7.31 -2.60
N GLU A 65 4.15 -8.57 -2.65
CA GLU A 65 3.54 -9.61 -1.82
C GLU A 65 3.15 -9.06 -0.45
N GLU A 66 4.08 -8.36 0.19
CA GLU A 66 3.83 -7.79 1.50
C GLU A 66 2.59 -6.89 1.47
N PHE A 67 2.44 -6.14 0.38
CA PHE A 67 1.31 -5.25 0.23
C PHE A 67 0.02 -6.06 0.04
N VAL A 68 0.10 -7.12 -0.76
CA VAL A 68 -1.07 -7.94 -1.04
C VAL A 68 -1.66 -8.49 0.26
N LYS A 69 -0.81 -9.13 1.06
CA LYS A 69 -1.27 -9.69 2.33
C LYS A 69 -1.90 -8.61 3.19
N MET A 70 -1.29 -7.42 3.18
CA MET A 70 -1.81 -6.31 3.97
C MET A 70 -3.20 -5.91 3.47
N MET A 71 -3.35 -5.86 2.16
CA MET A 71 -4.64 -5.50 1.56
C MET A 71 -5.69 -6.54 1.94
N MET A 72 -5.27 -7.79 2.09
CA MET A 72 -6.19 -8.86 2.46
C MET A 72 -6.66 -8.67 3.90
N THR A 73 -5.73 -8.39 4.80
CA THR A 73 -6.08 -8.21 6.20
C THR A 73 -7.02 -7.02 6.37
N VAL A 74 -6.51 -5.81 6.10
CA VAL A 74 -7.31 -4.59 6.23
C VAL A 74 -8.78 -4.88 5.92
N ARG A 75 -9.00 -5.82 5.01
CA ARG A 75 -10.35 -6.21 4.63
C ARG A 75 -11.18 -6.51 5.89
N GLY A 76 -10.52 -6.57 7.04
CA GLY A 76 -11.21 -6.85 8.31
C GLY A 76 -10.41 -7.84 9.14
N GLY A 77 -9.32 -8.35 8.58
CA GLY A 77 -8.48 -9.31 9.29
C GLY A 77 -7.55 -8.61 10.27
N GLY A 78 -6.35 -8.29 9.80
CA GLY A 78 -5.36 -7.61 10.65
C GLY A 78 -5.77 -6.17 10.93
N GLY A 79 -4.82 -5.26 10.86
CA GLY A 79 -5.10 -3.85 11.12
C GLY A 79 -4.13 -2.96 10.36
N GLY A 80 -4.34 -1.64 10.43
CA GLY A 80 -3.48 -0.69 9.76
C GLY A 80 -4.16 0.67 9.66
N ASN A 81 -3.54 1.68 10.26
CA ASN A 81 -4.10 3.02 10.25
C ASN A 81 -3.92 3.66 8.87
N GLY A 82 -2.70 3.59 8.34
CA GLY A 82 -2.42 4.15 7.04
C GLY A 82 -2.97 3.27 5.92
N TRP A 83 -2.80 1.96 6.07
CA TRP A 83 -3.27 1.02 5.06
C TRP A 83 -4.80 1.09 4.95
N SER A 84 -5.47 1.08 6.10
CA SER A 84 -6.92 1.16 6.13
C SER A 84 -7.39 2.46 5.51
N ARG A 85 -6.60 3.52 5.68
CA ARG A 85 -6.95 4.81 5.10
C ARG A 85 -6.91 4.75 3.57
N LEU A 86 -5.90 4.07 3.06
CA LEU A 86 -5.75 3.94 1.61
C LEU A 86 -6.89 3.09 1.05
N ARG A 87 -7.33 2.12 1.83
CA ARG A 87 -8.42 1.25 1.38
C ARG A 87 -9.75 1.99 1.39
N ARG A 88 -10.20 2.39 2.56
CA ARG A 88 -11.46 3.10 2.68
C ARG A 88 -11.55 4.20 1.63
N LYS A 89 -10.43 4.88 1.40
CA LYS A 89 -10.38 5.96 0.42
C LYS A 89 -10.49 5.41 -1.00
N PHE A 90 -10.17 4.13 -1.16
CA PHE A 90 -10.23 3.49 -2.46
C PHE A 90 -11.66 3.04 -2.77
N SER A 91 -11.94 1.76 -2.52
CA SER A 91 -13.26 1.22 -2.79
C SER A 91 -13.44 -0.12 -2.07
N SER A 92 -14.66 -0.38 -1.62
CA SER A 92 -14.96 -1.63 -0.93
C SER A 92 -14.15 -1.73 0.36
CA CA B . 8.66 1.15 -5.93
CA CA C . 9.63 -6.11 3.54
N GLY A 1 -17.55 -7.45 -12.84
CA GLY A 1 -18.52 -8.24 -12.02
C GLY A 1 -18.51 -9.69 -12.46
N HIS A 2 -17.62 -10.48 -11.87
CA HIS A 2 -17.50 -11.90 -12.21
C HIS A 2 -16.95 -12.07 -13.63
N MET A 3 -17.07 -11.03 -14.44
CA MET A 3 -16.58 -11.07 -15.80
C MET A 3 -15.07 -11.23 -15.83
N ASP A 4 -14.40 -10.52 -14.91
CA ASP A 4 -12.93 -10.59 -14.83
C ASP A 4 -12.47 -10.35 -13.40
N THR A 5 -11.28 -10.84 -13.09
CA THR A 5 -10.73 -10.67 -11.75
C THR A 5 -10.27 -9.24 -11.53
N ASP A 6 -11.22 -8.38 -11.22
CA ASP A 6 -10.92 -6.96 -10.99
C ASP A 6 -9.90 -6.82 -9.88
N ALA A 7 -10.05 -7.60 -8.83
CA ALA A 7 -9.13 -7.54 -7.70
C ALA A 7 -7.69 -7.66 -8.18
N GLU A 8 -7.38 -8.74 -8.90
CA GLU A 8 -6.04 -8.96 -9.41
C GLU A 8 -5.56 -7.73 -10.18
N GLU A 9 -6.42 -7.24 -11.06
CA GLU A 9 -6.07 -6.06 -11.86
C GLU A 9 -5.89 -4.84 -10.96
N GLU A 10 -6.75 -4.72 -9.96
CA GLU A 10 -6.69 -3.60 -9.04
C GLU A 10 -5.34 -3.56 -8.35
N LEU A 11 -4.93 -4.69 -7.80
CA LEU A 11 -3.65 -4.77 -7.11
C LEU A 11 -2.52 -4.45 -8.05
N LYS A 12 -2.59 -4.95 -9.28
CA LYS A 12 -1.54 -4.69 -10.24
C LYS A 12 -1.50 -3.22 -10.64
N GLU A 13 -2.65 -2.68 -11.03
CA GLU A 13 -2.71 -1.28 -11.45
C GLU A 13 -2.17 -0.37 -10.35
N ALA A 14 -2.73 -0.51 -9.15
CA ALA A 14 -2.30 0.30 -8.03
C ALA A 14 -0.81 0.12 -7.79
N PHE A 15 -0.35 -1.13 -7.80
CA PHE A 15 1.06 -1.41 -7.56
C PHE A 15 1.94 -0.59 -8.50
N LYS A 16 1.56 -0.56 -9.78
CA LYS A 16 2.31 0.19 -10.77
C LYS A 16 2.30 1.67 -10.43
N VAL A 17 1.19 2.14 -9.87
CA VAL A 17 1.08 3.54 -9.52
C VAL A 17 1.99 3.89 -8.34
N PHE A 18 2.00 3.01 -7.34
CA PHE A 18 2.82 3.21 -6.15
C PHE A 18 4.29 2.98 -6.48
N ASP A 19 4.55 1.93 -7.25
CA ASP A 19 5.92 1.60 -7.62
C ASP A 19 6.41 2.51 -8.74
N LYS A 20 6.51 3.79 -8.43
CA LYS A 20 6.95 4.75 -9.43
C LYS A 20 8.33 4.38 -9.97
N ASP A 21 9.23 4.03 -9.07
CA ASP A 21 10.58 3.68 -9.46
C ASP A 21 10.58 2.36 -10.24
N GLN A 22 9.51 1.60 -10.07
CA GLN A 22 9.39 0.31 -10.75
C GLN A 22 10.52 -0.63 -10.34
N ASN A 23 10.96 -0.52 -9.10
CA ASN A 23 12.05 -1.35 -8.59
C ASN A 23 11.48 -2.60 -7.91
N GLY A 24 10.15 -2.68 -7.86
CA GLY A 24 9.50 -3.82 -7.24
C GLY A 24 9.50 -3.69 -5.72
N TYR A 25 9.89 -2.53 -5.23
CA TYR A 25 9.94 -2.27 -3.78
C TYR A 25 9.53 -0.84 -3.47
N ILE A 26 8.44 -0.70 -2.73
CA ILE A 26 7.94 0.63 -2.35
C ILE A 26 8.66 1.13 -1.12
N SER A 27 9.02 2.42 -1.12
CA SER A 27 9.72 3.03 0.00
C SER A 27 8.94 4.23 0.53
N ALA A 28 9.15 4.55 1.81
CA ALA A 28 8.46 5.68 2.43
C ALA A 28 8.41 6.87 1.48
N SER A 29 9.51 7.10 0.77
CA SER A 29 9.57 8.23 -0.16
C SER A 29 8.48 8.10 -1.23
N GLU A 30 8.37 6.91 -1.81
CA GLU A 30 7.35 6.68 -2.83
C GLU A 30 5.96 6.75 -2.23
N LEU A 31 5.80 6.14 -1.07
CA LEU A 31 4.50 6.14 -0.41
C LEU A 31 4.09 7.57 -0.05
N ARG A 32 5.02 8.32 0.49
CA ARG A 32 4.73 9.69 0.88
C ARG A 32 4.35 10.52 -0.34
N HIS A 33 5.11 10.36 -1.42
CA HIS A 33 4.85 11.11 -2.64
C HIS A 33 3.44 10.84 -3.14
N VAL A 34 3.05 9.57 -3.07
CA VAL A 34 1.71 9.18 -3.52
C VAL A 34 0.64 9.77 -2.62
N MET A 35 0.89 9.75 -1.31
CA MET A 35 -0.06 10.27 -0.36
C MET A 35 -0.30 11.76 -0.59
N ILE A 36 0.78 12.49 -0.84
CA ILE A 36 0.65 13.92 -1.10
C ILE A 36 -0.08 14.18 -2.40
N ASN A 37 0.28 13.43 -3.43
CA ASN A 37 -0.33 13.58 -4.73
C ASN A 37 -1.83 13.34 -4.63
N LEU A 38 -2.22 12.48 -3.68
CA LEU A 38 -3.63 12.17 -3.49
C LEU A 38 -4.33 13.29 -2.72
N GLY A 39 -3.60 14.36 -2.48
CA GLY A 39 -4.17 15.50 -1.76
C GLY A 39 -4.28 15.20 -0.27
N GLU A 40 -3.51 14.21 0.20
CA GLU A 40 -3.53 13.83 1.61
C GLU A 40 -2.21 14.19 2.28
N LYS A 41 -2.31 14.80 3.45
CA LYS A 41 -1.12 15.21 4.21
C LYS A 41 -1.01 14.40 5.48
N LEU A 42 -0.20 13.34 5.44
CA LEU A 42 -0.02 12.47 6.60
C LEU A 42 1.33 12.74 7.25
N THR A 43 1.65 11.95 8.26
CA THR A 43 2.93 12.12 8.98
C THR A 43 3.85 10.93 8.71
N ASP A 44 5.14 11.20 8.79
CA ASP A 44 6.14 10.16 8.54
C ASP A 44 5.89 8.97 9.45
N GLU A 45 5.57 9.23 10.71
CA GLU A 45 5.31 8.16 11.66
C GLU A 45 4.32 7.15 11.07
N GLU A 46 3.27 7.66 10.45
CA GLU A 46 2.26 6.79 9.84
C GLU A 46 2.88 5.95 8.72
N VAL A 47 3.76 6.56 7.94
CA VAL A 47 4.40 5.84 6.84
C VAL A 47 5.23 4.68 7.38
N GLU A 48 6.02 4.95 8.40
CA GLU A 48 6.87 3.91 8.99
C GLU A 48 6.01 2.79 9.54
N GLN A 49 4.96 3.16 10.27
CA GLN A 49 4.05 2.17 10.85
C GLN A 49 3.50 1.25 9.76
N MET A 50 3.26 1.81 8.59
CA MET A 50 2.74 1.02 7.48
C MET A 50 3.83 0.09 6.91
N ILE A 51 5.05 0.62 6.77
CA ILE A 51 6.15 -0.17 6.23
C ILE A 51 6.53 -1.30 7.19
N LYS A 52 6.68 -0.97 8.46
CA LYS A 52 7.04 -1.98 9.44
C LYS A 52 5.90 -2.98 9.63
N GLU A 53 4.66 -2.47 9.75
CA GLU A 53 3.52 -3.33 9.93
C GLU A 53 3.37 -4.25 8.74
N ALA A 54 3.72 -3.73 7.56
CA ALA A 54 3.61 -4.54 6.34
C ALA A 54 4.84 -5.40 6.16
N ASP A 55 6.01 -4.83 6.39
CA ASP A 55 7.26 -5.56 6.25
C ASP A 55 7.42 -6.57 7.38
N LEU A 56 7.70 -7.82 7.01
CA LEU A 56 7.89 -8.89 8.00
C LEU A 56 9.36 -9.08 8.31
N ASP A 57 10.22 -8.40 7.54
CA ASP A 57 11.67 -8.50 7.74
C ASP A 57 12.24 -7.16 8.17
N GLY A 58 11.36 -6.19 8.42
CA GLY A 58 11.80 -4.87 8.85
C GLY A 58 12.97 -4.39 8.01
N ASP A 59 12.88 -4.58 6.69
CA ASP A 59 13.95 -4.16 5.79
C ASP A 59 13.82 -2.69 5.44
N GLY A 60 12.63 -2.13 5.71
CA GLY A 60 12.39 -0.71 5.43
C GLY A 60 11.76 -0.53 4.05
N GLN A 61 11.54 -1.65 3.35
CA GLN A 61 10.96 -1.61 2.01
C GLN A 61 9.82 -2.61 1.90
N VAL A 62 8.68 -2.15 1.38
CA VAL A 62 7.52 -3.04 1.23
C VAL A 62 7.61 -3.81 -0.08
N ASN A 63 7.54 -5.13 0.03
CA ASN A 63 7.61 -6.00 -1.15
C ASN A 63 6.21 -6.21 -1.72
N TYR A 64 6.16 -6.58 -3.00
CA TYR A 64 4.89 -6.80 -3.67
C TYR A 64 4.02 -7.78 -2.87
N GLU A 65 4.61 -8.89 -2.47
CA GLU A 65 3.87 -9.90 -1.71
C GLU A 65 3.35 -9.31 -0.41
N GLU A 66 4.18 -8.49 0.24
CA GLU A 66 3.79 -7.87 1.50
C GLU A 66 2.60 -6.92 1.27
N PHE A 67 2.60 -6.27 0.13
CA PHE A 67 1.51 -5.36 -0.20
C PHE A 67 0.21 -6.11 -0.43
N VAL A 68 0.28 -7.21 -1.19
CA VAL A 68 -0.91 -7.99 -1.51
C VAL A 68 -1.54 -8.57 -0.24
N LYS A 69 -0.73 -9.25 0.57
CA LYS A 69 -1.23 -9.85 1.79
C LYS A 69 -1.81 -8.79 2.71
N MET A 70 -1.14 -7.66 2.79
CA MET A 70 -1.60 -6.58 3.64
C MET A 70 -2.94 -6.06 3.16
N MET A 71 -3.09 -5.93 1.85
CA MET A 71 -4.32 -5.44 1.29
C MET A 71 -5.47 -6.38 1.62
N MET A 72 -5.15 -7.66 1.77
CA MET A 72 -6.16 -8.65 2.12
C MET A 72 -6.38 -8.72 3.64
N THR A 73 -5.31 -9.05 4.36
CA THR A 73 -5.39 -9.14 5.82
C THR A 73 -6.10 -7.94 6.42
N VAL A 74 -5.97 -6.80 5.75
CA VAL A 74 -6.62 -5.58 6.22
C VAL A 74 -8.13 -5.81 6.37
N ARG A 75 -8.60 -6.97 5.91
CA ARG A 75 -10.03 -7.29 6.02
C ARG A 75 -10.60 -6.70 7.33
N GLY A 76 -11.19 -5.52 7.22
CA GLY A 76 -11.73 -4.82 8.38
C GLY A 76 -10.58 -4.24 9.21
N GLY A 77 -9.79 -5.13 9.84
CA GLY A 77 -8.66 -4.69 10.66
C GLY A 77 -7.46 -5.56 10.35
N GLY A 78 -6.69 -5.92 11.37
CA GLY A 78 -5.50 -6.76 11.19
C GLY A 78 -4.23 -5.94 11.38
N GLY A 79 -4.38 -4.69 11.80
CA GLY A 79 -3.23 -3.82 12.04
C GLY A 79 -2.87 -3.03 10.81
N GLY A 80 -3.47 -1.86 10.66
CA GLY A 80 -3.20 -1.02 9.51
C GLY A 80 -3.98 0.29 9.59
N ASN A 81 -3.44 1.26 10.33
CA ASN A 81 -4.11 2.54 10.47
C ASN A 81 -3.97 3.34 9.17
N GLY A 82 -2.75 3.36 8.62
CA GLY A 82 -2.52 4.07 7.38
C GLY A 82 -3.09 3.30 6.20
N TRP A 83 -2.95 1.98 6.24
CA TRP A 83 -3.46 1.13 5.17
C TRP A 83 -4.97 1.29 5.08
N SER A 84 -5.62 1.31 6.24
CA SER A 84 -7.07 1.47 6.29
C SER A 84 -7.47 2.82 5.71
N ARG A 85 -6.66 3.85 6.00
CA ARG A 85 -6.95 5.17 5.47
C ARG A 85 -6.89 5.16 3.94
N LEU A 86 -5.90 4.47 3.40
CA LEU A 86 -5.76 4.38 1.96
C LEU A 86 -6.88 3.53 1.37
N ARG A 87 -7.17 2.42 2.03
CA ARG A 87 -8.20 1.51 1.57
C ARG A 87 -9.56 2.18 1.64
N ARG A 88 -9.64 3.28 2.36
CA ARG A 88 -10.88 4.03 2.49
C ARG A 88 -11.04 5.03 1.34
N LYS A 89 -9.93 5.68 0.97
CA LYS A 89 -9.97 6.66 -0.11
C LYS A 89 -10.17 5.98 -1.45
N PHE A 90 -10.23 4.65 -1.44
CA PHE A 90 -10.41 3.88 -2.68
C PHE A 90 -11.86 3.42 -2.79
N SER A 91 -12.79 4.30 -2.45
CA SER A 91 -14.19 3.97 -2.54
C SER A 91 -14.54 3.41 -3.91
N SER A 92 -13.98 4.03 -4.95
CA SER A 92 -14.23 3.58 -6.32
C SER A 92 -13.25 2.49 -6.72
CA CA B . 8.58 1.08 -5.85
CA CA C . 9.94 -5.70 3.84
N GLY A 1 -17.02 -6.12 -11.95
CA GLY A 1 -17.35 -7.41 -11.26
C GLY A 1 -18.06 -8.34 -12.23
N HIS A 2 -17.97 -9.63 -11.97
CA HIS A 2 -18.61 -10.63 -12.84
C HIS A 2 -17.88 -10.73 -14.17
N MET A 3 -17.61 -9.58 -14.77
CA MET A 3 -16.90 -9.56 -16.06
C MET A 3 -15.48 -10.09 -15.90
N ASP A 4 -14.84 -9.73 -14.79
CA ASP A 4 -13.48 -10.19 -14.53
C ASP A 4 -13.05 -9.82 -13.12
N THR A 5 -12.00 -10.47 -12.64
CA THR A 5 -11.50 -10.20 -11.30
C THR A 5 -10.79 -8.85 -11.26
N ASP A 6 -11.55 -7.79 -11.02
CA ASP A 6 -10.98 -6.44 -10.98
C ASP A 6 -9.91 -6.35 -9.90
N ALA A 7 -10.16 -6.98 -8.76
CA ALA A 7 -9.20 -6.96 -7.66
C ALA A 7 -7.79 -7.20 -8.17
N GLU A 8 -7.59 -8.35 -8.82
CA GLU A 8 -6.28 -8.70 -9.36
C GLU A 8 -5.72 -7.55 -10.18
N GLU A 9 -6.56 -6.96 -11.02
CA GLU A 9 -6.12 -5.85 -11.85
C GLU A 9 -5.86 -4.61 -10.99
N GLU A 10 -6.67 -4.43 -9.96
CA GLU A 10 -6.51 -3.28 -9.08
C GLU A 10 -5.16 -3.34 -8.36
N LEU A 11 -4.90 -4.45 -7.71
CA LEU A 11 -3.64 -4.60 -6.98
C LEU A 11 -2.45 -4.50 -7.93
N LYS A 12 -2.58 -5.12 -9.09
CA LYS A 12 -1.50 -5.08 -10.07
C LYS A 12 -1.31 -3.68 -10.62
N GLU A 13 -2.40 -3.09 -11.10
CA GLU A 13 -2.34 -1.76 -11.67
C GLU A 13 -2.00 -0.73 -10.59
N ALA A 14 -2.62 -0.86 -9.43
CA ALA A 14 -2.38 0.05 -8.32
C ALA A 14 -0.94 -0.06 -7.82
N PHE A 15 -0.51 -1.29 -7.56
CA PHE A 15 0.84 -1.52 -7.06
C PHE A 15 1.87 -1.13 -8.12
N LYS A 16 1.46 -1.20 -9.38
CA LYS A 16 2.36 -0.87 -10.47
C LYS A 16 2.60 0.63 -10.57
N VAL A 17 1.59 1.41 -10.25
CA VAL A 17 1.69 2.87 -10.31
C VAL A 17 2.28 3.43 -9.02
N PHE A 18 2.08 2.70 -7.92
CA PHE A 18 2.60 3.13 -6.63
C PHE A 18 4.12 3.25 -6.67
N ASP A 19 4.77 2.26 -7.25
CA ASP A 19 6.22 2.27 -7.34
C ASP A 19 6.69 3.06 -8.56
N LYS A 20 6.83 4.36 -8.39
CA LYS A 20 7.26 5.22 -9.48
C LYS A 20 8.62 4.77 -9.99
N ASP A 21 9.51 4.40 -9.08
CA ASP A 21 10.83 3.94 -9.46
C ASP A 21 10.74 2.66 -10.29
N GLN A 22 9.70 1.87 -10.02
CA GLN A 22 9.49 0.61 -10.75
C GLN A 22 10.52 -0.43 -10.33
N ASN A 23 10.97 -0.35 -9.09
CA ASN A 23 11.95 -1.29 -8.57
C ASN A 23 11.26 -2.51 -7.97
N GLY A 24 9.95 -2.58 -8.15
CA GLY A 24 9.18 -3.70 -7.62
C GLY A 24 8.98 -3.55 -6.11
N TYR A 25 9.81 -2.73 -5.48
CA TYR A 25 9.73 -2.50 -4.04
C TYR A 25 9.27 -1.08 -3.76
N ILE A 26 8.49 -0.92 -2.68
CA ILE A 26 7.98 0.39 -2.30
C ILE A 26 8.67 0.88 -1.03
N SER A 27 8.93 2.19 -0.98
CA SER A 27 9.60 2.79 0.17
C SER A 27 8.73 3.88 0.78
N ALA A 28 9.34 4.75 1.58
CA ALA A 28 8.61 5.84 2.22
C ALA A 28 8.49 7.03 1.28
N SER A 29 9.55 7.28 0.52
CA SER A 29 9.55 8.41 -0.40
C SER A 29 8.45 8.25 -1.44
N GLU A 30 8.28 7.04 -1.94
CA GLU A 30 7.25 6.77 -2.94
C GLU A 30 5.87 6.82 -2.32
N LEU A 31 5.71 6.17 -1.18
CA LEU A 31 4.44 6.14 -0.50
C LEU A 31 4.01 7.54 -0.10
N ARG A 32 4.95 8.31 0.43
CA ARG A 32 4.67 9.67 0.83
C ARG A 32 4.24 10.50 -0.37
N HIS A 33 4.98 10.39 -1.46
CA HIS A 33 4.67 11.16 -2.66
C HIS A 33 3.25 10.88 -3.13
N VAL A 34 2.86 9.61 -3.11
CA VAL A 34 1.53 9.21 -3.53
C VAL A 34 0.48 9.78 -2.58
N MET A 35 0.78 9.74 -1.28
CA MET A 35 -0.15 10.25 -0.28
C MET A 35 -0.40 11.73 -0.50
N ILE A 36 0.66 12.48 -0.79
CA ILE A 36 0.53 13.91 -1.01
C ILE A 36 -0.28 14.18 -2.27
N ASN A 37 0.01 13.43 -3.33
CA ASN A 37 -0.69 13.58 -4.59
C ASN A 37 -2.18 13.30 -4.39
N LEU A 38 -2.48 12.42 -3.46
CA LEU A 38 -3.87 12.07 -3.17
C LEU A 38 -4.54 13.17 -2.35
N GLY A 39 -3.81 14.24 -2.09
CA GLY A 39 -4.34 15.35 -1.32
C GLY A 39 -4.36 15.03 0.16
N GLU A 40 -3.55 14.05 0.56
CA GLU A 40 -3.47 13.64 1.97
C GLU A 40 -2.12 14.04 2.56
N LYS A 41 -2.17 14.70 3.71
CA LYS A 41 -0.95 15.16 4.36
C LYS A 41 -0.62 14.26 5.55
N LEU A 42 0.24 13.27 5.31
CA LEU A 42 0.64 12.33 6.37
C LEU A 42 2.08 12.61 6.78
N THR A 43 2.34 12.43 8.07
CA THR A 43 3.68 12.67 8.61
C THR A 43 4.56 11.44 8.40
N ASP A 44 5.87 11.64 8.49
CA ASP A 44 6.81 10.55 8.30
C ASP A 44 6.47 9.38 9.22
N GLU A 45 6.21 9.69 10.48
CA GLU A 45 5.88 8.65 11.45
C GLU A 45 4.78 7.73 10.90
N GLU A 46 3.75 8.32 10.33
CA GLU A 46 2.65 7.54 9.77
C GLU A 46 3.16 6.59 8.68
N VAL A 47 4.08 7.08 7.88
CA VAL A 47 4.64 6.26 6.80
C VAL A 47 5.40 5.07 7.37
N GLU A 48 6.21 5.33 8.38
CA GLU A 48 6.99 4.26 9.01
C GLU A 48 6.07 3.24 9.67
N GLN A 49 5.16 3.73 10.50
CA GLN A 49 4.23 2.85 11.20
C GLN A 49 3.54 1.91 10.22
N MET A 50 3.14 2.46 9.08
CA MET A 50 2.48 1.64 8.08
C MET A 50 3.46 0.65 7.45
N ILE A 51 4.68 1.11 7.21
CA ILE A 51 5.69 0.28 6.59
C ILE A 51 6.07 -0.86 7.51
N LYS A 52 6.27 -0.53 8.78
CA LYS A 52 6.66 -1.54 9.76
C LYS A 52 5.59 -2.62 9.84
N GLU A 53 4.32 -2.20 9.83
CA GLU A 53 3.23 -3.14 9.92
C GLU A 53 3.29 -4.13 8.76
N ALA A 54 3.35 -3.59 7.55
CA ALA A 54 3.44 -4.45 6.36
C ALA A 54 4.77 -5.18 6.31
N ASP A 55 5.83 -4.49 6.71
CA ASP A 55 7.17 -5.08 6.69
C ASP A 55 7.30 -6.09 7.82
N LEU A 56 7.50 -7.36 7.46
CA LEU A 56 7.65 -8.42 8.45
C LEU A 56 9.13 -8.72 8.68
N ASP A 57 9.99 -8.17 7.84
CA ASP A 57 11.43 -8.38 7.96
C ASP A 57 12.15 -7.07 8.23
N GLY A 58 11.38 -6.00 8.41
CA GLY A 58 11.96 -4.70 8.67
C GLY A 58 13.14 -4.42 7.75
N ASP A 59 12.91 -4.55 6.45
CA ASP A 59 13.98 -4.32 5.47
C ASP A 59 13.96 -2.86 5.00
N GLY A 60 13.02 -2.08 5.52
CA GLY A 60 12.91 -0.68 5.16
C GLY A 60 12.15 -0.51 3.84
N GLN A 61 11.79 -1.64 3.23
CA GLN A 61 11.06 -1.62 1.97
C GLN A 61 9.93 -2.64 1.98
N VAL A 62 8.82 -2.30 1.33
CA VAL A 62 7.68 -3.21 1.28
C VAL A 62 7.69 -4.02 -0.01
N ASN A 63 7.57 -5.33 0.12
CA ASN A 63 7.56 -6.22 -1.04
C ASN A 63 6.15 -6.39 -1.57
N TYR A 64 6.04 -6.76 -2.84
CA TYR A 64 4.74 -6.94 -3.46
C TYR A 64 3.89 -7.92 -2.65
N GLU A 65 4.50 -9.04 -2.27
CA GLU A 65 3.79 -10.04 -1.49
C GLU A 65 3.24 -9.45 -0.20
N GLU A 66 4.04 -8.58 0.42
CA GLU A 66 3.61 -7.93 1.66
C GLU A 66 2.41 -7.02 1.41
N PHE A 67 2.36 -6.43 0.22
CA PHE A 67 1.26 -5.55 -0.13
C PHE A 67 -0.02 -6.34 -0.35
N VAL A 68 0.10 -7.45 -1.10
CA VAL A 68 -1.06 -8.27 -1.39
C VAL A 68 -1.67 -8.86 -0.12
N LYS A 69 -0.83 -9.50 0.68
CA LYS A 69 -1.29 -10.11 1.92
C LYS A 69 -1.89 -9.06 2.84
N MET A 70 -1.23 -7.92 2.93
CA MET A 70 -1.71 -6.85 3.80
C MET A 70 -3.06 -6.34 3.33
N MET A 71 -3.24 -6.27 2.03
CA MET A 71 -4.49 -5.80 1.46
C MET A 71 -5.63 -6.77 1.77
N MET A 72 -5.29 -8.05 1.83
CA MET A 72 -6.29 -9.09 2.12
C MET A 72 -6.71 -9.05 3.59
N THR A 73 -5.72 -9.01 4.48
CA THR A 73 -5.99 -8.98 5.90
C THR A 73 -6.68 -7.69 6.30
N VAL A 74 -6.43 -6.64 5.54
CA VAL A 74 -7.03 -5.34 5.83
C VAL A 74 -8.55 -5.44 5.81
N ARG A 75 -9.08 -6.11 4.80
CA ARG A 75 -10.52 -6.26 4.68
C ARG A 75 -10.99 -7.48 5.47
N GLY A 76 -11.52 -7.23 6.67
CA GLY A 76 -12.00 -8.31 7.52
C GLY A 76 -11.61 -8.08 8.98
N GLY A 77 -10.30 -8.03 9.23
CA GLY A 77 -9.82 -7.82 10.59
C GLY A 77 -8.30 -7.63 10.60
N GLY A 78 -7.81 -6.76 9.73
CA GLY A 78 -6.38 -6.49 9.65
C GLY A 78 -6.01 -5.28 10.48
N GLY A 79 -4.72 -4.97 10.52
CA GLY A 79 -4.22 -3.83 11.30
C GLY A 79 -3.35 -2.92 10.43
N GLY A 80 -3.44 -1.62 10.68
CA GLY A 80 -2.66 -0.66 9.92
C GLY A 80 -3.34 0.70 9.88
N ASN A 81 -2.71 1.71 10.48
CA ASN A 81 -3.28 3.05 10.50
C ASN A 81 -3.15 3.71 9.12
N GLY A 82 -1.97 3.56 8.52
CA GLY A 82 -1.73 4.15 7.21
C GLY A 82 -2.40 3.32 6.11
N TRP A 83 -2.41 2.00 6.30
CA TRP A 83 -3.02 1.11 5.32
C TRP A 83 -4.54 1.32 5.30
N SER A 84 -5.13 1.37 6.49
CA SER A 84 -6.57 1.58 6.62
C SER A 84 -6.96 2.91 6.02
N ARG A 85 -6.13 3.93 6.24
CA ARG A 85 -6.41 5.26 5.71
C ARG A 85 -6.39 5.25 4.18
N LEU A 86 -5.42 4.54 3.61
CA LEU A 86 -5.31 4.46 2.17
C LEU A 86 -6.45 3.64 1.59
N ARG A 87 -6.80 2.57 2.30
CA ARG A 87 -7.88 1.68 1.85
C ARG A 87 -9.24 2.25 2.21
N ARG A 88 -9.25 3.21 3.14
CA ARG A 88 -10.50 3.83 3.56
C ARG A 88 -11.23 4.41 2.35
N LYS A 89 -10.61 5.42 1.75
CA LYS A 89 -11.19 6.05 0.57
C LYS A 89 -11.40 5.03 -0.52
N PHE A 90 -10.44 4.93 -1.45
CA PHE A 90 -10.51 4.00 -2.57
C PHE A 90 -11.96 3.70 -2.94
N SER A 91 -12.81 4.71 -2.83
CA SER A 91 -14.23 4.55 -3.14
C SER A 91 -14.79 5.82 -3.74
N SER A 92 -13.94 6.57 -4.45
CA SER A 92 -14.37 7.82 -5.07
C SER A 92 -15.15 7.54 -6.35
CA CA B . 10.76 1.87 -5.54
CA CA C . 9.77 -5.61 4.11
N GLY A 1 -10.43 -13.21 -20.39
CA GLY A 1 -10.64 -12.56 -19.06
C GLY A 1 -9.53 -13.00 -18.11
N HIS A 2 -9.11 -12.08 -17.25
CA HIS A 2 -8.05 -12.38 -16.28
C HIS A 2 -8.13 -11.45 -15.09
N MET A 3 -7.57 -10.26 -15.23
CA MET A 3 -7.58 -9.29 -14.14
C MET A 3 -9.01 -8.90 -13.79
N ASP A 4 -9.83 -8.67 -14.83
CA ASP A 4 -11.25 -8.29 -14.65
C ASP A 4 -11.50 -7.77 -13.24
N THR A 5 -11.72 -8.72 -12.31
CA THR A 5 -11.96 -8.39 -10.90
C THR A 5 -11.22 -7.10 -10.53
N ASP A 6 -11.97 -6.12 -10.08
CA ASP A 6 -11.40 -4.84 -9.72
C ASP A 6 -10.26 -5.03 -8.72
N ALA A 7 -10.49 -5.89 -7.74
CA ALA A 7 -9.47 -6.14 -6.73
C ALA A 7 -8.13 -6.45 -7.40
N GLU A 8 -8.11 -7.50 -8.21
CA GLU A 8 -6.87 -7.88 -8.91
C GLU A 8 -6.37 -6.73 -9.76
N GLU A 9 -7.16 -6.34 -10.74
CA GLU A 9 -6.79 -5.25 -11.65
C GLU A 9 -6.22 -4.08 -10.84
N GLU A 10 -6.98 -3.64 -9.85
CA GLU A 10 -6.55 -2.53 -9.02
C GLU A 10 -5.23 -2.84 -8.33
N LEU A 11 -5.13 -4.02 -7.72
CA LEU A 11 -3.92 -4.40 -7.04
C LEU A 11 -2.73 -4.28 -7.98
N LYS A 12 -2.84 -4.89 -9.16
CA LYS A 12 -1.74 -4.86 -10.10
C LYS A 12 -1.49 -3.45 -10.60
N GLU A 13 -2.55 -2.81 -11.08
CA GLU A 13 -2.42 -1.45 -11.60
C GLU A 13 -1.85 -0.53 -10.54
N ALA A 14 -2.48 -0.53 -9.37
CA ALA A 14 -2.03 0.32 -8.28
C ALA A 14 -0.57 0.04 -7.95
N PHE A 15 -0.23 -1.25 -7.85
CA PHE A 15 1.13 -1.64 -7.53
C PHE A 15 2.11 -0.99 -8.51
N LYS A 16 1.79 -1.05 -9.79
CA LYS A 16 2.64 -0.46 -10.82
C LYS A 16 2.70 1.05 -10.67
N VAL A 17 1.57 1.65 -10.29
CA VAL A 17 1.50 3.10 -10.11
C VAL A 17 2.30 3.52 -8.88
N PHE A 18 2.28 2.68 -7.85
CA PHE A 18 3.00 2.98 -6.62
C PHE A 18 4.51 2.89 -6.84
N ASP A 19 4.93 1.85 -7.54
CA ASP A 19 6.34 1.66 -7.79
C ASP A 19 6.83 2.57 -8.91
N LYS A 20 6.88 3.86 -8.63
CA LYS A 20 7.31 4.83 -9.62
C LYS A 20 8.70 4.47 -10.13
N ASP A 21 9.60 4.15 -9.20
CA ASP A 21 10.97 3.78 -9.57
C ASP A 21 10.98 2.46 -10.32
N GLN A 22 9.94 1.66 -10.10
CA GLN A 22 9.83 0.35 -10.77
C GLN A 22 10.95 -0.58 -10.29
N ASN A 23 11.26 -0.52 -9.01
CA ASN A 23 12.32 -1.37 -8.45
C ASN A 23 11.71 -2.61 -7.79
N GLY A 24 10.38 -2.70 -7.84
CA GLY A 24 9.69 -3.84 -7.25
C GLY A 24 9.72 -3.76 -5.73
N TYR A 25 9.95 -2.56 -5.21
CA TYR A 25 10.01 -2.36 -3.76
C TYR A 25 9.56 -0.95 -3.40
N ILE A 26 8.44 -0.85 -2.69
CA ILE A 26 7.92 0.44 -2.27
C ILE A 26 8.66 0.95 -1.05
N SER A 27 8.94 2.26 -1.03
CA SER A 27 9.65 2.87 0.09
C SER A 27 8.89 4.09 0.60
N ALA A 28 9.15 4.46 1.85
CA ALA A 28 8.48 5.60 2.46
C ALA A 28 8.44 6.78 1.50
N SER A 29 9.55 7.00 0.80
CA SER A 29 9.62 8.11 -0.16
C SER A 29 8.58 7.95 -1.25
N GLU A 30 8.49 6.75 -1.81
CA GLU A 30 7.53 6.49 -2.87
C GLU A 30 6.11 6.53 -2.33
N LEU A 31 5.90 5.90 -1.19
CA LEU A 31 4.58 5.85 -0.58
C LEU A 31 4.13 7.25 -0.19
N ARG A 32 5.04 8.00 0.41
CA ARG A 32 4.71 9.36 0.83
C ARG A 32 4.32 10.21 -0.37
N HIS A 33 5.11 10.12 -1.43
CA HIS A 33 4.84 10.92 -2.61
C HIS A 33 3.46 10.59 -3.18
N VAL A 34 3.13 9.32 -3.21
CA VAL A 34 1.84 8.88 -3.75
C VAL A 34 0.69 9.40 -2.86
N MET A 35 0.86 9.27 -1.55
CA MET A 35 -0.18 9.72 -0.63
C MET A 35 -0.43 11.21 -0.80
N ILE A 36 0.63 11.97 -0.98
CA ILE A 36 0.49 13.41 -1.17
C ILE A 36 -0.21 13.70 -2.49
N ASN A 37 0.19 12.98 -3.53
CA ASN A 37 -0.40 13.18 -4.85
C ASN A 37 -1.90 12.99 -4.77
N LEU A 38 -2.35 12.20 -3.81
CA LEU A 38 -3.78 11.95 -3.63
C LEU A 38 -4.45 13.13 -2.93
N GLY A 39 -3.70 14.20 -2.73
CA GLY A 39 -4.25 15.39 -2.09
C GLY A 39 -4.47 15.16 -0.61
N GLU A 40 -3.73 14.20 -0.05
CA GLU A 40 -3.84 13.87 1.38
C GLU A 40 -2.56 14.27 2.11
N LYS A 41 -2.72 14.90 3.28
CA LYS A 41 -1.57 15.34 4.07
C LYS A 41 -1.50 14.54 5.36
N LEU A 42 -0.69 13.49 5.36
CA LEU A 42 -0.53 12.63 6.52
C LEU A 42 0.79 12.93 7.21
N THR A 43 1.16 12.09 8.18
CA THR A 43 2.41 12.27 8.93
C THR A 43 3.39 11.16 8.59
N ASP A 44 4.68 11.52 8.58
CA ASP A 44 5.72 10.57 8.28
C ASP A 44 5.61 9.36 9.20
N GLU A 45 5.14 9.58 10.42
CA GLU A 45 4.99 8.49 11.37
C GLU A 45 4.09 7.41 10.80
N GLU A 46 3.03 7.83 10.12
CA GLU A 46 2.09 6.88 9.54
C GLU A 46 2.80 6.02 8.49
N VAL A 47 3.68 6.64 7.72
CA VAL A 47 4.42 5.92 6.70
C VAL A 47 5.34 4.87 7.32
N GLU A 48 6.05 5.27 8.38
CA GLU A 48 6.96 4.35 9.04
C GLU A 48 6.19 3.18 9.64
N GLN A 49 5.08 3.48 10.30
CA GLN A 49 4.26 2.44 10.90
C GLN A 49 3.68 1.53 9.82
N MET A 50 3.40 2.10 8.66
CA MET A 50 2.84 1.34 7.57
C MET A 50 3.86 0.32 7.03
N ILE A 51 5.08 0.77 6.83
CA ILE A 51 6.12 -0.09 6.30
C ILE A 51 6.51 -1.16 7.29
N LYS A 52 6.70 -0.76 8.53
CA LYS A 52 7.09 -1.72 9.56
C LYS A 52 6.06 -2.85 9.64
N GLU A 53 4.79 -2.47 9.61
CA GLU A 53 3.72 -3.46 9.69
C GLU A 53 3.80 -4.43 8.55
N ALA A 54 3.86 -3.90 7.33
CA ALA A 54 3.94 -4.74 6.15
C ALA A 54 5.26 -5.50 6.10
N ASP A 55 6.35 -4.79 6.40
CA ASP A 55 7.68 -5.41 6.38
C ASP A 55 7.82 -6.43 7.49
N LEU A 56 8.13 -7.67 7.12
CA LEU A 56 8.31 -8.74 8.11
C LEU A 56 9.78 -8.88 8.47
N ASP A 57 10.64 -8.19 7.72
CA ASP A 57 12.08 -8.24 7.96
C ASP A 57 12.60 -6.88 8.40
N GLY A 58 11.67 -5.94 8.61
CA GLY A 58 12.06 -4.60 9.04
C GLY A 58 13.19 -4.05 8.18
N ASP A 59 13.04 -4.17 6.86
CA ASP A 59 14.06 -3.69 5.92
C ASP A 59 13.82 -2.23 5.56
N GLY A 60 12.56 -1.80 5.65
CA GLY A 60 12.19 -0.43 5.31
C GLY A 60 11.56 -0.35 3.93
N GLN A 61 11.36 -1.51 3.30
CA GLN A 61 10.76 -1.56 1.98
C GLN A 61 9.68 -2.63 1.92
N VAL A 62 8.52 -2.26 1.36
CA VAL A 62 7.41 -3.20 1.26
C VAL A 62 7.48 -3.95 -0.06
N ASN A 63 7.49 -5.28 0.03
CA ASN A 63 7.55 -6.12 -1.15
C ASN A 63 6.15 -6.40 -1.69
N TYR A 64 6.09 -6.87 -2.93
CA TYR A 64 4.81 -7.16 -3.56
C TYR A 64 4.00 -8.11 -2.69
N GLU A 65 4.64 -9.14 -2.15
CA GLU A 65 3.95 -10.11 -1.31
C GLU A 65 3.37 -9.43 -0.07
N GLU A 66 4.20 -8.61 0.59
CA GLU A 66 3.77 -7.92 1.79
C GLU A 66 2.61 -6.97 1.47
N PHE A 67 2.66 -6.36 0.29
CA PHE A 67 1.60 -5.46 -0.13
C PHE A 67 0.27 -6.20 -0.28
N VAL A 68 0.32 -7.33 -0.98
CA VAL A 68 -0.88 -8.13 -1.22
C VAL A 68 -1.50 -8.58 0.09
N LYS A 69 -0.81 -9.49 0.79
CA LYS A 69 -1.31 -10.00 2.05
C LYS A 69 -1.90 -8.88 2.89
N MET A 70 -1.19 -7.76 2.97
CA MET A 70 -1.67 -6.63 3.74
C MET A 70 -2.93 -6.04 3.12
N MET A 71 -2.94 -5.94 1.80
CA MET A 71 -4.08 -5.39 1.10
C MET A 71 -5.35 -6.14 1.48
N MET A 72 -5.22 -7.46 1.68
CA MET A 72 -6.36 -8.28 2.05
C MET A 72 -6.62 -8.22 3.56
N THR A 73 -5.57 -8.42 4.34
CA THR A 73 -5.70 -8.41 5.81
C THR A 73 -6.57 -7.24 6.24
N VAL A 74 -6.59 -6.19 5.44
CA VAL A 74 -7.39 -5.02 5.76
C VAL A 74 -8.86 -5.40 5.85
N ARG A 75 -9.33 -6.19 4.89
CA ARG A 75 -10.73 -6.61 4.86
C ARG A 75 -10.94 -7.82 5.76
N GLY A 76 -11.35 -7.57 6.99
CA GLY A 76 -11.59 -8.65 7.95
C GLY A 76 -10.47 -8.72 8.98
N GLY A 77 -9.37 -8.02 8.70
CA GLY A 77 -8.22 -8.01 9.61
C GLY A 77 -7.69 -6.60 9.80
N GLY A 78 -8.55 -5.60 9.58
CA GLY A 78 -8.15 -4.20 9.72
C GLY A 78 -7.15 -4.02 10.85
N GLY A 79 -6.00 -3.46 10.52
CA GLY A 79 -4.94 -3.25 11.51
C GLY A 79 -4.19 -1.98 11.18
N GLY A 80 -2.97 -2.13 10.64
CA GLY A 80 -2.10 -0.99 10.28
C GLY A 80 -2.92 0.29 10.15
N ASN A 81 -2.40 1.37 10.70
CA ASN A 81 -3.12 2.65 10.64
C ASN A 81 -3.02 3.27 9.25
N GLY A 82 -1.84 3.15 8.65
CA GLY A 82 -1.62 3.70 7.32
C GLY A 82 -2.40 2.91 6.27
N TRP A 83 -2.30 1.58 6.33
CA TRP A 83 -2.98 0.73 5.37
C TRP A 83 -4.49 0.94 5.47
N SER A 84 -4.99 0.97 6.70
CA SER A 84 -6.41 1.16 6.93
C SER A 84 -6.87 2.46 6.29
N ARG A 85 -6.08 3.52 6.46
CA ARG A 85 -6.42 4.81 5.88
C ARG A 85 -6.33 4.76 4.37
N LEU A 86 -5.32 4.06 3.87
CA LEU A 86 -5.13 3.94 2.44
C LEU A 86 -6.29 3.18 1.81
N ARG A 87 -6.85 2.27 2.57
CA ARG A 87 -7.98 1.46 2.07
C ARG A 87 -9.29 2.19 2.26
N ARG A 88 -9.62 2.49 3.51
CA ARG A 88 -10.87 3.18 3.81
C ARG A 88 -11.15 4.24 2.77
N LYS A 89 -10.12 5.02 2.44
CA LYS A 89 -10.25 6.08 1.44
C LYS A 89 -9.09 6.00 0.44
N PHE A 90 -9.28 5.21 -0.62
CA PHE A 90 -8.26 5.08 -1.66
C PHE A 90 -8.57 6.06 -2.78
N SER A 91 -7.56 6.30 -3.64
CA SER A 91 -7.71 7.23 -4.78
C SER A 91 -9.18 7.39 -5.17
N SER A 92 -9.68 6.45 -5.97
CA SER A 92 -11.07 6.49 -6.39
C SER A 92 -11.46 7.90 -6.83
CA CA B . 7.95 0.60 -6.17
CA CA C . 9.78 -6.01 3.47
N GLY A 1 -20.31 -7.50 -7.57
CA GLY A 1 -20.60 -8.83 -6.98
C GLY A 1 -19.79 -9.90 -7.70
N HIS A 2 -19.41 -10.94 -6.98
CA HIS A 2 -18.63 -12.03 -7.56
C HIS A 2 -17.39 -11.47 -8.26
N MET A 3 -16.77 -12.32 -9.09
CA MET A 3 -15.58 -11.90 -9.81
C MET A 3 -14.55 -11.29 -8.87
N ASP A 4 -13.52 -12.06 -8.55
CA ASP A 4 -12.47 -11.59 -7.65
C ASP A 4 -11.34 -10.96 -8.44
N THR A 5 -10.95 -11.58 -9.56
CA THR A 5 -9.88 -11.07 -10.40
C THR A 5 -9.79 -9.55 -10.29
N ASP A 6 -10.94 -8.91 -10.14
CA ASP A 6 -10.98 -7.46 -9.98
C ASP A 6 -9.93 -7.00 -8.98
N ALA A 7 -9.42 -7.94 -8.19
CA ALA A 7 -8.39 -7.62 -7.20
C ALA A 7 -7.01 -7.68 -7.84
N GLU A 8 -6.79 -8.70 -8.67
CA GLU A 8 -5.50 -8.86 -9.32
C GLU A 8 -5.13 -7.58 -10.07
N GLU A 9 -6.04 -7.10 -10.90
CA GLU A 9 -5.79 -5.89 -11.67
C GLU A 9 -5.73 -4.68 -10.74
N GLU A 10 -6.64 -4.63 -9.77
CA GLU A 10 -6.65 -3.51 -8.84
C GLU A 10 -5.33 -3.40 -8.07
N LEU A 11 -4.93 -4.49 -7.43
CA LEU A 11 -3.70 -4.50 -6.66
C LEU A 11 -2.50 -4.27 -7.55
N LYS A 12 -2.50 -4.90 -8.72
CA LYS A 12 -1.39 -4.77 -9.65
C LYS A 12 -1.30 -3.34 -10.17
N GLU A 13 -2.42 -2.82 -10.66
CA GLU A 13 -2.45 -1.46 -11.18
C GLU A 13 -1.92 -0.47 -10.15
N ALA A 14 -2.54 -0.47 -8.97
CA ALA A 14 -2.11 0.41 -7.90
C ALA A 14 -0.63 0.19 -7.60
N PHE A 15 -0.24 -1.07 -7.52
CA PHE A 15 1.16 -1.41 -7.22
C PHE A 15 2.09 -0.72 -8.22
N LYS A 16 1.72 -0.78 -9.51
CA LYS A 16 2.53 -0.16 -10.54
C LYS A 16 2.60 1.35 -10.34
N VAL A 17 1.51 1.93 -9.83
CA VAL A 17 1.45 3.36 -9.57
C VAL A 17 2.32 3.72 -8.37
N PHE A 18 2.32 2.84 -7.38
CA PHE A 18 3.09 3.08 -6.16
C PHE A 18 4.59 3.12 -6.49
N ASP A 19 5.04 2.18 -7.29
CA ASP A 19 6.45 2.12 -7.66
C ASP A 19 6.76 3.12 -8.77
N LYS A 20 6.76 4.39 -8.41
CA LYS A 20 7.05 5.45 -9.39
C LYS A 20 8.42 5.20 -10.03
N ASP A 21 9.40 4.85 -9.22
CA ASP A 21 10.74 4.57 -9.73
C ASP A 21 10.76 3.26 -10.51
N GLN A 22 9.79 2.40 -10.22
CA GLN A 22 9.70 1.11 -10.90
C GLN A 22 10.88 0.22 -10.54
N ASN A 23 11.34 0.32 -9.30
CA ASN A 23 12.46 -0.48 -8.84
C ASN A 23 11.99 -1.86 -8.39
N GLY A 24 10.67 -2.07 -8.45
CA GLY A 24 10.09 -3.35 -8.04
C GLY A 24 9.95 -3.43 -6.53
N TYR A 25 9.93 -2.28 -5.88
CA TYR A 25 9.80 -2.22 -4.42
C TYR A 25 9.23 -0.89 -3.98
N ILE A 26 8.54 -0.89 -2.84
CA ILE A 26 7.94 0.35 -2.32
C ILE A 26 8.70 0.82 -1.09
N SER A 27 8.96 2.13 -1.04
CA SER A 27 9.69 2.71 0.08
C SER A 27 8.96 3.94 0.61
N ALA A 28 9.22 4.28 1.87
CA ALA A 28 8.59 5.43 2.49
C ALA A 28 8.52 6.61 1.51
N SER A 29 9.61 6.79 0.75
CA SER A 29 9.67 7.89 -0.21
C SER A 29 8.55 7.76 -1.24
N GLU A 30 8.41 6.56 -1.81
CA GLU A 30 7.38 6.32 -2.82
C GLU A 30 6.00 6.42 -2.18
N LEU A 31 5.84 5.81 -1.02
CA LEU A 31 4.57 5.84 -0.32
C LEU A 31 4.18 7.26 0.03
N ARG A 32 5.14 8.02 0.52
CA ARG A 32 4.90 9.41 0.89
C ARG A 32 4.44 10.22 -0.33
N HIS A 33 5.14 10.04 -1.45
CA HIS A 33 4.80 10.79 -2.65
C HIS A 33 3.36 10.53 -3.05
N VAL A 34 2.95 9.27 -2.92
CA VAL A 34 1.59 8.89 -3.29
C VAL A 34 0.60 9.57 -2.36
N MET A 35 0.92 9.58 -1.07
CA MET A 35 0.02 10.18 -0.08
C MET A 35 -0.19 11.66 -0.39
N ILE A 36 0.87 12.34 -0.78
CA ILE A 36 0.78 13.76 -1.11
C ILE A 36 0.00 13.97 -2.40
N ASN A 37 0.28 13.13 -3.39
CA ASN A 37 -0.41 13.23 -4.67
C ASN A 37 -1.91 13.07 -4.48
N LEU A 38 -2.29 12.30 -3.47
CA LEU A 38 -3.71 12.09 -3.18
C LEU A 38 -4.30 13.29 -2.45
N GLY A 39 -3.51 14.36 -2.36
CA GLY A 39 -3.97 15.57 -1.68
C GLY A 39 -4.04 15.36 -0.18
N GLU A 40 -3.21 14.46 0.34
CA GLU A 40 -3.19 14.17 1.77
C GLU A 40 -1.81 14.46 2.34
N LYS A 41 -1.79 15.01 3.55
CA LYS A 41 -0.51 15.33 4.21
C LYS A 41 -0.33 14.48 5.46
N LEU A 42 0.49 13.44 5.34
CA LEU A 42 0.75 12.54 6.47
C LEU A 42 2.19 12.68 6.94
N THR A 43 2.41 12.41 8.23
CA THR A 43 3.75 12.52 8.79
C THR A 43 4.53 11.23 8.57
N ASP A 44 5.85 11.33 8.65
CA ASP A 44 6.71 10.17 8.46
C ASP A 44 6.24 9.01 9.34
N GLU A 45 5.89 9.32 10.58
CA GLU A 45 5.43 8.30 11.52
C GLU A 45 4.41 7.39 10.85
N GLU A 46 3.39 8.00 10.24
CA GLU A 46 2.34 7.23 9.56
C GLU A 46 2.95 6.33 8.49
N VAL A 47 3.91 6.85 7.76
CA VAL A 47 4.57 6.08 6.71
C VAL A 47 5.40 4.95 7.31
N GLU A 48 6.10 5.26 8.41
CA GLU A 48 6.95 4.27 9.04
C GLU A 48 6.14 3.11 9.59
N GLN A 49 5.11 3.43 10.38
CA GLN A 49 4.27 2.40 10.97
C GLN A 49 3.63 1.55 9.88
N MET A 50 3.30 2.18 8.76
CA MET A 50 2.69 1.46 7.64
C MET A 50 3.65 0.41 7.08
N ILE A 51 4.92 0.80 6.94
CA ILE A 51 5.93 -0.12 6.43
C ILE A 51 6.13 -1.28 7.39
N LYS A 52 6.16 -1.00 8.67
CA LYS A 52 6.36 -2.04 9.67
C LYS A 52 5.26 -3.09 9.57
N GLU A 53 4.01 -2.63 9.49
CA GLU A 53 2.88 -3.55 9.40
C GLU A 53 3.03 -4.45 8.18
N ALA A 54 3.29 -3.85 7.02
CA ALA A 54 3.46 -4.61 5.79
C ALA A 54 4.80 -5.34 5.78
N ASP A 55 5.84 -4.66 6.23
CA ASP A 55 7.18 -5.24 6.26
C ASP A 55 7.34 -6.14 7.47
N LEU A 56 7.65 -7.41 7.23
CA LEU A 56 7.81 -8.37 8.31
C LEU A 56 9.29 -8.72 8.47
N ASP A 57 10.13 -8.21 7.58
CA ASP A 57 11.57 -8.48 7.63
C ASP A 57 12.34 -7.18 7.82
N GLY A 58 11.61 -6.08 7.96
CA GLY A 58 12.24 -4.78 8.15
C GLY A 58 13.42 -4.59 7.22
N ASP A 59 13.15 -4.59 5.91
CA ASP A 59 14.20 -4.40 4.92
C ASP A 59 14.24 -2.96 4.43
N GLY A 60 13.35 -2.14 4.98
CA GLY A 60 13.29 -0.72 4.60
C GLY A 60 12.35 -0.52 3.42
N GLN A 61 11.93 -1.62 2.81
CA GLN A 61 11.03 -1.55 1.66
C GLN A 61 9.95 -2.61 1.77
N VAL A 62 8.89 -2.46 0.98
CA VAL A 62 7.78 -3.41 0.98
C VAL A 62 7.67 -4.12 -0.35
N ASN A 63 7.57 -5.45 -0.32
CA ASN A 63 7.46 -6.24 -1.53
C ASN A 63 6.00 -6.44 -1.91
N TYR A 64 5.75 -6.76 -3.18
CA TYR A 64 4.40 -6.96 -3.65
C TYR A 64 3.66 -7.97 -2.78
N GLU A 65 4.37 -8.99 -2.34
CA GLU A 65 3.77 -10.03 -1.50
C GLU A 65 3.24 -9.43 -0.19
N GLU A 66 4.05 -8.61 0.44
CA GLU A 66 3.66 -7.97 1.70
C GLU A 66 2.45 -7.07 1.47
N PHE A 67 2.40 -6.44 0.32
CA PHE A 67 1.29 -5.56 -0.01
C PHE A 67 -0.01 -6.36 -0.15
N VAL A 68 0.07 -7.46 -0.89
CA VAL A 68 -1.10 -8.30 -1.11
C VAL A 68 -1.67 -8.81 0.21
N LYS A 69 -0.80 -9.34 1.06
CA LYS A 69 -1.24 -9.85 2.35
C LYS A 69 -1.93 -8.74 3.14
N MET A 70 -1.33 -7.54 3.10
CA MET A 70 -1.87 -6.42 3.83
C MET A 70 -3.25 -6.07 3.31
N MET A 71 -3.40 -6.12 2.00
CA MET A 71 -4.68 -5.79 1.37
C MET A 71 -5.76 -6.74 1.87
N MET A 72 -5.39 -8.00 2.09
CA MET A 72 -6.36 -8.98 2.58
C MET A 72 -6.62 -8.80 4.06
N THR A 73 -5.55 -8.77 4.86
CA THR A 73 -5.69 -8.61 6.30
C THR A 73 -6.61 -7.45 6.63
N VAL A 74 -6.61 -6.44 5.77
CA VAL A 74 -7.44 -5.26 5.99
C VAL A 74 -8.90 -5.66 6.11
N ARG A 75 -9.35 -6.53 5.20
CA ARG A 75 -10.74 -6.98 5.22
C ARG A 75 -10.84 -8.31 5.95
N GLY A 76 -11.33 -8.25 7.19
CA GLY A 76 -11.49 -9.47 8.00
C GLY A 76 -10.57 -9.43 9.21
N GLY A 77 -10.16 -8.23 9.61
CA GLY A 77 -9.28 -8.08 10.76
C GLY A 77 -8.95 -6.60 10.99
N GLY A 78 -8.27 -5.99 10.03
CA GLY A 78 -7.90 -4.59 10.14
C GLY A 78 -6.64 -4.41 10.98
N GLY A 79 -6.05 -3.23 10.92
CA GLY A 79 -4.84 -2.95 11.68
C GLY A 79 -4.31 -1.57 11.35
N GLY A 80 -3.14 -1.51 10.74
CA GLY A 80 -2.51 -0.23 10.36
C GLY A 80 -3.57 0.85 10.15
N ASN A 81 -3.24 2.07 10.51
CA ASN A 81 -4.17 3.18 10.37
C ASN A 81 -4.00 3.87 9.01
N GLY A 82 -2.80 3.76 8.45
CA GLY A 82 -2.51 4.38 7.16
C GLY A 82 -3.10 3.56 6.02
N TRP A 83 -3.03 2.24 6.14
CA TRP A 83 -3.56 1.35 5.11
C TRP A 83 -5.08 1.47 5.05
N SER A 84 -5.72 1.41 6.21
CA SER A 84 -7.17 1.52 6.28
C SER A 84 -7.63 2.88 5.79
N ARG A 85 -6.82 3.91 6.07
CA ARG A 85 -7.17 5.26 5.62
C ARG A 85 -7.12 5.36 4.11
N LEU A 86 -6.10 4.75 3.52
CA LEU A 86 -5.95 4.78 2.07
C LEU A 86 -7.03 3.92 1.41
N ARG A 87 -7.42 2.86 2.09
CA ARG A 87 -8.45 1.97 1.57
C ARG A 87 -9.79 2.65 1.57
N ARG A 88 -10.32 2.92 2.78
CA ARG A 88 -11.62 3.57 2.90
C ARG A 88 -11.78 4.64 1.83
N LYS A 89 -10.66 5.26 1.46
CA LYS A 89 -10.67 6.30 0.44
C LYS A 89 -9.63 6.01 -0.62
N PHE A 90 -9.99 5.21 -1.62
CA PHE A 90 -9.09 4.88 -2.70
C PHE A 90 -9.76 5.06 -4.06
N SER A 91 -9.21 4.41 -5.09
CA SER A 91 -9.77 4.51 -6.43
C SER A 91 -9.82 3.13 -7.08
N SER A 92 -10.64 2.25 -6.51
CA SER A 92 -10.79 0.90 -7.04
C SER A 92 -11.26 0.95 -8.49
CA CA B . 9.16 1.65 -6.79
CA CA C . 9.72 -5.88 3.39
N GLY A 1 -11.73 -16.59 -10.31
CA GLY A 1 -11.05 -17.56 -11.20
C GLY A 1 -10.91 -16.96 -12.60
N HIS A 2 -10.03 -15.98 -12.74
CA HIS A 2 -9.82 -15.33 -14.03
C HIS A 2 -11.15 -14.91 -14.64
N MET A 3 -12.21 -14.96 -13.85
CA MET A 3 -13.53 -14.58 -14.32
C MET A 3 -13.63 -13.07 -14.46
N ASP A 4 -13.42 -12.36 -13.36
CA ASP A 4 -13.49 -10.90 -13.39
C ASP A 4 -13.07 -10.33 -12.03
N THR A 5 -12.00 -10.88 -11.46
CA THR A 5 -11.52 -10.43 -10.16
C THR A 5 -10.68 -9.17 -10.31
N ASP A 6 -11.35 -8.03 -10.22
CA ASP A 6 -10.67 -6.74 -10.35
C ASP A 6 -9.65 -6.56 -9.24
N ALA A 7 -9.87 -7.26 -8.12
CA ALA A 7 -8.94 -7.18 -6.99
C ALA A 7 -7.53 -7.52 -7.44
N GLU A 8 -7.36 -8.68 -8.05
CA GLU A 8 -6.05 -9.11 -8.53
C GLU A 8 -5.45 -8.03 -9.43
N GLU A 9 -6.25 -7.52 -10.36
CA GLU A 9 -5.78 -6.48 -11.27
C GLU A 9 -5.43 -5.22 -10.50
N GLU A 10 -6.28 -4.86 -9.53
CA GLU A 10 -6.03 -3.68 -8.73
C GLU A 10 -4.69 -3.76 -8.03
N LEU A 11 -4.42 -4.90 -7.39
CA LEU A 11 -3.18 -5.08 -6.67
C LEU A 11 -2.00 -4.92 -7.60
N LYS A 12 -2.09 -5.55 -8.77
CA LYS A 12 -1.01 -5.45 -9.74
C LYS A 12 -0.91 -4.04 -10.32
N GLU A 13 -2.02 -3.55 -10.86
CA GLU A 13 -2.05 -2.22 -11.46
C GLU A 13 -1.68 -1.16 -10.43
N ALA A 14 -2.37 -1.18 -9.30
CA ALA A 14 -2.11 -0.21 -8.24
C ALA A 14 -0.65 -0.30 -7.77
N PHE A 15 -0.20 -1.52 -7.53
CA PHE A 15 1.18 -1.72 -7.08
C PHE A 15 2.17 -1.18 -8.12
N LYS A 16 1.75 -1.19 -9.38
CA LYS A 16 2.62 -0.72 -10.46
C LYS A 16 2.80 0.79 -10.41
N VAL A 17 1.75 1.49 -10.03
CA VAL A 17 1.81 2.96 -9.94
C VAL A 17 2.61 3.39 -8.71
N PHE A 18 2.52 2.60 -7.66
CA PHE A 18 3.23 2.94 -6.41
C PHE A 18 4.72 3.04 -6.66
N ASP A 19 5.26 2.06 -7.39
CA ASP A 19 6.67 2.06 -7.70
C ASP A 19 6.96 2.85 -8.97
N LYS A 20 6.87 4.17 -8.86
CA LYS A 20 7.10 5.03 -10.02
C LYS A 20 8.45 4.70 -10.65
N ASP A 21 9.43 4.35 -9.81
CA ASP A 21 10.75 4.01 -10.30
C ASP A 21 10.76 2.61 -10.90
N GLN A 22 9.67 1.87 -10.67
CA GLN A 22 9.57 0.51 -11.20
C GLN A 22 10.75 -0.35 -10.75
N ASN A 23 11.24 -0.10 -9.54
CA ASN A 23 12.37 -0.85 -9.02
C ASN A 23 11.90 -2.18 -8.43
N GLY A 24 10.58 -2.35 -8.33
CA GLY A 24 10.02 -3.58 -7.79
C GLY A 24 10.01 -3.56 -6.27
N TYR A 25 10.19 -2.38 -5.69
CA TYR A 25 10.22 -2.23 -4.23
C TYR A 25 9.69 -0.86 -3.83
N ILE A 26 8.63 -0.85 -3.04
CA ILE A 26 8.03 0.41 -2.58
C ILE A 26 8.76 0.92 -1.34
N SER A 27 9.00 2.24 -1.31
CA SER A 27 9.69 2.87 -0.18
C SER A 27 8.77 3.87 0.50
N ALA A 28 9.34 4.69 1.39
CA ALA A 28 8.57 5.69 2.12
C ALA A 28 8.39 6.95 1.27
N SER A 29 9.43 7.32 0.54
CA SER A 29 9.36 8.52 -0.30
C SER A 29 8.21 8.43 -1.29
N GLU A 30 8.10 7.28 -1.95
CA GLU A 30 7.04 7.08 -2.92
C GLU A 30 5.68 7.01 -2.24
N LEU A 31 5.64 6.31 -1.10
CA LEU A 31 4.39 6.17 -0.38
C LEU A 31 3.90 7.54 0.09
N ARG A 32 4.79 8.32 0.67
CA ARG A 32 4.44 9.64 1.14
C ARG A 32 3.95 10.50 -0.02
N HIS A 33 4.66 10.42 -1.15
CA HIS A 33 4.30 11.21 -2.31
C HIS A 33 2.88 10.89 -2.74
N VAL A 34 2.53 9.61 -2.71
CA VAL A 34 1.19 9.18 -3.10
C VAL A 34 0.15 9.78 -2.16
N MET A 35 0.45 9.75 -0.86
CA MET A 35 -0.49 10.28 0.12
C MET A 35 -0.76 11.76 -0.15
N ILE A 36 0.30 12.49 -0.50
CA ILE A 36 0.15 13.91 -0.79
C ILE A 36 -0.70 14.11 -2.04
N ASN A 37 -0.44 13.29 -3.05
CA ASN A 37 -1.18 13.38 -4.30
C ASN A 37 -2.67 13.23 -4.03
N LEU A 38 -3.01 12.48 -2.99
CA LEU A 38 -4.42 12.28 -2.63
C LEU A 38 -4.93 13.46 -1.81
N GLY A 39 -4.08 14.44 -1.60
CA GLY A 39 -4.47 15.63 -0.83
C GLY A 39 -4.43 15.33 0.67
N GLU A 40 -3.56 14.41 1.07
CA GLU A 40 -3.41 14.04 2.48
C GLU A 40 -2.00 14.30 2.96
N LYS A 41 -1.89 14.92 4.14
CA LYS A 41 -0.58 15.24 4.72
C LYS A 41 -0.32 14.37 5.94
N LEU A 42 0.51 13.35 5.76
CA LEU A 42 0.86 12.42 6.85
C LEU A 42 2.32 12.55 7.21
N THR A 43 2.62 12.38 8.48
CA THR A 43 3.98 12.49 8.96
C THR A 43 4.76 11.23 8.63
N ASP A 44 6.08 11.35 8.57
CA ASP A 44 6.94 10.22 8.26
C ASP A 44 6.64 9.06 9.20
N GLU A 45 6.29 9.38 10.45
CA GLU A 45 5.99 8.35 11.43
C GLU A 45 4.88 7.44 10.91
N GLU A 46 3.84 8.03 10.35
CA GLU A 46 2.73 7.26 9.82
C GLU A 46 3.22 6.28 8.75
N VAL A 47 4.13 6.74 7.91
CA VAL A 47 4.68 5.91 6.85
C VAL A 47 5.43 4.72 7.44
N GLU A 48 6.29 4.99 8.42
CA GLU A 48 7.06 3.93 9.05
C GLU A 48 6.14 2.89 9.64
N GLN A 49 5.11 3.36 10.35
CA GLN A 49 4.16 2.45 10.97
C GLN A 49 3.58 1.49 9.94
N MET A 50 3.25 2.02 8.77
CA MET A 50 2.69 1.19 7.70
C MET A 50 3.75 0.23 7.15
N ILE A 51 4.97 0.73 6.95
CA ILE A 51 6.06 -0.09 6.42
C ILE A 51 6.46 -1.17 7.42
N LYS A 52 6.62 -0.78 8.68
CA LYS A 52 7.01 -1.73 9.71
C LYS A 52 5.93 -2.80 9.88
N GLU A 53 4.68 -2.34 9.95
CA GLU A 53 3.57 -3.24 10.16
C GLU A 53 3.45 -4.17 8.97
N ALA A 54 3.60 -3.62 7.78
CA ALA A 54 3.50 -4.41 6.57
C ALA A 54 4.73 -5.28 6.38
N ASP A 55 5.91 -4.67 6.55
CA ASP A 55 7.16 -5.40 6.40
C ASP A 55 7.37 -6.36 7.56
N LEU A 56 7.68 -7.62 7.24
CA LEU A 56 7.91 -8.63 8.27
C LEU A 56 9.40 -8.91 8.41
N ASP A 57 10.20 -8.32 7.53
CA ASP A 57 11.66 -8.51 7.57
C ASP A 57 12.35 -7.22 8.01
N GLY A 58 11.56 -6.19 8.30
CA GLY A 58 12.12 -4.91 8.72
C GLY A 58 13.26 -4.49 7.81
N ASP A 59 13.08 -4.67 6.50
CA ASP A 59 14.11 -4.30 5.55
C ASP A 59 13.95 -2.84 5.13
N GLY A 60 12.75 -2.31 5.28
CA GLY A 60 12.48 -0.92 4.92
C GLY A 60 11.86 -0.82 3.54
N GLN A 61 11.67 -1.97 2.89
CA GLN A 61 11.09 -2.00 1.54
C GLN A 61 9.89 -2.94 1.49
N VAL A 62 8.75 -2.42 1.07
CA VAL A 62 7.55 -3.23 0.99
C VAL A 62 7.47 -3.90 -0.38
N ASN A 63 7.46 -5.24 -0.38
CA ASN A 63 7.41 -6.01 -1.62
C ASN A 63 5.95 -6.31 -1.99
N TYR A 64 5.74 -6.84 -3.19
CA TYR A 64 4.41 -7.16 -3.65
C TYR A 64 3.67 -7.98 -2.61
N GLU A 65 4.04 -9.27 -2.50
CA GLU A 65 3.39 -10.17 -1.54
C GLU A 65 2.99 -9.43 -0.26
N GLU A 66 3.91 -8.65 0.27
CA GLU A 66 3.65 -7.89 1.49
C GLU A 66 2.47 -6.92 1.27
N PHE A 67 2.44 -6.30 0.10
CA PHE A 67 1.36 -5.37 -0.22
C PHE A 67 0.02 -6.10 -0.31
N VAL A 68 0.03 -7.25 -1.00
CA VAL A 68 -1.19 -8.02 -1.16
C VAL A 68 -1.75 -8.46 0.18
N LYS A 69 -1.06 -9.37 0.84
CA LYS A 69 -1.51 -9.87 2.14
C LYS A 69 -2.01 -8.72 3.00
N MET A 70 -1.29 -7.60 2.98
CA MET A 70 -1.68 -6.45 3.76
C MET A 70 -3.04 -5.93 3.33
N MET A 71 -3.25 -5.86 2.03
CA MET A 71 -4.52 -5.39 1.51
C MET A 71 -5.65 -6.34 1.88
N MET A 72 -5.30 -7.61 2.03
CA MET A 72 -6.30 -8.62 2.39
C MET A 72 -6.75 -8.45 3.84
N THR A 73 -5.77 -8.33 4.74
CA THR A 73 -6.07 -8.17 6.16
C THR A 73 -6.82 -6.88 6.40
N VAL A 74 -6.59 -5.89 5.54
CA VAL A 74 -7.27 -4.61 5.66
C VAL A 74 -8.76 -4.76 5.39
N ARG A 75 -9.13 -5.84 4.73
CA ARG A 75 -10.53 -6.08 4.40
C ARG A 75 -11.37 -6.11 5.67
N GLY A 76 -10.71 -6.15 6.83
CA GLY A 76 -11.40 -6.17 8.11
C GLY A 76 -10.74 -7.15 9.07
N GLY A 77 -9.63 -7.75 8.63
CA GLY A 77 -8.90 -8.70 9.45
C GLY A 77 -7.95 -7.98 10.41
N GLY A 78 -7.83 -6.66 10.23
CA GLY A 78 -6.96 -5.86 11.08
C GLY A 78 -6.49 -4.61 10.34
N GLY A 79 -5.20 -4.58 9.99
CA GLY A 79 -4.64 -3.44 9.28
C GLY A 79 -4.41 -2.28 10.23
N GLY A 80 -3.50 -1.38 9.86
CA GLY A 80 -3.20 -0.22 10.69
C GLY A 80 -4.14 0.93 10.36
N ASN A 81 -3.67 2.15 10.59
CA ASN A 81 -4.48 3.35 10.30
C ASN A 81 -4.12 3.92 8.94
N GLY A 82 -2.87 3.73 8.53
CA GLY A 82 -2.44 4.23 7.22
C GLY A 82 -3.02 3.40 6.08
N TRP A 83 -2.89 2.09 6.18
CA TRP A 83 -3.40 1.21 5.15
C TRP A 83 -4.92 1.37 5.03
N SER A 84 -5.58 1.41 6.18
CA SER A 84 -7.03 1.57 6.20
C SER A 84 -7.43 2.90 5.56
N ARG A 85 -6.58 3.91 5.72
CA ARG A 85 -6.85 5.21 5.11
C ARG A 85 -6.85 5.11 3.60
N LEU A 86 -5.89 4.36 3.06
CA LEU A 86 -5.82 4.18 1.62
C LEU A 86 -7.01 3.39 1.11
N ARG A 87 -7.40 2.37 1.84
CA ARG A 87 -8.53 1.53 1.45
C ARG A 87 -9.83 2.26 1.69
N ARG A 88 -9.78 3.32 2.47
CA ARG A 88 -10.98 4.09 2.74
C ARG A 88 -11.36 4.91 1.50
N LYS A 89 -10.37 5.57 0.91
CA LYS A 89 -10.59 6.38 -0.28
C LYS A 89 -9.44 6.22 -1.26
N PHE A 90 -9.58 5.32 -2.24
CA PHE A 90 -8.56 5.10 -3.24
C PHE A 90 -9.17 5.23 -4.65
N SER A 91 -8.61 4.45 -5.59
CA SER A 91 -9.08 4.46 -6.98
C SER A 91 -9.65 3.10 -7.35
N SER A 92 -10.96 2.96 -7.18
CA SER A 92 -11.62 1.70 -7.50
C SER A 92 -11.62 1.47 -9.02
CA CA B . 9.41 2.07 -6.02
CA CA C . 9.75 -6.76 2.32
N GLY A 1 -16.99 -14.74 -10.42
CA GLY A 1 -16.45 -13.59 -11.19
C GLY A 1 -15.20 -14.03 -11.96
N HIS A 2 -15.40 -14.51 -13.18
CA HIS A 2 -14.28 -14.97 -14.00
C HIS A 2 -13.67 -13.80 -14.76
N MET A 3 -12.36 -13.62 -14.60
CA MET A 3 -11.67 -12.52 -15.27
C MET A 3 -12.46 -11.23 -15.17
N ASP A 4 -12.69 -10.78 -13.93
CA ASP A 4 -13.44 -9.56 -13.70
C ASP A 4 -13.20 -9.04 -12.29
N THR A 5 -12.29 -9.70 -11.57
CA THR A 5 -11.97 -9.29 -10.21
C THR A 5 -11.30 -7.92 -10.19
N ASP A 6 -12.09 -6.88 -9.96
CA ASP A 6 -11.57 -5.52 -9.92
C ASP A 6 -10.51 -5.39 -8.84
N ALA A 7 -10.72 -6.07 -7.72
CA ALA A 7 -9.75 -6.02 -6.62
C ALA A 7 -8.37 -6.44 -7.11
N GLU A 8 -8.28 -7.64 -7.68
CA GLU A 8 -7.00 -8.14 -8.18
C GLU A 8 -6.38 -7.14 -9.14
N GLU A 9 -7.17 -6.67 -10.10
CA GLU A 9 -6.68 -5.70 -11.08
C GLU A 9 -6.32 -4.39 -10.40
N GLU A 10 -7.18 -3.96 -9.48
CA GLU A 10 -6.95 -2.71 -8.77
C GLU A 10 -5.64 -2.76 -7.99
N LEU A 11 -5.46 -3.84 -7.22
CA LEU A 11 -4.25 -3.97 -6.45
C LEU A 11 -3.04 -3.98 -7.36
N LYS A 12 -3.11 -4.75 -8.45
CA LYS A 12 -1.99 -4.87 -9.35
C LYS A 12 -1.67 -3.52 -9.97
N GLU A 13 -2.71 -2.84 -10.46
CA GLU A 13 -2.53 -1.54 -11.07
C GLU A 13 -1.96 -0.55 -10.06
N ALA A 14 -2.54 -0.54 -8.86
CA ALA A 14 -2.06 0.35 -7.80
C ALA A 14 -0.59 0.09 -7.53
N PHE A 15 -0.23 -1.19 -7.42
CA PHE A 15 1.16 -1.56 -7.15
C PHE A 15 2.08 -0.91 -8.18
N LYS A 16 1.68 -0.99 -9.45
CA LYS A 16 2.48 -0.40 -10.51
C LYS A 16 2.61 1.11 -10.31
N VAL A 17 1.55 1.72 -9.80
CA VAL A 17 1.55 3.16 -9.54
C VAL A 17 2.47 3.51 -8.38
N PHE A 18 2.40 2.71 -7.32
CA PHE A 18 3.23 2.93 -6.14
C PHE A 18 4.70 2.81 -6.50
N ASP A 19 5.04 1.76 -7.27
CA ASP A 19 6.41 1.53 -7.66
C ASP A 19 6.82 2.51 -8.76
N LYS A 20 6.95 3.79 -8.39
CA LYS A 20 7.31 4.81 -9.37
C LYS A 20 8.66 4.49 -9.99
N ASP A 21 9.62 4.14 -9.16
CA ASP A 21 10.95 3.79 -9.65
C ASP A 21 10.88 2.54 -10.51
N GLN A 22 9.84 1.75 -10.32
CA GLN A 22 9.66 0.52 -11.08
C GLN A 22 10.83 -0.43 -10.84
N ASN A 23 11.23 -0.58 -9.58
CA ASN A 23 12.34 -1.47 -9.25
C ASN A 23 11.81 -2.78 -8.69
N GLY A 24 10.76 -2.70 -7.88
CA GLY A 24 10.16 -3.90 -7.28
C GLY A 24 10.16 -3.83 -5.76
N TYR A 25 10.31 -2.61 -5.23
CA TYR A 25 10.32 -2.42 -3.78
C TYR A 25 9.80 -1.03 -3.42
N ILE A 26 8.72 -1.00 -2.63
CA ILE A 26 8.14 0.27 -2.22
C ILE A 26 8.87 0.83 -1.01
N SER A 27 9.09 2.14 -1.00
CA SER A 27 9.80 2.80 0.10
C SER A 27 9.01 4.02 0.58
N ALA A 28 9.24 4.39 1.83
CA ALA A 28 8.55 5.54 2.42
C ALA A 28 8.48 6.69 1.43
N SER A 29 9.55 6.87 0.66
CA SER A 29 9.58 7.94 -0.33
C SER A 29 8.45 7.80 -1.34
N GLU A 30 8.30 6.60 -1.90
CA GLU A 30 7.26 6.35 -2.88
C GLU A 30 5.89 6.48 -2.23
N LEU A 31 5.75 5.92 -1.04
CA LEU A 31 4.48 5.98 -0.33
C LEU A 31 4.10 7.42 -0.02
N ARG A 32 5.07 8.20 0.41
CA ARG A 32 4.82 9.60 0.72
C ARG A 32 4.36 10.35 -0.53
N HIS A 33 5.02 10.09 -1.64
CA HIS A 33 4.68 10.79 -2.86
C HIS A 33 3.23 10.50 -3.26
N VAL A 34 2.84 9.25 -3.11
CA VAL A 34 1.48 8.85 -3.45
C VAL A 34 0.47 9.47 -2.48
N MET A 35 0.81 9.50 -1.20
CA MET A 35 -0.08 10.04 -0.19
C MET A 35 -0.34 11.53 -0.42
N ILE A 36 0.71 12.26 -0.75
CA ILE A 36 0.59 13.68 -1.02
C ILE A 36 -0.16 13.92 -2.33
N ASN A 37 0.17 13.12 -3.33
CA ASN A 37 -0.46 13.27 -4.64
C ASN A 37 -1.96 13.07 -4.51
N LEU A 38 -2.36 12.31 -3.50
CA LEU A 38 -3.78 12.05 -3.27
C LEU A 38 -4.44 13.21 -2.52
N GLY A 39 -3.69 14.29 -2.36
CA GLY A 39 -4.20 15.47 -1.67
C GLY A 39 -4.32 15.21 -0.18
N GLU A 40 -3.49 14.29 0.33
CA GLU A 40 -3.50 13.95 1.76
C GLU A 40 -2.17 14.31 2.38
N LYS A 41 -2.20 14.89 3.57
CA LYS A 41 -0.99 15.28 4.28
C LYS A 41 -0.77 14.39 5.50
N LEU A 42 0.03 13.34 5.34
CA LEU A 42 0.30 12.41 6.43
C LEU A 42 1.72 12.63 6.96
N THR A 43 1.88 12.45 8.26
CA THR A 43 3.18 12.64 8.88
C THR A 43 4.12 11.48 8.55
N ASP A 44 5.41 11.78 8.48
CA ASP A 44 6.40 10.76 8.16
C ASP A 44 6.20 9.54 9.06
N GLU A 45 5.67 9.77 10.25
CA GLU A 45 5.43 8.68 11.20
C GLU A 45 4.41 7.70 10.62
N GLU A 46 3.39 8.23 9.96
CA GLU A 46 2.36 7.40 9.37
C GLU A 46 2.96 6.48 8.30
N VAL A 47 3.83 7.05 7.48
CA VAL A 47 4.47 6.27 6.42
C VAL A 47 5.32 5.14 7.03
N GLU A 48 6.15 5.49 8.00
CA GLU A 48 7.01 4.50 8.63
C GLU A 48 6.16 3.43 9.30
N GLN A 49 5.16 3.86 10.06
CA GLN A 49 4.29 2.91 10.75
C GLN A 49 3.69 1.91 9.76
N MET A 50 3.28 2.40 8.60
CA MET A 50 2.71 1.53 7.59
C MET A 50 3.73 0.51 7.09
N ILE A 51 4.96 0.98 6.92
CA ILE A 51 6.03 0.09 6.46
C ILE A 51 6.34 -0.97 7.51
N LYS A 52 6.38 -0.57 8.77
CA LYS A 52 6.69 -1.51 9.85
C LYS A 52 5.63 -2.60 9.92
N GLU A 53 4.37 -2.19 9.83
CA GLU A 53 3.27 -3.15 9.89
C GLU A 53 3.35 -4.13 8.74
N ALA A 54 3.56 -3.61 7.53
CA ALA A 54 3.65 -4.46 6.35
C ALA A 54 5.00 -5.19 6.30
N ASP A 55 6.07 -4.45 6.56
CA ASP A 55 7.41 -5.03 6.54
C ASP A 55 7.62 -5.96 7.71
N LEU A 56 7.91 -7.22 7.41
CA LEU A 56 8.14 -8.22 8.45
C LEU A 56 9.62 -8.47 8.64
N ASP A 57 10.43 -7.91 7.75
CA ASP A 57 11.88 -8.07 7.82
C ASP A 57 12.55 -6.76 8.24
N GLY A 58 11.73 -5.76 8.54
CA GLY A 58 12.25 -4.47 8.95
C GLY A 58 13.39 -4.02 8.04
N ASP A 59 13.18 -4.17 6.73
CA ASP A 59 14.19 -3.79 5.74
C ASP A 59 13.82 -2.47 5.08
N GLY A 60 12.76 -1.83 5.58
CA GLY A 60 12.31 -0.56 5.04
C GLY A 60 11.88 -0.73 3.58
N GLN A 61 11.79 -1.98 3.13
CA GLN A 61 11.39 -2.27 1.75
C GLN A 61 10.19 -3.21 1.73
N VAL A 62 9.04 -2.67 1.31
CA VAL A 62 7.83 -3.48 1.24
C VAL A 62 7.75 -4.17 -0.13
N ASN A 63 7.81 -5.50 -0.11
CA ASN A 63 7.75 -6.26 -1.35
C ASN A 63 6.30 -6.45 -1.79
N TYR A 64 6.12 -6.81 -3.06
CA TYR A 64 4.78 -7.01 -3.60
C TYR A 64 4.01 -8.01 -2.74
N GLU A 65 4.69 -9.08 -2.32
CA GLU A 65 4.04 -10.10 -1.50
C GLU A 65 3.52 -9.48 -0.19
N GLU A 66 4.32 -8.62 0.41
CA GLU A 66 3.93 -7.97 1.64
C GLU A 66 2.78 -6.99 1.37
N PHE A 67 2.85 -6.34 0.22
CA PHE A 67 1.81 -5.37 -0.14
C PHE A 67 0.47 -6.06 -0.39
N VAL A 68 0.47 -7.07 -1.26
CA VAL A 68 -0.76 -7.79 -1.57
C VAL A 68 -1.37 -8.43 -0.34
N LYS A 69 -0.58 -9.22 0.35
CA LYS A 69 -1.07 -9.88 1.55
C LYS A 69 -1.67 -8.87 2.52
N MET A 70 -0.96 -7.76 2.70
CA MET A 70 -1.41 -6.73 3.61
C MET A 70 -2.74 -6.17 3.16
N MET A 71 -2.90 -6.00 1.86
CA MET A 71 -4.14 -5.47 1.31
C MET A 71 -5.30 -6.39 1.64
N MET A 72 -5.03 -7.68 1.71
CA MET A 72 -6.08 -8.66 2.03
C MET A 72 -6.41 -8.60 3.52
N THR A 73 -5.39 -8.62 4.37
CA THR A 73 -5.59 -8.58 5.81
C THR A 73 -6.36 -7.34 6.21
N VAL A 74 -6.23 -6.29 5.41
CA VAL A 74 -6.93 -5.04 5.70
C VAL A 74 -8.44 -5.25 5.69
N ARG A 75 -8.93 -5.96 4.69
CA ARG A 75 -10.37 -6.22 4.58
C ARG A 75 -10.71 -7.54 5.25
N GLY A 76 -11.50 -7.47 6.32
CA GLY A 76 -11.90 -8.67 7.06
C GLY A 76 -11.26 -8.68 8.45
N GLY A 77 -9.94 -8.69 8.49
CA GLY A 77 -9.22 -8.71 9.76
C GLY A 77 -8.89 -7.30 10.23
N GLY A 78 -8.25 -6.53 9.35
CA GLY A 78 -7.89 -5.15 9.69
C GLY A 78 -6.72 -5.12 10.65
N GLY A 79 -5.57 -4.64 10.18
CA GLY A 79 -4.39 -4.55 11.02
C GLY A 79 -3.44 -3.47 10.53
N GLY A 80 -3.95 -2.25 10.38
CA GLY A 80 -3.14 -1.14 9.92
C GLY A 80 -3.92 0.16 9.94
N ASN A 81 -3.37 1.18 10.59
CA ASN A 81 -4.04 2.47 10.67
C ASN A 81 -3.91 3.23 9.34
N GLY A 82 -2.70 3.21 8.78
CA GLY A 82 -2.47 3.89 7.51
C GLY A 82 -3.00 3.06 6.34
N TRP A 83 -2.74 1.75 6.39
CA TRP A 83 -3.20 0.87 5.33
C TRP A 83 -4.71 0.97 5.19
N SER A 84 -5.40 1.05 6.33
CA SER A 84 -6.86 1.17 6.32
C SER A 84 -7.28 2.52 5.77
N ARG A 85 -6.51 3.56 6.08
CA ARG A 85 -6.82 4.89 5.59
C ARG A 85 -6.84 4.92 4.07
N LEU A 86 -5.82 4.32 3.47
CA LEU A 86 -5.74 4.29 2.01
C LEU A 86 -6.78 3.34 1.44
N ARG A 87 -7.00 2.23 2.14
CA ARG A 87 -7.96 1.24 1.70
C ARG A 87 -9.38 1.75 1.84
N ARG A 88 -9.53 2.84 2.58
CA ARG A 88 -10.85 3.45 2.79
C ARG A 88 -11.14 4.49 1.71
N LYS A 89 -10.10 5.24 1.32
CA LYS A 89 -10.27 6.27 0.31
C LYS A 89 -10.49 5.64 -1.06
N PHE A 90 -10.35 4.32 -1.13
CA PHE A 90 -10.53 3.60 -2.38
C PHE A 90 -12.01 3.29 -2.61
N SER A 91 -12.42 2.11 -2.19
CA SER A 91 -13.81 1.69 -2.36
C SER A 91 -14.26 1.91 -3.80
N SER A 92 -13.76 1.07 -4.70
CA SER A 92 -14.12 1.17 -6.11
C SER A 92 -13.90 2.59 -6.61
CA CA B . 9.00 0.76 -6.20
CA CA C . 10.10 -6.54 3.49
#